data_6K1G
#
_entry.id   6K1G
#
_cell.length_a   116.274
_cell.length_b   163.278
_cell.length_c   196.343
_cell.angle_alpha   90.00
_cell.angle_beta   90.00
_cell.angle_gamma   90.00
#
_symmetry.space_group_name_H-M   'P 21 21 21'
#
loop_
_entity.id
_entity.type
_entity.pdbx_description
1 polymer 'L-fucose isomerase'
2 non-polymer 'MANGANESE (II) ION'
3 water water
#
_entity_poly.entity_id   1
_entity_poly.type   'polypeptide(L)'
_entity_poly.pdbx_seq_one_letter_code
;MGSSHHHHHHSSGLVPRGSHMMKRISLPKIGIRPVIDGRRMGVRESLEAQTMNMAKATAALISEKLRHACGAQIECVIAD
TCIAGMAESAACEEKFSRQNVGVTITVTPCWCYGSETIDMDPLRPKAIWGFNGTERPGAVYLAAALAAHSQKGIPAFSIY
GHDVQDADDTTIPADVEEKLLRFARAGLAVASMKGKSYLSVGGVSMGIAGSIVDHNFFESWLGMKVQAVDMTELRRRIDQ
KIYDEVELEMALAWADKNFRYGEDQNAQHYKRDEEQSRAVLKESLLMAMCIRDMMQGNEKLAEKGLVEESLGYNAIAAGF
QGQRHWTDQYPNGDTAEALLNSSFDWNGVREPFVVATENDSLNGVAMLMGHQLTGTAQVFADVRTYWSPDAVERVTGQPL
TGLAEHGIIHLINSGSAALDGSCQQRDEEGKPTMKPHWEISQKEADACLAATEWCPAIHEYFRGGGYSSRFLTEGGVPFT
MTRVNLIKGLGPVLQIAEGWSVELPKAMHDQLDARTNSTWPTTWFAPRLTGKGPFADVYSVMANWGANHGVLTIGHVGAD
FITLAAMLRIPVCMHNVEEGKIYRPSSWAAHGMDTEGQDYRACQNYGPLYKR
;
_entity_poly.pdbx_strand_id   A,B,C,D,E,F
#
loop_
_chem_comp.id
_chem_comp.type
_chem_comp.name
_chem_comp.formula
MN non-polymer 'MANGANESE (II) ION' 'Mn 2'
#
# COMPACT_ATOMS: atom_id res chain seq x y z
N SER A 26 38.31 7.41 11.98
CA SER A 26 38.13 5.99 12.45
C SER A 26 37.34 5.16 11.42
N LEU A 27 38.05 4.26 10.76
CA LEU A 27 37.47 3.43 9.71
C LEU A 27 36.62 2.36 10.39
N PRO A 28 35.64 1.80 9.67
CA PRO A 28 34.89 0.72 10.26
C PRO A 28 35.75 -0.53 10.41
N LYS A 29 35.31 -1.43 11.27
CA LYS A 29 35.95 -2.72 11.49
C LYS A 29 35.03 -3.90 11.14
N ILE A 30 35.64 -5.08 11.00
CA ILE A 30 34.89 -6.30 10.70
C ILE A 30 34.80 -7.10 11.98
N GLY A 31 33.59 -7.40 12.42
CA GLY A 31 33.37 -8.22 13.62
C GLY A 31 33.19 -9.71 13.30
N ILE A 32 34.06 -10.57 13.83
CA ILE A 32 33.97 -12.03 13.61
C ILE A 32 33.38 -12.74 14.81
N ARG A 33 32.28 -13.46 14.60
CA ARG A 33 31.57 -14.19 15.66
C ARG A 33 31.75 -15.72 15.58
N PRO A 34 32.59 -16.28 16.45
CA PRO A 34 32.65 -17.73 16.46
C PRO A 34 31.46 -18.21 17.28
N VAL A 35 30.66 -19.12 16.73
CA VAL A 35 29.52 -19.68 17.48
C VAL A 35 29.64 -21.20 17.67
N ILE A 36 29.20 -21.66 18.84
CA ILE A 36 29.47 -23.03 19.30
C ILE A 36 28.24 -23.69 19.95
N ASP A 37 28.22 -25.03 19.94
CA ASP A 37 27.18 -25.80 20.63
C ASP A 37 27.18 -25.39 22.10
N GLY A 38 25.99 -25.05 22.60
CA GLY A 38 25.82 -24.58 23.97
C GLY A 38 26.34 -25.57 24.98
N ARG A 39 25.93 -26.83 24.82
CA ARG A 39 26.07 -27.86 25.86
C ARG A 39 27.52 -28.14 26.25
N ARG A 40 27.73 -28.29 27.55
CA ARG A 40 29.06 -28.61 28.10
C ARG A 40 29.19 -30.14 28.20
N MET A 41 29.51 -30.64 29.40
CA MET A 41 29.77 -32.05 29.62
C MET A 41 30.76 -32.59 28.60
N GLY A 42 31.77 -31.80 28.28
CA GLY A 42 32.83 -32.23 27.36
C GLY A 42 32.72 -31.79 25.90
N VAL A 43 31.56 -32.00 25.28
CA VAL A 43 31.43 -31.75 23.82
C VAL A 43 31.79 -30.32 23.44
N ARG A 44 31.24 -29.33 24.13
CA ARG A 44 31.58 -27.91 23.84
C ARG A 44 33.07 -27.71 23.88
N GLU A 45 33.67 -28.26 24.94
CA GLU A 45 35.09 -28.09 25.23
C GLU A 45 35.95 -28.63 24.10
N SER A 46 35.51 -29.68 23.41
CA SER A 46 36.24 -30.19 22.24
C SER A 46 36.34 -29.12 21.13
N LEU A 47 35.24 -28.41 20.92
CA LEU A 47 35.10 -27.55 19.75
C LEU A 47 35.76 -26.17 19.94
N GLU A 48 35.87 -25.70 21.18
CA GLU A 48 36.32 -24.32 21.46
C GLU A 48 37.61 -23.99 20.75
N ALA A 49 38.58 -24.89 20.78
CA ALA A 49 39.86 -24.69 20.09
C ALA A 49 39.66 -24.54 18.57
N GLN A 50 38.96 -25.48 17.99
CA GLN A 50 38.60 -25.42 16.58
C GLN A 50 37.75 -24.20 16.20
N THR A 51 36.74 -23.89 17.02
CA THR A 51 35.79 -22.82 16.71
C THR A 51 36.51 -21.51 16.51
N MET A 52 37.36 -21.12 17.45
CA MET A 52 38.02 -19.82 17.36
C MET A 52 39.25 -19.80 16.48
N ASN A 53 39.93 -20.95 16.33
CA ASN A 53 41.01 -21.08 15.35
C ASN A 53 40.48 -20.80 13.95
N MET A 54 39.21 -21.13 13.72
CA MET A 54 38.54 -20.85 12.44
C MET A 54 38.18 -19.36 12.27
N ALA A 55 37.81 -18.70 13.37
CA ALA A 55 37.58 -17.24 13.42
C ALA A 55 38.87 -16.40 13.29
N LYS A 56 39.95 -16.83 13.96
CA LYS A 56 41.27 -16.22 13.76
C LYS A 56 41.79 -16.43 12.31
N ALA A 57 41.56 -17.59 11.74
CA ALA A 57 41.91 -17.79 10.34
C ALA A 57 41.18 -16.76 9.46
N THR A 58 39.89 -16.55 9.73
CA THR A 58 39.07 -15.62 8.94
C THR A 58 39.61 -14.21 9.04
N ALA A 59 39.87 -13.76 10.27
CA ALA A 59 40.50 -12.46 10.51
C ALA A 59 41.88 -12.32 9.86
N ALA A 60 42.62 -13.42 9.76
CA ALA A 60 43.96 -13.40 9.12
C ALA A 60 43.84 -13.36 7.62
N LEU A 61 42.96 -14.19 7.09
CA LEU A 61 42.67 -14.20 5.66
C LEU A 61 42.19 -12.84 5.13
N ILE A 62 41.23 -12.23 5.83
CA ILE A 62 40.74 -10.89 5.49
C ILE A 62 41.87 -9.84 5.49
N SER A 63 42.52 -9.68 6.64
CA SER A 63 43.51 -8.62 6.78
C SER A 63 44.80 -8.88 6.03
N GLU A 64 44.96 -10.07 5.45
CA GLU A 64 46.16 -10.33 4.66
C GLU A 64 45.91 -9.91 3.21
N LYS A 65 44.76 -10.32 2.66
CA LYS A 65 44.47 -10.18 1.22
C LYS A 65 43.70 -8.92 0.89
N LEU A 66 43.21 -8.22 1.90
CA LEU A 66 42.39 -7.01 1.68
C LEU A 66 42.96 -5.78 2.39
N ARG A 67 42.68 -4.62 1.81
CA ARG A 67 42.98 -3.37 2.47
C ARG A 67 41.83 -2.44 2.23
N HIS A 68 41.69 -1.46 3.13
CA HIS A 68 40.75 -0.36 2.96
C HIS A 68 41.08 0.41 1.69
N ALA A 69 40.08 1.03 1.09
CA ALA A 69 40.27 1.80 -0.13
C ALA A 69 41.28 2.94 0.07
N CYS A 70 41.36 3.48 1.28
CA CYS A 70 42.32 4.53 1.58
C CYS A 70 43.75 3.98 1.70
N GLY A 71 43.88 2.68 1.91
CA GLY A 71 45.20 2.04 2.00
C GLY A 71 45.44 1.34 3.34
N ALA A 72 44.72 1.77 4.38
CA ALA A 72 44.88 1.22 5.72
C ALA A 72 44.65 -0.30 5.78
N GLN A 73 45.15 -0.93 6.85
CA GLN A 73 44.92 -2.36 7.05
C GLN A 73 43.59 -2.52 7.72
N ILE A 74 42.91 -3.62 7.45
CA ILE A 74 41.58 -3.84 8.00
C ILE A 74 41.74 -4.44 9.39
N GLU A 75 41.01 -3.88 10.35
CA GLU A 75 41.05 -4.39 11.72
C GLU A 75 39.85 -5.30 11.99
N CYS A 76 40.13 -6.56 12.33
CA CYS A 76 39.08 -7.55 12.61
C CYS A 76 38.96 -7.77 14.11
N VAL A 77 37.80 -7.46 14.65
CA VAL A 77 37.54 -7.64 16.04
C VAL A 77 36.85 -8.96 16.22
N ILE A 78 37.39 -9.83 17.08
CA ILE A 78 36.71 -11.10 17.44
C ILE A 78 35.93 -10.96 18.75
N ALA A 79 34.95 -11.83 18.95
CA ALA A 79 34.20 -11.84 20.19
C ALA A 79 35.08 -12.43 21.27
N ASP A 80 34.93 -11.95 22.50
CA ASP A 80 35.80 -12.35 23.61
C ASP A 80 35.76 -13.86 23.87
N THR A 81 34.56 -14.43 23.75
CA THR A 81 34.30 -15.85 24.02
C THR A 81 33.96 -16.54 22.68
N CYS A 82 33.37 -17.73 22.77
CA CYS A 82 32.65 -18.34 21.66
C CYS A 82 31.17 -18.19 22.02
N ILE A 83 30.31 -18.03 21.02
CA ILE A 83 28.92 -17.71 21.30
C ILE A 83 28.05 -18.96 21.20
N ALA A 84 27.18 -19.12 22.20
CA ALA A 84 26.32 -20.29 22.24
C ALA A 84 24.91 -19.97 22.69
N GLY A 85 24.73 -18.80 23.29
CA GLY A 85 23.40 -18.41 23.73
C GLY A 85 23.24 -16.90 23.70
N MET A 86 22.08 -16.46 24.15
CA MET A 86 21.76 -15.02 24.23
C MET A 86 22.75 -14.20 25.04
N ALA A 87 23.22 -14.78 26.14
CA ALA A 87 24.09 -14.10 27.09
C ALA A 87 25.43 -13.75 26.50
N GLU A 88 26.08 -14.71 25.88
CA GLU A 88 27.34 -14.44 25.23
C GLU A 88 27.14 -13.47 24.07
N SER A 89 26.15 -13.74 23.22
CA SER A 89 25.82 -12.88 22.07
C SER A 89 25.50 -11.41 22.43
N ALA A 90 24.86 -11.19 23.56
CA ALA A 90 24.64 -9.83 24.09
C ALA A 90 25.96 -9.11 24.47
N ALA A 91 26.90 -9.86 25.02
CA ALA A 91 28.20 -9.30 25.36
C ALA A 91 28.90 -8.90 24.08
N CYS A 92 28.88 -9.80 23.12
CA CYS A 92 29.59 -9.59 21.86
C CYS A 92 29.15 -8.33 21.13
N GLU A 93 27.87 -7.97 21.24
CA GLU A 93 27.40 -6.78 20.54
C GLU A 93 27.96 -5.52 21.20
N GLU A 94 27.79 -5.35 22.50
CA GLU A 94 28.29 -4.13 23.12
C GLU A 94 29.80 -3.97 22.96
N LYS A 95 30.53 -5.08 22.87
CA LYS A 95 31.95 -5.02 22.48
C LYS A 95 32.10 -4.54 21.04
N PHE A 96 31.25 -5.08 20.16
CA PHE A 96 31.23 -4.73 18.72
C PHE A 96 30.78 -3.29 18.46
N SER A 97 29.91 -2.74 19.32
CA SER A 97 29.51 -1.33 19.23
C SER A 97 30.67 -0.43 19.59
N ARG A 98 31.42 -0.86 20.61
CA ARG A 98 32.56 -0.10 21.10
C ARG A 98 33.68 0.05 20.09
N GLN A 99 33.82 -0.94 19.20
CA GLN A 99 34.96 -1.01 18.25
C GLN A 99 34.67 -0.58 16.80
N ASN A 100 33.46 -0.09 16.55
CA ASN A 100 33.07 0.42 15.24
C ASN A 100 33.05 -0.65 14.14
N VAL A 101 32.42 -1.79 14.42
CA VAL A 101 32.28 -2.83 13.41
C VAL A 101 31.04 -2.49 12.58
N GLY A 102 31.25 -2.38 11.26
CA GLY A 102 30.15 -2.19 10.28
C GLY A 102 29.75 -3.46 9.55
N VAL A 103 30.45 -4.55 9.80
CA VAL A 103 30.22 -5.82 9.13
C VAL A 103 30.37 -6.91 10.20
N THR A 104 29.63 -8.01 10.06
CA THR A 104 29.84 -9.19 10.91
C THR A 104 29.90 -10.47 10.08
N ILE A 105 30.79 -11.38 10.45
CA ILE A 105 30.91 -12.69 9.80
C ILE A 105 30.84 -13.69 10.93
N THR A 106 29.84 -14.56 10.89
CA THR A 106 29.68 -15.56 11.93
C THR A 106 30.25 -16.84 11.35
N VAL A 107 31.02 -17.56 12.16
CA VAL A 107 31.59 -18.81 11.71
C VAL A 107 31.36 -19.89 12.73
N THR A 108 31.35 -21.13 12.26
CA THR A 108 31.13 -22.28 13.13
C THR A 108 31.41 -23.62 12.46
N PRO A 109 31.82 -24.62 13.27
CA PRO A 109 32.06 -25.94 12.73
C PRO A 109 31.14 -26.96 13.39
N CYS A 110 30.01 -26.50 13.90
CA CYS A 110 29.16 -27.38 14.63
C CYS A 110 27.71 -26.89 14.61
N TRP A 111 26.82 -27.69 15.17
CA TRP A 111 25.46 -27.24 15.43
C TRP A 111 25.47 -26.20 16.55
N CYS A 112 24.61 -25.19 16.44
CA CYS A 112 24.39 -24.21 17.52
C CYS A 112 22.95 -23.81 17.47
N TYR A 113 22.53 -23.01 18.43
CA TYR A 113 21.09 -22.87 18.71
C TYR A 113 20.38 -21.74 17.94
N GLY A 114 20.75 -21.56 16.67
CA GLY A 114 19.96 -20.72 15.72
C GLY A 114 19.48 -19.34 16.18
N SER A 115 18.16 -19.20 16.36
CA SER A 115 17.55 -17.94 16.80
C SER A 115 18.27 -17.27 17.98
N GLU A 116 18.97 -18.06 18.80
CA GLU A 116 19.71 -17.52 19.95
C GLU A 116 21.05 -16.90 19.57
N THR A 117 21.64 -17.35 18.47
CA THR A 117 23.05 -17.00 18.15
C THR A 117 23.29 -16.05 16.98
N ILE A 118 22.22 -15.48 16.41
CA ILE A 118 22.34 -14.66 15.21
C ILE A 118 22.47 -13.16 15.52
N ASP A 119 23.28 -12.47 14.71
CA ASP A 119 23.42 -11.03 14.77
C ASP A 119 22.05 -10.46 14.37
N MET A 120 21.49 -9.58 15.19
CA MET A 120 20.13 -9.08 14.98
C MET A 120 20.06 -7.60 14.62
N ASP A 121 21.21 -7.00 14.33
CA ASP A 121 21.29 -5.59 13.94
C ASP A 121 20.89 -5.38 12.47
N PRO A 122 19.74 -4.71 12.24
CA PRO A 122 19.31 -4.64 10.84
C PRO A 122 20.26 -3.91 9.86
N LEU A 123 21.11 -3.01 10.35
CA LEU A 123 21.94 -2.18 9.45
C LEU A 123 23.23 -2.86 8.97
N ARG A 124 23.86 -3.65 9.84
CA ARG A 124 25.10 -4.32 9.47
C ARG A 124 24.87 -5.39 8.43
N PRO A 125 25.74 -5.45 7.42
CA PRO A 125 25.69 -6.60 6.52
C PRO A 125 26.36 -7.80 7.13
N LYS A 126 25.65 -8.91 7.21
CA LYS A 126 26.11 -10.12 7.89
C LYS A 126 26.27 -11.29 6.96
N ALA A 127 27.23 -12.15 7.27
CA ALA A 127 27.40 -13.43 6.58
C ALA A 127 27.58 -14.48 7.63
N ILE A 128 27.32 -15.73 7.25
CA ILE A 128 27.52 -16.85 8.15
C ILE A 128 28.32 -17.91 7.40
N TRP A 129 29.36 -18.42 8.04
CA TRP A 129 30.21 -19.41 7.43
C TRP A 129 30.18 -20.72 8.17
N GLY A 130 29.35 -21.64 7.68
CA GLY A 130 29.28 -22.99 8.21
C GLY A 130 30.38 -23.83 7.59
N PHE A 131 31.10 -24.58 8.42
CA PHE A 131 32.15 -25.48 7.95
C PHE A 131 31.49 -26.72 7.32
N ASN A 132 31.99 -27.17 6.17
CA ASN A 132 31.51 -28.47 5.61
C ASN A 132 32.33 -29.67 6.09
N GLY A 133 31.97 -30.13 7.28
CA GLY A 133 32.46 -31.39 7.83
C GLY A 133 31.27 -32.28 8.14
N THR A 134 31.57 -33.53 8.49
CA THR A 134 30.57 -34.55 8.84
C THR A 134 30.46 -34.70 10.37
N GLU A 135 31.60 -34.93 11.03
CA GLU A 135 31.72 -34.96 12.50
C GLU A 135 31.40 -33.57 13.03
N ARG A 136 31.89 -32.59 12.28
CA ARG A 136 31.66 -31.17 12.51
C ARG A 136 30.56 -30.65 11.55
N PRO A 137 29.28 -30.67 11.99
CA PRO A 137 28.15 -30.35 11.11
C PRO A 137 27.85 -28.84 10.99
N GLY A 138 28.78 -28.09 10.41
CA GLY A 138 28.61 -26.65 10.29
C GLY A 138 27.49 -26.31 9.34
N ALA A 139 27.43 -27.07 8.24
CA ALA A 139 26.39 -26.90 7.21
C ALA A 139 24.98 -26.79 7.84
N VAL A 140 24.67 -27.69 8.75
CA VAL A 140 23.32 -27.68 9.35
C VAL A 140 23.06 -26.39 10.10
N TYR A 141 24.05 -25.88 10.84
CA TYR A 141 23.83 -24.65 11.59
C TYR A 141 23.53 -23.49 10.64
N LEU A 142 24.24 -23.49 9.52
CA LEU A 142 24.13 -22.44 8.52
C LEU A 142 22.69 -22.27 8.00
N ALA A 143 22.04 -23.39 7.65
CA ALA A 143 20.68 -23.37 7.12
C ALA A 143 19.64 -22.93 8.14
N ALA A 144 19.78 -23.39 9.38
CA ALA A 144 18.85 -23.01 10.45
C ALA A 144 18.99 -21.55 10.80
N ALA A 145 20.22 -21.04 10.72
CA ALA A 145 20.53 -19.64 11.05
C ALA A 145 19.96 -18.70 10.01
N LEU A 146 20.26 -18.98 8.74
CA LEU A 146 19.67 -18.24 7.61
C LEU A 146 18.15 -18.27 7.67
N ALA A 147 17.58 -19.46 7.81
CA ALA A 147 16.15 -19.59 7.98
C ALA A 147 15.64 -18.61 9.03
N ALA A 148 16.33 -18.52 10.18
CA ALA A 148 15.92 -17.63 11.28
C ALA A 148 16.02 -16.17 10.87
N HIS A 149 17.12 -15.87 10.19
CA HIS A 149 17.35 -14.56 9.59
C HIS A 149 16.17 -14.14 8.69
N SER A 150 15.95 -14.91 7.61
CA SER A 150 14.90 -14.59 6.63
C SER A 150 13.52 -14.54 7.23
N GLN A 151 13.30 -15.32 8.28
CA GLN A 151 12.04 -15.31 8.99
C GLN A 151 11.90 -14.06 9.85
N LYS A 152 13.04 -13.52 10.31
CA LYS A 152 13.08 -12.30 11.14
C LYS A 152 13.44 -11.01 10.36
N GLY A 153 13.28 -11.03 9.04
CA GLY A 153 13.45 -9.85 8.23
C GLY A 153 14.85 -9.24 8.08
N ILE A 154 15.92 -9.99 8.39
CA ILE A 154 17.29 -9.44 8.37
C ILE A 154 18.26 -10.33 7.59
N PRO A 155 18.24 -10.21 6.27
CA PRO A 155 19.01 -11.07 5.41
C PRO A 155 20.47 -11.16 5.74
N ALA A 156 21.06 -12.33 5.45
CA ALA A 156 22.48 -12.52 5.62
C ALA A 156 22.95 -13.43 4.54
N PHE A 157 24.26 -13.45 4.34
CA PHE A 157 24.83 -14.23 3.29
C PHE A 157 25.11 -15.59 3.83
N SER A 158 25.57 -16.50 2.98
CA SER A 158 25.87 -17.86 3.41
C SER A 158 27.12 -18.30 2.72
N ILE A 159 28.07 -18.78 3.53
CA ILE A 159 29.33 -19.27 3.00
C ILE A 159 29.25 -20.78 3.14
N TYR A 160 29.41 -21.49 2.04
CA TYR A 160 29.38 -22.94 2.06
C TYR A 160 30.29 -23.53 0.96
N GLY A 161 31.14 -24.48 1.39
CA GLY A 161 32.14 -25.08 0.55
C GLY A 161 31.48 -26.24 -0.14
N HIS A 162 31.84 -26.45 -1.39
CA HIS A 162 31.25 -27.55 -2.16
C HIS A 162 31.68 -28.87 -1.49
N ASP A 163 32.99 -29.10 -1.48
CA ASP A 163 33.55 -30.36 -1.04
C ASP A 163 33.71 -30.37 0.46
N VAL A 164 33.51 -31.55 1.07
CA VAL A 164 33.57 -31.70 2.53
C VAL A 164 35.03 -31.84 2.96
N GLN A 165 35.34 -31.38 4.18
CA GLN A 165 36.70 -31.50 4.73
C GLN A 165 36.73 -32.20 6.09
N ASP A 166 37.90 -32.75 6.42
CA ASP A 166 38.10 -33.43 7.69
C ASP A 166 38.32 -32.39 8.78
N ALA A 167 37.80 -32.67 9.97
CA ALA A 167 37.80 -31.70 11.08
C ALA A 167 39.18 -31.19 11.50
N ASP A 168 40.21 -32.00 11.32
CA ASP A 168 41.56 -31.56 11.66
C ASP A 168 42.17 -30.55 10.64
N ASP A 169 41.51 -30.37 9.49
CA ASP A 169 42.02 -29.48 8.41
C ASP A 169 41.71 -28.00 8.72
N THR A 170 42.74 -27.17 8.65
CA THR A 170 42.63 -25.72 8.93
C THR A 170 42.70 -24.81 7.68
N THR A 171 43.29 -25.32 6.59
CA THR A 171 43.32 -24.60 5.31
C THR A 171 41.93 -24.24 4.82
N ILE A 172 41.82 -23.04 4.26
CA ILE A 172 40.57 -22.48 3.77
C ILE A 172 40.54 -22.59 2.23
N PRO A 173 39.51 -23.25 1.67
CA PRO A 173 39.45 -23.58 0.25
C PRO A 173 39.20 -22.38 -0.64
N ALA A 174 39.49 -22.52 -1.92
CA ALA A 174 39.33 -21.43 -2.90
C ALA A 174 37.92 -20.79 -2.90
N ASP A 175 36.88 -21.59 -3.08
CA ASP A 175 35.51 -21.05 -3.19
C ASP A 175 35.02 -20.32 -1.92
N VAL A 176 35.44 -20.78 -0.74
CA VAL A 176 35.07 -20.11 0.50
C VAL A 176 35.80 -18.79 0.57
N GLU A 177 37.00 -18.78 0.02
CA GLU A 177 37.86 -17.57 -0.01
C GLU A 177 37.21 -16.44 -0.81
N GLU A 178 36.61 -16.81 -1.95
CA GLU A 178 35.99 -15.82 -2.84
C GLU A 178 34.78 -15.25 -2.15
N LYS A 179 33.94 -16.11 -1.60
CA LYS A 179 32.76 -15.64 -0.87
C LYS A 179 33.11 -14.79 0.37
N LEU A 180 34.15 -15.15 1.12
CA LEU A 180 34.59 -14.29 2.24
C LEU A 180 35.15 -12.95 1.77
N LEU A 181 35.95 -13.01 0.74
CA LEU A 181 36.56 -11.79 0.27
C LEU A 181 35.52 -10.90 -0.38
N ARG A 182 34.72 -11.44 -1.29
CA ARG A 182 33.63 -10.67 -1.93
C ARG A 182 32.68 -10.04 -0.91
N PHE A 183 32.33 -10.79 0.13
CA PHE A 183 31.46 -10.26 1.18
C PHE A 183 32.11 -9.10 1.92
N ALA A 184 33.31 -9.33 2.48
CA ALA A 184 33.94 -8.30 3.29
C ALA A 184 34.26 -7.06 2.46
N ARG A 185 34.76 -7.27 1.24
CA ARG A 185 35.04 -6.19 0.27
C ARG A 185 33.83 -5.25 0.06
N ALA A 186 32.64 -5.82 0.03
CA ALA A 186 31.41 -5.06 -0.17
C ALA A 186 30.88 -4.48 1.13
N GLY A 187 30.95 -5.26 2.20
CA GLY A 187 30.47 -4.79 3.50
C GLY A 187 31.26 -3.59 3.98
N LEU A 188 32.53 -3.54 3.59
CA LEU A 188 33.36 -2.39 3.96
C LEU A 188 32.94 -1.17 3.19
N ALA A 189 32.63 -1.36 1.92
CA ALA A 189 32.04 -0.27 1.13
C ALA A 189 30.82 0.35 1.87
N VAL A 190 29.85 -0.47 2.24
CA VAL A 190 28.63 0.03 2.89
C VAL A 190 29.00 0.71 4.20
N ALA A 191 30.00 0.14 4.88
CA ALA A 191 30.44 0.66 6.17
C ALA A 191 31.15 1.97 6.03
N SER A 192 32.04 2.05 5.07
CA SER A 192 32.83 3.25 4.91
C SER A 192 31.98 4.49 4.52
N MET A 193 30.84 4.27 3.85
CA MET A 193 29.99 5.40 3.39
C MET A 193 29.02 5.92 4.44
N LYS A 194 28.73 5.13 5.45
CA LYS A 194 27.79 5.52 6.50
C LYS A 194 28.24 6.82 7.20
N GLY A 195 27.32 7.75 7.43
CA GLY A 195 27.63 9.00 8.16
C GLY A 195 28.47 10.06 7.42
N LYS A 196 29.02 9.69 6.27
CA LYS A 196 29.80 10.61 5.42
C LYS A 196 28.97 11.53 4.53
N SER A 197 29.62 12.47 3.85
CA SER A 197 28.87 13.52 3.14
C SER A 197 29.27 13.60 1.68
N TYR A 198 28.36 14.11 0.87
CA TYR A 198 28.57 14.36 -0.55
C TYR A 198 28.51 15.87 -0.73
N LEU A 199 29.54 16.44 -1.36
CA LEU A 199 29.66 17.89 -1.44
C LEU A 199 29.20 18.35 -2.79
N SER A 200 28.13 19.14 -2.81
CA SER A 200 27.59 19.63 -4.08
C SER A 200 28.10 21.04 -4.32
N VAL A 201 29.09 21.18 -5.19
CA VAL A 201 29.60 22.51 -5.50
C VAL A 201 28.85 22.98 -6.75
N GLY A 202 27.73 23.64 -6.49
CA GLY A 202 26.83 24.02 -7.55
C GLY A 202 25.56 23.21 -7.53
N GLY A 203 24.71 23.47 -8.49
CA GLY A 203 23.34 22.98 -8.45
C GLY A 203 23.20 22.20 -9.69
N VAL A 204 22.10 22.40 -10.39
CA VAL A 204 21.77 21.60 -11.58
C VAL A 204 22.68 22.07 -12.71
N SER A 205 23.30 21.14 -13.43
CA SER A 205 24.13 21.50 -14.60
C SER A 205 23.42 21.12 -15.86
N MET A 206 23.02 22.14 -16.62
CA MET A 206 22.46 21.92 -17.95
C MET A 206 21.28 20.98 -17.96
N GLY A 207 20.38 21.12 -16.97
CA GLY A 207 19.19 20.26 -16.91
C GLY A 207 19.44 18.74 -16.87
N ILE A 208 20.54 18.34 -16.26
CA ILE A 208 20.91 16.92 -16.13
C ILE A 208 20.31 16.33 -14.85
N ALA A 209 19.57 15.24 -15.02
CA ALA A 209 18.81 14.64 -13.90
C ALA A 209 19.72 14.33 -12.72
N GLY A 210 20.83 13.68 -13.01
CA GLY A 210 21.77 13.34 -11.98
C GLY A 210 22.25 14.49 -11.12
N SER A 211 22.24 15.70 -11.66
CA SER A 211 22.67 16.87 -10.90
C SER A 211 21.49 17.57 -10.22
N ILE A 212 20.34 16.90 -10.13
CA ILE A 212 19.28 17.37 -9.25
C ILE A 212 19.47 16.53 -8.03
N VAL A 213 20.40 16.92 -7.18
CA VAL A 213 20.77 16.04 -6.10
C VAL A 213 19.57 15.78 -5.21
N ASP A 214 19.32 14.51 -4.97
CA ASP A 214 18.16 14.02 -4.20
C ASP A 214 18.68 13.70 -2.80
N HIS A 215 18.47 14.60 -1.84
CA HIS A 215 19.05 14.45 -0.50
C HIS A 215 18.56 13.16 0.18
N ASN A 216 17.29 12.86 -0.03
CA ASN A 216 16.70 11.72 0.58
C ASN A 216 17.19 10.40 0.05
N PHE A 217 17.76 10.38 -1.15
CA PHE A 217 18.35 9.14 -1.66
C PHE A 217 19.61 8.81 -0.89
N PHE A 218 20.54 9.75 -0.85
CA PHE A 218 21.77 9.62 -0.08
C PHE A 218 21.49 9.22 1.37
N GLU A 219 20.48 9.81 1.99
CA GLU A 219 20.22 9.59 3.39
C GLU A 219 19.68 8.19 3.62
N SER A 220 18.65 7.82 2.88
CA SER A 220 17.95 6.58 3.14
C SER A 220 18.76 5.38 2.67
N TRP A 221 19.29 5.46 1.47
CA TRP A 221 19.91 4.29 0.88
C TRP A 221 21.40 4.11 1.30
N LEU A 222 22.12 5.22 1.45
CA LEU A 222 23.57 5.19 1.73
C LEU A 222 23.97 5.60 3.17
N GLY A 223 23.04 6.30 3.84
CA GLY A 223 23.25 6.91 5.16
C GLY A 223 24.25 8.06 5.10
N MET A 224 24.17 8.83 4.02
CA MET A 224 25.07 9.94 3.83
C MET A 224 24.29 11.22 3.98
N LYS A 225 25.01 12.32 3.99
CA LYS A 225 24.39 13.65 3.96
C LYS A 225 24.86 14.40 2.74
N VAL A 226 24.07 15.36 2.28
CA VAL A 226 24.52 16.23 1.23
C VAL A 226 24.68 17.65 1.75
N GLN A 227 25.88 18.20 1.53
CA GLN A 227 26.19 19.60 1.84
C GLN A 227 26.21 20.36 0.53
N ALA A 228 25.40 21.42 0.45
CA ALA A 228 25.32 22.22 -0.78
C ALA A 228 26.05 23.54 -0.62
N VAL A 229 26.99 23.76 -1.52
CA VAL A 229 27.75 24.99 -1.56
C VAL A 229 27.55 25.60 -2.93
N ASP A 230 27.12 26.85 -2.95
CA ASP A 230 27.07 27.61 -4.20
C ASP A 230 28.48 27.85 -4.80
N MET A 231 28.58 27.89 -6.11
CA MET A 231 29.89 28.07 -6.71
C MET A 231 30.54 29.43 -6.43
N THR A 232 29.77 30.38 -5.92
CA THR A 232 30.38 31.64 -5.48
C THR A 232 31.34 31.46 -4.33
N GLU A 233 31.12 30.44 -3.48
CA GLU A 233 32.02 30.19 -2.33
C GLU A 233 33.41 29.75 -2.80
N LEU A 234 33.47 29.05 -3.93
CA LEU A 234 34.74 28.68 -4.54
C LEU A 234 35.43 29.95 -5.03
N ARG A 235 34.67 30.84 -5.63
CA ARG A 235 35.21 32.15 -6.07
C ARG A 235 35.92 32.91 -4.92
N ARG A 236 35.27 32.97 -3.76
CA ARG A 236 35.76 33.70 -2.60
C ARG A 236 37.09 33.15 -2.13
N ARG A 237 37.20 31.85 -2.10
CA ARG A 237 38.45 31.23 -1.68
C ARG A 237 39.60 31.53 -2.60
N ILE A 238 39.35 31.79 -3.87
CA ILE A 238 40.46 32.08 -4.76
C ILE A 238 40.75 33.56 -4.81
N ASP A 239 39.71 34.38 -4.63
CA ASP A 239 39.88 35.85 -4.56
C ASP A 239 40.43 36.32 -3.22
N GLN A 240 40.01 35.72 -2.11
CA GLN A 240 40.55 36.10 -0.79
C GLN A 240 41.66 35.15 -0.31
N LYS A 241 42.33 34.49 -1.25
CA LYS A 241 43.50 33.64 -0.96
C LYS A 241 43.31 32.55 0.13
N ILE A 242 42.11 31.99 0.22
CA ILE A 242 41.84 30.99 1.26
C ILE A 242 42.31 29.64 0.74
N TYR A 243 43.63 29.54 0.74
CA TYR A 243 44.33 28.37 0.25
C TYR A 243 45.79 28.46 0.67
N ASP A 244 46.52 27.36 0.49
CA ASP A 244 47.93 27.35 0.79
C ASP A 244 48.74 27.92 -0.38
N GLU A 245 49.24 29.13 -0.22
CA GLU A 245 49.94 29.84 -1.31
C GLU A 245 51.27 29.17 -1.65
N VAL A 246 51.82 28.47 -0.67
CA VAL A 246 53.11 27.79 -0.82
C VAL A 246 52.97 26.60 -1.77
N GLU A 247 51.95 25.80 -1.52
CA GLU A 247 51.59 24.69 -2.40
C GLU A 247 51.33 25.22 -3.81
N LEU A 248 50.63 26.34 -3.91
CA LEU A 248 50.30 26.88 -5.22
C LEU A 248 51.54 26.97 -6.10
N GLU A 249 52.62 27.51 -5.53
CA GLU A 249 53.88 27.67 -6.26
C GLU A 249 54.42 26.29 -6.62
N MET A 250 54.39 25.39 -5.65
CA MET A 250 54.76 24.02 -5.91
C MET A 250 54.00 23.46 -7.10
N ALA A 251 52.68 23.61 -7.08
CA ALA A 251 51.86 23.09 -8.16
C ALA A 251 52.28 23.68 -9.51
N LEU A 252 52.44 24.99 -9.56
CA LEU A 252 52.84 25.64 -10.79
C LEU A 252 54.20 25.08 -11.26
N ALA A 253 55.14 25.01 -10.31
CA ALA A 253 56.44 24.40 -10.56
C ALA A 253 56.26 23.00 -11.17
N TRP A 254 55.60 22.11 -10.44
CA TRP A 254 55.30 20.78 -10.97
C TRP A 254 54.67 20.87 -12.34
N ALA A 255 53.64 21.71 -12.48
CA ALA A 255 52.89 21.80 -13.72
C ALA A 255 53.80 22.13 -14.90
N ASP A 256 54.66 23.14 -14.71
CA ASP A 256 55.64 23.53 -15.74
C ASP A 256 56.59 22.41 -16.08
N LYS A 257 57.02 21.66 -15.08
CA LYS A 257 58.03 20.64 -15.32
C LYS A 257 57.41 19.49 -16.08
N ASN A 258 56.28 18.99 -15.61
CA ASN A 258 55.70 17.74 -16.13
C ASN A 258 54.68 17.90 -17.26
N PHE A 259 53.93 18.99 -17.30
CA PHE A 259 52.87 19.12 -18.31
C PHE A 259 53.39 19.23 -19.74
N ARG A 260 52.89 18.35 -20.60
CA ARG A 260 53.02 18.48 -22.07
C ARG A 260 51.80 19.26 -22.53
N TYR A 261 51.94 20.07 -23.57
CA TYR A 261 50.77 20.74 -24.10
C TYR A 261 50.50 20.29 -25.52
N GLY A 262 49.21 20.26 -25.85
CA GLY A 262 48.74 20.01 -27.21
C GLY A 262 48.47 21.31 -27.92
N GLU A 263 48.09 21.22 -29.19
CA GLU A 263 47.88 22.40 -30.00
C GLU A 263 46.51 23.03 -29.71
N ASP A 264 46.44 24.33 -29.91
CA ASP A 264 45.21 25.08 -29.71
C ASP A 264 44.37 24.86 -30.98
N GLN A 265 43.17 24.30 -30.79
CA GLN A 265 42.21 24.09 -31.88
C GLN A 265 41.08 25.10 -31.86
N ASN A 266 41.25 26.18 -31.10
CA ASN A 266 40.31 27.32 -31.12
C ASN A 266 40.46 28.19 -32.36
N ALA A 267 39.47 29.05 -32.58
CA ALA A 267 39.60 30.07 -33.62
C ALA A 267 40.70 31.07 -33.20
N GLN A 268 41.27 31.76 -34.18
CA GLN A 268 42.42 32.64 -33.94
C GLN A 268 42.06 33.80 -33.00
N HIS A 269 41.01 34.53 -33.36
CA HIS A 269 40.53 35.62 -32.50
C HIS A 269 40.15 35.18 -31.09
N TYR A 270 39.98 33.87 -30.89
CA TYR A 270 39.70 33.35 -29.56
C TYR A 270 40.90 32.75 -28.84
N LYS A 271 42.04 32.64 -29.52
CA LYS A 271 43.26 32.11 -28.90
C LYS A 271 43.81 32.98 -27.78
N ARG A 272 44.22 32.35 -26.69
CA ARG A 272 44.81 33.07 -25.57
C ARG A 272 46.33 33.19 -25.70
N ASP A 273 46.86 34.38 -25.42
CA ASP A 273 48.31 34.55 -25.33
C ASP A 273 48.84 33.91 -24.04
N GLU A 274 50.17 33.81 -23.91
CA GLU A 274 50.78 33.10 -22.78
C GLU A 274 50.55 33.76 -21.40
N GLU A 275 50.42 35.08 -21.35
CA GLU A 275 50.13 35.74 -20.07
C GLU A 275 48.77 35.24 -19.55
N GLN A 276 47.78 35.16 -20.43
CA GLN A 276 46.43 34.69 -20.09
C GLN A 276 46.42 33.21 -19.73
N SER A 277 47.14 32.42 -20.53
CA SER A 277 47.28 30.97 -20.34
C SER A 277 47.96 30.60 -19.02
N ARG A 278 48.80 31.51 -18.49
CA ARG A 278 49.37 31.31 -17.17
C ARG A 278 48.29 31.40 -16.10
N ALA A 279 47.43 32.41 -16.21
CA ALA A 279 46.39 32.62 -15.20
C ALA A 279 45.38 31.50 -15.24
N VAL A 280 44.96 31.13 -16.45
CA VAL A 280 43.99 30.05 -16.62
C VAL A 280 44.47 28.78 -15.93
N LEU A 281 45.71 28.40 -16.24
CA LEU A 281 46.41 27.28 -15.56
C LEU A 281 46.50 27.48 -14.04
N LYS A 282 46.90 28.67 -13.60
CA LYS A 282 46.97 28.97 -12.19
C LYS A 282 45.64 28.65 -11.52
N GLU A 283 44.54 29.16 -12.08
CA GLU A 283 43.22 28.96 -11.47
C GLU A 283 42.70 27.51 -11.53
N SER A 284 42.81 26.88 -12.69
CA SER A 284 42.58 25.44 -12.81
C SER A 284 43.24 24.65 -11.68
N LEU A 285 44.53 24.90 -11.43
CA LEU A 285 45.24 24.23 -10.31
C LEU A 285 44.68 24.67 -8.95
N LEU A 286 44.42 25.97 -8.81
CA LEU A 286 43.87 26.52 -7.57
C LEU A 286 42.47 25.99 -7.26
N MET A 287 41.71 25.71 -8.30
CA MET A 287 40.43 25.00 -8.15
C MET A 287 40.65 23.62 -7.54
N ALA A 288 41.63 22.89 -8.04
CA ALA A 288 41.91 21.55 -7.51
C ALA A 288 42.16 21.64 -6.03
N MET A 289 43.04 22.55 -5.64
CA MET A 289 43.41 22.67 -4.23
C MET A 289 42.20 23.11 -3.43
N CYS A 290 41.40 24.02 -3.98
CA CYS A 290 40.32 24.60 -3.22
C CYS A 290 39.21 23.59 -3.00
N ILE A 291 38.96 22.78 -4.02
CA ILE A 291 37.92 21.77 -3.93
C ILE A 291 38.31 20.67 -2.93
N ARG A 292 39.57 20.25 -2.96
CA ARG A 292 40.10 19.33 -1.96
C ARG A 292 39.87 19.88 -0.57
N ASP A 293 40.33 21.09 -0.32
CA ASP A 293 40.22 21.65 1.03
C ASP A 293 38.80 21.56 1.53
N MET A 294 37.87 22.02 0.69
CA MET A 294 36.44 22.00 1.05
C MET A 294 35.98 20.59 1.45
N MET A 295 36.43 19.57 0.73
CA MET A 295 36.00 18.19 0.99
C MET A 295 36.47 17.62 2.34
N GLN A 296 37.75 17.79 2.66
CA GLN A 296 38.37 17.13 3.84
C GLN A 296 39.01 18.03 4.91
N GLY A 297 38.98 19.33 4.71
CA GLY A 297 39.68 20.25 5.58
C GLY A 297 41.14 20.38 5.18
N ASN A 298 41.74 21.49 5.60
CA ASN A 298 43.16 21.73 5.47
C ASN A 298 43.61 22.48 6.73
N GLU A 299 44.56 21.91 7.45
CA GLU A 299 45.01 22.49 8.71
C GLU A 299 46.00 23.66 8.49
N LYS A 300 46.66 23.69 7.35
CA LYS A 300 47.46 24.86 7.02
C LYS A 300 46.60 26.10 7.06
N LEU A 301 45.35 25.98 6.63
CA LEU A 301 44.43 27.08 6.72
C LEU A 301 44.18 27.58 8.16
N ALA A 302 44.13 26.68 9.12
CA ALA A 302 43.79 27.10 10.49
C ALA A 302 44.95 27.89 11.10
N GLU A 303 46.16 27.43 10.79
CA GLU A 303 47.36 28.14 11.19
C GLU A 303 47.29 29.55 10.59
N LYS A 304 47.09 29.61 9.29
CA LYS A 304 46.88 30.87 8.57
C LYS A 304 45.70 31.75 9.10
N GLY A 305 45.04 31.36 10.20
CA GLY A 305 43.94 32.18 10.76
C GLY A 305 42.57 31.99 10.15
N LEU A 306 42.49 31.15 9.11
CA LEU A 306 41.22 30.80 8.47
C LEU A 306 40.72 29.52 9.10
N VAL A 307 40.21 29.65 10.31
CA VAL A 307 39.82 28.49 11.10
C VAL A 307 38.49 27.88 10.64
N GLU A 308 37.52 28.71 10.26
CA GLU A 308 36.23 28.17 9.83
C GLU A 308 36.36 27.37 8.53
N GLU A 309 37.11 27.89 7.57
CA GLU A 309 37.32 27.21 6.30
C GLU A 309 38.21 25.99 6.44
N SER A 310 38.89 25.82 7.57
CA SER A 310 39.87 24.73 7.75
C SER A 310 39.25 23.37 8.00
N LEU A 311 37.99 23.34 8.46
CA LEU A 311 37.34 22.08 8.85
C LEU A 311 36.84 21.28 7.65
N GLY A 312 36.27 21.98 6.68
CA GLY A 312 35.70 21.31 5.53
C GLY A 312 34.38 20.69 5.91
N TYR A 313 33.92 19.77 5.06
CA TYR A 313 32.54 19.33 5.11
C TYR A 313 32.38 17.80 5.27
N ASN A 314 33.51 17.12 5.42
CA ASN A 314 33.53 15.70 5.72
C ASN A 314 33.01 14.90 4.53
N ALA A 315 33.69 15.03 3.41
CA ALA A 315 33.13 14.54 2.17
C ALA A 315 33.98 13.48 1.52
N ILE A 316 33.36 12.34 1.17
CA ILE A 316 34.05 11.24 0.45
C ILE A 316 33.71 11.22 -1.04
N ALA A 317 32.72 12.00 -1.42
CA ALA A 317 32.52 12.27 -2.83
C ALA A 317 32.06 13.68 -2.99
N ALA A 318 32.13 14.18 -4.21
CA ALA A 318 31.77 15.55 -4.46
C ALA A 318 31.43 15.75 -5.91
N GLY A 319 30.54 16.70 -6.18
CA GLY A 319 30.23 17.10 -7.55
C GLY A 319 30.61 18.57 -7.77
N PHE A 320 31.00 18.87 -9.00
CA PHE A 320 31.27 20.23 -9.39
C PHE A 320 30.40 20.55 -10.59
N GLN A 321 29.66 21.64 -10.50
CA GLN A 321 28.68 21.91 -11.51
C GLN A 321 29.35 22.35 -12.80
N GLY A 322 30.11 23.41 -12.77
CA GLY A 322 30.78 23.90 -13.98
C GLY A 322 29.82 24.63 -14.90
N GLN A 323 29.42 23.97 -16.01
CA GLN A 323 28.46 24.58 -16.97
C GLN A 323 27.14 24.83 -16.26
N ARG A 324 26.43 25.90 -16.61
CA ARG A 324 26.86 26.89 -17.61
C ARG A 324 27.45 28.10 -16.94
N HIS A 325 27.09 28.29 -15.68
CA HIS A 325 27.27 29.56 -15.01
C HIS A 325 28.73 29.91 -14.70
N TRP A 326 29.52 28.91 -14.31
CA TRP A 326 30.95 29.12 -14.12
C TRP A 326 31.69 29.16 -15.44
N THR A 327 31.39 28.24 -16.34
CA THR A 327 32.21 28.16 -17.57
C THR A 327 32.01 29.31 -18.54
N ASP A 328 30.97 30.10 -18.36
CA ASP A 328 30.74 31.25 -19.24
C ASP A 328 31.52 32.50 -18.81
N GLN A 329 32.20 32.40 -17.67
CA GLN A 329 33.03 33.50 -17.19
C GLN A 329 34.38 33.10 -16.53
N TYR A 330 34.46 31.88 -15.99
CA TYR A 330 35.68 31.41 -15.33
C TYR A 330 36.18 30.10 -15.95
N PRO A 331 37.46 29.76 -15.68
CA PRO A 331 38.08 28.58 -16.26
C PRO A 331 37.46 27.31 -15.74
N ASN A 332 37.37 26.31 -16.59
CA ASN A 332 36.57 25.15 -16.25
C ASN A 332 37.33 24.25 -15.31
N GLY A 333 36.64 23.21 -14.85
CA GLY A 333 37.23 22.21 -13.95
C GLY A 333 37.88 21.04 -14.65
N ASP A 334 38.06 21.13 -15.96
CA ASP A 334 38.70 20.06 -16.75
C ASP A 334 39.96 19.55 -16.08
N THR A 335 40.87 20.48 -15.79
CA THR A 335 42.12 20.13 -15.17
C THR A 335 41.96 19.70 -13.71
N ALA A 336 41.21 20.48 -12.93
CA ALA A 336 41.01 20.18 -11.51
C ALA A 336 40.42 18.81 -11.27
N GLU A 337 39.28 18.54 -11.93
CA GLU A 337 38.56 17.27 -11.86
C GLU A 337 39.52 16.15 -12.22
N ALA A 338 40.24 16.33 -13.32
CA ALA A 338 41.16 15.31 -13.81
C ALA A 338 42.29 15.02 -12.83
N LEU A 339 42.75 16.04 -12.09
CA LEU A 339 43.86 15.84 -11.14
C LEU A 339 43.39 15.25 -9.82
N LEU A 340 42.28 15.76 -9.31
CA LEU A 340 41.70 15.20 -8.11
C LEU A 340 41.34 13.70 -8.25
N ASN A 341 40.79 13.30 -9.39
CA ASN A 341 40.33 11.91 -9.58
C ASN A 341 41.47 10.95 -9.97
N SER A 342 42.65 11.51 -10.22
CA SER A 342 43.89 10.74 -10.41
C SER A 342 44.44 10.22 -9.08
N SER A 343 45.35 9.26 -9.16
CA SER A 343 46.04 8.71 -7.99
C SER A 343 47.33 9.49 -7.63
N PHE A 344 47.54 10.68 -8.21
CA PHE A 344 48.76 11.46 -7.94
C PHE A 344 48.63 12.94 -8.30
N ASP A 345 49.34 13.78 -7.58
CA ASP A 345 49.44 15.18 -7.93
C ASP A 345 50.84 15.69 -7.56
N TRP A 346 50.99 17.01 -7.42
CA TRP A 346 52.27 17.65 -7.06
C TRP A 346 52.82 17.26 -5.67
N ASN A 347 51.99 16.68 -4.79
CA ASN A 347 52.47 16.08 -3.53
C ASN A 347 52.66 14.55 -3.65
N GLY A 348 52.84 14.03 -4.86
CA GLY A 348 53.05 12.59 -5.08
C GLY A 348 51.76 11.78 -4.97
N VAL A 349 51.94 10.46 -4.86
CA VAL A 349 50.84 9.51 -4.95
C VAL A 349 49.93 9.43 -3.73
N ARG A 350 48.64 9.57 -3.98
CA ARG A 350 47.64 9.55 -2.91
C ARG A 350 46.34 8.80 -3.31
N GLU A 351 45.52 8.46 -2.32
CA GLU A 351 44.21 7.87 -2.56
C GLU A 351 43.46 8.87 -3.37
N PRO A 352 43.07 8.49 -4.59
CA PRO A 352 42.33 9.42 -5.43
C PRO A 352 41.01 9.89 -4.79
N PHE A 353 40.62 11.12 -5.13
CA PHE A 353 39.31 11.66 -4.73
C PHE A 353 38.22 11.26 -5.74
N VAL A 354 36.98 11.51 -5.33
CA VAL A 354 35.85 11.30 -6.22
C VAL A 354 35.14 12.63 -6.47
N VAL A 355 35.44 13.24 -7.60
CA VAL A 355 34.74 14.44 -7.99
C VAL A 355 34.03 14.21 -9.29
N ALA A 356 32.73 14.47 -9.30
CA ALA A 356 31.89 14.19 -10.45
C ALA A 356 31.75 15.42 -11.29
N THR A 357 32.05 15.30 -12.57
CA THR A 357 31.94 16.45 -13.47
C THR A 357 30.44 16.74 -13.68
N GLU A 358 30.12 18.00 -13.90
CA GLU A 358 28.72 18.44 -14.13
C GLU A 358 27.85 18.15 -12.92
N ASN A 359 28.47 17.96 -11.77
CA ASN A 359 27.74 17.66 -10.51
C ASN A 359 26.74 16.53 -10.66
N ASP A 360 27.09 15.52 -11.46
CA ASP A 360 26.26 14.37 -11.62
C ASP A 360 26.43 13.45 -10.41
N SER A 361 25.71 13.74 -9.34
CA SER A 361 25.85 12.97 -8.09
C SER A 361 25.62 11.46 -8.28
N LEU A 362 24.66 11.11 -9.11
CA LEU A 362 24.43 9.72 -9.40
C LEU A 362 25.65 9.05 -10.04
N ASN A 363 26.36 9.73 -10.95
CA ASN A 363 27.62 9.18 -11.50
C ASN A 363 28.65 9.12 -10.34
N GLY A 364 28.56 10.10 -9.45
CA GLY A 364 29.39 10.16 -8.24
C GLY A 364 29.22 8.96 -7.32
N VAL A 365 28.00 8.52 -7.19
CA VAL A 365 27.70 7.36 -6.37
C VAL A 365 28.32 6.11 -6.98
N ALA A 366 28.20 5.96 -8.29
CA ALA A 366 28.84 4.81 -8.97
C ALA A 366 30.37 4.90 -8.93
N MET A 367 30.91 6.11 -8.82
CA MET A 367 32.35 6.30 -8.64
C MET A 367 32.74 5.87 -7.23
N LEU A 368 32.08 6.48 -6.26
CA LEU A 368 32.28 6.14 -4.86
C LEU A 368 32.30 4.60 -4.68
N MET A 369 31.26 3.92 -5.15
CA MET A 369 31.14 2.46 -5.03
C MET A 369 32.32 1.82 -5.72
N GLY A 370 32.57 2.22 -6.96
CA GLY A 370 33.74 1.72 -7.67
C GLY A 370 35.00 1.79 -6.81
N HIS A 371 35.27 3.00 -6.32
CA HIS A 371 36.46 3.26 -5.51
C HIS A 371 36.53 2.40 -4.22
N GLN A 372 35.46 2.39 -3.45
CA GLN A 372 35.46 1.60 -2.23
C GLN A 372 35.76 0.12 -2.44
N LEU A 373 35.38 -0.42 -3.60
CA LEU A 373 35.48 -1.86 -3.83
C LEU A 373 36.83 -2.22 -4.37
N THR A 374 37.48 -1.29 -5.07
CA THR A 374 38.76 -1.60 -5.74
C THR A 374 39.93 -0.81 -5.24
N GLY A 375 39.70 0.30 -4.53
CA GLY A 375 40.76 1.24 -4.17
C GLY A 375 41.42 2.01 -5.32
N THR A 376 40.92 1.82 -6.55
CA THR A 376 41.53 2.43 -7.73
C THR A 376 40.98 3.82 -8.00
N ALA A 377 41.52 4.46 -9.03
CA ALA A 377 40.92 5.67 -9.57
C ALA A 377 39.73 5.30 -10.45
N GLN A 378 38.82 6.25 -10.57
CA GLN A 378 37.59 6.03 -11.32
C GLN A 378 37.51 6.94 -12.56
N VAL A 379 37.22 6.35 -13.71
CA VAL A 379 37.07 7.15 -14.92
C VAL A 379 35.60 7.53 -15.22
N PHE A 380 35.36 8.84 -15.34
CA PHE A 380 34.05 9.40 -15.60
C PHE A 380 33.99 9.57 -17.08
N ALA A 381 32.90 9.11 -17.72
CA ALA A 381 32.74 9.09 -19.19
C ALA A 381 31.40 9.66 -19.69
N ASP A 382 31.40 10.28 -20.86
CA ASP A 382 30.15 10.50 -21.60
C ASP A 382 30.02 9.27 -22.48
N VAL A 383 28.83 8.69 -22.52
CA VAL A 383 28.59 7.55 -23.36
C VAL A 383 28.15 8.14 -24.69
N ARG A 384 29.13 8.52 -25.49
CA ARG A 384 28.91 9.51 -26.56
C ARG A 384 28.35 8.97 -27.84
N THR A 385 28.93 7.87 -28.32
CA THR A 385 28.64 7.31 -29.64
C THR A 385 28.63 5.80 -29.59
N TYR A 386 27.68 5.20 -30.27
CA TYR A 386 27.79 3.78 -30.58
C TYR A 386 28.18 3.64 -32.04
N TRP A 387 29.29 2.94 -32.27
CA TRP A 387 29.81 2.73 -33.60
C TRP A 387 29.54 1.29 -34.03
N SER A 388 28.50 1.15 -34.84
CA SER A 388 28.12 -0.13 -35.38
C SER A 388 29.21 -0.51 -36.36
N PRO A 389 29.35 -1.82 -36.61
CA PRO A 389 30.31 -2.28 -37.61
C PRO A 389 30.03 -1.62 -38.96
N ASP A 390 28.76 -1.61 -39.38
CA ASP A 390 28.39 -0.95 -40.64
C ASP A 390 28.85 0.50 -40.69
N ALA A 391 28.71 1.22 -39.59
CA ALA A 391 29.16 2.63 -39.56
C ALA A 391 30.65 2.74 -39.71
N VAL A 392 31.42 1.92 -39.01
CA VAL A 392 32.89 2.03 -39.05
C VAL A 392 33.47 1.67 -40.43
N GLU A 393 32.82 0.72 -41.10
CA GLU A 393 33.20 0.36 -42.46
C GLU A 393 32.87 1.49 -43.44
N ARG A 394 31.70 2.08 -43.28
CA ARG A 394 31.29 3.17 -44.15
C ARG A 394 32.27 4.33 -44.10
N VAL A 395 32.72 4.72 -42.91
CA VAL A 395 33.49 5.96 -42.78
C VAL A 395 34.99 5.75 -42.91
N THR A 396 35.54 4.73 -42.27
CA THR A 396 36.99 4.49 -42.40
C THR A 396 37.37 3.60 -43.59
N GLY A 397 36.36 3.02 -44.24
CA GLY A 397 36.60 2.02 -45.29
C GLY A 397 37.09 0.68 -44.75
N GLN A 398 37.40 0.60 -43.44
CA GLN A 398 37.97 -0.60 -42.81
C GLN A 398 36.95 -1.25 -41.88
N PRO A 399 37.12 -2.55 -41.52
CA PRO A 399 36.20 -3.21 -40.62
C PRO A 399 36.77 -3.42 -39.24
N LEU A 400 35.92 -3.30 -38.23
CA LEU A 400 36.32 -3.62 -36.86
C LEU A 400 36.54 -5.11 -36.72
N THR A 401 37.38 -5.47 -35.77
CA THR A 401 37.91 -6.81 -35.72
C THR A 401 38.23 -7.25 -34.28
N GLY A 402 38.27 -8.57 -34.07
CA GLY A 402 38.57 -9.12 -32.76
C GLY A 402 37.53 -8.71 -31.72
N LEU A 403 37.98 -8.14 -30.61
CA LEU A 403 37.04 -7.73 -29.59
C LEU A 403 36.08 -6.65 -30.11
N ALA A 404 36.53 -5.87 -31.08
CA ALA A 404 35.70 -4.83 -31.70
C ALA A 404 34.81 -5.38 -32.78
N GLU A 405 34.82 -6.69 -32.96
CA GLU A 405 34.11 -7.31 -34.06
C GLU A 405 32.66 -6.84 -34.11
N HIS A 406 31.96 -6.89 -32.98
CA HIS A 406 30.48 -6.73 -32.94
C HIS A 406 29.99 -5.28 -32.73
N GLY A 407 30.92 -4.34 -32.62
CA GLY A 407 30.59 -2.95 -32.35
C GLY A 407 31.54 -2.40 -31.30
N ILE A 408 31.46 -1.09 -31.10
CA ILE A 408 32.35 -0.37 -30.22
C ILE A 408 31.62 0.85 -29.70
N ILE A 409 31.82 1.24 -28.46
CA ILE A 409 31.13 2.40 -27.87
C ILE A 409 32.18 3.40 -27.44
N HIS A 410 32.05 4.61 -27.93
CA HIS A 410 32.98 5.65 -27.58
C HIS A 410 32.70 6.14 -26.15
N LEU A 411 33.62 5.93 -25.21
CA LEU A 411 33.53 6.56 -23.87
C LEU A 411 34.49 7.76 -23.71
N ILE A 412 33.96 8.97 -23.71
CA ILE A 412 34.81 10.14 -23.79
C ILE A 412 34.28 11.25 -22.90
N ASN A 413 34.96 11.54 -21.80
CA ASN A 413 34.49 12.62 -20.93
C ASN A 413 34.74 14.02 -21.50
N SER A 414 33.87 14.96 -21.17
CA SER A 414 33.92 16.29 -21.78
C SER A 414 35.03 17.15 -21.17
N GLY A 415 36.24 16.59 -21.11
CA GLY A 415 37.49 17.34 -20.84
C GLY A 415 38.42 16.70 -19.83
N SER A 416 37.84 15.99 -18.86
CA SER A 416 38.56 15.54 -17.67
C SER A 416 38.36 14.08 -17.42
N ALA A 417 39.41 13.42 -17.01
CA ALA A 417 39.34 12.03 -16.61
C ALA A 417 40.58 11.71 -15.81
N ALA A 418 40.42 10.83 -14.82
CA ALA A 418 41.53 10.39 -14.01
C ALA A 418 42.67 9.96 -14.93
N LEU A 419 43.85 10.49 -14.69
CA LEU A 419 44.95 10.22 -15.57
C LEU A 419 45.38 8.76 -15.51
N ASP A 420 45.01 8.05 -14.45
CA ASP A 420 45.30 6.61 -14.34
C ASP A 420 44.71 5.85 -15.52
N GLY A 421 43.59 6.36 -16.04
CA GLY A 421 42.89 5.81 -17.21
C GLY A 421 43.69 5.66 -18.50
N SER A 422 44.90 6.22 -18.52
CA SER A 422 45.84 5.93 -19.58
C SER A 422 46.25 4.45 -19.58
N CYS A 423 46.08 3.77 -18.46
CA CYS A 423 46.53 2.39 -18.30
C CYS A 423 48.00 2.27 -18.77
N GLN A 424 48.83 3.19 -18.29
CA GLN A 424 50.28 3.12 -18.45
C GLN A 424 50.89 2.39 -17.25
N GLN A 425 50.15 2.34 -16.13
CA GLN A 425 50.49 1.46 -15.00
C GLN A 425 50.49 0.00 -15.48
N ARG A 426 51.35 -0.82 -14.86
CA ARG A 426 51.55 -2.21 -15.29
C ARG A 426 51.56 -3.20 -14.13
N ASP A 427 51.09 -4.41 -14.41
CA ASP A 427 50.92 -5.45 -13.40
C ASP A 427 52.16 -6.35 -13.34
N GLU A 428 52.09 -7.40 -12.52
CA GLU A 428 53.21 -8.36 -12.37
C GLU A 428 53.85 -8.84 -13.70
N GLU A 429 53.01 -9.14 -14.69
CA GLU A 429 53.45 -9.65 -15.97
C GLU A 429 53.83 -8.53 -16.94
N GLY A 430 53.54 -7.29 -16.55
CA GLY A 430 53.80 -6.15 -17.40
C GLY A 430 52.72 -5.93 -18.44
N LYS A 431 51.47 -6.09 -18.01
CA LYS A 431 50.30 -5.78 -18.86
C LYS A 431 49.57 -4.52 -18.39
N PRO A 432 48.96 -3.78 -19.33
CA PRO A 432 48.36 -2.51 -18.94
C PRO A 432 47.24 -2.70 -17.93
N THR A 433 47.09 -1.72 -17.05
CA THR A 433 46.11 -1.81 -16.00
C THR A 433 45.99 -0.52 -15.18
N MET A 434 45.21 -0.62 -14.11
CA MET A 434 45.19 0.36 -13.06
C MET A 434 45.46 -0.34 -11.73
N LYS A 435 46.02 0.38 -10.77
CA LYS A 435 46.28 -0.20 -9.46
C LYS A 435 45.83 0.71 -8.35
N PRO A 436 45.51 0.13 -7.18
CA PRO A 436 45.17 0.98 -6.04
C PRO A 436 46.39 1.78 -5.63
N HIS A 437 46.21 2.99 -5.14
CA HIS A 437 47.31 3.96 -4.98
C HIS A 437 48.58 3.44 -4.27
N TRP A 438 48.44 2.48 -3.35
CA TRP A 438 49.60 1.87 -2.62
C TRP A 438 50.49 0.91 -3.46
N GLU A 439 50.06 0.54 -4.66
CA GLU A 439 50.85 -0.27 -5.63
C GLU A 439 51.26 0.55 -6.87
N ILE A 440 51.31 1.87 -6.75
CA ILE A 440 51.67 2.71 -7.87
C ILE A 440 53.01 3.34 -7.58
N SER A 441 53.99 3.00 -8.41
CA SER A 441 55.33 3.57 -8.36
C SER A 441 55.30 5.05 -8.83
N GLN A 442 56.14 5.90 -8.25
CA GLN A 442 56.27 7.28 -8.72
C GLN A 442 56.68 7.30 -10.18
N LYS A 443 57.54 6.35 -10.56
CA LYS A 443 57.92 6.13 -11.96
C LYS A 443 56.70 5.85 -12.83
N GLU A 444 55.74 5.08 -12.28
CA GLU A 444 54.45 4.81 -12.95
C GLU A 444 53.56 6.04 -13.11
N ALA A 445 53.50 6.85 -12.06
CA ALA A 445 52.70 8.07 -12.09
C ALA A 445 53.20 9.03 -13.18
N ASP A 446 54.51 9.10 -13.37
CA ASP A 446 55.11 9.96 -14.39
C ASP A 446 54.86 9.37 -15.78
N ALA A 447 54.69 8.05 -15.82
CA ALA A 447 54.29 7.33 -17.03
C ALA A 447 52.90 7.75 -17.43
N CYS A 448 51.98 7.65 -16.48
CA CYS A 448 50.59 8.08 -16.70
C CYS A 448 50.53 9.55 -17.22
N LEU A 449 51.36 10.41 -16.63
CA LEU A 449 51.40 11.84 -16.96
C LEU A 449 52.02 12.16 -18.32
N ALA A 450 53.05 11.42 -18.69
CA ALA A 450 53.71 11.57 -19.99
C ALA A 450 52.89 11.01 -21.17
N ALA A 451 51.83 10.25 -20.85
CA ALA A 451 50.77 9.88 -21.82
C ALA A 451 49.77 11.00 -22.10
N THR A 452 49.63 11.94 -21.16
CA THR A 452 48.69 13.03 -21.28
C THR A 452 49.24 14.17 -22.13
N GLU A 453 48.32 14.95 -22.70
CA GLU A 453 48.62 16.25 -23.28
C GLU A 453 47.47 17.17 -22.92
N TRP A 454 47.80 18.42 -22.64
CA TRP A 454 46.85 19.36 -22.09
C TRP A 454 46.38 20.31 -23.17
N CYS A 455 45.19 20.03 -23.67
CA CYS A 455 44.59 20.81 -24.75
C CYS A 455 43.72 21.94 -24.20
N PRO A 456 43.82 23.15 -24.76
CA PRO A 456 43.02 24.27 -24.25
C PRO A 456 41.53 24.19 -24.63
N ALA A 457 40.67 24.51 -23.68
CA ALA A 457 39.23 24.44 -23.86
C ALA A 457 38.74 25.23 -25.07
N ILE A 458 37.76 24.68 -25.78
CA ILE A 458 37.12 25.32 -26.95
C ILE A 458 36.19 26.48 -26.52
N HIS A 459 36.54 27.68 -26.96
CA HIS A 459 36.09 28.91 -26.31
C HIS A 459 34.56 29.04 -26.19
N GLU A 460 33.84 28.60 -27.23
CA GLU A 460 32.41 28.91 -27.29
C GLU A 460 31.58 28.12 -26.27
N TYR A 461 32.04 26.91 -25.94
CA TYR A 461 31.44 26.12 -24.86
C TYR A 461 31.99 26.54 -23.48
N PHE A 462 33.29 26.75 -23.45
CA PHE A 462 33.97 27.13 -22.23
C PHE A 462 34.65 28.49 -22.43
N ARG A 463 33.83 29.53 -22.30
CA ARG A 463 34.29 30.92 -22.42
C ARG A 463 35.47 31.23 -21.52
N GLY A 464 35.47 30.69 -20.32
CA GLY A 464 36.49 31.04 -19.33
C GLY A 464 37.84 30.37 -19.50
N GLY A 465 37.96 29.45 -20.44
CA GLY A 465 39.20 28.73 -20.66
C GLY A 465 39.28 27.45 -19.86
N GLY A 466 40.42 26.78 -19.97
CA GLY A 466 40.67 25.55 -19.23
C GLY A 466 41.60 24.66 -20.00
N TYR A 467 41.94 23.52 -19.39
CA TYR A 467 42.87 22.56 -20.02
C TYR A 467 42.38 21.13 -19.87
N SER A 468 42.11 20.51 -21.02
CA SER A 468 41.44 19.23 -21.08
C SER A 468 42.51 18.17 -21.15
N SER A 469 42.52 17.28 -20.16
CA SER A 469 43.50 16.19 -20.09
C SER A 469 43.18 15.11 -21.13
N ARG A 470 43.96 15.06 -22.20
CA ARG A 470 43.68 14.10 -23.28
C ARG A 470 44.67 12.92 -23.27
N PHE A 471 44.14 11.70 -23.16
CA PHE A 471 44.95 10.52 -23.31
C PHE A 471 44.12 9.47 -24.01
N LEU A 472 44.78 8.39 -24.41
CA LEU A 472 44.16 7.27 -25.13
C LEU A 472 44.38 6.01 -24.33
N THR A 473 43.29 5.39 -23.87
CA THR A 473 43.39 4.19 -23.06
C THR A 473 43.91 3.03 -23.88
N GLU A 474 44.95 2.36 -23.38
CA GLU A 474 45.52 1.13 -23.96
C GLU A 474 44.44 0.04 -24.07
N GLY A 475 44.42 -0.66 -25.20
CA GLY A 475 43.39 -1.65 -25.47
C GLY A 475 43.69 -2.98 -24.78
N GLY A 476 42.73 -3.89 -24.84
CA GLY A 476 42.87 -5.20 -24.25
C GLY A 476 42.56 -5.21 -22.77
N VAL A 477 42.36 -4.04 -22.18
CA VAL A 477 42.19 -3.95 -20.74
C VAL A 477 40.73 -4.28 -20.42
N PRO A 478 40.49 -5.09 -19.39
CA PRO A 478 39.13 -5.35 -18.99
C PRO A 478 38.62 -4.24 -18.06
N PHE A 479 37.36 -3.87 -18.26
CA PHE A 479 36.73 -2.78 -17.55
C PHE A 479 35.28 -3.12 -17.22
N THR A 480 34.75 -2.43 -16.19
CA THR A 480 33.34 -2.47 -15.84
C THR A 480 32.74 -1.10 -15.80
N MET A 481 31.71 -0.95 -16.63
CA MET A 481 30.92 0.28 -16.71
C MET A 481 29.68 0.19 -15.83
N THR A 482 29.49 1.17 -14.97
CA THR A 482 28.33 1.15 -14.10
C THR A 482 27.65 2.49 -14.09
N ARG A 483 26.40 2.49 -13.65
CA ARG A 483 25.61 3.73 -13.53
C ARG A 483 24.55 3.53 -12.49
N VAL A 484 24.15 4.59 -11.82
CA VAL A 484 23.00 4.55 -10.92
C VAL A 484 22.01 5.57 -11.40
N ASN A 485 20.74 5.17 -11.45
CA ASN A 485 19.65 6.05 -11.87
C ASN A 485 18.56 6.05 -10.82
N LEU A 486 17.75 7.11 -10.81
CA LEU A 486 16.53 7.18 -9.96
C LEU A 486 15.27 7.14 -10.82
N ILE A 487 14.35 6.24 -10.49
CA ILE A 487 13.14 6.06 -11.25
C ILE A 487 11.96 6.32 -10.32
N LYS A 488 11.21 7.37 -10.58
CA LYS A 488 10.09 7.70 -9.75
C LYS A 488 9.15 6.49 -9.70
N GLY A 489 8.74 6.15 -8.49
CA GLY A 489 7.86 5.00 -8.27
C GLY A 489 8.60 3.70 -8.05
N LEU A 490 9.88 3.69 -8.43
CA LEU A 490 10.69 2.50 -8.25
C LEU A 490 11.90 2.78 -7.41
N GLY A 491 12.42 4.02 -7.41
CA GLY A 491 13.57 4.41 -6.58
C GLY A 491 14.86 4.16 -7.34
N PRO A 492 15.99 3.90 -6.64
CA PRO A 492 17.26 3.77 -7.35
C PRO A 492 17.39 2.43 -7.97
N VAL A 493 18.30 2.33 -8.93
CA VAL A 493 18.62 1.10 -9.65
C VAL A 493 20.07 1.16 -10.14
N LEU A 494 20.61 -0.01 -10.46
CA LEU A 494 21.99 -0.12 -10.82
C LEU A 494 22.17 -0.76 -12.20
N GLN A 495 22.99 -0.13 -13.03
CA GLN A 495 23.38 -0.69 -14.34
C GLN A 495 24.84 -1.11 -14.36
N ILE A 496 25.08 -2.29 -14.92
CA ILE A 496 26.42 -2.85 -14.99
C ILE A 496 26.63 -3.40 -16.38
N ALA A 497 27.83 -3.19 -16.93
CA ALA A 497 28.24 -3.88 -18.17
C ALA A 497 29.75 -4.12 -18.14
N GLU A 498 30.14 -5.37 -17.93
CA GLU A 498 31.55 -5.79 -18.03
C GLU A 498 31.96 -5.88 -19.48
N GLY A 499 33.17 -5.44 -19.75
CA GLY A 499 33.76 -5.57 -21.09
C GLY A 499 35.23 -5.25 -21.08
N TRP A 500 35.75 -4.88 -22.24
CA TRP A 500 37.16 -4.54 -22.39
C TRP A 500 37.33 -3.24 -23.17
N SER A 501 38.44 -2.55 -22.93
CA SER A 501 38.81 -1.49 -23.82
C SER A 501 39.49 -2.11 -25.04
N VAL A 502 39.46 -1.42 -26.16
CA VAL A 502 40.14 -1.87 -27.39
C VAL A 502 41.13 -0.81 -27.93
N GLU A 503 41.99 -1.29 -28.83
CA GLU A 503 43.00 -0.48 -29.50
C GLU A 503 42.76 -0.65 -30.98
N LEU A 504 42.39 0.41 -31.66
CA LEU A 504 42.14 0.30 -33.07
C LEU A 504 43.36 0.73 -33.84
N PRO A 505 43.45 0.33 -35.11
CA PRO A 505 44.43 0.88 -36.04
C PRO A 505 44.51 2.39 -36.00
N LYS A 506 45.74 2.91 -35.90
CA LYS A 506 46.02 4.35 -35.85
C LYS A 506 45.19 5.16 -36.86
N ALA A 507 45.13 4.67 -38.08
CA ALA A 507 44.38 5.37 -39.11
C ALA A 507 42.90 5.51 -38.73
N MET A 508 42.32 4.42 -38.22
CA MET A 508 40.88 4.36 -37.89
C MET A 508 40.54 5.30 -36.73
N HIS A 509 41.31 5.19 -35.65
CA HIS A 509 41.15 6.06 -34.50
C HIS A 509 41.10 7.53 -34.90
N ASP A 510 42.13 8.00 -35.59
CA ASP A 510 42.16 9.41 -36.00
C ASP A 510 40.94 9.86 -36.82
N GLN A 511 40.36 8.99 -37.65
CA GLN A 511 39.14 9.37 -38.37
C GLN A 511 38.00 9.53 -37.37
N LEU A 512 37.90 8.56 -36.47
CA LEU A 512 36.80 8.53 -35.53
C LEU A 512 36.95 9.63 -34.51
N ASP A 513 38.16 9.83 -34.02
CA ASP A 513 38.40 10.86 -33.00
C ASP A 513 38.13 12.27 -33.55
N ALA A 514 38.65 12.58 -34.73
CA ALA A 514 38.52 13.90 -35.35
C ALA A 514 37.10 14.48 -35.27
N ARG A 515 36.17 13.76 -35.89
CA ARG A 515 34.78 14.19 -35.98
C ARG A 515 34.12 14.31 -34.62
N THR A 516 34.54 13.50 -33.66
CA THR A 516 33.98 13.58 -32.31
C THR A 516 34.51 14.81 -31.52
N ASN A 517 35.53 14.62 -30.68
CA ASN A 517 36.13 15.72 -29.90
C ASN A 517 37.59 15.33 -29.60
N SER A 518 38.51 15.79 -30.45
CA SER A 518 39.88 15.31 -30.43
C SER A 518 40.71 15.92 -29.30
N THR A 519 40.13 16.90 -28.62
CA THR A 519 40.81 17.57 -27.50
C THR A 519 40.52 16.87 -26.16
N TRP A 520 39.80 15.74 -26.20
CA TRP A 520 39.21 15.08 -25.01
C TRP A 520 39.57 13.62 -24.88
N PRO A 521 39.68 13.12 -23.64
CA PRO A 521 40.17 11.78 -23.39
C PRO A 521 39.23 10.72 -23.91
N THR A 522 39.79 9.68 -24.54
CA THR A 522 39.06 8.66 -25.31
C THR A 522 39.28 7.23 -24.77
N THR A 523 38.22 6.44 -24.74
CA THR A 523 38.28 5.04 -24.36
C THR A 523 37.31 4.30 -25.25
N TRP A 524 37.81 3.29 -25.94
CA TRP A 524 36.96 2.50 -26.81
C TRP A 524 36.56 1.30 -26.00
N PHE A 525 35.25 1.14 -25.83
CA PHE A 525 34.73 0.15 -24.94
C PHE A 525 33.95 -0.80 -25.77
N ALA A 526 33.97 -2.07 -25.37
CA ALA A 526 33.24 -3.13 -26.05
C ALA A 526 32.68 -4.03 -24.99
N PRO A 527 31.35 -4.10 -24.86
CA PRO A 527 30.70 -4.95 -23.84
C PRO A 527 30.56 -6.42 -24.25
N ARG A 528 30.84 -7.31 -23.30
CA ARG A 528 30.56 -8.74 -23.45
C ARG A 528 29.08 -8.89 -23.76
N LEU A 529 28.77 -9.72 -24.74
CA LEU A 529 27.38 -10.00 -25.13
C LEU A 529 26.90 -11.36 -24.61
N THR A 530 25.65 -11.41 -24.17
CA THR A 530 25.06 -12.63 -23.64
C THR A 530 24.12 -13.27 -24.67
N GLY A 531 23.73 -12.49 -25.69
CA GLY A 531 22.72 -12.91 -26.67
C GLY A 531 21.29 -12.56 -26.26
N LYS A 532 21.13 -12.10 -25.02
CA LYS A 532 19.82 -11.90 -24.46
C LYS A 532 19.66 -10.43 -24.00
N GLY A 533 18.41 -9.97 -24.02
CA GLY A 533 18.05 -8.65 -23.52
C GLY A 533 18.94 -7.52 -24.00
N PRO A 534 19.36 -6.64 -23.06
CA PRO A 534 20.24 -5.53 -23.41
C PRO A 534 21.59 -5.95 -23.98
N PHE A 535 22.01 -7.18 -23.70
CA PHE A 535 23.28 -7.68 -24.21
C PHE A 535 23.17 -8.62 -25.43
N ALA A 536 22.05 -8.54 -26.13
CA ALA A 536 21.90 -9.26 -27.39
C ALA A 536 22.92 -8.79 -28.44
N ASP A 537 23.32 -7.52 -28.37
CA ASP A 537 24.25 -6.91 -29.34
C ASP A 537 24.68 -5.57 -28.78
N VAL A 538 25.62 -4.91 -29.44
CA VAL A 538 26.21 -3.71 -28.84
C VAL A 538 25.23 -2.51 -28.83
N TYR A 539 24.44 -2.35 -29.91
CA TYR A 539 23.41 -1.30 -29.99
C TYR A 539 22.52 -1.30 -28.77
N SER A 540 22.09 -2.48 -28.37
CA SER A 540 21.20 -2.63 -27.22
C SER A 540 21.85 -2.14 -25.93
N VAL A 541 23.10 -2.53 -25.71
CA VAL A 541 23.87 -2.08 -24.56
C VAL A 541 23.73 -0.56 -24.40
N MET A 542 23.94 0.17 -25.48
CA MET A 542 23.87 1.61 -25.37
C MET A 542 22.43 2.05 -25.24
N ALA A 543 21.61 1.43 -26.09
CA ALA A 543 20.23 1.86 -26.26
C ALA A 543 19.47 1.85 -24.94
N ASN A 544 19.71 0.85 -24.10
CA ASN A 544 19.02 0.76 -22.81
C ASN A 544 19.81 1.39 -21.65
N TRP A 545 20.89 2.10 -21.95
CA TRP A 545 21.72 2.67 -20.91
C TRP A 545 20.98 3.87 -20.39
N GLY A 546 20.96 4.04 -19.08
CA GLY A 546 19.99 4.91 -18.45
C GLY A 546 20.29 6.39 -18.45
N ALA A 547 21.52 6.74 -18.80
CA ALA A 547 21.93 8.15 -18.81
C ALA A 547 22.94 8.45 -19.91
N ASN A 548 23.29 9.73 -20.06
CA ASN A 548 24.39 10.16 -20.92
C ASN A 548 25.79 9.79 -20.36
N HIS A 549 25.86 9.48 -19.07
CA HIS A 549 27.12 9.28 -18.34
C HIS A 549 27.26 7.85 -17.82
N GLY A 550 28.50 7.46 -17.51
CA GLY A 550 28.80 6.19 -16.85
C GLY A 550 30.18 6.24 -16.20
N VAL A 551 30.50 5.18 -15.45
CA VAL A 551 31.77 5.08 -14.78
C VAL A 551 32.52 3.80 -15.11
N LEU A 552 33.81 3.96 -15.40
CA LEU A 552 34.72 2.85 -15.68
C LEU A 552 35.52 2.49 -14.45
N THR A 553 35.39 1.23 -14.05
CA THR A 553 36.13 0.68 -12.92
C THR A 553 36.98 -0.47 -13.47
N ILE A 554 38.26 -0.48 -13.12
CA ILE A 554 39.15 -1.44 -13.73
C ILE A 554 38.79 -2.88 -13.41
N GLY A 555 38.82 -3.70 -14.45
CA GLY A 555 38.63 -5.15 -14.34
C GLY A 555 37.17 -5.55 -14.45
N HIS A 556 36.91 -6.82 -14.16
CA HIS A 556 35.55 -7.36 -14.15
C HIS A 556 35.03 -7.51 -12.72
N VAL A 557 34.61 -6.37 -12.16
CA VAL A 557 34.07 -6.30 -10.80
C VAL A 557 32.53 -6.15 -10.78
N GLY A 558 31.87 -6.63 -11.81
CA GLY A 558 30.41 -6.70 -11.81
C GLY A 558 29.87 -7.55 -10.67
N ALA A 559 30.56 -8.65 -10.37
CA ALA A 559 30.16 -9.55 -9.28
C ALA A 559 30.14 -8.81 -7.94
N ASP A 560 31.08 -7.88 -7.78
CA ASP A 560 31.18 -7.07 -6.59
C ASP A 560 30.06 -6.06 -6.48
N PHE A 561 29.83 -5.30 -7.55
CA PHE A 561 28.73 -4.33 -7.56
C PHE A 561 27.37 -5.00 -7.31
N ILE A 562 27.16 -6.17 -7.89
CA ILE A 562 25.93 -6.92 -7.73
C ILE A 562 25.70 -7.24 -6.25
N THR A 563 26.76 -7.67 -5.58
CA THR A 563 26.71 -7.98 -4.15
C THR A 563 26.48 -6.73 -3.26
N LEU A 564 27.25 -5.66 -3.54
CA LEU A 564 27.05 -4.36 -2.87
C LEU A 564 25.65 -3.76 -3.06
N ALA A 565 25.10 -3.91 -4.28
CA ALA A 565 23.74 -3.50 -4.61
C ALA A 565 22.73 -4.17 -3.70
N ALA A 566 22.93 -5.47 -3.49
CA ALA A 566 22.04 -6.28 -2.69
C ALA A 566 22.08 -5.90 -1.20
N MET A 567 23.26 -5.56 -0.72
CA MET A 567 23.37 -5.09 0.67
C MET A 567 22.68 -3.75 0.77
N LEU A 568 22.62 -3.05 -0.39
CA LEU A 568 22.08 -1.71 -0.44
C LEU A 568 20.62 -1.65 -0.84
N ARG A 569 20.07 -2.79 -1.24
CA ARG A 569 18.67 -2.93 -1.66
C ARG A 569 18.32 -2.02 -2.84
N ILE A 570 19.23 -2.01 -3.81
CA ILE A 570 19.07 -1.29 -5.05
C ILE A 570 18.99 -2.32 -6.17
N PRO A 571 17.81 -2.43 -6.83
CA PRO A 571 17.69 -3.48 -7.85
C PRO A 571 18.74 -3.34 -8.93
N VAL A 572 19.09 -4.42 -9.57
CA VAL A 572 19.99 -4.37 -10.68
C VAL A 572 19.12 -4.55 -11.92
N CYS A 573 19.04 -3.52 -12.75
CA CYS A 573 18.11 -3.56 -13.87
C CYS A 573 18.78 -4.07 -15.10
N MET A 574 20.11 -4.12 -15.10
CA MET A 574 20.86 -4.45 -16.32
C MET A 574 22.25 -4.90 -15.92
N HIS A 575 22.61 -6.11 -16.32
CA HIS A 575 23.96 -6.62 -16.07
C HIS A 575 24.32 -7.82 -16.94
N ASN A 576 25.60 -7.95 -17.31
CA ASN A 576 26.05 -9.10 -18.10
C ASN A 576 26.98 -10.01 -17.30
N VAL A 577 26.78 -10.07 -15.99
CA VAL A 577 27.58 -10.97 -15.17
C VAL A 577 26.94 -12.34 -15.21
N GLU A 578 27.75 -13.36 -15.49
CA GLU A 578 27.28 -14.74 -15.51
C GLU A 578 26.70 -15.02 -14.13
N GLU A 579 25.58 -15.72 -14.12
CA GLU A 579 24.83 -15.88 -12.88
C GLU A 579 25.49 -16.80 -11.88
N GLY A 580 26.43 -17.64 -12.35
CA GLY A 580 27.34 -18.40 -11.45
C GLY A 580 27.97 -17.54 -10.37
N LYS A 581 28.30 -16.31 -10.71
CA LYS A 581 29.00 -15.41 -9.81
C LYS A 581 28.08 -14.50 -8.99
N ILE A 582 26.77 -14.70 -9.11
CA ILE A 582 25.82 -13.80 -8.45
C ILE A 582 25.77 -14.14 -7.00
N TYR A 583 26.12 -13.21 -6.14
CA TYR A 583 26.20 -13.51 -4.71
C TYR A 583 25.41 -12.51 -3.89
N ARG A 584 24.30 -12.98 -3.30
CA ARG A 584 23.39 -12.11 -2.57
C ARG A 584 22.97 -12.77 -1.27
N PRO A 585 22.25 -12.06 -0.40
CA PRO A 585 21.74 -12.68 0.81
C PRO A 585 20.85 -13.90 0.55
N SER A 586 20.77 -14.79 1.53
CA SER A 586 19.97 -16.03 1.40
C SER A 586 18.47 -15.73 1.11
N SER A 587 17.94 -14.73 1.79
CA SER A 587 16.55 -14.33 1.63
C SER A 587 16.13 -14.12 0.20
N TRP A 588 17.05 -13.66 -0.63
CA TRP A 588 16.75 -13.42 -2.03
C TRP A 588 16.20 -14.71 -2.65
N ALA A 589 16.91 -15.83 -2.47
CA ALA A 589 16.50 -17.11 -3.04
C ALA A 589 14.99 -17.39 -2.78
N ALA A 590 14.49 -17.03 -1.60
CA ALA A 590 13.06 -17.20 -1.28
C ALA A 590 12.14 -16.32 -2.12
N HIS A 591 12.68 -15.30 -2.75
CA HIS A 591 11.85 -14.43 -3.61
C HIS A 591 11.80 -14.91 -5.06
N GLY A 592 12.27 -16.13 -5.29
CA GLY A 592 12.12 -16.78 -6.58
C GLY A 592 13.43 -17.32 -7.11
N MET A 593 13.32 -18.16 -8.11
CA MET A 593 14.48 -18.64 -8.82
C MET A 593 15.07 -17.64 -9.81
N ASP A 594 14.25 -16.79 -10.45
CA ASP A 594 14.79 -15.84 -11.45
C ASP A 594 15.70 -14.83 -10.75
N THR A 595 16.95 -14.77 -11.18
CA THR A 595 17.93 -13.88 -10.54
C THR A 595 17.54 -12.39 -10.69
N GLU A 596 16.54 -12.10 -11.51
CA GLU A 596 16.02 -10.74 -11.61
C GLU A 596 14.75 -10.55 -10.79
N GLY A 597 13.75 -11.39 -10.99
CA GLY A 597 12.51 -11.19 -10.26
C GLY A 597 12.72 -11.20 -8.75
N GLN A 598 13.64 -12.05 -8.30
CA GLN A 598 13.97 -12.15 -6.89
C GLN A 598 14.48 -10.83 -6.36
N ASP A 599 15.29 -10.17 -7.17
CA ASP A 599 15.94 -8.95 -6.78
C ASP A 599 14.93 -7.80 -6.52
N TYR A 600 14.06 -7.53 -7.51
CA TYR A 600 13.04 -6.48 -7.39
C TYR A 600 12.10 -6.75 -6.23
N ARG A 601 11.74 -8.01 -6.07
CA ARG A 601 10.87 -8.37 -4.96
C ARG A 601 11.60 -8.23 -3.62
N ALA A 602 12.88 -8.64 -3.58
CA ALA A 602 13.68 -8.54 -2.35
C ALA A 602 13.86 -7.07 -1.99
N CYS A 603 14.29 -6.28 -2.96
CA CYS A 603 14.47 -4.87 -2.73
C CYS A 603 13.17 -4.15 -2.35
N GLN A 604 12.02 -4.51 -2.94
CA GLN A 604 10.75 -3.85 -2.53
C GLN A 604 10.32 -4.27 -1.14
N ASN A 605 10.55 -5.53 -0.78
CA ASN A 605 10.36 -6.03 0.58
C ASN A 605 11.17 -5.26 1.62
N TYR A 606 12.49 -5.30 1.50
CA TYR A 606 13.41 -4.77 2.53
C TYR A 606 13.65 -3.26 2.40
N GLY A 607 13.91 -2.82 1.18
CA GLY A 607 14.00 -1.41 0.90
C GLY A 607 15.24 -0.88 1.57
N PRO A 608 15.38 0.44 1.66
CA PRO A 608 16.61 1.11 2.08
C PRO A 608 17.03 0.73 3.47
N LEU A 609 18.33 0.54 3.64
CA LEU A 609 18.93 0.16 4.90
C LEU A 609 18.59 1.09 6.06
N TYR A 610 18.57 2.41 5.78
CA TYR A 610 18.63 3.42 6.84
C TYR A 610 17.37 4.21 7.23
N LYS A 611 16.35 4.33 6.37
CA LYS A 611 14.99 4.81 6.81
C LYS A 611 13.81 4.67 5.83
N SER B 26 -0.38 33.89 -21.85
CA SER B 26 -1.81 33.67 -22.18
C SER B 26 -2.61 33.25 -20.95
N LEU B 27 -3.44 34.15 -20.43
CA LEU B 27 -4.13 33.94 -19.14
C LEU B 27 -5.16 32.78 -19.15
N PRO B 28 -5.37 32.14 -18.00
CA PRO B 28 -6.38 31.11 -17.98
C PRO B 28 -7.75 31.74 -18.05
N LYS B 29 -8.75 30.98 -18.46
CA LYS B 29 -10.13 31.46 -18.52
C LYS B 29 -11.05 30.60 -17.68
N ILE B 30 -12.21 31.16 -17.36
CA ILE B 30 -13.25 30.40 -16.71
C ILE B 30 -14.27 29.96 -17.76
N GLY B 31 -14.70 28.70 -17.66
CA GLY B 31 -15.70 28.14 -18.57
C GLY B 31 -17.03 27.86 -17.89
N ILE B 32 -18.08 28.52 -18.39
CA ILE B 32 -19.43 28.33 -17.86
C ILE B 32 -20.10 27.30 -18.76
N ARG B 33 -20.74 26.32 -18.13
CA ARG B 33 -21.42 25.23 -18.82
C ARG B 33 -22.86 25.34 -18.39
N PRO B 34 -23.72 25.84 -19.29
CA PRO B 34 -25.14 25.86 -19.01
C PRO B 34 -25.67 24.47 -19.29
N VAL B 35 -26.44 23.94 -18.34
CA VAL B 35 -26.86 22.56 -18.41
C VAL B 35 -28.39 22.49 -18.27
N ILE B 36 -29.03 21.58 -19.02
CA ILE B 36 -30.50 21.60 -19.21
C ILE B 36 -31.18 20.23 -19.33
N ASP B 37 -32.47 20.22 -19.01
CA ASP B 37 -33.36 19.08 -19.29
C ASP B 37 -33.49 18.89 -20.79
N GLY B 38 -33.06 17.73 -21.26
CA GLY B 38 -32.90 17.50 -22.68
C GLY B 38 -34.18 17.14 -23.38
N ARG B 39 -35.22 16.84 -22.60
CA ARG B 39 -36.51 16.43 -23.16
C ARG B 39 -37.26 17.63 -23.77
N ARG B 40 -37.91 17.35 -24.88
CA ARG B 40 -38.55 18.38 -25.69
C ARG B 40 -40.07 18.40 -25.48
N MET B 41 -40.85 18.53 -26.57
CA MET B 41 -42.29 18.82 -26.52
C MET B 41 -42.63 19.98 -25.58
N GLY B 42 -41.76 20.99 -25.59
CA GLY B 42 -41.99 22.21 -24.82
C GLY B 42 -41.17 22.38 -23.56
N VAL B 43 -40.61 21.29 -23.01
CA VAL B 43 -39.91 21.38 -21.72
C VAL B 43 -38.51 22.02 -21.84
N ARG B 44 -37.73 21.60 -22.83
CA ARG B 44 -36.43 22.22 -23.10
C ARG B 44 -36.61 23.69 -23.50
N GLU B 45 -37.44 23.92 -24.50
CA GLU B 45 -37.68 25.26 -25.03
C GLU B 45 -38.20 26.21 -23.93
N SER B 46 -39.02 25.68 -23.03
CA SER B 46 -39.46 26.40 -21.82
C SER B 46 -38.29 26.91 -20.96
N LEU B 47 -37.23 26.11 -20.86
CA LEU B 47 -36.12 26.35 -19.93
C LEU B 47 -34.89 27.00 -20.55
N GLU B 48 -34.74 26.93 -21.87
CA GLU B 48 -33.51 27.40 -22.49
C GLU B 48 -33.10 28.77 -21.95
N ALA B 49 -33.95 29.76 -22.16
CA ALA B 49 -33.56 31.13 -21.92
C ALA B 49 -33.03 31.36 -20.51
N GLN B 50 -33.70 30.81 -19.51
CA GLN B 50 -33.29 31.02 -18.10
C GLN B 50 -31.94 30.40 -17.85
N THR B 51 -31.71 29.25 -18.48
CA THR B 51 -30.46 28.50 -18.32
C THR B 51 -29.23 29.28 -18.88
N MET B 52 -29.24 29.61 -20.16
CA MET B 52 -28.18 30.44 -20.74
C MET B 52 -28.05 31.80 -20.02
N ASN B 53 -29.15 32.34 -19.50
CA ASN B 53 -29.10 33.65 -18.83
C ASN B 53 -28.42 33.51 -17.50
N MET B 54 -28.65 32.38 -16.85
CA MET B 54 -27.90 32.02 -15.65
C MET B 54 -26.39 31.93 -15.95
N ALA B 55 -26.07 31.36 -17.11
CA ALA B 55 -24.69 31.29 -17.56
C ALA B 55 -24.14 32.68 -17.69
N LYS B 56 -24.79 33.49 -18.52
CA LYS B 56 -24.43 34.91 -18.72
C LYS B 56 -24.29 35.64 -17.38
N ALA B 57 -25.34 35.60 -16.57
CA ALA B 57 -25.29 36.16 -15.21
C ALA B 57 -23.96 35.87 -14.51
N THR B 58 -23.54 34.62 -14.56
CA THR B 58 -22.39 34.20 -13.80
C THR B 58 -21.11 34.76 -14.42
N ALA B 59 -21.05 34.86 -15.75
CA ALA B 59 -19.87 35.50 -16.38
C ALA B 59 -19.81 36.91 -15.85
N ALA B 60 -20.94 37.59 -15.98
CA ALA B 60 -21.07 38.97 -15.54
C ALA B 60 -20.57 39.15 -14.11
N LEU B 61 -21.12 38.39 -13.18
CA LEU B 61 -20.75 38.56 -11.79
C LEU B 61 -19.25 38.51 -11.61
N ILE B 62 -18.61 37.42 -12.03
CA ILE B 62 -17.16 37.20 -11.79
C ILE B 62 -16.29 38.24 -12.48
N SER B 63 -16.51 38.40 -13.79
CA SER B 63 -15.72 39.31 -14.62
C SER B 63 -15.68 40.75 -14.11
N GLU B 64 -16.78 41.24 -13.54
CA GLU B 64 -16.77 42.59 -12.93
C GLU B 64 -16.26 42.56 -11.50
N LYS B 65 -16.67 41.58 -10.71
CA LYS B 65 -16.25 41.55 -9.30
C LYS B 65 -14.79 41.21 -9.06
N LEU B 66 -14.15 40.45 -9.96
CA LEU B 66 -12.79 39.94 -9.75
C LEU B 66 -11.84 40.24 -10.89
N ARG B 67 -10.56 40.17 -10.56
CA ARG B 67 -9.50 40.39 -11.49
C ARG B 67 -8.45 39.30 -11.30
N HIS B 68 -7.67 39.07 -12.36
CA HIS B 68 -6.44 38.30 -12.24
C HIS B 68 -5.53 39.00 -11.27
N ALA B 69 -4.62 38.26 -10.64
CA ALA B 69 -3.56 38.87 -9.81
C ALA B 69 -2.62 39.82 -10.61
N CYS B 70 -2.25 39.40 -11.82
CA CYS B 70 -1.56 40.25 -12.80
C CYS B 70 -2.25 41.61 -12.97
N GLY B 71 -3.57 41.60 -13.01
CA GLY B 71 -4.35 42.83 -13.17
C GLY B 71 -5.41 42.72 -14.23
N ALA B 72 -5.16 41.90 -15.24
CA ALA B 72 -6.09 41.77 -16.37
C ALA B 72 -7.54 41.40 -15.96
N GLN B 73 -8.42 41.58 -16.95
CA GLN B 73 -9.86 41.33 -16.83
C GLN B 73 -10.08 39.84 -17.13
N ILE B 74 -10.74 39.13 -16.21
CA ILE B 74 -11.05 37.71 -16.36
C ILE B 74 -12.04 37.41 -17.48
N GLU B 75 -11.59 36.67 -18.50
CA GLU B 75 -12.47 36.32 -19.60
C GLU B 75 -13.12 34.99 -19.31
N CYS B 76 -14.47 34.99 -19.23
CA CYS B 76 -15.28 33.78 -19.03
C CYS B 76 -15.77 33.29 -20.39
N VAL B 77 -15.69 31.99 -20.65
CA VAL B 77 -16.14 31.41 -21.94
C VAL B 77 -17.43 30.60 -21.72
N ILE B 78 -18.40 30.77 -22.61
CA ILE B 78 -19.66 30.07 -22.48
C ILE B 78 -19.89 29.13 -23.64
N ALA B 79 -20.38 27.94 -23.33
CA ALA B 79 -20.72 26.96 -24.34
C ALA B 79 -21.64 27.62 -25.34
N ASP B 80 -21.56 27.17 -26.59
CA ASP B 80 -22.38 27.70 -27.68
C ASP B 80 -23.87 27.40 -27.42
N THR B 81 -24.18 26.18 -26.96
CA THR B 81 -25.55 25.81 -26.59
C THR B 81 -25.54 25.17 -25.22
N CYS B 82 -26.71 25.06 -24.60
CA CYS B 82 -26.80 24.35 -23.33
C CYS B 82 -26.57 22.86 -23.52
N ILE B 83 -26.05 22.23 -22.47
CA ILE B 83 -25.68 20.83 -22.52
C ILE B 83 -26.79 20.03 -21.82
N ALA B 84 -27.23 18.97 -22.48
CA ALA B 84 -28.18 18.03 -21.88
C ALA B 84 -27.72 16.60 -22.00
N GLY B 85 -26.49 16.41 -22.49
CA GLY B 85 -25.95 15.09 -22.81
C GLY B 85 -24.58 15.17 -23.49
N MET B 86 -24.02 14.01 -23.76
CA MET B 86 -22.63 13.90 -24.20
C MET B 86 -22.21 14.59 -25.48
N ALA B 87 -23.07 14.63 -26.49
CA ALA B 87 -22.70 15.28 -27.74
C ALA B 87 -22.50 16.77 -27.50
N GLU B 88 -23.51 17.39 -26.89
CA GLU B 88 -23.46 18.81 -26.57
C GLU B 88 -22.30 19.02 -25.59
N SER B 89 -22.17 18.13 -24.59
CA SER B 89 -21.13 18.26 -23.57
C SER B 89 -19.74 18.28 -24.13
N ALA B 90 -19.53 17.52 -25.20
CA ALA B 90 -18.22 17.35 -25.81
C ALA B 90 -17.84 18.47 -26.74
N ALA B 91 -18.84 19.14 -27.32
CA ALA B 91 -18.61 20.38 -28.07
C ALA B 91 -17.94 21.43 -27.19
N CYS B 92 -18.44 21.51 -25.96
CA CYS B 92 -17.94 22.43 -24.96
C CYS B 92 -16.48 22.21 -24.67
N GLU B 93 -16.10 20.95 -24.46
CA GLU B 93 -14.72 20.60 -24.22
C GLU B 93 -13.83 21.03 -25.40
N GLU B 94 -14.27 20.74 -26.62
CA GLU B 94 -13.57 21.25 -27.79
C GLU B 94 -13.45 22.76 -27.71
N LYS B 95 -14.57 23.46 -27.42
CA LYS B 95 -14.54 24.94 -27.31
C LYS B 95 -13.68 25.45 -26.14
N PHE B 96 -13.57 24.67 -25.09
CA PHE B 96 -12.82 25.09 -23.93
C PHE B 96 -11.31 24.86 -24.10
N SER B 97 -10.93 23.81 -24.82
CA SER B 97 -9.51 23.44 -24.90
C SER B 97 -8.73 24.40 -25.77
N ARG B 98 -9.28 24.69 -26.93
CA ARG B 98 -8.80 25.77 -27.80
C ARG B 98 -8.72 27.12 -27.12
N GLN B 99 -9.45 27.32 -26.03
CA GLN B 99 -9.60 28.63 -25.38
C GLN B 99 -8.90 28.76 -24.04
N ASN B 100 -8.07 27.78 -23.68
CA ASN B 100 -7.35 27.78 -22.38
C ASN B 100 -8.26 28.07 -21.15
N VAL B 101 -9.28 27.25 -20.94
CA VAL B 101 -10.06 27.36 -19.71
C VAL B 101 -9.41 26.50 -18.64
N GLY B 102 -9.14 27.08 -17.47
CA GLY B 102 -8.50 26.36 -16.38
C GLY B 102 -9.42 26.11 -15.21
N VAL B 103 -10.66 26.57 -15.32
CA VAL B 103 -11.68 26.40 -14.29
C VAL B 103 -13.03 26.26 -14.99
N THR B 104 -14.00 25.60 -14.35
CA THR B 104 -15.40 25.59 -14.86
C THR B 104 -16.45 25.74 -13.76
N ILE B 105 -17.57 26.33 -14.16
CA ILE B 105 -18.76 26.35 -13.33
C ILE B 105 -19.89 25.85 -14.20
N THR B 106 -20.66 24.91 -13.66
CA THR B 106 -21.83 24.38 -14.33
C THR B 106 -23.06 24.94 -13.60
N VAL B 107 -23.95 25.53 -14.39
CA VAL B 107 -25.10 26.27 -13.88
C VAL B 107 -26.37 25.76 -14.52
N THR B 108 -27.43 25.67 -13.71
CA THR B 108 -28.73 25.22 -14.21
C THR B 108 -29.88 25.53 -13.26
N PRO B 109 -31.10 25.66 -13.82
CA PRO B 109 -32.31 25.81 -13.03
C PRO B 109 -33.24 24.59 -13.00
N CYS B 110 -32.94 23.58 -13.80
CA CYS B 110 -33.82 22.43 -13.96
C CYS B 110 -33.08 21.15 -13.67
N TRP B 111 -33.81 20.06 -13.57
CA TRP B 111 -33.18 18.75 -13.48
C TRP B 111 -32.60 18.35 -14.86
N CYS B 112 -31.39 17.78 -14.84
CA CYS B 112 -30.70 17.27 -16.03
C CYS B 112 -30.10 15.92 -15.72
N TYR B 113 -29.54 15.25 -16.73
CA TYR B 113 -29.20 13.82 -16.57
C TYR B 113 -27.77 13.62 -16.04
N GLY B 114 -27.65 13.75 -14.71
CA GLY B 114 -26.41 13.55 -13.93
C GLY B 114 -25.10 13.29 -14.67
N SER B 115 -24.65 12.04 -14.65
CA SER B 115 -23.32 11.69 -15.16
C SER B 115 -23.09 11.99 -16.64
N GLU B 116 -24.15 12.11 -17.44
CA GLU B 116 -24.00 12.39 -18.87
C GLU B 116 -23.49 13.80 -19.14
N THR B 117 -23.84 14.71 -18.22
CA THR B 117 -23.65 16.14 -18.44
C THR B 117 -22.45 16.72 -17.69
N ILE B 118 -21.98 16.04 -16.65
CA ILE B 118 -20.90 16.57 -15.79
C ILE B 118 -19.55 16.69 -16.50
N ASP B 119 -18.65 17.43 -15.85
CA ASP B 119 -17.34 17.71 -16.40
C ASP B 119 -16.34 16.76 -15.79
N MET B 120 -15.68 15.97 -16.64
CA MET B 120 -14.91 14.83 -16.16
C MET B 120 -13.41 15.06 -16.15
N ASP B 121 -12.97 16.19 -16.69
CA ASP B 121 -11.55 16.53 -16.72
C ASP B 121 -10.99 16.65 -15.30
N PRO B 122 -10.17 15.69 -14.84
CA PRO B 122 -9.73 15.74 -13.44
C PRO B 122 -8.80 16.89 -13.07
N LEU B 123 -8.22 17.55 -14.07
CA LEU B 123 -7.25 18.61 -13.83
C LEU B 123 -7.77 19.96 -13.36
N ARG B 124 -8.96 20.34 -13.80
CA ARG B 124 -9.49 21.68 -13.54
C ARG B 124 -10.33 21.68 -12.29
N PRO B 125 -10.25 22.77 -11.49
CA PRO B 125 -11.26 22.95 -10.44
C PRO B 125 -12.63 23.16 -11.07
N LYS B 126 -13.65 22.59 -10.43
CA LYS B 126 -15.03 22.67 -10.91
C LYS B 126 -16.00 23.02 -9.81
N ALA B 127 -17.08 23.71 -10.17
CA ALA B 127 -18.18 23.90 -9.22
C ALA B 127 -19.54 23.80 -9.90
N ILE B 128 -20.53 23.36 -9.15
CA ILE B 128 -21.87 23.23 -9.68
C ILE B 128 -22.81 24.17 -8.97
N TRP B 129 -23.46 25.06 -9.74
CA TRP B 129 -24.46 25.91 -9.15
C TRP B 129 -25.82 25.45 -9.59
N GLY B 130 -26.61 25.01 -8.61
CA GLY B 130 -28.05 24.78 -8.80
C GLY B 130 -28.98 25.86 -8.23
N PHE B 131 -29.85 26.39 -9.09
CA PHE B 131 -30.86 27.37 -8.67
C PHE B 131 -31.78 26.74 -7.63
N ASN B 132 -31.82 27.30 -6.43
CA ASN B 132 -32.65 26.72 -5.38
C ASN B 132 -34.08 27.19 -5.52
N GLY B 133 -34.88 26.35 -6.17
CA GLY B 133 -36.27 26.63 -6.45
C GLY B 133 -37.09 25.35 -6.47
N THR B 134 -38.40 25.53 -6.59
CA THR B 134 -39.33 24.42 -6.70
C THR B 134 -39.77 24.31 -8.14
N GLU B 135 -40.38 25.38 -8.66
CA GLU B 135 -40.80 25.42 -10.06
C GLU B 135 -39.60 25.11 -10.94
N ARG B 136 -38.42 25.62 -10.55
CA ARG B 136 -37.12 25.31 -11.19
C ARG B 136 -36.16 24.66 -10.17
N PRO B 137 -36.11 23.31 -10.10
CA PRO B 137 -35.35 22.60 -9.08
C PRO B 137 -33.96 22.21 -9.57
N GLY B 138 -33.11 23.21 -9.76
CA GLY B 138 -31.70 22.96 -10.06
C GLY B 138 -30.96 22.32 -8.88
N ALA B 139 -31.43 22.62 -7.68
CA ALA B 139 -30.87 22.06 -6.44
C ALA B 139 -30.86 20.55 -6.44
N VAL B 140 -31.88 19.96 -7.05
CA VAL B 140 -31.99 18.51 -7.11
C VAL B 140 -30.87 17.93 -7.98
N TYR B 141 -30.78 18.39 -9.24
CA TYR B 141 -29.70 17.96 -10.15
C TYR B 141 -28.30 18.12 -9.55
N LEU B 142 -28.10 19.24 -8.87
CA LEU B 142 -26.83 19.53 -8.22
C LEU B 142 -26.43 18.35 -7.34
N ALA B 143 -27.29 17.96 -6.42
CA ALA B 143 -26.94 16.91 -5.48
C ALA B 143 -26.71 15.57 -6.17
N ALA B 144 -27.33 15.37 -7.33
CA ALA B 144 -27.14 14.13 -8.08
C ALA B 144 -25.85 14.18 -8.92
N ALA B 145 -25.66 15.29 -9.61
CA ALA B 145 -24.45 15.52 -10.37
C ALA B 145 -23.21 15.53 -9.48
N LEU B 146 -23.33 16.04 -8.26
CA LEU B 146 -22.28 15.93 -7.24
C LEU B 146 -22.00 14.49 -6.86
N ALA B 147 -23.02 13.67 -6.79
CA ALA B 147 -22.82 12.30 -6.33
C ALA B 147 -22.11 11.50 -7.40
N ALA B 148 -22.31 11.90 -8.66
CA ALA B 148 -21.62 11.31 -9.78
C ALA B 148 -20.15 11.68 -9.66
N HIS B 149 -19.87 12.95 -9.36
CA HIS B 149 -18.51 13.41 -9.21
C HIS B 149 -17.75 12.59 -8.18
N SER B 150 -18.33 12.42 -7.00
CA SER B 150 -17.67 11.68 -5.93
C SER B 150 -17.52 10.21 -6.29
N GLN B 151 -18.47 9.68 -7.04
CA GLN B 151 -18.44 8.27 -7.42
C GLN B 151 -17.36 7.95 -8.46
N LYS B 152 -17.07 8.95 -9.30
CA LYS B 152 -16.07 8.82 -10.35
C LYS B 152 -14.71 9.44 -9.97
N GLY B 153 -14.58 9.83 -8.71
CA GLY B 153 -13.31 10.30 -8.16
C GLY B 153 -12.84 11.67 -8.62
N ILE B 154 -13.78 12.52 -9.05
CA ILE B 154 -13.44 13.88 -9.52
C ILE B 154 -14.18 14.95 -8.68
N PRO B 155 -13.57 15.38 -7.59
CA PRO B 155 -14.34 16.23 -6.71
C PRO B 155 -14.72 17.57 -7.33
N ALA B 156 -15.87 18.08 -6.88
CA ALA B 156 -16.45 19.32 -7.35
C ALA B 156 -17.04 20.09 -6.19
N PHE B 157 -17.10 21.42 -6.32
CA PHE B 157 -17.71 22.28 -5.29
C PHE B 157 -19.20 22.50 -5.52
N SER B 158 -19.94 22.66 -4.42
CA SER B 158 -21.39 22.88 -4.44
C SER B 158 -21.74 24.33 -4.15
N ILE B 159 -22.56 24.90 -5.02
CA ILE B 159 -23.12 26.24 -4.81
C ILE B 159 -24.64 26.11 -4.62
N TYR B 160 -25.08 26.20 -3.37
CA TYR B 160 -26.48 25.99 -3.05
C TYR B 160 -27.08 27.17 -2.27
N GLY B 161 -28.03 27.90 -2.89
CA GLY B 161 -28.72 29.03 -2.23
C GLY B 161 -29.35 28.70 -0.88
N HIS B 162 -29.17 29.56 0.13
CA HIS B 162 -29.76 29.33 1.47
C HIS B 162 -31.31 29.43 1.50
N ASP B 163 -31.85 30.24 0.58
CA ASP B 163 -33.29 30.51 0.57
C ASP B 163 -33.87 30.29 -0.80
N VAL B 164 -34.96 29.54 -0.86
CA VAL B 164 -35.68 29.33 -2.10
C VAL B 164 -36.06 30.66 -2.72
N GLN B 165 -35.75 30.82 -4.00
CA GLN B 165 -36.14 31.99 -4.78
C GLN B 165 -37.29 31.64 -5.73
N ASP B 166 -37.91 32.69 -6.24
CA ASP B 166 -38.96 32.54 -7.24
C ASP B 166 -38.34 32.34 -8.60
N ALA B 167 -39.13 31.76 -9.50
CA ALA B 167 -38.68 31.36 -10.83
C ALA B 167 -38.58 32.53 -11.79
N ASP B 168 -39.11 33.69 -11.39
CA ASP B 168 -38.97 34.90 -12.20
C ASP B 168 -37.89 35.88 -11.66
N ASP B 169 -36.99 35.39 -10.79
CA ASP B 169 -35.97 36.28 -10.20
C ASP B 169 -34.59 36.04 -10.78
N THR B 170 -33.94 37.13 -11.16
CA THR B 170 -32.59 37.12 -11.71
C THR B 170 -31.47 37.43 -10.67
N THR B 171 -31.85 37.89 -9.48
CA THR B 171 -30.89 38.26 -8.44
C THR B 171 -30.00 37.08 -7.99
N ILE B 172 -28.79 37.38 -7.54
CA ILE B 172 -27.90 36.38 -6.96
C ILE B 172 -27.67 36.65 -5.47
N PRO B 173 -28.16 35.76 -4.57
CA PRO B 173 -28.04 35.98 -3.12
C PRO B 173 -26.64 36.20 -2.62
N ALA B 174 -26.52 36.63 -1.38
CA ALA B 174 -25.22 36.89 -0.76
C ALA B 174 -24.36 35.64 -0.78
N ASP B 175 -24.82 34.61 -0.07
CA ASP B 175 -24.08 33.36 0.07
C ASP B 175 -23.59 32.81 -1.29
N VAL B 176 -24.49 32.74 -2.27
CA VAL B 176 -24.16 32.14 -3.56
C VAL B 176 -23.00 32.91 -4.19
N GLU B 177 -23.14 34.23 -4.23
CA GLU B 177 -22.10 35.11 -4.75
C GLU B 177 -20.80 34.95 -3.98
N GLU B 178 -20.87 34.79 -2.66
CA GLU B 178 -19.64 34.61 -1.89
C GLU B 178 -18.89 33.38 -2.38
N LYS B 179 -19.58 32.23 -2.41
CA LYS B 179 -18.99 31.00 -2.91
C LYS B 179 -18.55 31.16 -4.38
N LEU B 180 -19.48 31.49 -5.26
CA LEU B 180 -19.13 31.71 -6.63
C LEU B 180 -17.82 32.45 -6.79
N LEU B 181 -17.61 33.45 -5.95
CA LEU B 181 -16.41 34.27 -6.04
C LEU B 181 -15.25 33.60 -5.34
N ARG B 182 -15.44 33.11 -4.12
CA ARG B 182 -14.34 32.40 -3.44
C ARG B 182 -13.82 31.23 -4.29
N PHE B 183 -14.74 30.52 -4.92
CA PHE B 183 -14.37 29.42 -5.79
C PHE B 183 -13.50 29.94 -6.90
N ALA B 184 -14.05 30.85 -7.69
CA ALA B 184 -13.31 31.44 -8.82
C ALA B 184 -11.94 32.08 -8.40
N ARG B 185 -11.91 32.70 -7.22
CA ARG B 185 -10.67 33.26 -6.70
C ARG B 185 -9.62 32.14 -6.58
N ALA B 186 -10.00 31.02 -5.96
CA ALA B 186 -9.06 29.92 -5.76
C ALA B 186 -8.74 29.11 -7.04
N GLY B 187 -9.71 28.97 -7.95
CA GLY B 187 -9.51 28.24 -9.22
C GLY B 187 -8.55 28.93 -10.19
N LEU B 188 -8.69 30.24 -10.26
CA LEU B 188 -7.75 31.03 -11.06
C LEU B 188 -6.34 31.04 -10.47
N ALA B 189 -6.23 30.92 -9.15
CA ALA B 189 -4.90 30.73 -8.54
C ALA B 189 -4.19 29.42 -9.03
N VAL B 190 -4.91 28.30 -8.91
CA VAL B 190 -4.43 27.03 -9.35
C VAL B 190 -3.92 27.06 -10.79
N ALA B 191 -4.74 27.59 -11.71
CA ALA B 191 -4.42 27.51 -13.13
C ALA B 191 -3.32 28.51 -13.53
N SER B 192 -3.12 29.51 -12.67
CA SER B 192 -2.09 30.48 -12.91
C SER B 192 -0.70 29.93 -12.61
N MET B 193 -0.58 29.09 -11.58
CA MET B 193 0.70 28.39 -11.31
C MET B 193 1.10 27.34 -12.38
N LYS B 194 0.09 26.63 -12.87
CA LYS B 194 0.23 25.52 -13.81
C LYS B 194 1.15 25.92 -14.94
N GLY B 195 2.13 25.09 -15.26
CA GLY B 195 3.04 25.39 -16.37
C GLY B 195 4.14 26.43 -16.15
N LYS B 196 4.24 27.00 -14.95
CA LYS B 196 5.21 28.07 -14.70
C LYS B 196 6.41 27.64 -13.85
N SER B 197 7.40 28.52 -13.80
CA SER B 197 8.67 28.24 -13.13
C SER B 197 8.87 28.93 -11.76
N TYR B 198 9.40 28.15 -10.80
CA TYR B 198 10.16 28.70 -9.68
C TYR B 198 11.65 28.80 -10.05
N LEU B 199 12.24 29.97 -9.84
CA LEU B 199 13.63 30.21 -10.18
C LEU B 199 14.43 30.20 -8.90
N SER B 200 15.35 29.25 -8.77
CA SER B 200 16.12 29.15 -7.55
C SER B 200 17.46 29.74 -7.82
N VAL B 201 17.64 30.99 -7.42
CA VAL B 201 18.94 31.64 -7.56
C VAL B 201 19.82 31.15 -6.43
N GLY B 202 20.60 30.13 -6.75
CA GLY B 202 21.39 29.41 -5.76
C GLY B 202 20.58 28.27 -5.18
N GLY B 203 21.00 27.82 -4.00
CA GLY B 203 20.38 26.69 -3.35
C GLY B 203 20.22 26.83 -1.86
N VAL B 204 20.85 25.91 -1.12
CA VAL B 204 20.59 25.76 0.29
C VAL B 204 21.26 26.91 0.99
N SER B 205 20.45 27.68 1.74
CA SER B 205 20.91 28.83 2.55
C SER B 205 20.95 28.39 3.99
N MET B 206 22.15 28.24 4.55
CA MET B 206 22.35 27.92 5.97
C MET B 206 21.48 26.75 6.44
N GLY B 207 21.46 25.68 5.67
CA GLY B 207 20.71 24.49 6.06
C GLY B 207 19.25 24.70 6.44
N ILE B 208 18.63 25.69 5.80
CA ILE B 208 17.22 25.95 6.03
C ILE B 208 16.41 24.95 5.24
N ALA B 209 15.50 24.23 5.91
CA ALA B 209 14.81 23.13 5.24
C ALA B 209 14.24 23.55 3.89
N GLY B 210 13.54 24.68 3.90
CA GLY B 210 12.80 25.17 2.74
C GLY B 210 13.66 25.45 1.52
N SER B 211 14.95 25.70 1.72
CA SER B 211 15.83 25.93 0.58
C SER B 211 16.32 24.63 -0.06
N ILE B 212 15.89 23.50 0.49
CA ILE B 212 16.16 22.24 -0.16
C ILE B 212 15.01 22.02 -1.11
N VAL B 213 15.10 22.62 -2.29
CA VAL B 213 13.96 22.74 -3.17
C VAL B 213 13.52 21.38 -3.65
N ASP B 214 12.24 21.05 -3.43
CA ASP B 214 11.71 19.76 -3.83
C ASP B 214 11.02 19.83 -5.20
N HIS B 215 11.79 19.58 -6.26
CA HIS B 215 11.25 19.60 -7.64
C HIS B 215 9.99 18.73 -7.81
N ASN B 216 9.87 17.64 -7.05
CA ASN B 216 8.69 16.78 -7.17
C ASN B 216 7.48 17.41 -6.53
N PHE B 217 7.68 18.13 -5.44
CA PHE B 217 6.59 18.89 -4.86
C PHE B 217 6.05 19.92 -5.86
N PHE B 218 6.94 20.73 -6.44
CA PHE B 218 6.51 21.72 -7.42
C PHE B 218 5.82 21.13 -8.66
N GLU B 219 6.39 20.05 -9.22
CA GLU B 219 5.82 19.37 -10.39
C GLU B 219 4.50 18.67 -10.10
N SER B 220 4.44 17.94 -9.00
CA SER B 220 3.30 17.06 -8.79
C SER B 220 2.08 17.77 -8.19
N TRP B 221 2.31 18.76 -7.32
CA TRP B 221 1.23 19.44 -6.60
C TRP B 221 0.74 20.76 -7.22
N LEU B 222 1.69 21.57 -7.71
CA LEU B 222 1.41 22.92 -8.23
C LEU B 222 1.47 22.95 -9.74
N GLY B 223 2.08 21.89 -10.32
CA GLY B 223 2.22 21.75 -11.76
C GLY B 223 3.27 22.69 -12.30
N MET B 224 4.24 23.03 -11.45
CA MET B 224 5.36 23.94 -11.82
C MET B 224 6.67 23.22 -12.22
N LYS B 225 7.51 23.92 -12.95
CA LYS B 225 8.85 23.45 -13.20
C LYS B 225 9.74 24.20 -12.22
N VAL B 226 10.89 23.64 -11.89
CA VAL B 226 11.88 24.41 -11.15
C VAL B 226 13.13 24.65 -12.02
N GLN B 227 13.59 25.89 -12.07
CA GLN B 227 14.88 26.17 -12.71
C GLN B 227 15.86 26.57 -11.62
N ALA B 228 16.99 25.89 -11.62
CA ALA B 228 18.03 26.19 -10.67
C ALA B 228 19.08 26.98 -11.41
N VAL B 229 19.61 28.01 -10.75
CA VAL B 229 20.59 28.90 -11.34
C VAL B 229 21.56 29.16 -10.24
N ASP B 230 22.85 28.97 -10.53
CA ASP B 230 23.90 29.22 -9.56
C ASP B 230 24.24 30.69 -9.43
N MET B 231 24.41 31.16 -8.19
CA MET B 231 24.56 32.59 -7.94
C MET B 231 25.73 33.27 -8.69
N THR B 232 26.71 32.49 -9.18
CA THR B 232 27.73 33.04 -10.10
C THR B 232 27.10 33.58 -11.39
N GLU B 233 25.88 33.13 -11.71
CA GLU B 233 25.16 33.65 -12.90
C GLU B 233 24.72 35.07 -12.63
N LEU B 234 24.30 35.32 -11.40
CA LEU B 234 24.02 36.67 -10.93
C LEU B 234 25.26 37.56 -11.07
N ARG B 235 26.38 37.11 -10.51
CA ARG B 235 27.66 37.82 -10.62
C ARG B 235 28.02 38.10 -12.06
N ARG B 236 27.98 37.07 -12.91
CA ARG B 236 28.33 37.22 -14.31
C ARG B 236 27.58 38.37 -15.01
N ARG B 237 26.27 38.48 -14.74
CA ARG B 237 25.40 39.52 -15.33
C ARG B 237 25.77 40.94 -14.95
N ILE B 238 26.02 41.16 -13.66
CA ILE B 238 26.54 42.44 -13.23
C ILE B 238 27.86 42.76 -13.95
N ASP B 239 28.81 41.86 -13.88
CA ASP B 239 30.13 42.16 -14.40
C ASP B 239 30.15 42.35 -15.90
N GLN B 240 29.66 41.36 -16.64
CA GLN B 240 29.71 41.43 -18.10
C GLN B 240 28.72 42.44 -18.70
N LYS B 241 27.99 43.17 -17.85
CA LYS B 241 27.06 44.19 -18.28
C LYS B 241 25.89 43.55 -19.04
N ILE B 242 25.33 42.53 -18.42
CA ILE B 242 24.12 41.90 -18.94
C ILE B 242 22.95 42.48 -18.15
N TYR B 243 22.75 43.78 -18.35
CA TYR B 243 21.58 44.51 -17.86
C TYR B 243 21.37 45.77 -18.73
N ASP B 244 20.29 46.51 -18.49
CA ASP B 244 20.03 47.76 -19.22
C ASP B 244 20.76 48.89 -18.51
N GLU B 245 21.80 49.40 -19.16
CA GLU B 245 22.67 50.42 -18.53
C GLU B 245 21.95 51.75 -18.22
N VAL B 246 21.01 52.14 -19.07
CA VAL B 246 20.28 53.39 -18.83
C VAL B 246 19.31 53.24 -17.66
N GLU B 247 18.75 52.05 -17.50
CA GLU B 247 17.83 51.78 -16.40
C GLU B 247 18.53 51.90 -15.04
N LEU B 248 19.80 51.53 -15.00
CA LEU B 248 20.58 51.66 -13.77
C LEU B 248 20.61 53.11 -13.29
N GLU B 249 20.85 54.02 -14.25
CA GLU B 249 20.89 55.45 -13.97
C GLU B 249 19.53 55.97 -13.52
N MET B 250 18.49 55.55 -14.23
CA MET B 250 17.10 55.85 -13.83
C MET B 250 16.85 55.34 -12.43
N ALA B 251 17.37 54.15 -12.14
CA ALA B 251 17.18 53.54 -10.83
C ALA B 251 17.88 54.34 -9.77
N LEU B 252 19.14 54.70 -10.03
CA LEU B 252 19.95 55.46 -9.08
C LEU B 252 19.37 56.83 -8.85
N ALA B 253 18.96 57.47 -9.94
CA ALA B 253 18.25 58.75 -9.88
C ALA B 253 17.05 58.63 -8.95
N TRP B 254 16.27 57.57 -9.13
CA TRP B 254 15.15 57.30 -8.26
C TRP B 254 15.59 57.05 -6.81
N ALA B 255 16.65 56.28 -6.67
CA ALA B 255 17.24 55.95 -5.36
C ALA B 255 17.66 57.17 -4.59
N ASP B 256 18.27 58.13 -5.28
CA ASP B 256 18.80 59.31 -4.61
C ASP B 256 17.68 60.20 -4.11
N LYS B 257 16.74 60.51 -4.99
CA LYS B 257 15.61 61.36 -4.62
C LYS B 257 14.79 60.77 -3.51
N ASN B 258 14.67 59.45 -3.46
CA ASN B 258 13.67 58.85 -2.60
C ASN B 258 14.16 58.24 -1.29
N PHE B 259 15.34 57.66 -1.30
CA PHE B 259 15.77 56.83 -0.16
C PHE B 259 16.25 57.63 1.04
N ARG B 260 15.44 57.64 2.09
CA ARG B 260 15.85 58.20 3.36
C ARG B 260 16.70 57.15 4.05
N TYR B 261 17.92 57.51 4.44
CA TYR B 261 18.80 56.58 5.13
C TYR B 261 18.66 56.69 6.65
N GLY B 262 18.81 55.57 7.32
CA GLY B 262 18.82 55.50 8.77
C GLY B 262 20.23 55.43 9.37
N GLU B 263 20.24 55.21 10.67
CA GLU B 263 21.48 55.16 11.44
C GLU B 263 22.36 54.01 10.99
N ASP B 264 23.65 54.28 10.80
CA ASP B 264 24.61 53.18 10.73
C ASP B 264 24.74 52.62 12.13
N GLN B 265 24.71 51.30 12.25
CA GLN B 265 24.90 50.63 13.54
C GLN B 265 26.24 49.89 13.63
N ASN B 266 27.00 49.87 12.54
CA ASN B 266 28.25 49.10 12.47
C ASN B 266 29.34 49.54 13.44
N ALA B 267 30.29 48.65 13.70
CA ALA B 267 31.51 49.03 14.41
C ALA B 267 32.33 49.96 13.51
N GLN B 268 32.92 50.98 14.14
CA GLN B 268 33.52 52.11 13.43
C GLN B 268 34.53 51.71 12.33
N HIS B 269 35.45 50.80 12.65
CA HIS B 269 36.45 50.35 11.66
C HIS B 269 35.84 49.54 10.53
N TYR B 270 34.61 49.09 10.72
CA TYR B 270 33.91 48.35 9.67
C TYR B 270 33.03 49.24 8.74
N LYS B 271 32.78 50.50 9.13
CA LYS B 271 31.94 51.40 8.33
C LYS B 271 32.51 51.63 6.94
N ARG B 272 31.64 52.10 6.05
CA ARG B 272 31.97 52.28 4.64
C ARG B 272 31.82 53.77 4.33
N ASP B 273 32.80 54.31 3.62
CA ASP B 273 32.72 55.71 3.23
C ASP B 273 31.63 55.95 2.19
N GLU B 274 31.47 57.21 1.80
CA GLU B 274 30.48 57.64 0.80
C GLU B 274 30.61 56.90 -0.53
N GLU B 275 31.83 56.79 -1.05
CA GLU B 275 32.05 56.15 -2.37
C GLU B 275 31.80 54.66 -2.33
N GLN B 276 32.27 54.00 -1.26
CA GLN B 276 32.01 52.58 -1.07
C GLN B 276 30.53 52.32 -0.91
N SER B 277 29.84 53.20 -0.17
CA SER B 277 28.40 53.04 0.12
C SER B 277 27.55 53.05 -1.12
N ARG B 278 27.93 53.86 -2.10
CA ARG B 278 27.18 53.93 -3.35
C ARG B 278 27.51 52.76 -4.30
N ALA B 279 28.74 52.28 -4.31
CA ALA B 279 29.06 51.04 -5.06
C ALA B 279 28.24 49.85 -4.56
N VAL B 280 28.07 49.75 -3.24
CA VAL B 280 27.16 48.79 -2.64
C VAL B 280 25.76 49.03 -3.21
N LEU B 281 25.29 50.26 -3.08
CA LEU B 281 23.94 50.60 -3.51
C LEU B 281 23.73 50.22 -4.98
N LYS B 282 24.71 50.55 -5.82
CA LYS B 282 24.62 50.26 -7.24
C LYS B 282 24.42 48.78 -7.43
N GLU B 283 25.30 47.99 -6.84
CA GLU B 283 25.21 46.54 -6.97
C GLU B 283 23.84 46.06 -6.49
N SER B 284 23.47 46.39 -5.25
CA SER B 284 22.13 46.06 -4.76
C SER B 284 21.03 46.29 -5.84
N LEU B 285 21.02 47.47 -6.44
CA LEU B 285 20.03 47.79 -7.47
C LEU B 285 20.21 46.90 -8.70
N LEU B 286 21.45 46.69 -9.10
CA LEU B 286 21.72 45.81 -10.23
C LEU B 286 21.24 44.38 -9.99
N MET B 287 21.35 43.90 -8.75
CA MET B 287 20.86 42.59 -8.40
C MET B 287 19.35 42.55 -8.58
N ALA B 288 18.63 43.54 -8.05
CA ALA B 288 17.19 43.61 -8.27
C ALA B 288 16.91 43.52 -9.74
N MET B 289 17.52 44.41 -10.51
CA MET B 289 17.29 44.40 -11.96
C MET B 289 17.59 43.06 -12.61
N CYS B 290 18.73 42.47 -12.28
CA CYS B 290 19.19 41.25 -12.95
C CYS B 290 18.33 40.05 -12.62
N ILE B 291 17.78 40.01 -11.42
CA ILE B 291 16.86 38.95 -11.00
C ILE B 291 15.56 39.03 -11.81
N ARG B 292 14.97 40.21 -11.83
CA ARG B 292 13.77 40.42 -12.61
C ARG B 292 14.00 40.00 -14.07
N ASP B 293 15.13 40.40 -14.65
CA ASP B 293 15.47 40.01 -16.03
C ASP B 293 15.45 38.48 -16.17
N MET B 294 15.89 37.77 -15.14
CA MET B 294 15.92 36.31 -15.18
C MET B 294 14.51 35.72 -15.04
N MET B 295 13.73 36.26 -14.13
CA MET B 295 12.39 35.73 -13.91
C MET B 295 11.51 35.85 -15.16
N GLN B 296 11.39 37.08 -15.67
CA GLN B 296 10.41 37.38 -16.74
C GLN B 296 10.99 37.80 -18.11
N GLY B 297 12.32 37.87 -18.23
CA GLY B 297 12.94 38.25 -19.50
C GLY B 297 13.00 39.77 -19.72
N ASN B 298 13.74 40.17 -20.74
CA ASN B 298 13.90 41.58 -21.09
C ASN B 298 14.32 41.75 -22.55
N GLU B 299 13.40 42.28 -23.36
CA GLU B 299 13.62 42.45 -24.81
C GLU B 299 14.80 43.37 -25.09
N LYS B 300 15.11 44.24 -24.14
CA LYS B 300 16.17 45.23 -24.32
C LYS B 300 17.53 44.55 -24.42
N LEU B 301 17.75 43.51 -23.62
CA LEU B 301 18.99 42.72 -23.74
C LEU B 301 19.17 42.10 -25.14
N ALA B 302 18.05 41.81 -25.82
CA ALA B 302 18.10 41.34 -27.20
C ALA B 302 18.67 42.44 -28.08
N GLU B 303 18.05 43.61 -28.00
CA GLU B 303 18.49 44.77 -28.78
C GLU B 303 20.00 44.99 -28.56
N LYS B 304 20.36 45.05 -27.28
CA LYS B 304 21.75 45.11 -26.84
C LYS B 304 22.64 43.96 -27.39
N GLY B 305 22.03 42.95 -28.03
CA GLY B 305 22.76 41.83 -28.63
C GLY B 305 22.75 40.54 -27.80
N LEU B 306 22.45 40.64 -26.51
CA LEU B 306 22.50 39.49 -25.62
C LEU B 306 21.21 38.69 -25.78
N VAL B 307 21.14 37.95 -26.88
CA VAL B 307 19.88 37.33 -27.35
C VAL B 307 19.52 36.15 -26.45
N GLU B 308 20.52 35.37 -26.05
CA GLU B 308 20.29 34.23 -25.16
C GLU B 308 19.68 34.67 -23.83
N GLU B 309 20.32 35.61 -23.16
CA GLU B 309 19.86 36.04 -21.83
C GLU B 309 18.48 36.72 -21.78
N SER B 310 17.93 37.03 -22.95
CA SER B 310 16.72 37.84 -23.03
C SER B 310 15.44 37.10 -22.67
N LEU B 311 15.36 35.81 -22.95
CA LEU B 311 14.09 35.06 -22.88
C LEU B 311 13.61 34.77 -21.46
N GLY B 312 14.53 34.71 -20.50
CA GLY B 312 14.16 34.46 -19.11
C GLY B 312 13.68 33.05 -18.85
N TYR B 313 13.29 32.79 -17.60
CA TYR B 313 12.97 31.45 -17.16
C TYR B 313 11.48 31.31 -16.86
N ASN B 314 10.67 32.13 -17.51
CA ASN B 314 9.24 32.01 -17.39
C ASN B 314 8.85 31.73 -15.96
N ALA B 315 9.25 32.59 -15.03
CA ALA B 315 9.15 32.26 -13.60
C ALA B 315 8.25 33.19 -12.80
N ILE B 316 7.25 32.62 -12.13
CA ILE B 316 6.33 33.45 -11.33
C ILE B 316 6.69 33.47 -9.85
N ALA B 317 7.81 32.86 -9.52
CA ALA B 317 8.26 32.96 -8.15
C ALA B 317 9.72 32.64 -8.19
N ALA B 318 10.44 33.05 -7.15
CA ALA B 318 11.89 32.86 -7.12
C ALA B 318 12.47 32.96 -5.73
N GLY B 319 13.64 32.36 -5.56
CA GLY B 319 14.38 32.44 -4.30
C GLY B 319 15.80 32.89 -4.52
N PHE B 320 16.36 33.57 -3.53
CA PHE B 320 17.77 33.99 -3.57
C PHE B 320 18.49 33.54 -2.32
N GLN B 321 19.54 32.75 -2.52
CA GLN B 321 20.22 32.12 -1.38
C GLN B 321 20.88 33.12 -0.45
N GLY B 322 21.67 34.05 -1.01
CA GLY B 322 22.34 35.08 -0.21
C GLY B 322 23.39 34.51 0.74
N GLN B 323 23.06 34.43 2.02
CA GLN B 323 23.92 33.74 2.96
C GLN B 323 24.03 32.25 2.61
N ARG B 324 25.20 31.62 2.85
CA ARG B 324 26.40 32.30 3.34
C ARG B 324 27.26 32.83 2.21
N HIS B 325 27.18 32.13 1.10
CA HIS B 325 28.20 32.24 0.07
C HIS B 325 28.15 33.52 -0.78
N TRP B 326 26.97 34.08 -1.03
CA TRP B 326 26.90 35.40 -1.66
C TRP B 326 27.30 36.50 -0.68
N THR B 327 26.64 36.54 0.48
CA THR B 327 26.80 37.67 1.39
C THR B 327 28.16 37.74 2.09
N ASP B 328 28.96 36.68 2.04
CA ASP B 328 30.32 36.73 2.60
C ASP B 328 31.37 37.46 1.73
N GLN B 329 30.94 38.00 0.59
CA GLN B 329 31.81 38.78 -0.31
C GLN B 329 31.10 39.90 -1.08
N TYR B 330 29.87 39.68 -1.51
CA TYR B 330 29.10 40.71 -2.23
C TYR B 330 27.90 41.22 -1.39
N PRO B 331 27.36 42.41 -1.72
CA PRO B 331 26.27 42.98 -0.93
C PRO B 331 25.02 42.09 -0.75
N ASN B 332 24.48 42.03 0.45
CA ASN B 332 23.26 41.28 0.65
C ASN B 332 22.13 41.75 -0.27
N GLY B 333 21.14 40.89 -0.44
CA GLY B 333 20.07 41.11 -1.41
C GLY B 333 18.87 41.84 -0.87
N ASP B 334 19.01 42.41 0.32
CA ASP B 334 17.88 42.98 1.04
C ASP B 334 17.14 44.06 0.27
N THR B 335 17.90 45.00 -0.28
CA THR B 335 17.34 46.05 -1.10
C THR B 335 16.57 45.40 -2.25
N ALA B 336 17.28 44.59 -3.03
CA ALA B 336 16.71 43.96 -4.20
C ALA B 336 15.45 43.14 -3.87
N GLU B 337 15.48 42.43 -2.74
CA GLU B 337 14.33 41.64 -2.30
C GLU B 337 13.20 42.56 -1.95
N ALA B 338 13.52 43.63 -1.23
CA ALA B 338 12.49 44.55 -0.76
C ALA B 338 11.83 45.25 -1.92
N LEU B 339 12.62 45.64 -2.90
CA LEU B 339 12.09 46.35 -4.06
C LEU B 339 11.29 45.46 -4.96
N LEU B 340 11.71 44.22 -5.11
CA LEU B 340 10.99 43.30 -5.97
C LEU B 340 9.70 42.83 -5.35
N ASN B 341 9.67 42.62 -4.03
CA ASN B 341 8.40 42.26 -3.38
C ASN B 341 7.46 43.46 -3.21
N SER B 342 7.98 44.68 -3.34
CA SER B 342 7.15 45.91 -3.27
C SER B 342 6.26 46.06 -4.48
N SER B 343 5.21 46.85 -4.37
CA SER B 343 4.29 47.04 -5.52
C SER B 343 4.81 48.05 -6.54
N PHE B 344 5.93 48.68 -6.25
CA PHE B 344 6.38 49.89 -6.97
C PHE B 344 7.91 50.01 -6.96
N ASP B 345 8.42 50.77 -7.91
CA ASP B 345 9.85 51.02 -7.99
C ASP B 345 10.13 52.27 -8.85
N TRP B 346 11.28 52.31 -9.49
CA TRP B 346 11.69 53.46 -10.29
C TRP B 346 11.03 53.51 -11.68
N ASN B 347 10.35 52.44 -12.08
CA ASN B 347 9.65 52.45 -13.35
C ASN B 347 8.15 52.65 -13.13
N GLY B 348 7.78 52.91 -11.89
CA GLY B 348 6.42 53.25 -11.59
C GLY B 348 5.78 52.16 -10.78
N VAL B 349 4.45 52.14 -10.83
CA VAL B 349 3.67 51.14 -10.11
C VAL B 349 3.59 49.92 -11.02
N ARG B 350 3.51 48.74 -10.40
CA ARG B 350 3.48 47.48 -11.13
C ARG B 350 2.99 46.37 -10.21
N GLU B 351 2.80 45.20 -10.79
CA GLU B 351 2.46 44.02 -10.01
C GLU B 351 3.72 43.53 -9.29
N PRO B 352 3.61 43.27 -7.97
CA PRO B 352 4.80 42.82 -7.24
C PRO B 352 5.31 41.46 -7.63
N PHE B 353 6.62 41.28 -7.53
CA PHE B 353 7.25 39.97 -7.74
C PHE B 353 7.15 39.14 -6.48
N VAL B 354 7.41 37.85 -6.59
CA VAL B 354 7.54 37.01 -5.42
C VAL B 354 8.94 36.43 -5.34
N VAL B 355 9.74 36.99 -4.44
CA VAL B 355 11.13 36.62 -4.27
C VAL B 355 11.36 36.26 -2.82
N ALA B 356 11.79 35.04 -2.60
CA ALA B 356 11.95 34.56 -1.26
C ALA B 356 13.39 34.81 -0.82
N THR B 357 13.54 35.28 0.40
CA THR B 357 14.87 35.53 0.97
C THR B 357 15.35 34.17 1.43
N GLU B 358 16.65 34.04 1.67
CA GLU B 358 17.22 32.77 2.20
C GLU B 358 16.72 31.56 1.37
N ASN B 359 16.46 31.84 0.08
CA ASN B 359 15.91 30.89 -0.91
C ASN B 359 14.87 29.92 -0.36
N ASP B 360 13.93 30.45 0.40
CA ASP B 360 12.98 29.59 1.08
C ASP B 360 11.85 29.24 0.15
N SER B 361 12.09 28.28 -0.73
CA SER B 361 11.08 27.86 -1.72
C SER B 361 9.69 27.66 -1.09
N LEU B 362 9.67 27.10 0.11
CA LEU B 362 8.41 26.84 0.79
C LEU B 362 7.61 28.10 1.22
N ASN B 363 8.32 29.08 1.75
CA ASN B 363 7.71 30.36 2.05
C ASN B 363 7.28 31.04 0.73
N GLY B 364 8.02 30.79 -0.33
CA GLY B 364 7.67 31.32 -1.65
C GLY B 364 6.35 30.79 -2.20
N VAL B 365 6.05 29.54 -1.90
CA VAL B 365 4.80 28.92 -2.31
C VAL B 365 3.66 29.69 -1.63
N ALA B 366 3.83 29.92 -0.34
CA ALA B 366 2.82 30.59 0.45
C ALA B 366 2.60 31.99 -0.07
N MET B 367 3.68 32.70 -0.35
CA MET B 367 3.60 34.01 -0.96
C MET B 367 2.83 33.95 -2.26
N LEU B 368 3.24 33.03 -3.14
CA LEU B 368 2.69 32.94 -4.47
C LEU B 368 1.20 32.65 -4.45
N MET B 369 0.77 31.86 -3.48
CA MET B 369 -0.65 31.60 -3.32
C MET B 369 -1.30 32.88 -2.86
N GLY B 370 -0.79 33.44 -1.77
CA GLY B 370 -1.26 34.75 -1.28
C GLY B 370 -1.35 35.82 -2.36
N HIS B 371 -0.31 35.93 -3.13
CA HIS B 371 -0.31 36.88 -4.23
C HIS B 371 -1.46 36.61 -5.20
N GLN B 372 -1.60 35.36 -5.64
CA GLN B 372 -2.61 34.99 -6.65
C GLN B 372 -4.02 35.05 -6.09
N LEU B 373 -4.18 34.88 -4.79
CA LEU B 373 -5.48 34.99 -4.20
C LEU B 373 -5.92 36.42 -4.02
N THR B 374 -5.01 37.29 -3.59
CA THR B 374 -5.37 38.67 -3.23
C THR B 374 -4.92 39.78 -4.19
N GLY B 375 -3.95 39.50 -5.06
CA GLY B 375 -3.35 40.57 -5.92
C GLY B 375 -2.43 41.58 -5.22
N THR B 376 -2.11 41.36 -3.94
CA THR B 376 -1.35 42.31 -3.14
C THR B 376 0.03 41.80 -2.82
N ALA B 377 0.87 42.68 -2.30
CA ALA B 377 2.24 42.35 -1.91
C ALA B 377 2.27 41.47 -0.68
N GLN B 378 3.27 40.61 -0.64
CA GLN B 378 3.35 39.61 0.40
C GLN B 378 4.57 39.88 1.25
N VAL B 379 4.35 39.96 2.56
CA VAL B 379 5.41 40.23 3.53
C VAL B 379 6.13 38.96 4.01
N PHE B 380 7.35 38.72 3.52
CA PHE B 380 8.20 37.68 4.04
C PHE B 380 8.54 38.04 5.47
N ALA B 381 8.56 37.06 6.38
CA ALA B 381 8.78 37.31 7.80
C ALA B 381 9.40 36.16 8.57
N ASP B 382 10.51 36.46 9.24
CA ASP B 382 11.07 35.61 10.28
C ASP B 382 10.18 35.68 11.53
N VAL B 383 9.90 34.51 12.11
CA VAL B 383 9.09 34.45 13.32
C VAL B 383 10.09 34.44 14.48
N ARG B 384 10.35 35.63 15.00
CA ARG B 384 11.53 35.89 15.84
C ARG B 384 11.35 35.56 17.30
N THR B 385 10.44 36.29 17.94
CA THR B 385 10.19 36.15 19.36
C THR B 385 8.72 36.10 19.66
N TYR B 386 8.41 35.29 20.67
CA TYR B 386 7.13 35.32 21.35
C TYR B 386 7.29 36.08 22.69
N TRP B 387 6.53 37.18 22.80
CA TRP B 387 6.50 37.97 24.02
C TRP B 387 5.31 37.60 24.89
N SER B 388 5.62 36.86 25.95
CA SER B 388 4.73 36.51 27.03
C SER B 388 4.29 37.75 27.82
N PRO B 389 2.99 37.83 28.19
CA PRO B 389 2.56 38.91 29.08
C PRO B 389 3.36 39.06 30.37
N ASP B 390 3.72 37.95 31.03
CA ASP B 390 4.63 38.00 32.19
C ASP B 390 5.98 38.62 31.80
N ALA B 391 6.49 38.25 30.64
CA ALA B 391 7.84 38.62 30.21
C ALA B 391 7.97 40.08 29.85
N VAL B 392 6.94 40.61 29.20
CA VAL B 392 6.96 42.02 28.78
C VAL B 392 6.84 42.96 29.98
N GLU B 393 5.96 42.62 30.93
CA GLU B 393 5.94 43.33 32.22
C GLU B 393 7.33 43.27 32.86
N ARG B 394 8.01 42.12 32.76
CA ARG B 394 9.32 41.92 33.39
C ARG B 394 10.45 42.82 32.88
N VAL B 395 10.40 43.26 31.63
CA VAL B 395 11.51 44.10 31.10
C VAL B 395 11.10 45.54 30.73
N THR B 396 9.87 45.76 30.24
CA THR B 396 9.43 47.13 29.95
C THR B 396 8.77 47.80 31.16
N GLY B 397 8.36 46.98 32.13
CA GLY B 397 7.63 47.45 33.30
C GLY B 397 6.15 47.69 33.03
N GLN B 398 5.79 47.79 31.74
CA GLN B 398 4.43 48.09 31.28
C GLN B 398 3.56 46.84 31.04
N PRO B 399 2.23 47.03 30.88
CA PRO B 399 1.36 45.90 30.59
C PRO B 399 0.99 45.85 29.12
N LEU B 400 0.99 44.64 28.56
CA LEU B 400 0.42 44.44 27.22
C LEU B 400 -1.08 44.62 27.31
N THR B 401 -1.62 45.47 26.46
CA THR B 401 -2.97 45.96 26.63
C THR B 401 -3.72 45.95 25.31
N GLY B 402 -5.01 45.64 25.36
CA GLY B 402 -5.84 45.52 24.14
C GLY B 402 -5.56 44.24 23.35
N LEU B 403 -5.49 44.37 22.02
CA LEU B 403 -5.25 43.21 21.16
C LEU B 403 -4.06 42.36 21.57
N ALA B 404 -3.07 42.99 22.19
CA ALA B 404 -1.88 42.29 22.70
C ALA B 404 -2.05 41.76 24.12
N GLU B 405 -3.27 41.80 24.66
CA GLU B 405 -3.55 41.32 26.02
C GLU B 405 -2.84 39.98 26.31
N HIS B 406 -3.11 39.02 25.44
CA HIS B 406 -2.80 37.61 25.71
C HIS B 406 -1.38 37.18 25.30
N GLY B 407 -0.61 38.10 24.72
CA GLY B 407 0.75 37.81 24.27
C GLY B 407 0.99 38.42 22.92
N ILE B 408 2.25 38.65 22.60
CA ILE B 408 2.60 39.23 21.30
C ILE B 408 3.58 38.28 20.58
N ILE B 409 3.63 38.38 19.25
CA ILE B 409 4.62 37.67 18.43
C ILE B 409 5.33 38.66 17.50
N HIS B 410 6.63 38.47 17.31
CA HIS B 410 7.49 39.47 16.66
C HIS B 410 7.92 39.05 15.23
N LEU B 411 7.19 39.55 14.23
CA LEU B 411 7.54 39.26 12.82
C LEU B 411 8.51 40.31 12.23
N ILE B 412 9.70 39.85 11.88
CA ILE B 412 10.79 40.73 11.51
C ILE B 412 11.78 39.98 10.62
N ASN B 413 11.76 40.30 9.33
CA ASN B 413 12.69 39.67 8.38
C ASN B 413 14.11 40.23 8.51
N SER B 414 15.08 39.43 8.09
CA SER B 414 16.48 39.82 8.16
C SER B 414 16.84 40.82 7.05
N GLY B 415 16.22 41.98 7.08
CA GLY B 415 16.62 43.11 6.25
C GLY B 415 15.77 43.40 5.03
N SER B 416 14.78 42.56 4.75
CA SER B 416 13.94 42.75 3.57
C SER B 416 12.48 42.53 3.85
N ALA B 417 11.65 43.33 3.20
CA ALA B 417 10.20 43.12 3.19
C ALA B 417 9.60 44.05 2.16
N ALA B 418 8.47 43.65 1.60
CA ALA B 418 7.74 44.53 0.71
C ALA B 418 7.43 45.86 1.42
N LEU B 419 7.67 46.95 0.72
CA LEU B 419 7.45 48.28 1.30
C LEU B 419 5.97 48.56 1.53
N ASP B 420 5.10 47.88 0.76
CA ASP B 420 3.65 47.91 0.96
C ASP B 420 3.27 47.58 2.41
N GLY B 421 4.15 46.88 3.13
CA GLY B 421 3.90 46.49 4.52
C GLY B 421 3.85 47.59 5.57
N SER B 422 4.40 48.75 5.24
CA SER B 422 4.23 49.92 6.09
C SER B 422 2.73 50.18 6.36
N CYS B 423 1.94 49.99 5.32
CA CYS B 423 0.49 50.25 5.32
C CYS B 423 0.15 51.74 5.32
N GLN B 424 1.04 52.53 4.70
CA GLN B 424 0.76 53.92 4.37
C GLN B 424 -0.30 54.01 3.29
N GLN B 425 -0.54 52.92 2.57
CA GLN B 425 -1.70 52.84 1.71
C GLN B 425 -2.91 52.97 2.62
N ARG B 426 -3.96 53.62 2.13
CA ARG B 426 -5.19 53.78 2.90
C ARG B 426 -6.35 53.25 2.09
N ASP B 427 -7.37 52.77 2.79
CA ASP B 427 -8.61 52.30 2.15
C ASP B 427 -9.51 53.51 1.83
N GLU B 428 -10.75 53.26 1.44
CA GLU B 428 -11.77 54.32 1.24
C GLU B 428 -12.29 54.89 2.57
N GLU B 429 -12.30 54.07 3.62
CA GLU B 429 -12.66 54.52 4.96
C GLU B 429 -11.47 55.15 5.70
N GLY B 430 -10.37 55.39 4.99
CA GLY B 430 -9.20 56.07 5.56
C GLY B 430 -8.25 55.26 6.43
N LYS B 431 -8.58 54.01 6.73
CA LYS B 431 -7.72 53.15 7.55
C LYS B 431 -6.54 52.57 6.76
N PRO B 432 -5.42 52.27 7.45
CA PRO B 432 -4.24 51.75 6.79
C PRO B 432 -4.44 50.32 6.30
N THR B 433 -3.91 50.02 5.12
CA THR B 433 -4.11 48.71 4.49
C THR B 433 -3.02 48.44 3.44
N MET B 434 -3.19 47.33 2.73
CA MET B 434 -2.37 46.99 1.58
C MET B 434 -3.32 46.65 0.43
N LYS B 435 -2.87 46.91 -0.78
CA LYS B 435 -3.80 46.84 -1.89
C LYS B 435 -3.18 46.32 -3.19
N PRO B 436 -4.05 45.90 -4.12
CA PRO B 436 -3.60 45.53 -5.44
C PRO B 436 -2.82 46.64 -6.13
N HIS B 437 -1.98 46.25 -7.08
CA HIS B 437 -1.18 47.21 -7.81
C HIS B 437 -2.02 48.15 -8.66
N TRP B 438 -3.17 47.69 -9.16
CA TRP B 438 -4.05 48.56 -9.98
C TRP B 438 -4.87 49.58 -9.17
N GLU B 439 -4.85 49.45 -7.86
CA GLU B 439 -5.62 50.31 -6.98
C GLU B 439 -4.72 51.36 -6.36
N ILE B 440 -3.46 51.42 -6.81
CA ILE B 440 -2.43 52.19 -6.10
C ILE B 440 -2.02 53.43 -6.90
N SER B 441 -2.36 54.60 -6.35
CA SER B 441 -1.94 55.88 -6.90
C SER B 441 -0.46 56.18 -6.59
N GLN B 442 0.11 57.08 -7.37
CA GLN B 442 1.53 57.44 -7.26
C GLN B 442 1.92 58.07 -5.91
N LYS B 443 0.96 58.71 -5.27
CA LYS B 443 1.23 59.43 -4.04
C LYS B 443 1.41 58.43 -2.91
N GLU B 444 0.66 57.32 -2.97
CA GLU B 444 0.72 56.28 -1.95
C GLU B 444 2.01 55.46 -2.06
N ALA B 445 2.49 55.31 -3.29
CA ALA B 445 3.78 54.67 -3.57
C ALA B 445 4.91 55.34 -2.76
N ASP B 446 5.04 56.65 -2.97
CA ASP B 446 6.07 57.48 -2.31
C ASP B 446 5.83 57.61 -0.79
N ALA B 447 4.58 57.72 -0.38
CA ALA B 447 4.24 57.68 1.04
C ALA B 447 4.86 56.46 1.74
N CYS B 448 4.77 55.30 1.07
CA CYS B 448 5.35 54.06 1.59
C CYS B 448 6.87 54.12 1.69
N LEU B 449 7.51 54.77 0.71
CA LEU B 449 8.96 55.04 0.78
C LEU B 449 9.31 55.97 1.94
N ALA B 450 8.46 56.96 2.17
CA ALA B 450 8.67 57.92 3.25
C ALA B 450 8.60 57.26 4.61
N ALA B 451 7.95 56.11 4.70
CA ALA B 451 7.94 55.33 5.95
C ALA B 451 9.16 54.43 6.10
N THR B 452 10.09 54.49 5.14
CA THR B 452 11.16 53.50 4.99
C THR B 452 12.55 54.12 5.08
N GLU B 453 13.26 53.80 6.16
CA GLU B 453 14.67 54.16 6.31
C GLU B 453 15.61 52.94 6.07
N TRP B 454 16.53 53.10 5.11
CA TRP B 454 17.47 52.06 4.68
C TRP B 454 18.79 52.06 5.49
N CYS B 455 18.88 51.20 6.50
CA CYS B 455 20.08 51.07 7.31
C CYS B 455 21.08 50.11 6.70
N PRO B 456 22.37 50.49 6.67
CA PRO B 456 23.37 49.54 6.21
C PRO B 456 23.33 48.23 7.00
N ALA B 457 23.71 47.15 6.32
CA ALA B 457 23.86 45.83 6.92
C ALA B 457 25.02 45.86 7.92
N ILE B 458 25.03 44.90 8.83
CA ILE B 458 26.10 44.81 9.82
C ILE B 458 27.13 43.78 9.37
N HIS B 459 28.38 44.23 9.31
CA HIS B 459 29.44 43.61 8.50
C HIS B 459 29.91 42.25 8.99
N GLU B 460 29.71 41.95 10.27
CA GLU B 460 30.04 40.62 10.81
C GLU B 460 29.26 39.49 10.10
N TYR B 461 28.02 39.80 9.72
CA TYR B 461 27.07 38.88 9.06
C TYR B 461 26.97 39.07 7.54
N PHE B 462 27.03 40.33 7.12
CA PHE B 462 26.96 40.65 5.70
C PHE B 462 28.24 41.37 5.26
N ARG B 463 29.32 40.59 5.23
CA ARG B 463 30.66 41.09 4.92
C ARG B 463 30.76 41.88 3.62
N GLY B 464 29.95 41.52 2.63
CA GLY B 464 29.93 42.28 1.37
C GLY B 464 29.16 43.59 1.44
N GLY B 465 28.50 43.82 2.57
CA GLY B 465 27.67 44.99 2.76
C GLY B 465 26.23 44.72 2.36
N GLY B 466 25.43 45.79 2.42
CA GLY B 466 24.02 45.75 2.07
C GLY B 466 23.23 46.82 2.81
N TYR B 467 21.97 46.98 2.40
CA TYR B 467 21.05 47.91 3.04
C TYR B 467 19.77 47.18 3.42
N SER B 468 19.34 47.34 4.67
CA SER B 468 18.04 46.84 5.13
C SER B 468 16.95 47.84 4.75
N SER B 469 15.71 47.38 4.66
CA SER B 469 14.56 48.29 4.55
C SER B 469 13.80 48.30 5.86
N ARG B 470 14.00 49.33 6.65
CA ARG B 470 13.35 49.42 7.94
C ARG B 470 12.03 50.16 7.82
N PHE B 471 10.96 49.56 8.30
CA PHE B 471 9.71 50.28 8.47
C PHE B 471 8.98 49.68 9.66
N LEU B 472 7.91 50.33 10.08
CA LEU B 472 7.00 49.76 11.06
C LEU B 472 5.58 49.70 10.48
N THR B 473 5.00 48.51 10.47
CA THR B 473 3.63 48.31 10.00
C THR B 473 2.70 48.96 11.00
N GLU B 474 1.73 49.71 10.47
CA GLU B 474 0.77 50.41 11.31
C GLU B 474 -0.05 49.39 12.06
N GLY B 475 -0.60 49.81 13.20
CA GLY B 475 -1.33 48.91 14.08
C GLY B 475 -2.74 48.66 13.57
N GLY B 476 -3.34 47.59 14.13
CA GLY B 476 -4.75 47.26 13.93
C GLY B 476 -5.15 46.79 12.53
N VAL B 477 -4.21 46.17 11.83
CA VAL B 477 -4.48 45.72 10.48
C VAL B 477 -4.77 44.23 10.53
N PRO B 478 -5.84 43.79 9.84
CA PRO B 478 -6.10 42.36 9.79
C PRO B 478 -5.06 41.67 8.88
N PHE B 479 -4.45 40.59 9.36
CA PHE B 479 -3.44 39.83 8.61
C PHE B 479 -3.65 38.32 8.66
N THR B 480 -3.16 37.64 7.62
CA THR B 480 -3.16 36.19 7.60
C THR B 480 -1.73 35.64 7.51
N MET B 481 -1.31 35.01 8.58
CA MET B 481 -0.03 34.35 8.58
C MET B 481 -0.18 32.91 8.06
N THR B 482 0.43 32.63 6.92
CA THR B 482 0.45 31.29 6.35
C THR B 482 1.86 30.71 6.20
N ARG B 483 1.91 29.40 6.06
CA ARG B 483 3.16 28.69 5.82
C ARG B 483 2.85 27.30 5.25
N VAL B 484 3.68 26.90 4.29
CA VAL B 484 3.68 25.54 3.75
C VAL B 484 4.95 24.83 4.21
N ASN B 485 4.77 23.62 4.73
CA ASN B 485 5.89 22.72 5.03
C ASN B 485 5.76 21.38 4.31
N LEU B 486 6.88 20.68 4.17
CA LEU B 486 6.89 19.30 3.67
C LEU B 486 7.23 18.33 4.82
N ILE B 487 6.39 17.32 5.00
CA ILE B 487 6.58 16.35 6.06
C ILE B 487 6.76 14.97 5.47
N LYS B 488 7.99 14.44 5.57
CA LYS B 488 8.33 13.17 4.97
C LYS B 488 7.37 12.10 5.44
N GLY B 489 6.69 11.48 4.49
CA GLY B 489 5.87 10.35 4.79
C GLY B 489 4.44 10.78 4.70
N LEU B 490 4.24 12.09 4.61
CA LEU B 490 2.90 12.70 4.56
C LEU B 490 2.71 13.72 3.45
N GLY B 491 3.76 14.35 3.01
CA GLY B 491 3.63 15.36 1.97
C GLY B 491 3.56 16.79 2.49
N PRO B 492 2.96 17.70 1.69
CA PRO B 492 2.92 19.08 2.05
C PRO B 492 1.73 19.29 2.95
N VAL B 493 1.89 20.25 3.86
CA VAL B 493 0.80 20.73 4.71
C VAL B 493 0.86 22.22 4.76
N LEU B 494 -0.29 22.81 5.08
CA LEU B 494 -0.45 24.25 5.20
C LEU B 494 -0.68 24.60 6.67
N GLN B 495 -0.24 25.77 7.09
CA GLN B 495 -0.60 26.33 8.40
C GLN B 495 -1.15 27.71 8.20
N ILE B 496 -2.17 28.06 8.97
CA ILE B 496 -2.80 29.36 8.87
C ILE B 496 -2.99 29.92 10.26
N ALA B 497 -2.86 31.24 10.37
CA ALA B 497 -3.14 31.94 11.62
C ALA B 497 -3.62 33.36 11.28
N GLU B 498 -4.95 33.53 11.22
CA GLU B 498 -5.51 34.85 11.02
C GLU B 498 -5.27 35.68 12.29
N GLY B 499 -5.03 36.97 12.11
CA GLY B 499 -4.80 37.88 13.26
C GLY B 499 -4.81 39.39 13.02
N TRP B 500 -4.11 40.10 13.90
CA TRP B 500 -3.98 41.56 13.78
C TRP B 500 -2.56 42.00 14.19
N SER B 501 -2.12 43.07 13.52
CA SER B 501 -0.93 43.80 13.91
C SER B 501 -1.30 44.76 15.02
N VAL B 502 -0.51 44.79 16.08
CA VAL B 502 -0.71 45.77 17.11
C VAL B 502 0.30 46.92 16.97
N GLU B 503 0.04 47.99 17.72
CA GLU B 503 0.89 49.20 17.76
C GLU B 503 1.19 49.47 19.22
N LEU B 504 2.39 49.13 19.64
CA LEU B 504 2.73 49.22 21.06
C LEU B 504 3.11 50.66 21.45
N PRO B 505 3.04 50.96 22.76
CA PRO B 505 3.51 52.28 23.17
C PRO B 505 4.99 52.47 22.84
N LYS B 506 5.32 53.61 22.24
CA LYS B 506 6.70 53.91 21.80
C LYS B 506 7.78 53.52 22.83
N ALA B 507 7.48 53.70 24.11
CA ALA B 507 8.42 53.39 25.21
C ALA B 507 8.74 51.91 25.20
N MET B 508 7.68 51.12 25.16
CA MET B 508 7.78 49.67 25.09
C MET B 508 8.42 49.20 23.76
N HIS B 509 7.94 49.74 22.65
CA HIS B 509 8.39 49.31 21.33
C HIS B 509 9.90 49.45 21.11
N ASP B 510 10.43 50.64 21.35
CA ASP B 510 11.86 50.89 21.12
C ASP B 510 12.76 49.94 21.93
N GLN B 511 12.31 49.54 23.13
CA GLN B 511 13.08 48.65 24.01
C GLN B 511 13.02 47.17 23.65
N LEU B 512 11.92 46.75 23.01
CA LEU B 512 11.83 45.41 22.43
C LEU B 512 12.47 45.40 21.05
N ASP B 513 12.47 46.56 20.38
CA ASP B 513 13.12 46.69 19.10
C ASP B 513 14.65 46.79 19.25
N ALA B 514 15.11 47.54 20.24
CA ALA B 514 16.55 47.66 20.53
C ALA B 514 17.06 46.31 20.97
N ARG B 515 16.17 45.60 21.66
CA ARG B 515 16.37 44.21 22.14
C ARG B 515 16.67 43.18 21.05
N THR B 516 16.01 43.35 19.90
CA THR B 516 16.05 42.37 18.84
C THR B 516 17.10 42.72 17.74
N ASN B 517 16.65 43.34 16.66
CA ASN B 517 17.49 43.69 15.51
C ASN B 517 16.90 44.96 14.92
N SER B 518 17.28 46.11 15.46
CA SER B 518 16.62 47.38 15.11
C SER B 518 16.86 47.86 13.68
N THR B 519 17.87 47.32 13.03
CA THR B 519 18.13 47.61 11.61
C THR B 519 17.02 47.08 10.66
N TRP B 520 16.24 46.11 11.13
CA TRP B 520 15.31 45.33 10.29
C TRP B 520 13.84 45.80 10.39
N PRO B 521 13.02 45.49 9.36
CA PRO B 521 11.58 45.85 9.40
C PRO B 521 10.83 45.03 10.42
N THR B 522 9.82 45.61 11.05
CA THR B 522 9.18 44.98 12.21
C THR B 522 7.69 44.93 12.00
N THR B 523 7.07 43.90 12.58
CA THR B 523 5.61 43.79 12.69
C THR B 523 5.24 43.08 13.98
N TRP B 524 4.31 43.67 14.71
CA TRP B 524 3.79 43.11 15.94
C TRP B 524 2.49 42.46 15.58
N PHE B 525 2.43 41.17 15.88
CA PHE B 525 1.34 40.31 15.41
C PHE B 525 0.71 39.64 16.61
N ALA B 526 -0.62 39.80 16.72
CA ALA B 526 -1.43 39.05 17.66
C ALA B 526 -2.42 38.22 16.87
N PRO B 527 -2.54 36.93 17.17
CA PRO B 527 -3.38 36.01 16.40
C PRO B 527 -4.71 35.72 17.07
N ARG B 528 -5.79 35.61 16.32
CA ARG B 528 -7.09 35.29 16.95
C ARG B 528 -7.04 33.95 17.66
N LEU B 529 -7.48 33.93 18.91
CA LEU B 529 -7.49 32.71 19.68
C LEU B 529 -8.91 32.08 19.74
N THR B 530 -8.93 30.75 19.72
CA THR B 530 -10.16 29.96 19.74
C THR B 530 -10.23 29.18 21.01
N GLY B 531 -9.24 29.39 21.90
CA GLY B 531 -9.13 28.62 23.12
C GLY B 531 -9.11 27.11 22.91
N LYS B 532 -8.59 26.65 21.77
CA LYS B 532 -8.57 25.20 21.46
C LYS B 532 -7.30 24.76 20.76
N GLY B 533 -6.62 23.78 21.35
CA GLY B 533 -5.43 23.14 20.78
C GLY B 533 -4.28 24.10 20.60
N PRO B 534 -3.86 24.33 19.35
CA PRO B 534 -2.73 25.22 19.11
C PRO B 534 -3.05 26.71 19.34
N PHE B 535 -4.31 27.06 19.13
CA PHE B 535 -4.81 28.41 19.40
C PHE B 535 -5.49 28.55 20.81
N ALA B 536 -5.05 27.74 21.77
CA ALA B 536 -5.49 27.91 23.17
C ALA B 536 -4.91 29.18 23.75
N ASP B 537 -3.62 29.35 23.54
CA ASP B 537 -2.93 30.56 23.94
C ASP B 537 -1.88 30.92 22.91
N VAL B 538 -1.49 32.19 22.89
CA VAL B 538 -0.55 32.68 21.88
C VAL B 538 0.76 31.90 21.92
N TYR B 539 1.13 31.35 23.08
CA TYR B 539 2.37 30.56 23.16
C TYR B 539 2.40 29.44 22.15
N SER B 540 1.37 28.61 22.22
CA SER B 540 1.30 27.39 21.45
C SER B 540 1.16 27.65 19.96
N VAL B 541 0.63 28.82 19.59
CA VAL B 541 0.55 29.21 18.19
C VAL B 541 1.93 29.23 17.61
N MET B 542 2.84 29.91 18.29
CA MET B 542 4.20 29.98 17.77
C MET B 542 4.89 28.63 17.92
N ALA B 543 4.67 27.97 19.06
CA ALA B 543 5.21 26.64 19.35
C ALA B 543 4.79 25.55 18.35
N ASN B 544 3.63 25.71 17.72
CA ASN B 544 3.16 24.78 16.69
C ASN B 544 3.41 25.28 15.28
N TRP B 545 4.04 26.44 15.13
CA TRP B 545 4.49 26.85 13.80
C TRP B 545 5.55 25.82 13.35
N GLY B 546 5.62 25.57 12.05
CA GLY B 546 6.47 24.49 11.50
C GLY B 546 7.70 24.95 10.76
N ALA B 547 8.04 26.23 10.89
CA ALA B 547 9.24 26.82 10.32
C ALA B 547 9.58 28.17 10.99
N ASN B 548 10.82 28.62 10.77
CA ASN B 548 11.32 29.92 11.26
C ASN B 548 10.79 31.09 10.44
N HIS B 549 10.14 30.80 9.31
CA HIS B 549 9.66 31.83 8.40
C HIS B 549 8.14 31.72 8.26
N GLY B 550 7.51 32.81 7.86
CA GLY B 550 6.11 32.76 7.49
C GLY B 550 5.82 33.86 6.49
N VAL B 551 4.66 33.78 5.87
CA VAL B 551 4.23 34.85 4.99
C VAL B 551 3.03 35.57 5.61
N LEU B 552 3.05 36.91 5.56
CA LEU B 552 1.93 37.74 5.93
C LEU B 552 1.22 38.24 4.69
N THR B 553 -0.08 37.96 4.62
CA THR B 553 -0.93 38.43 3.56
C THR B 553 -1.97 39.37 4.18
N ILE B 554 -2.17 40.50 3.53
CA ILE B 554 -3.17 41.46 3.98
C ILE B 554 -4.54 40.79 4.08
N GLY B 555 -5.25 41.09 5.16
CA GLY B 555 -6.65 40.69 5.30
C GLY B 555 -6.81 39.48 6.16
N HIS B 556 -8.07 39.09 6.36
CA HIS B 556 -8.40 37.77 6.88
C HIS B 556 -8.79 36.95 5.64
N VAL B 557 -7.89 36.07 5.22
CA VAL B 557 -8.08 35.29 3.99
C VAL B 557 -7.96 33.77 4.19
N GLY B 558 -7.95 33.32 5.44
CA GLY B 558 -7.91 31.89 5.75
C GLY B 558 -8.95 31.08 4.99
N ALA B 559 -10.18 31.55 5.01
CA ALA B 559 -11.25 30.88 4.27
C ALA B 559 -10.92 30.69 2.78
N ASP B 560 -10.25 31.68 2.19
CA ASP B 560 -9.81 31.56 0.80
C ASP B 560 -8.61 30.65 0.69
N PHE B 561 -7.72 30.69 1.68
CA PHE B 561 -6.54 29.82 1.69
C PHE B 561 -6.96 28.36 1.85
N ILE B 562 -7.91 28.12 2.74
CA ILE B 562 -8.37 26.75 2.98
C ILE B 562 -8.92 26.11 1.70
N THR B 563 -9.73 26.87 0.96
CA THR B 563 -10.31 26.39 -0.29
C THR B 563 -9.23 26.07 -1.34
N LEU B 564 -8.18 26.87 -1.39
CA LEU B 564 -7.09 26.59 -2.31
C LEU B 564 -6.35 25.29 -1.89
N ALA B 565 -6.24 25.03 -0.59
CA ALA B 565 -5.52 23.84 -0.14
C ALA B 565 -6.30 22.55 -0.45
N ALA B 566 -7.62 22.64 -0.55
CA ALA B 566 -8.41 21.48 -0.93
C ALA B 566 -8.23 21.23 -2.40
N MET B 567 -8.22 22.29 -3.19
CA MET B 567 -8.06 22.19 -4.63
C MET B 567 -6.72 21.54 -5.00
N LEU B 568 -5.70 21.75 -4.18
CA LEU B 568 -4.36 21.19 -4.43
C LEU B 568 -4.14 19.87 -3.70
N ARG B 569 -5.12 19.52 -2.88
CA ARG B 569 -5.09 18.35 -2.03
C ARG B 569 -3.93 18.43 -1.02
N ILE B 570 -3.68 19.63 -0.56
CA ILE B 570 -2.85 19.88 0.59
C ILE B 570 -3.73 20.01 1.85
N PRO B 571 -3.49 19.15 2.84
CA PRO B 571 -4.29 19.28 4.02
C PRO B 571 -3.75 20.43 4.84
N VAL B 572 -4.58 20.86 5.79
CA VAL B 572 -4.28 21.98 6.67
C VAL B 572 -4.04 21.50 8.10
N CYS B 573 -2.79 21.44 8.51
CA CYS B 573 -2.49 20.94 9.84
C CYS B 573 -2.89 21.88 10.95
N MET B 574 -3.12 23.14 10.63
CA MET B 574 -3.31 24.16 11.66
C MET B 574 -3.97 25.44 11.13
N HIS B 575 -5.11 25.81 11.71
CA HIS B 575 -5.78 27.06 11.35
C HIS B 575 -6.80 27.44 12.41
N ASN B 576 -7.11 28.74 12.46
CA ASN B 576 -8.06 29.29 13.43
C ASN B 576 -9.33 29.82 12.74
N VAL B 577 -9.56 29.41 11.48
CA VAL B 577 -10.69 29.90 10.69
C VAL B 577 -11.97 29.26 11.24
N GLU B 578 -13.06 30.04 11.22
CA GLU B 578 -14.37 29.60 11.72
C GLU B 578 -14.92 28.45 10.89
N GLU B 579 -15.46 27.44 11.56
CA GLU B 579 -15.90 26.21 10.88
C GLU B 579 -16.95 26.47 9.82
N GLY B 580 -17.84 27.42 10.08
CA GLY B 580 -18.84 27.79 9.08
C GLY B 580 -18.21 28.22 7.77
N LYS B 581 -17.07 28.90 7.86
CA LYS B 581 -16.41 29.50 6.68
C LYS B 581 -15.75 28.49 5.73
N ILE B 582 -15.58 27.26 6.22
CA ILE B 582 -14.87 26.23 5.47
C ILE B 582 -15.64 25.87 4.23
N TYR B 583 -14.93 25.87 3.12
CA TYR B 583 -15.54 25.61 1.83
C TYR B 583 -14.65 24.67 1.02
N ARG B 584 -15.17 23.49 0.72
CA ARG B 584 -14.40 22.44 0.06
C ARG B 584 -15.33 21.68 -0.87
N PRO B 585 -14.74 20.89 -1.79
CA PRO B 585 -15.54 19.99 -2.62
C PRO B 585 -16.43 19.03 -1.80
N SER B 586 -17.56 18.69 -2.40
CA SER B 586 -18.58 17.90 -1.74
C SER B 586 -18.06 16.55 -1.32
N SER B 587 -17.13 16.02 -2.11
CA SER B 587 -16.46 14.75 -1.81
C SER B 587 -15.89 14.70 -0.40
N TRP B 588 -15.41 15.84 0.09
CA TRP B 588 -14.81 15.92 1.44
C TRP B 588 -15.79 15.52 2.56
N ALA B 589 -17.06 15.94 2.46
CA ALA B 589 -18.05 15.70 3.54
C ALA B 589 -18.28 14.21 3.72
N ALA B 590 -18.09 13.45 2.65
CA ALA B 590 -18.23 12.00 2.70
C ALA B 590 -17.10 11.34 3.48
N HIS B 591 -15.96 12.02 3.51
CA HIS B 591 -14.81 11.55 4.27
C HIS B 591 -14.91 11.83 5.77
N GLY B 592 -16.03 12.33 6.25
CA GLY B 592 -16.22 12.53 7.69
C GLY B 592 -16.90 13.84 8.06
N MET B 593 -17.59 13.84 9.19
CA MET B 593 -18.18 15.07 9.72
C MET B 593 -17.12 16.01 10.25
N ASP B 594 -16.09 15.45 10.87
CA ASP B 594 -14.97 16.21 11.46
C ASP B 594 -14.17 16.94 10.37
N THR B 595 -14.00 18.24 10.56
CA THR B 595 -13.38 19.10 9.53
C THR B 595 -11.90 18.82 9.31
N GLU B 596 -11.21 18.38 10.35
CA GLU B 596 -9.77 18.09 10.22
C GLU B 596 -9.55 16.69 9.68
N GLY B 597 -10.17 15.71 10.33
CA GLY B 597 -10.14 14.30 9.90
C GLY B 597 -10.60 14.09 8.46
N GLN B 598 -11.59 14.84 8.03
CA GLN B 598 -12.02 14.69 6.65
C GLN B 598 -10.92 15.12 5.68
N ASP B 599 -10.11 16.10 6.09
CA ASP B 599 -9.12 16.70 5.19
C ASP B 599 -7.96 15.77 4.91
N TYR B 600 -7.50 15.04 5.92
CA TYR B 600 -6.39 14.10 5.71
C TYR B 600 -6.74 12.85 4.90
N ARG B 601 -7.87 12.25 5.20
CA ARG B 601 -8.36 11.13 4.38
C ARG B 601 -8.60 11.53 2.92
N ALA B 602 -9.29 12.65 2.72
CA ALA B 602 -9.65 13.08 1.39
C ALA B 602 -8.42 13.45 0.58
N CYS B 603 -7.46 14.12 1.21
CA CYS B 603 -6.18 14.49 0.56
C CYS B 603 -5.38 13.25 0.20
N GLN B 604 -5.28 12.33 1.15
CA GLN B 604 -4.65 11.05 0.90
C GLN B 604 -5.29 10.32 -0.22
N ASN B 605 -6.63 10.31 -0.22
CA ASN B 605 -7.37 9.65 -1.29
C ASN B 605 -6.96 10.23 -2.64
N TYR B 606 -7.34 11.48 -2.88
CA TYR B 606 -7.22 12.07 -4.18
C TYR B 606 -5.75 12.33 -4.54
N GLY B 607 -4.95 12.67 -3.54
CA GLY B 607 -3.53 12.93 -3.76
C GLY B 607 -3.26 14.12 -4.67
N PRO B 608 -2.00 14.28 -5.11
CA PRO B 608 -1.61 15.46 -5.85
C PRO B 608 -2.40 15.51 -7.14
N LEU B 609 -2.54 16.72 -7.66
CA LEU B 609 -3.42 16.98 -8.76
C LEU B 609 -2.79 16.50 -10.05
N TYR B 610 -1.51 16.77 -10.25
CA TYR B 610 -0.90 16.65 -11.59
C TYR B 610 -0.21 15.32 -11.88
N LYS B 611 0.33 14.62 -10.88
CA LYS B 611 0.75 13.19 -11.06
C LYS B 611 0.90 12.37 -9.79
N SER C 26 -18.54 -34.67 9.90
CA SER C 26 -17.05 -34.67 9.91
C SER C 26 -16.55 -34.45 8.47
N LEU C 27 -15.99 -35.48 7.81
CA LEU C 27 -15.20 -35.31 6.57
C LEU C 27 -15.91 -34.45 5.49
N PRO C 28 -15.10 -33.73 4.68
CA PRO C 28 -15.66 -32.85 3.66
C PRO C 28 -16.03 -33.59 2.39
N LYS C 29 -17.06 -33.13 1.70
CA LYS C 29 -17.46 -33.72 0.43
C LYS C 29 -17.10 -32.83 -0.78
N ILE C 30 -17.22 -33.44 -1.96
CA ILE C 30 -17.15 -32.74 -3.22
C ILE C 30 -18.56 -32.55 -3.71
N GLY C 31 -18.93 -31.33 -4.08
CA GLY C 31 -20.24 -31.05 -4.66
C GLY C 31 -20.13 -30.78 -6.13
N ILE C 32 -20.94 -31.44 -6.94
CA ILE C 32 -20.90 -31.27 -8.39
C ILE C 32 -22.10 -30.43 -8.83
N ARG C 33 -21.87 -29.47 -9.70
CA ARG C 33 -22.91 -28.56 -10.16
C ARG C 33 -23.08 -28.76 -11.66
N PRO C 34 -24.11 -29.54 -12.07
CA PRO C 34 -24.38 -29.67 -13.51
C PRO C 34 -25.07 -28.43 -14.04
N VAL C 35 -24.54 -27.83 -15.09
CA VAL C 35 -25.00 -26.52 -15.49
C VAL C 35 -25.44 -26.57 -16.95
N ILE C 36 -26.54 -25.90 -17.25
CA ILE C 36 -27.22 -26.08 -18.53
C ILE C 36 -27.70 -24.76 -19.06
N ASP C 37 -27.85 -24.71 -20.38
CA ASP C 37 -28.55 -23.62 -21.08
C ASP C 37 -30.00 -23.59 -20.60
N GLY C 38 -30.45 -22.43 -20.11
CA GLY C 38 -31.75 -22.31 -19.42
C GLY C 38 -32.99 -22.32 -20.31
N ARG C 39 -32.81 -21.92 -21.56
CA ARG C 39 -33.91 -21.79 -22.52
C ARG C 39 -34.48 -23.14 -22.91
N ARG C 40 -35.80 -23.19 -23.05
CA ARG C 40 -36.49 -24.43 -23.36
C ARG C 40 -36.81 -24.47 -24.86
N MET C 41 -37.99 -25.02 -25.23
CA MET C 41 -38.39 -25.27 -26.63
C MET C 41 -37.61 -26.44 -27.23
N GLY C 42 -37.31 -27.43 -26.40
CA GLY C 42 -36.53 -28.59 -26.84
C GLY C 42 -35.01 -28.44 -26.78
N VAL C 43 -34.52 -27.31 -26.29
CA VAL C 43 -33.07 -27.08 -26.17
C VAL C 43 -32.58 -27.65 -24.85
N ARG C 44 -33.03 -27.03 -23.76
CA ARG C 44 -32.66 -27.52 -22.43
C ARG C 44 -33.02 -29.00 -22.27
N GLU C 45 -34.19 -29.39 -22.78
CA GLU C 45 -34.68 -30.77 -22.69
C GLU C 45 -33.75 -31.74 -23.39
N SER C 46 -33.23 -31.37 -24.55
CA SER C 46 -32.26 -32.22 -25.22
C SER C 46 -31.02 -32.48 -24.35
N LEU C 47 -30.66 -31.50 -23.53
CA LEU C 47 -29.38 -31.55 -22.79
C LEU C 47 -29.43 -32.19 -21.41
N GLU C 48 -30.59 -32.17 -20.75
CA GLU C 48 -30.68 -32.57 -19.31
C GLU C 48 -30.06 -33.96 -19.06
N ALA C 49 -30.38 -34.92 -19.91
CA ALA C 49 -29.74 -36.22 -19.80
C ALA C 49 -28.23 -36.01 -19.84
N GLN C 50 -27.71 -35.48 -20.95
CA GLN C 50 -26.25 -35.45 -21.11
C GLN C 50 -25.59 -34.70 -19.97
N THR C 51 -26.14 -33.52 -19.68
CA THR C 51 -25.64 -32.63 -18.63
C THR C 51 -25.52 -33.30 -17.28
N MET C 52 -26.59 -33.91 -16.81
CA MET C 52 -26.57 -34.56 -15.51
C MET C 52 -25.74 -35.85 -15.51
N ASN C 53 -25.63 -36.55 -16.65
CA ASN C 53 -24.82 -37.77 -16.69
C ASN C 53 -23.33 -37.50 -16.57
N MET C 54 -22.89 -36.34 -17.07
CA MET C 54 -21.52 -35.86 -16.84
C MET C 54 -21.27 -35.72 -15.34
N ALA C 55 -22.24 -35.13 -14.64
CA ALA C 55 -22.07 -34.93 -13.22
C ALA C 55 -21.92 -36.29 -12.52
N LYS C 56 -22.80 -37.23 -12.88
CA LYS C 56 -22.72 -38.56 -12.30
C LYS C 56 -21.35 -39.18 -12.64
N ALA C 57 -20.96 -39.07 -13.90
CA ALA C 57 -19.67 -39.59 -14.38
C ALA C 57 -18.47 -39.00 -13.63
N THR C 58 -18.60 -37.77 -13.19
CA THR C 58 -17.54 -37.14 -12.44
C THR C 58 -17.58 -37.57 -10.98
N ALA C 59 -18.76 -37.75 -10.41
CA ALA C 59 -18.83 -38.30 -9.06
C ALA C 59 -18.22 -39.71 -9.01
N ALA C 60 -18.57 -40.54 -10.00
CA ALA C 60 -18.02 -41.89 -10.15
C ALA C 60 -16.51 -41.91 -10.14
N LEU C 61 -15.91 -41.16 -11.06
CA LEU C 61 -14.47 -41.16 -11.21
C LEU C 61 -13.74 -40.89 -9.90
N ILE C 62 -14.15 -39.83 -9.21
CA ILE C 62 -13.46 -39.41 -7.98
C ILE C 62 -13.42 -40.57 -6.98
N SER C 63 -14.61 -41.03 -6.57
CA SER C 63 -14.74 -42.10 -5.59
C SER C 63 -14.04 -43.38 -5.99
N GLU C 64 -14.08 -43.73 -7.27
CA GLU C 64 -13.42 -44.93 -7.71
C GLU C 64 -11.91 -44.82 -7.40
N LYS C 65 -11.27 -43.75 -7.88
CA LYS C 65 -9.79 -43.69 -7.89
C LYS C 65 -9.16 -42.86 -6.77
N LEU C 66 -9.97 -42.38 -5.84
CA LEU C 66 -9.44 -41.60 -4.70
C LEU C 66 -10.07 -42.00 -3.39
N ARG C 67 -9.30 -41.80 -2.33
CA ARG C 67 -9.78 -41.94 -0.98
C ARG C 67 -9.23 -40.74 -0.21
N HIS C 68 -9.78 -40.54 0.98
CA HIS C 68 -9.26 -39.55 1.90
C HIS C 68 -7.86 -39.93 2.36
N ALA C 69 -7.26 -39.04 3.14
CA ALA C 69 -6.03 -39.35 3.87
C ALA C 69 -6.27 -40.48 4.88
N CYS C 70 -7.33 -40.36 5.69
CA CYS C 70 -7.66 -41.40 6.69
C CYS C 70 -7.98 -42.83 6.13
N GLY C 71 -8.38 -42.93 4.86
CA GLY C 71 -8.69 -44.22 4.19
C GLY C 71 -10.14 -44.38 3.72
N ALA C 72 -11.03 -43.58 4.30
CA ALA C 72 -12.43 -43.45 3.88
C ALA C 72 -12.60 -43.13 2.39
N GLN C 73 -13.62 -43.71 1.79
CA GLN C 73 -13.97 -43.38 0.41
C GLN C 73 -14.70 -42.03 0.43
N ILE C 74 -14.45 -41.26 -0.62
CA ILE C 74 -14.91 -39.88 -0.69
C ILE C 74 -16.35 -39.86 -1.23
N GLU C 75 -17.20 -39.07 -0.58
CA GLU C 75 -18.54 -38.91 -1.01
C GLU C 75 -18.65 -37.64 -1.82
N CYS C 76 -19.27 -37.75 -3.00
CA CYS C 76 -19.69 -36.60 -3.81
C CYS C 76 -21.16 -36.27 -3.54
N VAL C 77 -21.56 -35.05 -3.89
CA VAL C 77 -22.94 -34.61 -3.84
C VAL C 77 -23.26 -33.94 -5.17
N ILE C 78 -24.38 -34.31 -5.78
CA ILE C 78 -24.80 -33.69 -7.03
C ILE C 78 -26.03 -32.85 -6.78
N ALA C 79 -26.16 -31.76 -7.50
CA ALA C 79 -27.29 -30.87 -7.34
C ALA C 79 -28.57 -31.56 -7.79
N ASP C 80 -29.65 -31.17 -7.15
CA ASP C 80 -30.93 -31.79 -7.40
C ASP C 80 -31.33 -31.60 -8.86
N THR C 81 -31.28 -30.35 -9.32
CA THR C 81 -31.52 -30.03 -10.75
C THR C 81 -30.28 -29.53 -11.50
N CYS C 82 -30.41 -29.46 -12.82
CA CYS C 82 -29.39 -28.81 -13.63
C CYS C 82 -29.58 -27.34 -13.45
N ILE C 83 -28.48 -26.61 -13.50
CA ILE C 83 -28.42 -25.23 -13.09
C ILE C 83 -28.33 -24.33 -14.33
N ALA C 84 -29.21 -23.33 -14.41
CA ALA C 84 -29.25 -22.39 -15.55
C ALA C 84 -29.41 -20.92 -15.14
N GLY C 85 -29.71 -20.67 -13.87
CA GLY C 85 -29.76 -19.29 -13.39
C GLY C 85 -29.48 -19.26 -11.91
N MET C 86 -29.67 -18.08 -11.34
CA MET C 86 -29.36 -17.83 -9.94
C MET C 86 -30.23 -18.62 -8.98
N ALA C 87 -31.50 -18.81 -9.33
CA ALA C 87 -32.44 -19.53 -8.45
C ALA C 87 -32.02 -20.98 -8.24
N GLU C 88 -31.75 -21.65 -9.35
CA GLU C 88 -31.30 -23.05 -9.31
C GLU C 88 -29.91 -23.13 -8.68
N SER C 89 -29.09 -22.11 -8.93
CA SER C 89 -27.75 -22.02 -8.36
C SER C 89 -27.77 -21.84 -6.85
N ALA C 90 -28.69 -21.02 -6.37
CA ALA C 90 -28.87 -20.81 -4.93
C ALA C 90 -29.29 -22.10 -4.24
N ALA C 91 -30.31 -22.73 -4.81
CA ALA C 91 -30.77 -24.02 -4.30
C ALA C 91 -29.60 -24.96 -4.07
N CYS C 92 -28.72 -25.10 -5.07
CA CYS C 92 -27.56 -26.00 -4.99
C CYS C 92 -26.64 -25.72 -3.80
N GLU C 93 -26.39 -24.43 -3.55
CA GLU C 93 -25.61 -23.96 -2.39
C GLU C 93 -26.31 -24.26 -1.03
N GLU C 94 -27.64 -24.15 -1.00
CA GLU C 94 -28.39 -24.52 0.20
C GLU C 94 -28.15 -26.00 0.52
N LYS C 95 -28.32 -26.85 -0.48
CA LYS C 95 -28.03 -28.28 -0.31
C LYS C 95 -26.55 -28.53 0.10
N PHE C 96 -25.62 -27.79 -0.48
CA PHE C 96 -24.18 -27.99 -0.19
C PHE C 96 -23.80 -27.49 1.18
N SER C 97 -24.53 -26.48 1.68
CA SER C 97 -24.32 -25.94 3.01
C SER C 97 -24.57 -27.03 4.07
N ARG C 98 -25.73 -27.70 3.95
CA ARG C 98 -26.12 -28.77 4.86
C ARG C 98 -25.11 -29.91 4.81
N GLN C 99 -24.59 -30.17 3.62
CA GLN C 99 -23.80 -31.38 3.40
C GLN C 99 -22.28 -31.18 3.47
N ASN C 100 -21.84 -30.07 4.05
CA ASN C 100 -20.42 -29.90 4.36
C ASN C 100 -19.46 -30.19 3.15
N VAL C 101 -19.73 -29.54 2.03
CA VAL C 101 -18.89 -29.74 0.86
C VAL C 101 -17.85 -28.64 0.87
N GLY C 102 -16.60 -29.04 0.75
CA GLY C 102 -15.50 -28.09 0.77
C GLY C 102 -15.08 -27.67 -0.60
N VAL C 103 -15.32 -28.54 -1.58
CA VAL C 103 -14.81 -28.38 -2.94
C VAL C 103 -15.96 -28.49 -3.93
N THR C 104 -15.94 -27.73 -5.03
CA THR C 104 -16.93 -27.90 -6.12
C THR C 104 -16.29 -28.15 -7.48
N ILE C 105 -17.08 -28.73 -8.36
CA ILE C 105 -16.72 -28.96 -9.75
C ILE C 105 -17.95 -28.68 -10.58
N THR C 106 -17.80 -27.81 -11.56
CA THR C 106 -18.91 -27.36 -12.35
C THR C 106 -18.73 -27.97 -13.72
N VAL C 107 -19.76 -28.62 -14.23
CA VAL C 107 -19.62 -29.43 -15.43
C VAL C 107 -20.69 -29.04 -16.43
N THR C 108 -20.36 -29.09 -17.72
CA THR C 108 -21.37 -28.87 -18.74
C THR C 108 -20.99 -29.33 -20.14
N PRO C 109 -22.00 -29.73 -20.96
CA PRO C 109 -21.76 -30.05 -22.34
C PRO C 109 -22.35 -29.01 -23.26
N CYS C 110 -22.61 -27.82 -22.75
CA CYS C 110 -23.25 -26.83 -23.58
C CYS C 110 -22.94 -25.41 -23.12
N TRP C 111 -23.39 -24.46 -23.93
CA TRP C 111 -23.29 -23.06 -23.57
C TRP C 111 -24.35 -22.72 -22.54
N CYS C 112 -23.93 -21.97 -21.51
CA CYS C 112 -24.78 -21.57 -20.37
C CYS C 112 -24.45 -20.13 -20.03
N TYR C 113 -25.16 -19.57 -19.06
CA TYR C 113 -25.20 -18.09 -18.91
C TYR C 113 -24.23 -17.55 -17.85
N GLY C 114 -22.93 -17.73 -18.10
CA GLY C 114 -21.84 -17.09 -17.35
C GLY C 114 -22.00 -16.85 -15.85
N SER C 115 -21.97 -15.58 -15.45
CA SER C 115 -21.97 -15.17 -14.03
C SER C 115 -23.27 -15.47 -13.22
N GLU C 116 -24.35 -15.78 -13.91
CA GLU C 116 -25.58 -16.18 -13.25
C GLU C 116 -25.41 -17.58 -12.64
N THR C 117 -24.58 -18.40 -13.28
CA THR C 117 -24.49 -19.82 -12.98
C THR C 117 -23.27 -20.25 -12.19
N ILE C 118 -22.29 -19.37 -12.05
CA ILE C 118 -21.04 -19.74 -11.36
C ILE C 118 -21.17 -19.83 -9.83
N ASP C 119 -20.17 -20.49 -9.25
CA ASP C 119 -19.99 -20.60 -7.82
C ASP C 119 -19.24 -19.38 -7.29
N MET C 120 -19.95 -18.55 -6.51
CA MET C 120 -19.43 -17.29 -5.96
C MET C 120 -18.64 -17.44 -4.66
N ASP C 121 -18.72 -18.58 -4.02
CA ASP C 121 -18.15 -18.69 -2.69
C ASP C 121 -16.66 -18.61 -2.77
N PRO C 122 -16.05 -17.60 -2.13
CA PRO C 122 -14.59 -17.40 -2.28
C PRO C 122 -13.73 -18.47 -1.63
N LEU C 123 -14.18 -19.03 -0.51
CA LEU C 123 -13.36 -19.97 0.24
C LEU C 123 -13.26 -21.39 -0.33
N ARG C 124 -14.26 -21.84 -1.05
CA ARG C 124 -14.16 -23.13 -1.71
C ARG C 124 -13.18 -23.12 -2.89
N PRO C 125 -12.39 -24.18 -3.04
CA PRO C 125 -11.71 -24.45 -4.29
C PRO C 125 -12.69 -24.84 -5.37
N LYS C 126 -12.41 -24.41 -6.59
CA LYS C 126 -13.33 -24.56 -7.71
C LYS C 126 -12.64 -24.95 -9.01
N ALA C 127 -13.23 -25.95 -9.69
CA ALA C 127 -12.81 -26.29 -11.03
C ALA C 127 -14.04 -26.26 -11.89
N ILE C 128 -13.83 -26.11 -13.20
CA ILE C 128 -14.91 -26.15 -14.21
C ILE C 128 -14.45 -27.02 -15.38
N TRP C 129 -15.31 -27.95 -15.79
CA TRP C 129 -15.02 -28.87 -16.89
C TRP C 129 -16.03 -28.65 -18.00
N GLY C 130 -15.54 -28.26 -19.16
CA GLY C 130 -16.37 -28.14 -20.35
C GLY C 130 -16.04 -29.31 -21.26
N PHE C 131 -17.07 -30.01 -21.70
CA PHE C 131 -16.94 -31.04 -22.72
C PHE C 131 -16.43 -30.39 -24.01
N ASN C 132 -15.50 -31.05 -24.68
CA ASN C 132 -14.84 -30.48 -25.86
C ASN C 132 -15.50 -31.07 -27.09
N GLY C 133 -16.67 -30.55 -27.40
CA GLY C 133 -17.49 -31.06 -28.49
C GLY C 133 -17.83 -29.88 -29.37
N THR C 134 -18.40 -30.17 -30.52
CA THR C 134 -18.86 -29.12 -31.41
C THR C 134 -20.37 -28.98 -31.26
N GLU C 135 -21.10 -30.06 -31.52
CA GLU C 135 -22.52 -30.17 -31.15
C GLU C 135 -22.68 -29.74 -29.70
N ARG C 136 -21.67 -30.11 -28.90
CA ARG C 136 -21.56 -29.83 -27.45
C ARG C 136 -20.41 -28.86 -27.14
N PRO C 137 -20.65 -27.55 -27.29
CA PRO C 137 -19.56 -26.58 -27.19
C PRO C 137 -19.28 -26.14 -25.76
N GLY C 138 -19.24 -27.11 -24.86
CA GLY C 138 -19.13 -26.85 -23.43
C GLY C 138 -17.87 -26.08 -23.09
N ALA C 139 -16.84 -26.19 -23.90
CA ALA C 139 -15.63 -25.43 -23.66
C ALA C 139 -15.84 -23.94 -23.87
N VAL C 140 -16.80 -23.57 -24.70
CA VAL C 140 -17.13 -22.17 -24.88
C VAL C 140 -17.63 -21.53 -23.58
N TYR C 141 -18.54 -22.21 -22.90
CA TYR C 141 -19.03 -21.73 -21.62
C TYR C 141 -17.93 -21.64 -20.61
N LEU C 142 -17.04 -22.63 -20.62
CA LEU C 142 -15.89 -22.68 -19.74
C LEU C 142 -15.08 -21.41 -19.85
N ALA C 143 -14.71 -21.06 -21.06
CA ALA C 143 -13.89 -19.87 -21.31
C ALA C 143 -14.55 -18.65 -20.71
N ALA C 144 -15.82 -18.48 -21.06
CA ALA C 144 -16.66 -17.39 -20.56
C ALA C 144 -16.69 -17.36 -19.04
N ALA C 145 -16.90 -18.52 -18.43
CA ALA C 145 -17.13 -18.56 -17.00
C ALA C 145 -15.84 -18.31 -16.23
N LEU C 146 -14.75 -18.90 -16.69
CA LEU C 146 -13.45 -18.61 -16.09
C LEU C 146 -13.17 -17.11 -16.14
N ALA C 147 -13.48 -16.46 -17.25
CA ALA C 147 -13.30 -15.01 -17.33
C ALA C 147 -14.17 -14.30 -16.29
N ALA C 148 -15.32 -14.87 -15.95
CA ALA C 148 -16.14 -14.26 -14.93
C ALA C 148 -15.43 -14.42 -13.63
N HIS C 149 -14.91 -15.63 -13.38
CA HIS C 149 -14.18 -15.88 -12.14
C HIS C 149 -13.03 -14.90 -12.02
N SER C 150 -12.31 -14.68 -13.11
CA SER C 150 -11.15 -13.80 -13.09
C SER C 150 -11.53 -12.33 -12.85
N GLN C 151 -12.62 -11.92 -13.49
CA GLN C 151 -13.11 -10.56 -13.32
C GLN C 151 -13.61 -10.35 -11.90
N LYS C 152 -14.20 -11.38 -11.31
CA LYS C 152 -14.80 -11.22 -10.01
C LYS C 152 -13.89 -11.59 -8.83
N GLY C 153 -12.64 -11.93 -9.12
CA GLY C 153 -11.69 -12.24 -8.05
C GLY C 153 -11.87 -13.55 -7.28
N ILE C 154 -12.40 -14.58 -7.95
CA ILE C 154 -12.66 -15.90 -7.35
C ILE C 154 -12.06 -16.97 -8.27
N PRO C 155 -10.75 -17.19 -8.15
CA PRO C 155 -10.10 -18.02 -9.15
C PRO C 155 -10.62 -19.45 -9.20
N ALA C 156 -10.55 -20.05 -10.37
CA ALA C 156 -11.10 -21.37 -10.59
C ALA C 156 -10.28 -22.11 -11.63
N PHE C 157 -10.27 -23.43 -11.52
CA PHE C 157 -9.43 -24.27 -12.34
C PHE C 157 -10.07 -24.63 -13.69
N SER C 158 -9.27 -24.63 -14.74
CA SER C 158 -9.73 -25.01 -16.07
C SER C 158 -9.56 -26.53 -16.29
N ILE C 159 -10.64 -27.22 -16.60
CA ILE C 159 -10.52 -28.60 -17.07
C ILE C 159 -11.04 -28.65 -18.50
N TYR C 160 -10.16 -29.08 -19.41
CA TYR C 160 -10.43 -29.00 -20.84
C TYR C 160 -9.72 -30.12 -21.58
N GLY C 161 -10.49 -30.96 -22.26
CA GLY C 161 -9.93 -32.07 -23.02
C GLY C 161 -9.20 -31.63 -24.28
N HIS C 162 -8.11 -32.33 -24.58
CA HIS C 162 -7.28 -32.01 -25.75
C HIS C 162 -8.02 -32.26 -27.03
N ASP C 163 -8.56 -33.47 -27.12
CA ASP C 163 -9.15 -33.98 -28.34
C ASP C 163 -10.69 -33.85 -28.33
N VAL C 164 -11.24 -33.47 -29.47
CA VAL C 164 -12.66 -33.25 -29.55
C VAL C 164 -13.35 -34.60 -29.46
N GLN C 165 -14.47 -34.62 -28.73
CA GLN C 165 -15.27 -35.81 -28.57
C GLN C 165 -16.60 -35.68 -29.32
N ASP C 166 -17.18 -36.84 -29.62
CA ASP C 166 -18.52 -36.93 -30.20
C ASP C 166 -19.53 -36.83 -29.08
N ALA C 167 -20.74 -36.36 -29.39
CA ALA C 167 -21.78 -36.08 -28.36
C ALA C 167 -22.28 -37.31 -27.59
N ASP C 168 -22.15 -38.47 -28.18
CA ASP C 168 -22.55 -39.72 -27.55
C ASP C 168 -21.37 -40.44 -26.92
N ASP C 169 -20.17 -39.90 -27.10
CA ASP C 169 -18.99 -40.45 -26.42
C ASP C 169 -19.21 -40.17 -24.94
N THR C 170 -19.19 -41.21 -24.12
CA THR C 170 -19.38 -41.06 -22.67
C THR C 170 -18.08 -41.12 -21.87
N THR C 171 -17.06 -41.73 -22.45
CA THR C 171 -15.84 -42.03 -21.75
C THR C 171 -15.01 -40.77 -21.54
N ILE C 172 -14.50 -40.62 -20.32
CA ILE C 172 -13.70 -39.49 -19.91
C ILE C 172 -12.24 -39.67 -20.39
N PRO C 173 -11.71 -38.68 -21.11
CA PRO C 173 -10.34 -38.81 -21.58
C PRO C 173 -9.25 -38.86 -20.48
N ALA C 174 -8.05 -39.27 -20.85
CA ALA C 174 -6.96 -39.55 -19.90
C ALA C 174 -6.33 -38.28 -19.33
N ASP C 175 -6.13 -37.30 -20.19
CA ASP C 175 -5.67 -35.98 -19.75
C ASP C 175 -6.71 -35.30 -18.89
N VAL C 176 -7.99 -35.41 -19.27
CA VAL C 176 -9.08 -34.81 -18.50
C VAL C 176 -9.11 -35.41 -17.09
N GLU C 177 -9.02 -36.72 -16.98
CA GLU C 177 -9.05 -37.33 -15.65
C GLU C 177 -7.77 -37.07 -14.85
N GLU C 178 -6.68 -36.77 -15.54
CA GLU C 178 -5.47 -36.41 -14.83
C GLU C 178 -5.72 -35.14 -14.06
N LYS C 179 -6.36 -34.18 -14.73
CA LYS C 179 -6.65 -32.89 -14.11
C LYS C 179 -7.75 -33.00 -13.05
N LEU C 180 -8.86 -33.64 -13.38
CA LEU C 180 -9.91 -33.86 -12.39
C LEU C 180 -9.38 -34.47 -11.07
N LEU C 181 -8.55 -35.48 -11.18
CA LEU C 181 -8.02 -36.14 -9.99
C LEU C 181 -7.06 -35.24 -9.24
N ARG C 182 -6.24 -34.49 -9.98
CA ARG C 182 -5.24 -33.62 -9.36
C ARG C 182 -5.89 -32.51 -8.55
N PHE C 183 -6.94 -31.93 -9.13
CA PHE C 183 -7.81 -30.95 -8.45
C PHE C 183 -8.47 -31.51 -7.18
N ALA C 184 -9.00 -32.72 -7.29
CA ALA C 184 -9.75 -33.34 -6.20
C ALA C 184 -8.82 -33.67 -5.06
N ARG C 185 -7.70 -34.30 -5.43
CA ARG C 185 -6.67 -34.68 -4.50
C ARG C 185 -6.19 -33.47 -3.72
N ALA C 186 -5.90 -32.38 -4.42
CA ALA C 186 -5.42 -31.16 -3.77
C ALA C 186 -6.52 -30.44 -2.97
N GLY C 187 -7.72 -30.37 -3.55
CA GLY C 187 -8.80 -29.58 -2.99
C GLY C 187 -9.29 -30.16 -1.69
N LEU C 188 -9.45 -31.48 -1.67
CA LEU C 188 -9.78 -32.14 -0.39
C LEU C 188 -8.76 -31.80 0.67
N ALA C 189 -7.48 -31.84 0.29
CA ALA C 189 -6.39 -31.49 1.19
C ALA C 189 -6.60 -30.10 1.81
N VAL C 190 -7.09 -29.17 1.01
CA VAL C 190 -7.47 -27.84 1.53
C VAL C 190 -8.60 -27.99 2.57
N ALA C 191 -9.63 -28.74 2.22
CA ALA C 191 -10.85 -28.78 3.02
C ALA C 191 -10.66 -29.61 4.28
N SER C 192 -9.72 -30.53 4.22
CA SER C 192 -9.37 -31.33 5.39
C SER C 192 -8.87 -30.43 6.50
N MET C 193 -7.71 -29.81 6.27
CA MET C 193 -7.04 -28.98 7.28
C MET C 193 -8.02 -27.95 7.87
N LYS C 194 -8.93 -27.44 7.06
CA LYS C 194 -9.78 -26.37 7.52
C LYS C 194 -10.45 -26.76 8.84
N GLY C 195 -10.26 -25.91 9.85
CA GLY C 195 -10.96 -26.01 11.16
C GLY C 195 -10.27 -26.81 12.26
N LYS C 196 -9.09 -27.36 11.95
CA LYS C 196 -8.41 -28.32 12.82
C LYS C 196 -7.19 -27.65 13.39
N SER C 197 -6.56 -28.29 14.37
CA SER C 197 -5.54 -27.68 15.20
C SER C 197 -4.17 -28.21 14.90
N TYR C 198 -3.18 -27.41 15.30
CA TYR C 198 -1.82 -27.90 15.43
C TYR C 198 -1.49 -28.00 16.91
N LEU C 199 -0.86 -29.10 17.32
CA LEU C 199 -0.46 -29.25 18.70
C LEU C 199 1.05 -29.01 18.93
N SER C 200 1.37 -27.89 19.57
CA SER C 200 2.77 -27.64 19.94
C SER C 200 3.08 -28.23 21.31
N VAL C 201 3.82 -29.34 21.30
CA VAL C 201 4.35 -29.95 22.53
C VAL C 201 5.64 -29.19 22.88
N GLY C 202 5.44 -28.11 23.62
CA GLY C 202 6.52 -27.26 24.05
C GLY C 202 6.51 -25.93 23.33
N GLY C 203 7.70 -25.55 22.85
CA GLY C 203 7.92 -24.25 22.24
C GLY C 203 9.14 -24.33 21.37
N VAL C 204 9.96 -23.30 21.39
CA VAL C 204 11.13 -23.27 20.52
C VAL C 204 12.18 -24.25 21.04
N SER C 205 12.76 -25.03 20.14
CA SER C 205 13.87 -25.92 20.47
C SER C 205 15.13 -25.46 19.77
N MET C 206 16.11 -25.02 20.54
CA MET C 206 17.42 -24.58 20.02
C MET C 206 17.34 -23.51 18.93
N GLY C 207 16.61 -22.45 19.23
CA GLY C 207 16.35 -21.38 18.27
C GLY C 207 16.17 -21.79 16.80
N ILE C 208 15.36 -22.83 16.54
CA ILE C 208 15.00 -23.24 15.17
C ILE C 208 13.79 -22.45 14.72
N ALA C 209 13.80 -22.01 13.46
CA ALA C 209 12.86 -20.98 13.01
C ALA C 209 11.44 -21.52 13.06
N GLY C 210 11.26 -22.68 12.43
CA GLY C 210 9.98 -23.38 12.46
C GLY C 210 9.38 -23.54 13.85
N SER C 211 10.21 -23.85 14.85
CA SER C 211 9.72 -24.11 16.23
C SER C 211 9.14 -22.89 16.93
N ILE C 212 9.59 -21.69 16.54
CA ILE C 212 8.88 -20.46 16.89
C ILE C 212 7.63 -20.54 16.08
N VAL C 213 6.51 -20.82 16.73
CA VAL C 213 5.30 -21.14 16.01
C VAL C 213 4.62 -19.82 15.68
N ASP C 214 4.16 -19.71 14.43
CA ASP C 214 3.52 -18.50 13.91
C ASP C 214 2.01 -18.74 13.89
N HIS C 215 1.33 -18.13 14.83
CA HIS C 215 -0.08 -18.43 15.01
C HIS C 215 -0.92 -17.91 13.84
N ASN C 216 -0.49 -16.81 13.21
CA ASN C 216 -1.28 -16.22 12.13
C ASN C 216 -1.11 -16.97 10.83
N PHE C 217 0.05 -17.60 10.66
CA PHE C 217 0.27 -18.40 9.48
C PHE C 217 -0.75 -19.53 9.41
N PHE C 218 -0.93 -20.24 10.51
CA PHE C 218 -1.92 -21.32 10.55
C PHE C 218 -3.35 -20.86 10.32
N GLU C 219 -3.73 -19.75 10.93
CA GLU C 219 -5.13 -19.33 10.94
C GLU C 219 -5.58 -18.77 9.61
N SER C 220 -4.68 -18.15 8.84
CA SER C 220 -5.07 -17.42 7.64
C SER C 220 -4.75 -18.16 6.33
N TRP C 221 -3.61 -18.81 6.29
CA TRP C 221 -3.25 -19.59 5.12
C TRP C 221 -3.89 -20.96 5.19
N LEU C 222 -3.92 -21.56 6.38
CA LEU C 222 -4.41 -22.93 6.52
C LEU C 222 -5.81 -23.09 7.10
N GLY C 223 -6.40 -22.01 7.60
CA GLY C 223 -7.67 -22.09 8.33
C GLY C 223 -7.59 -23.03 9.53
N MET C 224 -6.49 -22.95 10.27
CA MET C 224 -6.24 -23.84 11.41
C MET C 224 -6.05 -23.05 12.69
N LYS C 225 -6.15 -23.75 13.83
CA LYS C 225 -5.82 -23.20 15.13
C LYS C 225 -4.51 -23.77 15.61
N VAL C 226 -3.83 -23.02 16.48
CA VAL C 226 -2.64 -23.56 17.16
C VAL C 226 -2.95 -23.69 18.62
N GLN C 227 -2.85 -24.90 19.15
CA GLN C 227 -2.89 -25.15 20.58
C GLN C 227 -1.49 -25.46 21.12
N ALA C 228 -1.05 -24.66 22.09
CA ALA C 228 0.23 -24.91 22.71
C ALA C 228 0.01 -25.69 23.98
N VAL C 229 0.87 -26.68 24.18
CA VAL C 229 0.98 -27.40 25.45
C VAL C 229 2.45 -27.40 25.89
N ASP C 230 2.69 -27.09 27.16
CA ASP C 230 4.04 -27.18 27.72
C ASP C 230 4.37 -28.63 27.98
N MET C 231 5.65 -28.99 27.81
CA MET C 231 6.07 -30.39 28.01
C MET C 231 5.92 -30.93 29.45
N THR C 232 5.44 -30.10 30.37
CA THR C 232 5.15 -30.55 31.74
C THR C 232 3.90 -31.41 31.81
N GLU C 233 3.01 -31.30 30.82
CA GLU C 233 1.82 -32.16 30.76
C GLU C 233 2.21 -33.58 30.35
N LEU C 234 3.07 -33.69 29.34
CA LEU C 234 3.65 -34.98 29.01
C LEU C 234 4.35 -35.56 30.27
N ARG C 235 5.10 -34.75 31.02
CA ARG C 235 5.70 -35.21 32.30
C ARG C 235 4.64 -35.59 33.32
N ARG C 236 3.52 -34.88 33.32
CA ARG C 236 2.40 -35.13 34.24
C ARG C 236 1.63 -36.41 33.91
N ARG C 237 1.40 -36.69 32.65
CA ARG C 237 0.65 -37.89 32.29
C ARG C 237 1.41 -39.17 32.55
N ILE C 238 2.72 -39.15 32.35
CA ILE C 238 3.54 -40.35 32.61
C ILE C 238 3.68 -40.58 34.11
N ASP C 239 3.79 -39.48 34.87
CA ASP C 239 3.87 -39.55 36.33
C ASP C 239 2.53 -39.90 36.96
N GLN C 240 1.46 -39.20 36.57
CA GLN C 240 0.11 -39.47 37.10
C GLN C 240 -0.72 -40.48 36.29
N LYS C 241 -0.03 -41.41 35.63
CA LYS C 241 -0.63 -42.57 34.94
C LYS C 241 -1.96 -42.30 34.23
N ILE C 242 -1.93 -41.27 33.39
CA ILE C 242 -3.05 -40.92 32.53
C ILE C 242 -2.76 -41.61 31.20
N TYR C 243 -2.74 -42.94 31.24
CA TYR C 243 -2.57 -43.70 30.01
C TYR C 243 -3.18 -45.09 30.16
N ASP C 244 -3.07 -45.91 29.13
CA ASP C 244 -3.61 -47.27 29.15
C ASP C 244 -2.56 -48.26 29.66
N GLU C 245 -2.64 -48.57 30.94
CA GLU C 245 -1.66 -49.43 31.59
C GLU C 245 -1.49 -50.74 30.82
N VAL C 246 -2.59 -51.33 30.37
CA VAL C 246 -2.55 -52.61 29.64
C VAL C 246 -1.91 -52.47 28.27
N GLU C 247 -2.26 -51.39 27.56
CA GLU C 247 -1.73 -51.12 26.22
C GLU C 247 -0.21 -51.04 26.25
N LEU C 248 0.29 -50.49 27.34
CA LEU C 248 1.71 -50.56 27.65
C LEU C 248 2.21 -52.00 27.51
N GLU C 249 1.74 -52.90 28.38
CA GLU C 249 2.23 -54.29 28.42
C GLU C 249 2.17 -54.88 27.01
N MET C 250 1.02 -54.69 26.38
CA MET C 250 0.86 -54.98 24.95
C MET C 250 2.04 -54.40 24.14
N ALA C 251 2.34 -53.13 24.39
CA ALA C 251 3.34 -52.40 23.62
C ALA C 251 4.76 -52.89 23.84
N LEU C 252 5.17 -53.07 25.09
CA LEU C 252 6.51 -53.61 25.40
C LEU C 252 6.63 -55.09 24.99
N ALA C 253 5.56 -55.87 25.12
CA ALA C 253 5.56 -57.20 24.56
C ALA C 253 5.90 -57.12 23.07
N TRP C 254 5.22 -56.19 22.39
CA TRP C 254 5.34 -56.00 20.94
C TRP C 254 6.75 -55.55 20.58
N ALA C 255 7.26 -54.60 21.36
CA ALA C 255 8.61 -54.12 21.16
C ALA C 255 9.59 -55.26 21.36
N ASP C 256 9.41 -55.99 22.47
CA ASP C 256 10.34 -57.06 22.87
C ASP C 256 10.48 -58.23 21.89
N LYS C 257 9.45 -58.54 21.13
CA LYS C 257 9.59 -59.62 20.15
C LYS C 257 10.08 -59.08 18.79
N ASN C 258 9.71 -57.85 18.44
CA ASN C 258 10.05 -57.26 17.12
C ASN C 258 11.19 -56.24 17.08
N PHE C 259 11.74 -55.83 18.21
CA PHE C 259 12.88 -54.87 18.21
C PHE C 259 14.20 -55.62 18.09
N ARG C 260 15.08 -55.13 17.21
CA ARG C 260 16.45 -55.68 17.00
C ARG C 260 17.49 -54.66 17.42
N TYR C 261 17.85 -54.63 18.70
CA TYR C 261 18.66 -53.54 19.23
C TYR C 261 20.06 -53.53 18.61
N GLY C 262 20.60 -52.33 18.46
CA GLY C 262 21.85 -52.15 17.75
C GLY C 262 23.01 -51.94 18.69
N GLU C 263 24.20 -51.92 18.11
CA GLU C 263 25.42 -51.62 18.84
C GLU C 263 25.26 -50.39 19.74
N ASP C 264 25.79 -50.47 20.96
CA ASP C 264 25.92 -49.29 21.82
C ASP C 264 27.30 -48.66 21.57
N GLN C 265 27.31 -47.41 21.11
CA GLN C 265 28.56 -46.67 20.90
C GLN C 265 28.66 -45.42 21.78
N ASN C 266 28.06 -45.52 22.97
CA ASN C 266 28.40 -44.64 24.08
C ASN C 266 29.76 -45.00 24.65
N ALA C 267 30.33 -44.06 25.40
CA ALA C 267 31.48 -44.36 26.26
C ALA C 267 30.99 -45.35 27.33
N GLN C 268 31.91 -46.15 27.84
CA GLN C 268 31.55 -47.26 28.75
C GLN C 268 30.89 -46.79 30.06
N HIS C 269 31.40 -45.72 30.67
CA HIS C 269 30.88 -45.26 31.97
C HIS C 269 29.54 -44.53 31.83
N TYR C 270 29.19 -44.18 30.60
CA TYR C 270 27.87 -43.65 30.30
C TYR C 270 26.91 -44.69 29.69
N LYS C 271 27.39 -45.90 29.44
CA LYS C 271 26.51 -47.00 28.99
C LYS C 271 25.49 -47.28 30.08
N ARG C 272 24.47 -48.04 29.74
CA ARG C 272 23.29 -48.21 30.59
C ARG C 272 23.08 -49.65 31.01
N ASP C 273 22.72 -49.80 32.28
CA ASP C 273 22.19 -51.05 32.82
C ASP C 273 21.06 -51.55 31.91
N GLU C 274 20.82 -52.86 31.85
CA GLU C 274 19.64 -53.37 31.13
C GLU C 274 18.35 -53.01 31.88
N GLU C 275 18.43 -52.89 33.21
CA GLU C 275 17.30 -52.44 34.03
C GLU C 275 17.01 -50.97 33.82
N GLN C 276 18.08 -50.18 33.80
CA GLN C 276 18.02 -48.80 33.37
C GLN C 276 17.45 -48.67 31.96
N SER C 277 18.09 -49.35 31.00
CA SER C 277 17.67 -49.36 29.58
C SER C 277 16.19 -49.61 29.41
N ARG C 278 15.63 -50.47 30.27
CA ARG C 278 14.22 -50.79 30.22
C ARG C 278 13.34 -49.59 30.61
N ALA C 279 13.72 -48.85 31.64
CA ALA C 279 13.00 -47.64 32.01
C ALA C 279 13.05 -46.59 30.88
N VAL C 280 14.10 -46.66 30.05
CA VAL C 280 14.24 -45.78 28.86
C VAL C 280 13.37 -46.25 27.68
N LEU C 281 13.32 -47.55 27.41
CA LEU C 281 12.37 -48.07 26.40
C LEU C 281 10.92 -47.95 26.88
N LYS C 282 10.70 -48.03 28.18
CA LYS C 282 9.34 -47.90 28.73
C LYS C 282 8.84 -46.48 28.57
N GLU C 283 9.60 -45.52 29.09
CA GLU C 283 9.18 -44.13 29.08
C GLU C 283 8.86 -43.62 27.66
N SER C 284 9.77 -43.93 26.73
CA SER C 284 9.64 -43.55 25.32
C SER C 284 8.32 -44.02 24.70
N LEU C 285 7.87 -45.21 25.10
CA LEU C 285 6.60 -45.78 24.62
C LEU C 285 5.37 -45.05 25.20
N LEU C 286 5.44 -44.65 26.47
CA LEU C 286 4.35 -43.89 27.08
C LEU C 286 4.23 -42.50 26.44
N MET C 287 5.39 -41.95 26.05
CA MET C 287 5.43 -40.71 25.27
C MET C 287 4.52 -40.85 24.04
N ALA C 288 4.88 -41.78 23.13
CA ALA C 288 4.11 -42.02 21.89
C ALA C 288 2.59 -42.12 22.13
N MET C 289 2.21 -42.87 23.16
CA MET C 289 0.79 -42.99 23.50
C MET C 289 0.19 -41.67 23.97
N CYS C 290 0.78 -41.06 24.99
CA CYS C 290 0.23 -39.82 25.55
C CYS C 290 0.26 -38.63 24.59
N ILE C 291 1.20 -38.65 23.64
CA ILE C 291 1.26 -37.63 22.58
C ILE C 291 0.05 -37.84 21.64
N ARG C 292 -0.13 -39.06 21.15
CA ARG C 292 -1.30 -39.43 20.35
C ARG C 292 -2.62 -39.06 21.02
N ASP C 293 -2.72 -39.35 22.31
CA ASP C 293 -3.96 -39.17 23.05
C ASP C 293 -4.31 -37.69 23.11
N MET C 294 -3.31 -36.84 23.33
CA MET C 294 -3.60 -35.41 23.41
C MET C 294 -3.99 -34.84 22.04
N MET C 295 -3.33 -35.33 20.98
CA MET C 295 -3.69 -34.98 19.58
C MET C 295 -5.19 -35.24 19.28
N GLN C 296 -5.58 -36.51 19.32
CA GLN C 296 -6.91 -36.94 18.88
C GLN C 296 -7.89 -37.32 19.99
N GLY C 297 -7.39 -37.50 21.22
CA GLY C 297 -8.23 -37.90 22.35
C GLY C 297 -8.13 -39.38 22.64
N ASN C 298 -8.57 -39.76 23.83
CA ASN C 298 -8.80 -41.17 24.19
C ASN C 298 -10.05 -41.22 25.08
N GLU C 299 -11.04 -42.03 24.72
CA GLU C 299 -12.26 -42.14 25.53
C GLU C 299 -12.16 -43.26 26.60
N LYS C 300 -11.08 -44.04 26.56
CA LYS C 300 -10.76 -45.05 27.60
C LYS C 300 -10.13 -44.39 28.83
N LEU C 301 -9.59 -43.19 28.65
CA LEU C 301 -9.21 -42.32 29.78
C LEU C 301 -10.38 -41.50 30.35
N ALA C 302 -11.48 -41.37 29.61
CA ALA C 302 -12.75 -40.78 30.11
C ALA C 302 -13.43 -41.76 31.04
N GLU C 303 -13.14 -43.04 30.79
CA GLU C 303 -13.62 -44.17 31.56
C GLU C 303 -12.95 -44.25 32.92
N LYS C 304 -11.64 -44.12 32.91
CA LYS C 304 -10.82 -43.99 34.13
C LYS C 304 -11.16 -42.81 35.04
N GLY C 305 -12.17 -41.99 34.71
CA GLY C 305 -12.53 -40.78 35.50
C GLY C 305 -11.80 -39.49 35.11
N LEU C 306 -10.71 -39.61 34.36
CA LEU C 306 -9.96 -38.47 33.81
C LEU C 306 -10.67 -37.95 32.55
N VAL C 307 -11.71 -37.13 32.77
CA VAL C 307 -12.74 -36.82 31.74
C VAL C 307 -12.43 -35.58 30.90
N GLU C 308 -11.68 -34.64 31.43
CA GLU C 308 -11.16 -33.54 30.61
C GLU C 308 -10.16 -34.11 29.59
N GLU C 309 -9.02 -34.60 30.07
CA GLU C 309 -7.98 -35.17 29.19
C GLU C 309 -8.46 -36.22 28.15
N SER C 310 -9.69 -36.70 28.32
CA SER C 310 -10.34 -37.53 27.30
C SER C 310 -10.44 -36.88 25.92
N LEU C 311 -10.95 -35.65 25.87
CA LEU C 311 -11.41 -35.03 24.61
C LEU C 311 -10.29 -34.89 23.56
N GLY C 312 -9.10 -34.46 24.01
CA GLY C 312 -7.96 -34.26 23.10
C GLY C 312 -8.00 -32.84 22.58
N TYR C 313 -7.12 -32.55 21.63
CA TYR C 313 -6.97 -31.17 21.11
C TYR C 313 -7.24 -31.07 19.61
N ASN C 314 -8.04 -32.01 19.10
CA ASN C 314 -8.51 -31.99 17.71
C ASN C 314 -7.44 -31.71 16.65
N ALA C 315 -6.21 -32.16 16.92
CA ALA C 315 -5.04 -31.82 16.12
C ALA C 315 -4.77 -32.84 15.04
N ILE C 316 -4.54 -32.38 13.83
CA ILE C 316 -4.18 -33.28 12.75
C ILE C 316 -2.69 -33.34 12.54
N ALA C 317 -1.96 -32.52 13.29
CA ALA C 317 -0.50 -32.62 13.36
C ALA C 317 0.07 -31.94 14.61
N ALA C 318 1.31 -32.29 14.89
CA ALA C 318 2.00 -31.74 16.04
C ALA C 318 3.51 -31.83 15.90
N GLY C 319 4.16 -31.13 16.81
CA GLY C 319 5.60 -31.20 16.98
C GLY C 319 5.91 -31.42 18.45
N PHE C 320 6.99 -32.15 18.71
CA PHE C 320 7.48 -32.34 20.07
C PHE C 320 8.82 -31.65 20.25
N GLN C 321 8.87 -30.66 21.14
CA GLN C 321 10.07 -29.82 21.30
C GLN C 321 11.35 -30.66 21.49
N GLY C 322 11.41 -31.42 22.57
CA GLY C 322 12.57 -32.28 22.82
C GLY C 322 13.71 -31.49 23.41
N GLN C 323 14.78 -31.32 22.65
CA GLN C 323 15.91 -30.54 23.14
C GLN C 323 15.53 -29.05 23.36
N ARG C 324 16.24 -28.34 24.24
CA ARG C 324 17.27 -28.91 25.14
C ARG C 324 16.65 -29.54 26.39
N HIS C 325 15.56 -28.95 26.83
CA HIS C 325 15.11 -29.10 28.21
C HIS C 325 14.55 -30.50 28.56
N TRP C 326 13.88 -31.15 27.61
CA TRP C 326 13.48 -32.54 27.78
C TRP C 326 14.70 -33.42 27.85
N THR C 327 15.47 -33.52 26.77
CA THR C 327 16.53 -34.55 26.68
C THR C 327 17.74 -34.32 27.59
N ASP C 328 17.79 -33.18 28.27
CA ASP C 328 18.81 -32.95 29.31
C ASP C 328 18.59 -33.87 30.54
N GLN C 329 17.34 -34.27 30.78
CA GLN C 329 16.96 -35.15 31.89
C GLN C 329 16.33 -36.50 31.46
N TYR C 330 15.35 -36.49 30.54
CA TYR C 330 14.57 -37.71 30.18
C TYR C 330 14.98 -38.32 28.81
N PRO C 331 14.50 -39.56 28.52
CA PRO C 331 14.75 -40.13 27.18
C PRO C 331 14.04 -39.35 26.09
N ASN C 332 14.60 -39.42 24.90
CA ASN C 332 14.12 -38.60 23.80
C ASN C 332 12.86 -39.18 23.19
N GLY C 333 12.19 -38.32 22.41
CA GLY C 333 11.01 -38.68 21.64
C GLY C 333 11.31 -39.37 20.33
N ASP C 334 12.58 -39.68 20.07
CA ASP C 334 12.99 -40.36 18.84
C ASP C 334 12.23 -41.66 18.54
N THR C 335 11.84 -42.38 19.58
CA THR C 335 11.05 -43.58 19.42
C THR C 335 9.56 -43.21 19.35
N ALA C 336 9.14 -42.22 20.13
CA ALA C 336 7.75 -41.75 20.06
C ALA C 336 7.38 -41.14 18.68
N GLU C 337 8.23 -40.25 18.18
CA GLU C 337 8.05 -39.71 16.83
C GLU C 337 8.06 -40.87 15.84
N ALA C 338 9.19 -41.57 15.74
CA ALA C 338 9.44 -42.57 14.71
C ALA C 338 8.25 -43.50 14.48
N LEU C 339 7.62 -43.92 15.57
CA LEU C 339 6.51 -44.85 15.49
C LEU C 339 5.20 -44.15 15.10
N LEU C 340 4.91 -43.02 15.73
CA LEU C 340 3.74 -42.21 15.36
C LEU C 340 3.71 -41.77 13.88
N ASN C 341 4.89 -41.56 13.32
CA ASN C 341 5.06 -41.24 11.90
C ASN C 341 5.07 -42.47 11.00
N SER C 342 5.05 -43.65 11.62
CA SER C 342 4.98 -44.91 10.89
C SER C 342 3.50 -45.26 10.64
N SER C 343 3.29 -46.17 9.70
CA SER C 343 1.96 -46.69 9.39
C SER C 343 1.62 -47.96 10.19
N PHE C 344 2.32 -48.24 11.28
CA PHE C 344 2.05 -49.43 12.07
C PHE C 344 2.69 -49.41 13.45
N ASP C 345 1.89 -49.80 14.44
CA ASP C 345 2.32 -49.96 15.83
C ASP C 345 1.88 -51.34 16.37
N TRP C 346 1.90 -51.48 17.69
CA TRP C 346 1.37 -52.65 18.38
C TRP C 346 -0.16 -52.85 18.15
N ASN C 347 -0.87 -51.78 17.81
CA ASN C 347 -2.30 -51.91 17.46
C ASN C 347 -2.53 -52.04 15.95
N GLY C 348 -1.53 -52.55 15.23
CA GLY C 348 -1.67 -52.84 13.80
C GLY C 348 -1.53 -51.62 12.89
N VAL C 349 -2.05 -51.76 11.67
CA VAL C 349 -1.85 -50.76 10.64
C VAL C 349 -2.90 -49.67 10.79
N ARG C 350 -2.47 -48.42 10.64
CA ARG C 350 -3.34 -47.24 10.83
C ARG C 350 -2.86 -46.04 9.98
N GLU C 351 -3.75 -45.04 9.81
CA GLU C 351 -3.37 -43.74 9.23
C GLU C 351 -2.17 -43.16 10.00
N PRO C 352 -1.05 -42.89 9.31
CA PRO C 352 0.10 -42.28 10.00
C PRO C 352 -0.26 -40.96 10.71
N PHE C 353 0.41 -40.72 11.82
CA PHE C 353 0.29 -39.45 12.49
C PHE C 353 1.36 -38.56 11.92
N VAL C 354 1.24 -37.28 12.24
CA VAL C 354 2.19 -36.30 11.78
C VAL C 354 2.73 -35.54 12.99
N VAL C 355 3.94 -35.94 13.39
CA VAL C 355 4.59 -35.36 14.55
C VAL C 355 6.02 -34.99 14.14
N ALA C 356 6.43 -33.79 14.53
CA ALA C 356 7.71 -33.21 14.07
C ALA C 356 8.82 -33.22 15.10
N THR C 357 9.92 -33.89 14.75
CA THR C 357 11.21 -33.72 15.42
C THR C 357 11.47 -32.21 15.70
N GLU C 358 12.02 -31.93 16.88
CA GLU C 358 12.30 -30.54 17.35
C GLU C 358 11.19 -29.48 17.21
N ASN C 359 9.93 -29.91 17.17
CA ASN C 359 8.78 -28.99 17.08
C ASN C 359 8.77 -28.13 15.82
N ASP C 360 9.42 -28.61 14.76
CA ASP C 360 9.53 -27.85 13.51
C ASP C 360 8.14 -27.67 12.90
N SER C 361 7.49 -26.58 13.28
CA SER C 361 6.14 -26.29 12.83
C SER C 361 6.03 -26.28 11.34
N LEU C 362 7.07 -25.78 10.68
CA LEU C 362 7.04 -25.68 9.24
C LEU C 362 7.34 -27.00 8.53
N ASN C 363 8.09 -27.93 9.12
CA ASN C 363 8.15 -29.27 8.54
C ASN C 363 6.79 -29.88 8.75
N GLY C 364 6.17 -29.57 9.88
CA GLY C 364 4.83 -30.08 10.20
C GLY C 364 3.82 -29.84 9.08
N VAL C 365 3.81 -28.61 8.59
CA VAL C 365 2.91 -28.22 7.52
C VAL C 365 3.27 -28.98 6.23
N ALA C 366 4.57 -29.14 5.96
CA ALA C 366 5.01 -29.86 4.77
C ALA C 366 4.70 -31.35 4.89
N MET C 367 4.93 -31.89 6.07
CA MET C 367 4.57 -33.27 6.36
C MET C 367 3.04 -33.45 6.24
N LEU C 368 2.29 -32.46 6.75
CA LEU C 368 0.84 -32.53 6.75
C LEU C 368 0.35 -32.52 5.33
N MET C 369 0.89 -31.62 4.53
CA MET C 369 0.48 -31.48 3.14
C MET C 369 0.75 -32.79 2.40
N GLY C 370 2.03 -33.18 2.36
CA GLY C 370 2.48 -34.43 1.70
C GLY C 370 1.66 -35.65 2.05
N HIS C 371 1.26 -35.76 3.31
CA HIS C 371 0.42 -36.87 3.75
C HIS C 371 -0.95 -36.79 3.11
N GLN C 372 -1.66 -35.68 3.31
CA GLN C 372 -3.02 -35.52 2.78
C GLN C 372 -3.10 -35.71 1.25
N LEU C 373 -1.98 -35.53 0.58
CA LEU C 373 -1.94 -35.69 -0.85
C LEU C 373 -1.76 -37.14 -1.24
N THR C 374 -0.99 -37.88 -0.47
CA THR C 374 -0.74 -39.30 -0.80
C THR C 374 -1.56 -40.26 0.05
N GLY C 375 -1.62 -39.99 1.35
CA GLY C 375 -2.18 -40.93 2.33
C GLY C 375 -1.08 -41.77 2.95
N THR C 376 0.16 -41.58 2.46
CA THR C 376 1.36 -42.27 2.95
C THR C 376 1.98 -41.62 4.19
N ALA C 377 3.00 -42.29 4.73
CA ALA C 377 3.73 -41.79 5.89
C ALA C 377 4.86 -40.91 5.44
N GLN C 378 5.10 -39.86 6.21
CA GLN C 378 5.97 -38.76 5.80
C GLN C 378 7.27 -38.68 6.61
N VAL C 379 8.38 -38.65 5.87
CA VAL C 379 9.76 -38.78 6.43
C VAL C 379 10.47 -37.47 6.77
N PHE C 380 10.55 -37.21 8.07
CA PHE C 380 11.35 -36.13 8.62
C PHE C 380 12.85 -36.39 8.40
N ALA C 381 13.58 -35.35 7.95
CA ALA C 381 15.02 -35.44 7.59
C ALA C 381 15.83 -34.15 7.79
N ASP C 382 16.75 -34.19 8.74
CA ASP C 382 17.85 -33.23 8.79
C ASP C 382 18.61 -33.27 7.47
N VAL C 383 18.80 -32.09 6.90
CA VAL C 383 19.52 -31.95 5.63
C VAL C 383 20.98 -31.70 6.03
N ARG C 384 21.80 -32.75 5.98
CA ARG C 384 23.08 -32.74 6.73
C ARG C 384 24.32 -32.44 5.91
N THR C 385 24.51 -33.18 4.82
CA THR C 385 25.75 -33.09 4.07
C THR C 385 25.54 -33.14 2.57
N TYR C 386 26.31 -32.34 1.84
CA TYR C 386 26.40 -32.48 0.40
C TYR C 386 27.75 -33.07 0.03
N TRP C 387 27.68 -34.21 -0.64
CA TRP C 387 28.88 -34.94 -1.00
C TRP C 387 29.27 -34.72 -2.46
N SER C 388 30.24 -33.87 -2.67
CA SER C 388 30.84 -33.68 -3.97
C SER C 388 31.39 -35.02 -4.52
N PRO C 389 31.41 -35.18 -5.85
CA PRO C 389 32.11 -36.35 -6.36
C PRO C 389 33.58 -36.32 -5.95
N ASP C 390 34.22 -35.17 -6.10
CA ASP C 390 35.65 -35.02 -5.77
C ASP C 390 35.91 -35.38 -4.29
N ALA C 391 34.96 -35.03 -3.42
CA ALA C 391 35.04 -35.29 -1.98
C ALA C 391 35.00 -36.77 -1.65
N VAL C 392 34.09 -37.48 -2.31
CA VAL C 392 33.94 -38.91 -2.07
C VAL C 392 35.19 -39.64 -2.59
N GLU C 393 35.56 -39.34 -3.83
CA GLU C 393 36.75 -39.95 -4.46
C GLU C 393 38.01 -39.78 -3.63
N ARG C 394 38.06 -38.68 -2.90
CA ARG C 394 39.19 -38.37 -2.05
C ARG C 394 39.21 -39.19 -0.74
N VAL C 395 38.03 -39.56 -0.21
CA VAL C 395 37.97 -40.29 1.08
C VAL C 395 37.74 -41.80 0.93
N THR C 396 37.08 -42.20 -0.15
CA THR C 396 36.78 -43.63 -0.39
C THR C 396 37.57 -44.25 -1.54
N GLY C 397 38.24 -43.42 -2.34
CA GLY C 397 38.82 -43.90 -3.58
C GLY C 397 37.76 -44.10 -4.65
N GLN C 398 36.64 -44.71 -4.27
CA GLN C 398 35.57 -44.98 -5.24
C GLN C 398 34.99 -43.68 -5.75
N PRO C 399 34.80 -43.56 -7.07
CA PRO C 399 33.92 -42.47 -7.54
C PRO C 399 32.45 -42.71 -7.19
N LEU C 400 31.66 -41.65 -7.25
CA LEU C 400 30.20 -41.77 -7.33
C LEU C 400 29.83 -42.26 -8.72
N THR C 401 28.77 -43.07 -8.79
CA THR C 401 28.37 -43.70 -10.05
C THR C 401 26.85 -43.93 -10.17
N GLY C 402 26.35 -43.91 -11.40
CA GLY C 402 24.95 -44.19 -11.71
C GLY C 402 24.02 -43.02 -11.47
N LEU C 403 23.03 -43.20 -10.59
CA LEU C 403 22.17 -42.08 -10.18
C LEU C 403 22.85 -41.08 -9.26
N ALA C 404 23.95 -41.47 -8.61
CA ALA C 404 24.73 -40.57 -7.75
C ALA C 404 25.74 -39.72 -8.53
N GLU C 405 25.97 -40.10 -9.78
CA GLU C 405 27.01 -39.51 -10.66
C GLU C 405 27.46 -38.13 -10.17
N HIS C 406 26.60 -37.13 -10.33
CA HIS C 406 26.97 -35.74 -10.17
C HIS C 406 27.09 -35.36 -8.70
N GLY C 407 26.27 -35.94 -7.84
CA GLY C 407 26.38 -35.62 -6.43
C GLY C 407 25.36 -36.39 -5.65
N ILE C 408 25.37 -36.22 -4.34
CA ILE C 408 24.39 -36.86 -3.46
C ILE C 408 24.20 -36.05 -2.19
N ILE C 409 22.98 -36.07 -1.67
CA ILE C 409 22.67 -35.34 -0.44
C ILE C 409 22.16 -36.30 0.64
N HIS C 410 22.94 -36.40 1.71
CA HIS C 410 22.68 -37.32 2.80
C HIS C 410 21.64 -36.70 3.72
N LEU C 411 20.43 -37.24 3.70
CA LEU C 411 19.41 -36.78 4.65
C LEU C 411 19.25 -37.83 5.71
N ILE C 412 19.30 -37.38 6.96
CA ILE C 412 19.54 -38.25 8.08
C ILE C 412 19.01 -37.60 9.34
N ASN C 413 17.84 -38.02 9.80
CA ASN C 413 17.22 -37.35 10.92
C ASN C 413 17.85 -37.80 12.22
N SER C 414 17.80 -36.89 13.20
CA SER C 414 18.39 -37.10 14.52
C SER C 414 17.52 -38.03 15.34
N GLY C 415 17.77 -39.32 15.17
CA GLY C 415 17.01 -40.38 15.85
C GLY C 415 15.82 -40.93 15.08
N SER C 416 14.67 -40.24 15.21
CA SER C 416 13.41 -40.69 14.61
C SER C 416 13.32 -40.51 13.08
N ALA C 417 12.63 -41.46 12.47
CA ALA C 417 12.31 -41.43 11.05
C ALA C 417 11.32 -42.56 10.83
N ALA C 418 10.11 -42.22 10.39
CA ALA C 418 9.07 -43.22 10.15
C ALA C 418 9.71 -44.53 9.72
N LEU C 419 9.12 -45.63 10.20
CA LEU C 419 9.62 -46.96 9.84
C LEU C 419 9.32 -47.31 8.39
N ASP C 420 8.24 -46.74 7.84
CA ASP C 420 7.89 -46.93 6.42
C ASP C 420 9.00 -46.50 5.48
N GLY C 421 9.79 -45.51 5.91
CA GLY C 421 10.93 -45.01 5.14
C GLY C 421 11.97 -46.05 4.74
N SER C 422 11.97 -47.17 5.46
CA SER C 422 12.80 -48.32 5.11
C SER C 422 12.80 -48.65 3.61
N CYS C 423 11.61 -48.59 3.02
CA CYS C 423 11.37 -49.02 1.64
C CYS C 423 11.58 -50.53 1.50
N GLN C 424 11.30 -51.27 2.57
CA GLN C 424 11.31 -52.73 2.51
C GLN C 424 9.98 -53.23 1.93
N GLN C 425 8.93 -52.39 1.96
CA GLN C 425 7.65 -52.74 1.32
C GLN C 425 7.76 -52.77 -0.19
N ARG C 426 6.87 -53.53 -0.83
CA ARG C 426 6.87 -53.70 -2.29
C ARG C 426 5.52 -53.32 -2.88
N ASP C 427 5.48 -53.23 -4.20
CA ASP C 427 4.25 -52.90 -4.94
C ASP C 427 3.83 -54.09 -5.80
N GLU C 428 2.93 -53.83 -6.76
CA GLU C 428 2.56 -54.81 -7.79
C GLU C 428 3.77 -55.46 -8.49
N GLU C 429 4.81 -54.68 -8.79
CA GLU C 429 5.96 -55.21 -9.52
C GLU C 429 7.10 -55.66 -8.60
N GLY C 430 6.91 -55.54 -7.29
CA GLY C 430 7.96 -55.95 -6.34
C GLY C 430 9.13 -54.98 -6.24
N LYS C 431 8.84 -53.71 -6.49
CA LYS C 431 9.81 -52.64 -6.40
C LYS C 431 9.78 -52.02 -5.00
N PRO C 432 10.93 -51.53 -4.51
CA PRO C 432 10.88 -50.84 -3.23
C PRO C 432 10.01 -49.60 -3.34
N THR C 433 9.15 -49.41 -2.33
CA THR C 433 8.24 -48.28 -2.33
C THR C 433 7.70 -48.02 -0.93
N MET C 434 6.70 -47.15 -0.84
CA MET C 434 5.93 -46.91 0.39
C MET C 434 4.47 -46.79 -0.03
N LYS C 435 3.56 -47.02 0.92
CA LYS C 435 2.15 -47.23 0.57
C LYS C 435 1.15 -46.58 1.52
N PRO C 436 -0.02 -46.20 0.98
CA PRO C 436 -1.09 -45.70 1.85
C PRO C 436 -1.40 -46.71 2.94
N HIS C 437 -2.01 -46.27 4.02
CA HIS C 437 -2.21 -47.18 5.15
C HIS C 437 -3.16 -48.35 4.83
N TRP C 438 -4.16 -48.10 3.99
CA TRP C 438 -5.14 -49.16 3.58
C TRP C 438 -4.54 -50.19 2.59
N GLU C 439 -3.26 -50.08 2.23
CA GLU C 439 -2.64 -51.02 1.31
C GLU C 439 -1.41 -51.68 1.89
N ILE C 440 -1.32 -51.72 3.21
CA ILE C 440 -0.15 -52.31 3.89
C ILE C 440 -0.53 -53.59 4.65
N SER C 441 0.07 -54.69 4.21
CA SER C 441 -0.12 -55.98 4.89
C SER C 441 0.77 -55.97 6.13
N GLN C 442 0.29 -56.57 7.20
CA GLN C 442 1.11 -56.75 8.41
C GLN C 442 2.37 -57.56 8.07
N LYS C 443 2.29 -58.47 7.09
CA LYS C 443 3.47 -59.20 6.58
C LYS C 443 4.60 -58.23 6.19
N GLU C 444 4.21 -57.19 5.46
CA GLU C 444 5.14 -56.13 5.05
C GLU C 444 5.51 -55.23 6.23
N ALA C 445 4.51 -54.74 6.96
CA ALA C 445 4.75 -53.86 8.11
C ALA C 445 5.92 -54.36 8.97
N ASP C 446 5.86 -55.63 9.34
CA ASP C 446 6.82 -56.21 10.27
C ASP C 446 8.16 -56.48 9.60
N ALA C 447 8.17 -56.64 8.28
CA ALA C 447 9.43 -56.85 7.52
C ALA C 447 10.30 -55.57 7.47
N CYS C 448 9.67 -54.41 7.65
CA CYS C 448 10.38 -53.13 7.81
C CYS C 448 11.01 -53.01 9.21
N LEU C 449 10.27 -53.43 10.24
CA LEU C 449 10.79 -53.52 11.62
C LEU C 449 12.04 -54.38 11.74
N ALA C 450 12.12 -55.40 10.90
CA ALA C 450 13.29 -56.29 10.81
C ALA C 450 14.55 -55.61 10.27
N ALA C 451 14.39 -54.76 9.26
CA ALA C 451 15.48 -53.92 8.77
C ALA C 451 15.83 -52.77 9.75
N THR C 452 14.86 -52.36 10.59
CA THR C 452 15.10 -51.38 11.65
C THR C 452 15.89 -51.96 12.86
N GLU C 453 17.16 -51.54 12.94
CA GLU C 453 18.02 -51.73 14.14
C GLU C 453 17.86 -50.52 15.07
N TRP C 454 17.68 -50.78 16.36
CA TRP C 454 17.41 -49.74 17.38
C TRP C 454 18.63 -49.52 18.22
N CYS C 455 19.20 -48.32 18.18
CA CYS C 455 20.49 -48.08 18.81
C CYS C 455 20.35 -47.18 20.00
N PRO C 456 21.18 -47.40 21.03
CA PRO C 456 21.08 -46.55 22.20
C PRO C 456 21.58 -45.14 21.89
N ALA C 457 20.82 -44.16 22.31
CA ALA C 457 21.15 -42.76 22.11
C ALA C 457 22.48 -42.45 22.72
N ILE C 458 23.06 -41.34 22.29
CA ILE C 458 24.34 -40.88 22.80
C ILE C 458 24.01 -40.09 24.08
N HIS C 459 24.84 -40.22 25.12
CA HIS C 459 24.51 -39.64 26.46
C HIS C 459 24.88 -38.17 26.55
N GLU C 460 25.91 -37.79 25.81
CA GLU C 460 26.42 -36.44 25.89
C GLU C 460 25.33 -35.42 25.46
N TYR C 461 24.79 -35.61 24.25
CA TYR C 461 23.70 -34.77 23.69
C TYR C 461 22.30 -35.12 24.21
N PHE C 462 22.07 -36.40 24.47
CA PHE C 462 20.84 -36.90 25.05
C PHE C 462 21.20 -37.52 26.38
N ARG C 463 21.16 -36.71 27.43
CA ARG C 463 21.50 -37.14 28.80
C ARG C 463 20.50 -38.09 29.46
N GLY C 464 19.28 -38.17 28.92
CA GLY C 464 18.29 -39.20 29.29
C GLY C 464 18.21 -40.43 28.38
N GLY C 465 19.17 -40.57 27.47
CA GLY C 465 19.26 -41.73 26.58
C GLY C 465 18.25 -41.67 25.46
N GLY C 466 17.98 -42.83 24.87
CA GLY C 466 16.92 -42.98 23.89
C GLY C 466 17.28 -44.03 22.86
N TYR C 467 16.35 -44.30 21.94
CA TYR C 467 16.61 -45.27 20.89
C TYR C 467 16.26 -44.69 19.53
N SER C 468 17.25 -44.73 18.65
CA SER C 468 17.16 -44.17 17.31
C SER C 468 16.81 -45.28 16.33
N SER C 469 15.91 -44.95 15.42
CA SER C 469 15.40 -45.91 14.45
C SER C 469 16.39 -46.05 13.32
N ARG C 470 17.43 -46.86 13.49
CA ARG C 470 18.39 -46.99 12.39
C ARG C 470 17.98 -47.99 11.30
N PHE C 471 17.77 -47.44 10.09
CA PHE C 471 17.74 -48.24 8.87
C PHE C 471 18.42 -47.45 7.77
N LEU C 472 18.35 -47.95 6.55
CA LEU C 472 18.86 -47.22 5.41
C LEU C 472 17.92 -47.41 4.25
N THR C 473 17.37 -46.31 3.72
CA THR C 473 16.36 -46.41 2.66
C THR C 473 16.95 -47.01 1.39
N GLU C 474 16.13 -47.81 0.68
CA GLU C 474 16.59 -48.49 -0.53
C GLU C 474 16.79 -47.56 -1.71
N GLY C 475 17.68 -47.94 -2.63
CA GLY C 475 18.03 -47.13 -3.79
C GLY C 475 17.16 -47.39 -5.01
N GLY C 476 17.08 -46.40 -5.90
CA GLY C 476 16.21 -46.44 -7.08
C GLY C 476 14.76 -46.00 -6.87
N VAL C 477 14.45 -45.52 -5.66
CA VAL C 477 13.10 -45.16 -5.31
C VAL C 477 12.87 -43.68 -5.60
N PRO C 478 11.76 -43.34 -6.29
CA PRO C 478 11.52 -41.94 -6.61
C PRO C 478 10.95 -41.20 -5.42
N PHE C 479 11.48 -40.00 -5.17
CA PHE C 479 11.12 -39.22 -3.98
C PHE C 479 10.97 -37.73 -4.26
N THR C 480 10.19 -37.09 -3.38
CA THR C 480 10.01 -35.66 -3.42
C THR C 480 10.28 -35.09 -2.04
N MET C 481 11.17 -34.14 -2.01
CA MET C 481 11.50 -33.44 -0.79
C MET C 481 10.85 -32.06 -0.84
N THR C 482 10.18 -31.67 0.26
CA THR C 482 9.59 -30.35 0.36
C THR C 482 10.02 -29.67 1.62
N ARG C 483 9.62 -28.42 1.73
CA ARG C 483 9.85 -27.63 2.92
C ARG C 483 9.04 -26.35 2.78
N VAL C 484 8.47 -25.89 3.89
CA VAL C 484 7.80 -24.60 3.92
C VAL C 484 8.51 -23.69 4.91
N ASN C 485 8.76 -22.46 4.46
CA ASN C 485 9.44 -21.44 5.26
C ASN C 485 8.57 -20.21 5.38
N LEU C 486 8.81 -19.40 6.41
CA LEU C 486 8.18 -18.08 6.52
C LEU C 486 9.23 -17.01 6.30
N ILE C 487 8.88 -16.09 5.40
CA ILE C 487 9.72 -14.98 5.00
C ILE C 487 9.10 -13.65 5.41
N LYS C 488 9.80 -12.87 6.23
CA LYS C 488 9.23 -11.64 6.73
C LYS C 488 8.97 -10.66 5.59
N GLY C 489 7.73 -10.17 5.55
CA GLY C 489 7.27 -9.28 4.50
C GLY C 489 7.30 -9.87 3.09
N LEU C 490 7.16 -11.19 2.99
CA LEU C 490 6.87 -11.88 1.71
C LEU C 490 5.85 -12.95 1.88
N GLY C 491 5.82 -13.58 3.04
CA GLY C 491 4.77 -14.54 3.40
C GLY C 491 5.41 -15.90 3.59
N PRO C 492 4.61 -16.97 3.52
CA PRO C 492 5.12 -18.32 3.30
C PRO C 492 5.61 -18.58 1.86
N VAL C 493 6.62 -19.44 1.75
CA VAL C 493 7.04 -20.00 0.45
C VAL C 493 7.11 -21.50 0.57
N LEU C 494 6.98 -22.20 -0.54
CA LEU C 494 7.12 -23.65 -0.60
C LEU C 494 8.30 -24.01 -1.45
N GLN C 495 9.12 -24.96 -0.99
CA GLN C 495 10.20 -25.51 -1.82
C GLN C 495 9.91 -26.95 -2.16
N ILE C 496 10.43 -27.41 -3.29
CA ILE C 496 10.16 -28.74 -3.79
C ILE C 496 11.36 -29.23 -4.58
N ALA C 497 11.84 -30.43 -4.29
CA ALA C 497 12.87 -31.04 -5.13
C ALA C 497 12.56 -32.51 -5.40
N GLU C 498 12.17 -32.82 -6.63
CA GLU C 498 11.94 -34.21 -7.00
C GLU C 498 13.28 -34.89 -7.32
N GLY C 499 13.49 -36.07 -6.75
CA GLY C 499 14.69 -36.88 -6.99
C GLY C 499 14.47 -38.37 -6.82
N TRP C 500 15.58 -39.09 -6.60
CA TRP C 500 15.56 -40.52 -6.31
C TRP C 500 16.47 -40.85 -5.14
N SER C 501 16.10 -41.87 -4.38
CA SER C 501 16.98 -42.41 -3.35
C SER C 501 18.04 -43.28 -4.03
N VAL C 502 19.27 -43.25 -3.52
CA VAL C 502 20.37 -44.04 -4.10
C VAL C 502 20.92 -44.96 -3.03
N GLU C 503 21.39 -46.13 -3.44
CA GLU C 503 22.09 -47.00 -2.54
C GLU C 503 23.51 -47.10 -3.05
N LEU C 504 24.43 -47.06 -2.11
CA LEU C 504 25.86 -47.00 -2.42
C LEU C 504 26.49 -48.36 -2.06
N PRO C 505 27.66 -48.70 -2.68
CA PRO C 505 28.43 -49.90 -2.35
C PRO C 505 28.74 -50.03 -0.87
N LYS C 506 29.01 -51.24 -0.40
CA LYS C 506 29.23 -51.47 1.02
C LYS C 506 30.45 -50.68 1.51
N ALA C 507 31.55 -50.78 0.76
CA ALA C 507 32.75 -49.98 1.03
C ALA C 507 32.42 -48.48 1.16
N MET C 508 31.67 -47.96 0.17
CA MET C 508 31.32 -46.53 0.09
C MET C 508 30.41 -46.05 1.19
N HIS C 509 29.26 -46.68 1.31
CA HIS C 509 28.29 -46.28 2.32
C HIS C 509 28.89 -46.22 3.71
N ASP C 510 29.80 -47.16 4.00
CA ASP C 510 30.24 -47.37 5.38
C ASP C 510 31.16 -46.26 5.88
N GLN C 511 32.15 -45.91 5.05
CA GLN C 511 33.06 -44.84 5.40
C GLN C 511 32.32 -43.51 5.63
N LEU C 512 31.30 -43.24 4.81
CA LEU C 512 30.53 -41.97 4.85
C LEU C 512 29.51 -41.96 5.98
N ASP C 513 28.90 -43.10 6.25
CA ASP C 513 28.04 -43.21 7.41
C ASP C 513 28.87 -43.08 8.68
N ALA C 514 30.07 -43.68 8.67
CA ALA C 514 30.93 -43.74 9.88
C ALA C 514 31.30 -42.36 10.39
N ARG C 515 31.65 -41.48 9.45
CA ARG C 515 31.95 -40.09 9.74
C ARG C 515 30.80 -39.41 10.45
N THR C 516 29.61 -39.50 9.86
CA THR C 516 28.46 -38.74 10.31
C THR C 516 27.88 -39.28 11.65
N ASN C 517 26.60 -39.63 11.70
CA ASN C 517 26.04 -40.38 12.83
C ASN C 517 25.63 -41.75 12.32
N SER C 518 26.24 -42.78 12.89
CA SER C 518 26.04 -44.13 12.41
C SER C 518 24.94 -44.84 13.17
N THR C 519 24.34 -44.16 14.15
CA THR C 519 23.17 -44.70 14.87
C THR C 519 21.81 -44.15 14.38
N TRP C 520 21.84 -43.39 13.28
CA TRP C 520 20.67 -42.63 12.80
C TRP C 520 20.18 -43.13 11.42
N PRO C 521 18.87 -42.93 11.10
CA PRO C 521 18.30 -43.37 9.80
C PRO C 521 18.89 -42.61 8.61
N THR C 522 19.27 -43.32 7.57
CA THR C 522 20.01 -42.71 6.48
C THR C 522 19.25 -42.88 5.17
N THR C 523 19.28 -41.84 4.34
CA THR C 523 18.79 -41.90 2.96
C THR C 523 19.71 -41.11 2.05
N TRP C 524 20.24 -41.76 1.03
CA TRP C 524 21.08 -41.08 0.03
C TRP C 524 20.21 -40.60 -1.10
N PHE C 525 20.22 -39.27 -1.32
CA PHE C 525 19.25 -38.58 -2.21
C PHE C 525 19.92 -37.88 -3.38
N ALA C 526 19.55 -38.25 -4.60
CA ALA C 526 19.97 -37.53 -5.82
C ALA C 526 18.77 -36.70 -6.32
N PRO C 527 18.94 -35.37 -6.53
CA PRO C 527 17.85 -34.58 -7.07
C PRO C 527 17.98 -34.51 -8.58
N ARG C 528 16.84 -34.47 -9.27
CA ARG C 528 16.83 -34.28 -10.72
C ARG C 528 17.30 -32.85 -11.00
N LEU C 529 18.31 -32.75 -11.86
CA LEU C 529 18.86 -31.47 -12.22
C LEU C 529 18.29 -31.03 -13.55
N THR C 530 18.00 -29.73 -13.64
CA THR C 530 17.44 -29.11 -14.86
C THR C 530 18.51 -28.31 -15.58
N GLY C 531 19.71 -28.28 -15.01
CA GLY C 531 20.76 -27.44 -15.52
C GLY C 531 20.42 -25.98 -15.51
N LYS C 532 19.53 -25.55 -14.63
CA LYS C 532 19.20 -24.13 -14.51
C LYS C 532 18.97 -23.82 -13.05
N GLY C 533 19.21 -22.56 -12.67
CA GLY C 533 18.79 -22.08 -11.38
C GLY C 533 19.36 -22.94 -10.28
N PRO C 534 18.59 -23.18 -9.22
CA PRO C 534 19.10 -23.98 -8.12
C PRO C 534 19.39 -25.44 -8.52
N PHE C 535 18.70 -25.94 -9.54
CA PHE C 535 18.99 -27.26 -10.05
C PHE C 535 20.02 -27.22 -11.19
N ALA C 536 20.97 -26.30 -11.10
CA ALA C 536 22.08 -26.28 -12.05
C ALA C 536 22.98 -27.45 -11.76
N ASP C 537 23.10 -27.76 -10.47
CA ASP C 537 23.88 -28.88 -10.02
C ASP C 537 23.30 -29.32 -8.68
N VAL C 538 23.87 -30.39 -8.12
CA VAL C 538 23.44 -30.97 -6.82
C VAL C 538 23.75 -30.00 -5.67
N TYR C 539 24.98 -29.49 -5.65
CA TYR C 539 25.37 -28.40 -4.76
C TYR C 539 24.27 -27.34 -4.55
N SER C 540 23.90 -26.67 -5.63
CA SER C 540 22.99 -25.52 -5.59
C SER C 540 21.64 -25.87 -5.01
N VAL C 541 21.19 -27.10 -5.23
CA VAL C 541 19.91 -27.56 -4.66
C VAL C 541 19.99 -27.45 -3.16
N MET C 542 21.11 -27.92 -2.62
CA MET C 542 21.31 -27.84 -1.19
C MET C 542 21.46 -26.39 -0.78
N ALA C 543 22.46 -25.72 -1.36
CA ALA C 543 22.74 -24.33 -1.07
C ALA C 543 21.47 -23.48 -1.02
N ASN C 544 20.59 -23.65 -1.99
CA ASN C 544 19.36 -22.82 -2.06
C ASN C 544 18.21 -23.26 -1.16
N TRP C 545 18.40 -24.35 -0.41
CA TRP C 545 17.37 -24.87 0.50
C TRP C 545 17.21 -23.98 1.73
N GLY C 546 15.98 -23.74 2.11
CA GLY C 546 15.68 -22.67 3.04
C GLY C 546 15.76 -22.98 4.52
N ALA C 547 16.04 -24.23 4.83
CA ALA C 547 16.08 -24.65 6.23
C ALA C 547 17.12 -25.77 6.42
N ASN C 548 17.24 -26.20 7.67
CA ASN C 548 18.06 -27.38 8.00
C ASN C 548 17.29 -28.67 7.80
N HIS C 549 15.96 -28.58 7.70
CA HIS C 549 15.11 -29.76 7.67
C HIS C 549 14.42 -29.94 6.34
N GLY C 550 13.84 -31.11 6.16
CA GLY C 550 13.09 -31.42 4.97
C GLY C 550 11.96 -32.40 5.25
N VAL C 551 11.25 -32.76 4.19
CA VAL C 551 10.28 -33.84 4.20
C VAL C 551 10.38 -34.63 2.90
N LEU C 552 10.63 -35.94 3.00
CA LEU C 552 10.52 -36.83 1.86
C LEU C 552 9.11 -37.38 1.72
N THR C 553 8.62 -37.43 0.50
CA THR C 553 7.32 -38.01 0.23
C THR C 553 7.46 -38.92 -0.95
N ILE C 554 6.92 -40.12 -0.79
CA ILE C 554 7.10 -41.15 -1.78
C ILE C 554 6.55 -40.75 -3.17
N GLY C 555 7.39 -40.96 -4.18
CA GLY C 555 7.01 -40.72 -5.56
C GLY C 555 7.54 -39.39 -6.04
N HIS C 556 7.09 -39.00 -7.23
CA HIS C 556 7.29 -37.66 -7.75
C HIS C 556 5.95 -36.88 -7.68
N VAL C 557 5.76 -36.11 -6.62
CA VAL C 557 4.47 -35.45 -6.31
C VAL C 557 4.51 -33.90 -6.35
N GLY C 558 5.58 -33.34 -6.92
CA GLY C 558 5.70 -31.89 -7.02
C GLY C 558 4.49 -31.26 -7.68
N ALA C 559 4.06 -31.80 -8.81
CA ALA C 559 2.87 -31.29 -9.50
C ALA C 559 1.68 -31.09 -8.56
N ASP C 560 1.50 -32.07 -7.67
CA ASP C 560 0.38 -32.08 -6.72
C ASP C 560 0.56 -30.98 -5.70
N PHE C 561 1.82 -30.76 -5.31
CA PHE C 561 2.17 -29.76 -4.31
C PHE C 561 1.95 -28.37 -4.87
N ILE C 562 2.49 -28.16 -6.05
CA ILE C 562 2.30 -26.93 -6.81
C ILE C 562 0.81 -26.54 -6.79
N THR C 563 -0.02 -27.50 -7.15
CA THR C 563 -1.44 -27.27 -7.29
C THR C 563 -2.10 -26.96 -5.94
N LEU C 564 -1.65 -27.64 -4.89
CA LEU C 564 -2.07 -27.32 -3.53
C LEU C 564 -1.57 -25.94 -3.13
N ALA C 565 -0.34 -25.62 -3.54
CA ALA C 565 0.25 -24.33 -3.24
C ALA C 565 -0.55 -23.18 -3.87
N ALA C 566 -1.00 -23.36 -5.09
CA ALA C 566 -1.82 -22.32 -5.72
C ALA C 566 -3.11 -22.12 -4.95
N MET C 567 -3.71 -23.22 -4.52
CA MET C 567 -4.97 -23.13 -3.80
C MET C 567 -4.83 -22.43 -2.45
N LEU C 568 -3.67 -22.60 -1.82
CA LEU C 568 -3.43 -22.01 -0.49
C LEU C 568 -2.79 -20.62 -0.62
N ARG C 569 -2.50 -20.26 -1.89
CA ARG C 569 -1.85 -19.01 -2.26
C ARG C 569 -0.52 -18.87 -1.57
N ILE C 570 0.30 -19.91 -1.69
CA ILE C 570 1.67 -19.93 -1.17
C ILE C 570 2.64 -20.10 -2.34
N PRO C 571 3.41 -19.04 -2.66
CA PRO C 571 4.30 -19.13 -3.82
C PRO C 571 5.40 -20.19 -3.75
N VAL C 572 5.61 -20.87 -4.85
CA VAL C 572 6.64 -21.86 -4.92
C VAL C 572 7.90 -21.15 -5.35
N CYS C 573 8.92 -21.14 -4.47
CA CYS C 573 10.20 -20.49 -4.80
C CYS C 573 11.29 -21.40 -5.39
N MET C 574 11.00 -22.69 -5.54
CA MET C 574 12.00 -23.66 -5.98
C MET C 574 11.33 -24.98 -6.30
N HIS C 575 11.47 -25.44 -7.53
CA HIS C 575 10.99 -26.74 -7.91
C HIS C 575 11.66 -27.16 -9.20
N ASN C 576 11.73 -28.46 -9.41
CA ASN C 576 12.24 -29.04 -10.67
C ASN C 576 11.13 -29.72 -11.49
N VAL C 577 9.87 -29.47 -11.13
CA VAL C 577 8.74 -30.05 -11.84
C VAL C 577 8.74 -29.53 -13.27
N GLU C 578 8.64 -30.43 -14.25
CA GLU C 578 8.49 -30.04 -15.65
C GLU C 578 7.40 -29.00 -15.85
N GLU C 579 7.66 -28.06 -16.75
CA GLU C 579 6.80 -26.86 -16.94
C GLU C 579 5.37 -27.21 -17.30
N GLY C 580 5.19 -28.18 -18.20
CA GLY C 580 3.88 -28.63 -18.60
C GLY C 580 3.02 -29.28 -17.53
N LYS C 581 3.60 -29.68 -16.42
CA LYS C 581 2.85 -30.36 -15.35
C LYS C 581 2.33 -29.39 -14.28
N ILE C 582 2.53 -28.09 -14.49
CA ILE C 582 2.08 -27.09 -13.54
C ILE C 582 0.59 -26.87 -13.72
N TYR C 583 -0.17 -26.99 -12.66
CA TYR C 583 -1.60 -26.90 -12.78
C TYR C 583 -2.10 -25.96 -11.71
N ARG C 584 -2.56 -24.78 -12.14
CA ARG C 584 -3.08 -23.76 -11.25
C ARG C 584 -4.36 -23.17 -11.81
N PRO C 585 -5.11 -22.40 -10.98
CA PRO C 585 -6.28 -21.73 -11.52
C PRO C 585 -5.92 -20.87 -12.71
N SER C 586 -6.89 -20.68 -13.62
CA SER C 586 -6.65 -19.94 -14.87
C SER C 586 -6.30 -18.48 -14.65
N SER C 587 -6.53 -17.94 -13.46
CA SER C 587 -6.20 -16.54 -13.20
C SER C 587 -4.72 -16.26 -13.10
N TRP C 588 -3.94 -17.29 -12.80
CA TRP C 588 -2.49 -17.16 -12.78
C TRP C 588 -2.01 -16.75 -14.16
N ALA C 589 -2.62 -17.34 -15.19
CA ALA C 589 -2.24 -17.06 -16.60
C ALA C 589 -2.33 -15.56 -16.97
N ALA C 590 -3.37 -14.88 -16.52
CA ALA C 590 -3.44 -13.42 -16.66
C ALA C 590 -2.28 -12.66 -16.01
N HIS C 591 -1.79 -13.16 -14.89
CA HIS C 591 -0.70 -12.53 -14.20
C HIS C 591 0.62 -12.73 -14.85
N GLY C 592 0.69 -13.54 -15.90
CA GLY C 592 1.88 -13.60 -16.77
C GLY C 592 2.20 -14.95 -17.38
N MET C 593 2.87 -14.95 -18.52
CA MET C 593 3.38 -16.17 -19.16
C MET C 593 4.43 -16.94 -18.40
N ASP C 594 5.27 -16.27 -17.63
CA ASP C 594 6.31 -16.95 -16.89
C ASP C 594 5.72 -17.74 -15.73
N THR C 595 6.10 -19.02 -15.63
CA THR C 595 5.60 -19.93 -14.58
C THR C 595 5.75 -19.32 -13.17
N GLU C 596 6.92 -18.74 -12.93
CA GLU C 596 7.25 -18.18 -11.61
C GLU C 596 6.71 -16.75 -11.34
N GLY C 597 6.92 -15.85 -12.31
CA GLY C 597 6.44 -14.48 -12.17
C GLY C 597 4.92 -14.40 -11.86
N GLN C 598 4.13 -15.19 -12.57
CA GLN C 598 2.69 -15.13 -12.39
C GLN C 598 2.29 -15.45 -10.95
N ASP C 599 3.01 -16.42 -10.40
CA ASP C 599 2.69 -17.03 -9.12
C ASP C 599 2.84 -16.03 -8.00
N TYR C 600 4.00 -15.37 -7.94
CA TYR C 600 4.21 -14.36 -6.93
C TYR C 600 3.15 -13.26 -7.05
N ARG C 601 2.94 -12.78 -8.27
CA ARG C 601 1.96 -11.73 -8.53
C ARG C 601 0.54 -12.20 -8.14
N ALA C 602 0.14 -13.33 -8.71
CA ALA C 602 -1.15 -13.94 -8.36
C ALA C 602 -1.32 -14.18 -6.86
N CYS C 603 -0.32 -14.74 -6.20
CA CYS C 603 -0.47 -14.96 -4.78
C CYS C 603 -0.69 -13.64 -4.02
N GLN C 604 0.02 -12.60 -4.44
CA GLN C 604 -0.05 -11.34 -3.71
C GLN C 604 -1.37 -10.63 -3.96
N ASN C 605 -1.96 -10.88 -5.12
CA ASN C 605 -3.25 -10.32 -5.51
C ASN C 605 -4.37 -10.79 -4.60
N TYR C 606 -4.49 -12.11 -4.45
CA TYR C 606 -5.60 -12.75 -3.77
C TYR C 606 -5.40 -12.90 -2.28
N GLY C 607 -4.15 -13.07 -1.83
CA GLY C 607 -3.83 -13.14 -0.40
C GLY C 607 -4.13 -14.51 0.18
N PRO C 608 -3.98 -14.66 1.51
CA PRO C 608 -4.28 -15.94 2.10
C PRO C 608 -5.79 -16.16 2.06
N LEU C 609 -6.20 -17.42 2.08
CA LEU C 609 -7.56 -17.73 1.74
C LEU C 609 -8.57 -17.27 2.80
N TYR C 610 -8.21 -17.44 4.07
CA TYR C 610 -9.20 -17.33 5.13
C TYR C 610 -9.38 -15.93 5.71
N LYS C 611 -8.32 -15.13 5.75
CA LYS C 611 -8.42 -13.72 6.21
C LYS C 611 -7.16 -12.93 5.88
N SER D 26 -12.99 18.20 -33.66
CA SER D 26 -11.65 18.21 -34.33
C SER D 26 -10.91 16.91 -34.11
N LEU D 27 -9.92 16.68 -34.95
CA LEU D 27 -9.10 15.49 -34.89
C LEU D 27 -7.84 15.83 -34.15
N PRO D 28 -7.16 14.83 -33.60
CA PRO D 28 -5.93 15.13 -32.89
C PRO D 28 -4.70 15.35 -33.79
N LYS D 29 -3.80 16.20 -33.32
CA LYS D 29 -2.56 16.51 -34.03
C LYS D 29 -1.33 16.08 -33.25
N ILE D 30 -0.23 15.93 -33.98
CA ILE D 30 1.08 15.68 -33.38
C ILE D 30 1.90 16.97 -33.23
N GLY D 31 2.37 17.25 -32.02
CA GLY D 31 3.30 18.37 -31.80
C GLY D 31 4.75 17.95 -32.06
N ILE D 32 5.48 18.71 -32.86
CA ILE D 32 6.91 18.44 -33.05
C ILE D 32 7.73 19.50 -32.35
N ARG D 33 8.60 19.07 -31.44
CA ARG D 33 9.42 19.96 -30.61
C ARG D 33 10.91 19.88 -31.03
N PRO D 34 11.36 20.90 -31.78
CA PRO D 34 12.78 20.95 -32.12
C PRO D 34 13.53 21.56 -30.98
N VAL D 35 14.54 20.84 -30.52
CA VAL D 35 15.29 21.25 -29.35
C VAL D 35 16.77 21.55 -29.68
N ILE D 36 17.33 22.54 -29.01
CA ILE D 36 18.59 23.10 -29.42
C ILE D 36 19.42 23.57 -28.23
N ASP D 37 20.74 23.51 -28.38
CA ASP D 37 21.68 24.10 -27.43
C ASP D 37 21.33 25.59 -27.25
N GLY D 38 21.31 26.07 -26.02
CA GLY D 38 20.91 27.46 -25.74
C GLY D 38 21.93 28.56 -26.10
N ARG D 39 23.21 28.17 -26.19
CA ARG D 39 24.32 29.11 -26.28
C ARG D 39 24.51 29.67 -27.69
N ARG D 40 24.88 30.96 -27.76
CA ARG D 40 25.21 31.64 -29.01
C ARG D 40 26.72 31.71 -29.18
N MET D 41 27.20 32.82 -29.71
CA MET D 41 28.58 32.91 -30.20
C MET D 41 28.76 32.01 -31.41
N GLY D 42 27.67 31.86 -32.16
CA GLY D 42 27.67 31.08 -33.39
C GLY D 42 27.16 29.65 -33.27
N VAL D 43 26.98 29.17 -32.04
CA VAL D 43 26.71 27.74 -31.75
C VAL D 43 25.26 27.40 -32.11
N ARG D 44 24.31 28.06 -31.45
CA ARG D 44 22.88 27.91 -31.81
C ARG D 44 22.61 28.21 -33.30
N GLU D 45 23.13 29.36 -33.74
CA GLU D 45 23.11 29.79 -35.13
C GLU D 45 23.50 28.61 -36.06
N SER D 46 24.69 28.05 -35.79
CA SER D 46 25.24 26.93 -36.55
C SER D 46 24.35 25.70 -36.59
N LEU D 47 23.32 25.64 -35.73
CA LEU D 47 22.44 24.46 -35.65
C LEU D 47 20.96 24.71 -35.95
N GLU D 48 20.50 25.95 -35.82
CA GLU D 48 19.07 26.23 -36.01
C GLU D 48 18.52 25.60 -37.30
N ALA D 49 19.27 25.79 -38.37
CA ALA D 49 18.91 25.26 -39.65
C ALA D 49 18.58 23.78 -39.54
N GLN D 50 19.57 22.99 -39.17
CA GLN D 50 19.39 21.55 -39.18
C GLN D 50 18.28 21.11 -38.24
N THR D 51 18.20 21.73 -37.07
CA THR D 51 17.22 21.33 -36.05
C THR D 51 15.81 21.60 -36.50
N MET D 52 15.61 22.74 -37.15
CA MET D 52 14.33 23.04 -37.75
C MET D 52 14.03 22.06 -38.90
N ASN D 53 14.98 21.89 -39.80
CA ASN D 53 14.81 20.95 -40.93
C ASN D 53 14.45 19.54 -40.51
N MET D 54 14.82 19.19 -39.29
CA MET D 54 14.63 17.83 -38.84
C MET D 54 13.19 17.61 -38.34
N ALA D 55 12.59 18.65 -37.77
CA ALA D 55 11.18 18.61 -37.36
C ALA D 55 10.26 18.55 -38.56
N LYS D 56 10.53 19.40 -39.53
CA LYS D 56 9.86 19.34 -40.82
C LYS D 56 9.98 17.97 -41.51
N ALA D 57 11.16 17.35 -41.45
CA ALA D 57 11.34 16.03 -42.04
C ALA D 57 10.49 15.00 -41.32
N THR D 58 10.41 15.15 -40.01
CA THR D 58 9.62 14.27 -39.15
C THR D 58 8.12 14.42 -39.47
N ALA D 59 7.59 15.63 -39.37
CA ALA D 59 6.17 15.88 -39.67
C ALA D 59 5.79 15.43 -41.10
N ALA D 60 6.68 15.67 -42.05
CA ALA D 60 6.48 15.26 -43.43
C ALA D 60 6.29 13.76 -43.54
N LEU D 61 7.21 13.01 -42.95
CA LEU D 61 7.14 11.55 -43.00
C LEU D 61 5.86 11.01 -42.38
N ILE D 62 5.58 11.41 -41.15
CA ILE D 62 4.31 11.06 -40.52
C ILE D 62 3.16 11.43 -41.45
N SER D 63 3.06 12.70 -41.82
CA SER D 63 2.02 13.15 -42.77
C SER D 63 1.95 12.39 -44.12
N GLU D 64 3.06 11.90 -44.65
CA GLU D 64 2.99 11.15 -45.90
C GLU D 64 2.57 9.70 -45.71
N LYS D 65 3.17 9.04 -44.73
CA LYS D 65 3.02 7.60 -44.57
C LYS D 65 1.93 7.17 -43.59
N LEU D 66 1.24 8.10 -42.94
CA LEU D 66 0.18 7.76 -41.99
C LEU D 66 -1.10 8.53 -42.23
N ARG D 67 -2.22 7.91 -41.88
CA ARG D 67 -3.54 8.56 -41.93
C ARG D 67 -4.26 8.31 -40.63
N HIS D 68 -5.19 9.20 -40.30
CA HIS D 68 -6.17 8.96 -39.25
C HIS D 68 -6.99 7.70 -39.59
N ALA D 69 -7.62 7.13 -38.58
CA ALA D 69 -8.47 5.97 -38.74
C ALA D 69 -9.68 6.28 -39.60
N CYS D 70 -10.12 7.54 -39.54
CA CYS D 70 -11.26 7.97 -40.32
C CYS D 70 -10.89 8.27 -41.75
N GLY D 71 -9.60 8.29 -42.05
CA GLY D 71 -9.10 8.49 -43.43
C GLY D 71 -8.63 9.91 -43.68
N ALA D 72 -8.70 10.76 -42.65
CA ALA D 72 -8.28 12.14 -42.76
C ALA D 72 -6.76 12.24 -42.79
N GLN D 73 -6.25 13.38 -43.22
CA GLN D 73 -4.80 13.61 -43.19
C GLN D 73 -4.45 14.04 -41.77
N ILE D 74 -3.30 13.58 -41.31
CA ILE D 74 -2.77 13.97 -40.02
C ILE D 74 -2.06 15.29 -40.19
N GLU D 75 -2.50 16.29 -39.44
CA GLU D 75 -1.76 17.55 -39.36
C GLU D 75 -0.66 17.41 -38.30
N CYS D 76 0.45 18.12 -38.50
CA CYS D 76 1.49 18.23 -37.48
C CYS D 76 1.80 19.68 -37.20
N VAL D 77 2.05 20.01 -35.94
CA VAL D 77 2.29 21.38 -35.58
C VAL D 77 3.70 21.47 -35.03
N ILE D 78 4.55 22.22 -35.71
CA ILE D 78 5.92 22.40 -35.23
C ILE D 78 5.93 23.60 -34.32
N ALA D 79 6.87 23.62 -33.40
CA ALA D 79 7.07 24.80 -32.58
C ALA D 79 7.55 25.99 -33.40
N ASP D 80 7.14 27.18 -32.99
CA ASP D 80 7.54 28.44 -33.63
C ASP D 80 9.08 28.67 -33.67
N THR D 81 9.75 28.49 -32.55
CA THR D 81 11.20 28.50 -32.51
C THR D 81 11.70 27.14 -32.08
N CYS D 82 12.98 26.88 -32.36
CA CYS D 82 13.64 25.79 -31.69
C CYS D 82 13.54 26.06 -30.19
N ILE D 83 13.63 25.01 -29.38
CA ILE D 83 13.59 25.12 -27.92
C ILE D 83 14.98 24.87 -27.34
N ALA D 84 15.35 25.70 -26.37
CA ALA D 84 16.59 25.52 -25.60
C ALA D 84 16.36 25.72 -24.08
N GLY D 85 15.16 26.11 -23.68
CA GLY D 85 14.87 26.34 -22.28
C GLY D 85 13.41 26.50 -21.95
N MET D 86 13.16 26.77 -20.67
CA MET D 86 11.81 26.75 -20.14
C MET D 86 10.89 27.74 -20.84
N ALA D 87 11.41 28.91 -21.15
CA ALA D 87 10.60 29.93 -21.79
C ALA D 87 10.13 29.53 -23.21
N GLU D 88 11.07 29.17 -24.08
CA GLU D 88 10.68 28.64 -25.39
C GLU D 88 9.81 27.38 -25.26
N SER D 89 10.15 26.51 -24.29
CA SER D 89 9.40 25.29 -24.08
C SER D 89 7.96 25.59 -23.68
N ALA D 90 7.79 26.62 -22.84
CA ALA D 90 6.47 27.13 -22.45
C ALA D 90 5.66 27.61 -23.63
N ALA D 91 6.24 28.43 -24.48
CA ALA D 91 5.53 28.89 -25.66
C ALA D 91 5.15 27.75 -26.63
N CYS D 92 5.95 26.69 -26.66
CA CYS D 92 5.57 25.53 -27.44
C CYS D 92 4.27 24.98 -26.88
N GLU D 93 4.14 24.95 -25.57
CA GLU D 93 2.98 24.36 -24.89
C GLU D 93 1.71 25.17 -25.18
N GLU D 94 1.80 26.49 -25.02
CA GLU D 94 0.68 27.37 -25.35
C GLU D 94 0.25 27.07 -26.80
N LYS D 95 1.18 27.14 -27.74
CA LYS D 95 0.88 26.80 -29.16
C LYS D 95 0.13 25.46 -29.29
N PHE D 96 0.61 24.48 -28.53
CA PHE D 96 0.13 23.14 -28.62
C PHE D 96 -1.26 22.99 -28.03
N SER D 97 -1.57 23.76 -26.99
CA SER D 97 -2.83 23.59 -26.26
C SER D 97 -4.02 24.05 -27.09
N ARG D 98 -3.91 25.19 -27.73
CA ARG D 98 -5.00 25.63 -28.60
C ARG D 98 -5.10 24.85 -29.91
N GLN D 99 -4.11 24.00 -30.21
CA GLN D 99 -4.07 23.26 -31.49
C GLN D 99 -4.52 21.79 -31.38
N ASN D 100 -5.05 21.40 -30.22
CA ASN D 100 -5.53 20.02 -29.99
C ASN D 100 -4.46 18.96 -30.30
N VAL D 101 -3.20 19.22 -29.90
CA VAL D 101 -2.15 18.21 -30.07
C VAL D 101 -2.31 17.27 -28.89
N GLY D 102 -2.19 15.97 -29.16
CA GLY D 102 -2.27 14.99 -28.09
C GLY D 102 -1.21 13.93 -28.19
N VAL D 103 -0.15 14.22 -28.93
CA VAL D 103 1.04 13.38 -29.03
C VAL D 103 2.22 14.31 -29.30
N THR D 104 3.37 14.09 -28.69
CA THR D 104 4.54 14.90 -29.08
C THR D 104 5.71 14.05 -29.47
N ILE D 105 6.56 14.62 -30.33
CA ILE D 105 7.88 14.11 -30.68
C ILE D 105 8.90 15.22 -30.62
N THR D 106 9.88 15.07 -29.73
CA THR D 106 10.98 16.01 -29.60
C THR D 106 12.16 15.55 -30.47
N VAL D 107 12.73 16.48 -31.24
CA VAL D 107 13.82 16.14 -32.16
C VAL D 107 15.03 17.06 -31.92
N THR D 108 16.21 16.48 -31.91
CA THR D 108 17.42 17.29 -31.79
C THR D 108 18.63 16.64 -32.50
N PRO D 109 19.57 17.46 -32.97
CA PRO D 109 20.80 16.92 -33.53
C PRO D 109 22.00 17.35 -32.70
N CYS D 110 21.71 17.83 -31.50
CA CYS D 110 22.74 18.41 -30.68
C CYS D 110 22.44 18.13 -29.21
N TRP D 111 23.43 18.38 -28.37
CA TRP D 111 23.19 18.38 -26.95
C TRP D 111 22.39 19.60 -26.57
N CYS D 112 21.50 19.43 -25.62
CA CYS D 112 20.63 20.49 -25.11
C CYS D 112 20.47 20.32 -23.62
N TYR D 113 19.72 21.23 -23.00
CA TYR D 113 19.73 21.32 -21.55
C TYR D 113 18.61 20.49 -20.93
N GLY D 114 18.62 19.19 -21.23
CA GLY D 114 17.90 18.17 -20.46
C GLY D 114 16.54 18.59 -19.92
N SER D 115 16.40 18.58 -18.59
CA SER D 115 15.09 18.79 -17.94
C SER D 115 14.41 20.17 -18.19
N GLU D 116 15.18 21.15 -18.68
CA GLU D 116 14.63 22.44 -19.06
C GLU D 116 13.81 22.29 -20.32
N THR D 117 14.21 21.34 -21.16
CA THR D 117 13.69 21.24 -22.53
C THR D 117 12.76 20.10 -22.77
N ILE D 118 12.42 19.31 -21.77
CA ILE D 118 11.54 18.17 -22.08
C ILE D 118 10.03 18.52 -22.03
N ASP D 119 9.23 17.74 -22.76
CA ASP D 119 7.76 17.86 -22.68
C ASP D 119 7.25 17.25 -21.36
N MET D 120 6.58 18.03 -20.51
CA MET D 120 6.27 17.58 -19.12
C MET D 120 4.88 17.01 -18.91
N ASP D 121 3.98 17.18 -19.88
CA ASP D 121 2.59 16.75 -19.72
C ASP D 121 2.42 15.22 -19.57
N PRO D 122 1.85 14.77 -18.44
CA PRO D 122 1.66 13.34 -18.17
C PRO D 122 0.74 12.57 -19.14
N LEU D 123 -0.31 13.23 -19.64
CA LEU D 123 -1.36 12.54 -20.41
C LEU D 123 -1.08 12.28 -21.89
N ARG D 124 -0.02 12.91 -22.40
CA ARG D 124 0.40 12.75 -23.78
C ARG D 124 1.47 11.66 -23.95
N PRO D 125 1.29 10.77 -24.95
CA PRO D 125 2.43 10.00 -25.41
C PRO D 125 3.51 10.93 -25.93
N LYS D 126 4.76 10.65 -25.60
CA LYS D 126 5.85 11.44 -26.13
C LYS D 126 7.02 10.59 -26.51
N ALA D 127 7.79 11.12 -27.44
CA ALA D 127 8.98 10.48 -27.96
C ALA D 127 10.08 11.51 -28.05
N ILE D 128 11.30 11.03 -28.22
CA ILE D 128 12.43 11.87 -28.45
C ILE D 128 13.25 11.17 -29.52
N TRP D 129 13.71 11.93 -30.50
CA TRP D 129 14.57 11.40 -31.54
C TRP D 129 15.85 12.23 -31.58
N GLY D 130 16.96 11.58 -31.19
CA GLY D 130 18.31 12.19 -31.22
C GLY D 130 19.10 11.71 -32.43
N PHE D 131 19.65 12.66 -33.19
CA PHE D 131 20.47 12.37 -34.36
C PHE D 131 21.73 11.59 -33.96
N ASN D 132 21.85 10.36 -34.45
CA ASN D 132 23.05 9.55 -34.25
C ASN D 132 24.16 10.10 -35.10
N GLY D 133 24.81 11.14 -34.59
CA GLY D 133 25.92 11.80 -35.25
C GLY D 133 27.03 11.92 -34.24
N THR D 134 28.16 12.44 -34.70
CA THR D 134 29.36 12.67 -33.88
C THR D 134 29.67 14.17 -33.79
N GLU D 135 29.83 14.82 -34.94
CA GLU D 135 29.74 16.28 -35.05
C GLU D 135 28.43 16.76 -34.35
N ARG D 136 27.33 16.03 -34.61
CA ARG D 136 25.99 16.28 -34.02
C ARG D 136 25.61 15.19 -33.00
N PRO D 137 25.92 15.37 -31.69
CA PRO D 137 25.71 14.28 -30.74
C PRO D 137 24.31 14.30 -30.13
N GLY D 138 23.28 14.23 -30.99
CA GLY D 138 21.87 14.32 -30.57
C GLY D 138 21.45 13.20 -29.62
N ALA D 139 21.99 12.00 -29.84
CA ALA D 139 21.72 10.87 -28.96
C ALA D 139 22.27 11.09 -27.55
N VAL D 140 23.28 11.92 -27.41
CA VAL D 140 23.76 12.25 -26.07
C VAL D 140 22.74 13.08 -25.25
N TYR D 141 21.94 13.90 -25.92
CA TYR D 141 20.84 14.60 -25.26
C TYR D 141 19.68 13.68 -24.98
N LEU D 142 19.39 12.82 -25.95
CA LEU D 142 18.36 11.79 -25.80
C LEU D 142 18.55 11.00 -24.48
N ALA D 143 19.75 10.51 -24.27
CA ALA D 143 20.07 9.76 -23.06
C ALA D 143 19.83 10.56 -21.77
N ALA D 144 20.18 11.83 -21.76
CA ALA D 144 19.97 12.67 -20.59
C ALA D 144 18.50 13.06 -20.37
N ALA D 145 17.83 13.46 -21.45
CA ALA D 145 16.41 13.75 -21.43
C ALA D 145 15.62 12.55 -20.95
N LEU D 146 15.93 11.39 -21.49
CA LEU D 146 15.22 10.20 -21.08
C LEU D 146 15.39 9.95 -19.56
N ALA D 147 16.60 10.12 -19.03
CA ALA D 147 16.83 9.89 -17.62
C ALA D 147 16.04 10.88 -16.80
N ALA D 148 16.05 12.13 -17.24
CA ALA D 148 15.12 13.12 -16.72
C ALA D 148 13.68 12.61 -16.64
N HIS D 149 13.14 12.11 -17.75
CA HIS D 149 11.72 11.65 -17.80
C HIS D 149 11.43 10.62 -16.72
N SER D 150 12.16 9.53 -16.71
CA SER D 150 11.95 8.51 -15.69
C SER D 150 12.28 8.96 -14.25
N GLN D 151 13.14 9.96 -14.05
CA GLN D 151 13.30 10.54 -12.70
C GLN D 151 12.07 11.36 -12.33
N LYS D 152 11.38 11.89 -13.31
CA LYS D 152 10.20 12.74 -13.07
C LYS D 152 8.90 12.01 -13.38
N GLY D 153 8.94 10.68 -13.43
CA GLY D 153 7.72 9.88 -13.61
C GLY D 153 6.85 10.14 -14.83
N ILE D 154 7.44 10.69 -15.88
CA ILE D 154 6.75 10.97 -17.14
C ILE D 154 7.46 10.24 -18.30
N PRO D 155 7.17 8.94 -18.49
CA PRO D 155 7.92 8.13 -19.43
C PRO D 155 7.79 8.55 -20.87
N ALA D 156 8.80 8.26 -21.67
CA ALA D 156 8.83 8.72 -23.04
C ALA D 156 9.56 7.71 -23.90
N PHE D 157 9.31 7.75 -25.20
CA PHE D 157 9.86 6.75 -26.12
C PHE D 157 11.19 7.21 -26.70
N SER D 158 12.08 6.27 -26.95
CA SER D 158 13.39 6.58 -27.49
C SER D 158 13.44 6.25 -28.94
N ILE D 159 13.97 7.17 -29.74
CA ILE D 159 14.23 6.91 -31.16
C ILE D 159 15.74 7.12 -31.46
N TYR D 160 16.50 6.02 -31.45
CA TYR D 160 17.93 6.05 -31.69
C TYR D 160 18.24 5.24 -32.94
N GLY D 161 18.91 5.87 -33.89
CA GLY D 161 19.28 5.21 -35.15
C GLY D 161 20.47 4.30 -34.96
N HIS D 162 20.45 3.14 -35.61
CA HIS D 162 21.50 2.12 -35.46
C HIS D 162 22.88 2.62 -35.92
N ASP D 163 22.91 3.31 -37.06
CA ASP D 163 24.19 3.70 -37.70
C ASP D 163 24.47 5.21 -37.71
N VAL D 164 25.69 5.56 -37.31
CA VAL D 164 26.14 6.95 -37.25
C VAL D 164 25.91 7.59 -38.61
N GLN D 165 25.48 8.84 -38.61
CA GLN D 165 25.15 9.54 -39.84
C GLN D 165 25.95 10.83 -39.97
N ASP D 166 26.29 11.15 -41.21
CA ASP D 166 27.12 12.32 -41.46
C ASP D 166 26.28 13.56 -41.27
N ALA D 167 26.91 14.62 -40.77
CA ALA D 167 26.16 15.78 -40.29
C ALA D 167 25.24 16.40 -41.35
N ASP D 168 25.71 16.39 -42.59
CA ASP D 168 25.01 16.93 -43.77
C ASP D 168 23.95 16.00 -44.37
N ASP D 169 23.80 14.80 -43.79
CA ASP D 169 22.83 13.82 -44.27
C ASP D 169 21.38 14.25 -43.91
N THR D 170 20.53 14.29 -44.92
CA THR D 170 19.11 14.67 -44.74
C THR D 170 18.17 13.44 -44.56
N THR D 171 18.70 12.25 -44.84
CA THR D 171 17.84 11.08 -44.98
C THR D 171 17.56 10.44 -43.61
N ILE D 172 16.35 9.91 -43.47
CA ILE D 172 15.90 9.26 -42.25
C ILE D 172 16.09 7.76 -42.40
N PRO D 173 16.94 7.15 -41.55
CA PRO D 173 17.16 5.71 -41.68
C PRO D 173 15.87 4.92 -41.62
N ALA D 174 15.92 3.66 -42.02
CA ALA D 174 14.76 2.79 -42.03
C ALA D 174 14.31 2.39 -40.63
N ASP D 175 15.26 2.13 -39.73
CA ASP D 175 14.95 1.73 -38.36
C ASP D 175 14.37 2.91 -37.58
N VAL D 176 14.84 4.11 -37.88
CA VAL D 176 14.30 5.30 -37.28
C VAL D 176 12.87 5.50 -37.77
N GLU D 177 12.62 5.22 -39.05
CA GLU D 177 11.27 5.38 -39.62
C GLU D 177 10.23 4.44 -38.98
N GLU D 178 10.59 3.17 -38.82
CA GLU D 178 9.73 2.22 -38.12
C GLU D 178 9.31 2.78 -36.75
N LYS D 179 10.28 3.22 -35.96
CA LYS D 179 10.02 3.65 -34.59
C LYS D 179 9.13 4.87 -34.54
N LEU D 180 9.45 5.87 -35.34
CA LEU D 180 8.64 7.10 -35.48
C LEU D 180 7.20 6.78 -35.80
N LEU D 181 7.00 5.92 -36.78
CA LEU D 181 5.66 5.61 -37.25
C LEU D 181 4.93 4.77 -36.22
N ARG D 182 5.55 3.67 -35.78
CA ARG D 182 4.96 2.83 -34.71
C ARG D 182 4.51 3.66 -33.49
N PHE D 183 5.31 4.65 -33.14
CA PHE D 183 4.95 5.52 -32.05
C PHE D 183 3.76 6.40 -32.43
N ALA D 184 3.83 7.04 -33.59
CA ALA D 184 2.74 7.93 -34.02
C ALA D 184 1.45 7.14 -34.15
N ARG D 185 1.50 6.08 -34.96
CA ARG D 185 0.38 5.20 -35.12
C ARG D 185 -0.34 4.91 -33.78
N ALA D 186 0.44 4.57 -32.76
CA ALA D 186 -0.11 4.17 -31.48
C ALA D 186 -0.58 5.36 -30.66
N GLY D 187 0.26 6.38 -30.59
CA GLY D 187 -0.10 7.62 -29.89
C GLY D 187 -1.41 8.24 -30.35
N LEU D 188 -1.59 8.30 -31.66
CA LEU D 188 -2.83 8.80 -32.24
C LEU D 188 -4.04 8.02 -31.78
N ALA D 189 -3.88 6.72 -31.60
CA ALA D 189 -4.97 5.89 -31.14
C ALA D 189 -5.36 6.21 -29.71
N VAL D 190 -4.37 6.47 -28.85
CA VAL D 190 -4.61 6.92 -27.46
C VAL D 190 -5.37 8.23 -27.42
N ALA D 191 -4.95 9.15 -28.30
CA ALA D 191 -5.51 10.48 -28.42
C ALA D 191 -6.83 10.49 -29.16
N SER D 192 -7.09 9.50 -29.99
CA SER D 192 -8.38 9.41 -30.66
C SER D 192 -9.45 8.94 -29.70
N MET D 193 -9.13 8.00 -28.81
CA MET D 193 -10.17 7.48 -27.89
C MET D 193 -10.54 8.54 -26.87
N LYS D 194 -9.60 9.40 -26.52
CA LYS D 194 -9.77 10.31 -25.39
C LYS D 194 -11.00 11.20 -25.54
N GLY D 195 -11.94 11.08 -24.62
CA GLY D 195 -13.12 11.94 -24.59
C GLY D 195 -14.31 11.47 -25.40
N LYS D 196 -14.19 10.30 -25.99
CA LYS D 196 -15.25 9.74 -26.77
C LYS D 196 -16.15 8.86 -25.89
N SER D 197 -17.22 8.34 -26.47
CA SER D 197 -18.13 7.48 -25.72
C SER D 197 -18.09 6.04 -26.20
N TYR D 198 -18.37 5.13 -25.27
CA TYR D 198 -18.77 3.79 -25.63
C TYR D 198 -20.29 3.70 -25.40
N LEU D 199 -21.03 3.36 -26.44
CA LEU D 199 -22.46 3.24 -26.32
C LEU D 199 -22.85 1.79 -26.07
N SER D 200 -23.35 1.52 -24.87
CA SER D 200 -23.80 0.17 -24.50
C SER D 200 -25.32 0.08 -24.64
N VAL D 201 -25.77 -0.59 -25.70
CA VAL D 201 -27.20 -0.71 -26.01
C VAL D 201 -27.76 -2.00 -25.43
N GLY D 202 -28.32 -1.89 -24.24
CA GLY D 202 -28.72 -3.04 -23.43
C GLY D 202 -27.69 -3.22 -22.34
N GLY D 203 -27.85 -4.26 -21.52
CA GLY D 203 -26.90 -4.55 -20.43
C GLY D 203 -26.07 -5.80 -20.65
N VAL D 204 -26.06 -6.67 -19.65
CA VAL D 204 -25.33 -7.90 -19.74
C VAL D 204 -26.10 -8.85 -20.65
N SER D 205 -25.37 -9.69 -21.38
CA SER D 205 -25.93 -10.73 -22.21
C SER D 205 -25.44 -12.04 -21.67
N MET D 206 -26.36 -12.84 -21.17
CA MET D 206 -26.09 -14.23 -20.89
C MET D 206 -24.88 -14.34 -19.99
N GLY D 207 -24.89 -13.55 -18.93
CA GLY D 207 -23.83 -13.62 -17.92
C GLY D 207 -22.38 -13.38 -18.34
N ILE D 208 -22.16 -12.86 -19.55
CA ILE D 208 -20.80 -12.67 -20.08
C ILE D 208 -20.15 -11.55 -19.34
N ALA D 209 -18.98 -11.81 -18.77
CA ALA D 209 -18.23 -10.78 -17.99
C ALA D 209 -18.00 -9.48 -18.74
N GLY D 210 -17.69 -9.58 -20.02
CA GLY D 210 -17.47 -8.38 -20.85
C GLY D 210 -18.71 -7.52 -21.07
N SER D 211 -19.88 -8.07 -20.78
CA SER D 211 -21.13 -7.33 -20.86
C SER D 211 -21.47 -6.57 -19.58
N ILE D 212 -20.69 -6.80 -18.53
CA ILE D 212 -20.71 -5.96 -17.33
C ILE D 212 -19.76 -4.81 -17.56
N VAL D 213 -20.29 -3.67 -17.96
CA VAL D 213 -19.43 -2.62 -18.49
C VAL D 213 -18.81 -1.85 -17.35
N ASP D 214 -17.50 -1.96 -17.21
CA ASP D 214 -16.77 -1.41 -16.08
C ASP D 214 -16.53 0.06 -16.39
N HIS D 215 -17.42 0.91 -15.90
CA HIS D 215 -17.38 2.32 -16.27
C HIS D 215 -16.07 2.97 -15.84
N ASN D 216 -15.52 2.53 -14.71
CA ASN D 216 -14.27 3.09 -14.22
C ASN D 216 -13.11 2.81 -15.18
N PHE D 217 -13.08 1.61 -15.75
CA PHE D 217 -12.01 1.24 -16.67
C PHE D 217 -11.96 2.14 -17.91
N PHE D 218 -13.11 2.44 -18.48
CA PHE D 218 -13.18 3.35 -19.61
C PHE D 218 -12.73 4.76 -19.21
N GLU D 219 -13.04 5.16 -17.99
CA GLU D 219 -12.66 6.50 -17.56
C GLU D 219 -11.15 6.60 -17.26
N SER D 220 -10.67 5.71 -16.41
CA SER D 220 -9.31 5.76 -15.96
C SER D 220 -8.33 5.38 -17.06
N TRP D 221 -8.57 4.27 -17.75
CA TRP D 221 -7.57 3.81 -18.72
C TRP D 221 -7.64 4.54 -20.07
N LEU D 222 -8.81 4.58 -20.68
CA LEU D 222 -8.98 5.05 -22.06
C LEU D 222 -9.29 6.53 -22.23
N GLY D 223 -9.86 7.15 -21.19
CA GLY D 223 -10.33 8.54 -21.18
C GLY D 223 -11.66 8.68 -21.89
N MET D 224 -12.46 7.62 -21.96
CA MET D 224 -13.76 7.64 -22.63
C MET D 224 -14.87 7.65 -21.59
N LYS D 225 -16.11 7.86 -22.04
CA LYS D 225 -17.27 7.73 -21.15
C LYS D 225 -18.15 6.60 -21.63
N VAL D 226 -19.06 6.18 -20.75
CA VAL D 226 -20.03 5.15 -21.09
C VAL D 226 -21.45 5.67 -21.03
N GLN D 227 -22.14 5.58 -22.15
CA GLN D 227 -23.56 5.84 -22.23
C GLN D 227 -24.26 4.51 -22.24
N ALA D 228 -25.22 4.37 -21.34
CA ALA D 228 -26.07 3.20 -21.25
C ALA D 228 -27.45 3.55 -21.80
N VAL D 229 -27.91 2.73 -22.73
CA VAL D 229 -29.23 2.88 -23.31
C VAL D 229 -29.96 1.56 -23.14
N ASP D 230 -31.14 1.59 -22.56
CA ASP D 230 -31.97 0.40 -22.55
C ASP D 230 -32.41 0.08 -23.95
N MET D 231 -32.59 -1.18 -24.29
CA MET D 231 -32.88 -1.52 -25.70
C MET D 231 -34.29 -1.09 -26.13
N THR D 232 -35.15 -0.86 -25.15
CA THR D 232 -36.45 -0.29 -25.44
C THR D 232 -36.34 1.02 -26.24
N GLU D 233 -35.28 1.78 -26.02
CA GLU D 233 -35.04 2.96 -26.85
C GLU D 233 -34.88 2.57 -28.30
N LEU D 234 -34.11 1.53 -28.59
CA LEU D 234 -33.96 1.10 -29.97
C LEU D 234 -35.31 0.67 -30.53
N ARG D 235 -36.12 0.00 -29.73
CA ARG D 235 -37.47 -0.40 -30.17
C ARG D 235 -38.26 0.88 -30.47
N ARG D 236 -38.13 1.84 -29.57
CA ARG D 236 -38.88 3.09 -29.67
C ARG D 236 -38.62 3.81 -30.97
N ARG D 237 -37.39 3.78 -31.44
CA ARG D 237 -37.03 4.53 -32.64
C ARG D 237 -37.69 3.88 -33.83
N ILE D 238 -37.81 2.56 -33.77
CA ILE D 238 -38.36 1.81 -34.88
C ILE D 238 -39.88 2.04 -34.86
N ASP D 239 -40.46 1.92 -33.67
CA ASP D 239 -41.89 2.13 -33.48
C ASP D 239 -42.35 3.53 -33.92
N GLN D 240 -41.68 4.56 -33.44
CA GLN D 240 -42.06 5.97 -33.68
C GLN D 240 -41.45 6.58 -34.96
N LYS D 241 -40.92 5.72 -35.83
CA LYS D 241 -40.30 6.11 -37.09
C LYS D 241 -39.25 7.21 -36.96
N ILE D 242 -38.40 7.07 -35.94
CA ILE D 242 -37.36 8.04 -35.60
C ILE D 242 -36.07 7.59 -36.28
N TYR D 243 -36.05 7.84 -37.58
CA TYR D 243 -34.99 7.40 -38.50
C TYR D 243 -35.32 7.98 -39.88
N ASP D 244 -34.29 8.20 -40.70
CA ASP D 244 -34.51 8.73 -42.04
C ASP D 244 -35.24 7.68 -42.84
N GLU D 245 -36.50 7.97 -43.17
CA GLU D 245 -37.37 6.99 -43.82
C GLU D 245 -36.96 6.73 -45.25
N VAL D 246 -36.41 7.75 -45.91
CA VAL D 246 -35.99 7.61 -47.30
C VAL D 246 -34.84 6.61 -47.41
N GLU D 247 -33.94 6.69 -46.45
CA GLU D 247 -32.81 5.78 -46.39
C GLU D 247 -33.28 4.33 -46.37
N LEU D 248 -34.30 4.05 -45.55
CA LEU D 248 -34.82 2.69 -45.39
C LEU D 248 -35.14 1.99 -46.71
N GLU D 249 -35.85 2.67 -47.62
CA GLU D 249 -36.17 2.08 -48.93
C GLU D 249 -34.98 2.03 -49.86
N MET D 250 -33.97 2.86 -49.59
CA MET D 250 -32.67 2.79 -50.29
C MET D 250 -31.86 1.55 -49.86
N ALA D 251 -31.85 1.31 -48.54
CA ALA D 251 -31.25 0.12 -47.96
C ALA D 251 -31.87 -1.11 -48.55
N LEU D 252 -33.19 -1.22 -48.38
CA LEU D 252 -33.96 -2.37 -48.84
C LEU D 252 -33.79 -2.64 -50.31
N ALA D 253 -33.70 -1.58 -51.09
CA ALA D 253 -33.47 -1.70 -52.51
C ALA D 253 -32.11 -2.35 -52.74
N TRP D 254 -31.09 -1.73 -52.15
CA TRP D 254 -29.70 -2.15 -52.28
C TRP D 254 -29.49 -3.62 -51.95
N ALA D 255 -30.11 -4.09 -50.87
CA ALA D 255 -29.96 -5.49 -50.44
C ALA D 255 -30.60 -6.51 -51.40
N ASP D 256 -31.78 -6.17 -51.91
CA ASP D 256 -32.49 -7.01 -52.88
C ASP D 256 -31.70 -7.30 -54.15
N LYS D 257 -30.84 -6.35 -54.53
CA LYS D 257 -30.03 -6.42 -55.74
C LYS D 257 -28.78 -7.28 -55.53
N ASN D 258 -28.27 -7.30 -54.29
CA ASN D 258 -26.94 -7.87 -53.98
C ASN D 258 -26.95 -9.08 -53.05
N PHE D 259 -27.88 -9.13 -52.09
CA PHE D 259 -27.92 -10.18 -51.06
C PHE D 259 -28.18 -11.57 -51.65
N ARG D 260 -27.18 -12.45 -51.59
CA ARG D 260 -27.43 -13.87 -51.82
C ARG D 260 -28.11 -14.44 -50.58
N TYR D 261 -28.76 -15.58 -50.73
CA TYR D 261 -29.44 -16.15 -49.57
C TYR D 261 -29.02 -17.58 -49.40
N GLY D 262 -29.08 -18.01 -48.14
CA GLY D 262 -28.65 -19.33 -47.77
C GLY D 262 -29.86 -20.15 -47.38
N GLU D 263 -29.69 -21.47 -47.46
CA GLU D 263 -30.71 -22.44 -47.11
C GLU D 263 -31.25 -22.20 -45.71
N ASP D 264 -32.55 -22.38 -45.57
CA ASP D 264 -33.17 -22.31 -44.26
C ASP D 264 -32.89 -23.64 -43.58
N GLN D 265 -31.92 -23.64 -42.67
CA GLN D 265 -31.63 -24.81 -41.84
C GLN D 265 -32.64 -25.00 -40.68
N ASN D 266 -33.63 -24.12 -40.58
CA ASN D 266 -34.71 -24.25 -39.58
C ASN D 266 -35.60 -25.50 -39.74
N ALA D 267 -36.39 -25.80 -38.73
CA ALA D 267 -37.42 -26.83 -38.86
C ALA D 267 -38.55 -26.26 -39.70
N GLN D 268 -39.42 -27.17 -40.16
CA GLN D 268 -40.52 -26.84 -41.08
C GLN D 268 -41.56 -25.91 -40.44
N HIS D 269 -41.94 -26.20 -39.20
CA HIS D 269 -42.94 -25.37 -38.50
C HIS D 269 -42.40 -23.99 -38.07
N TYR D 270 -41.07 -23.83 -38.07
CA TYR D 270 -40.45 -22.56 -37.70
C TYR D 270 -39.93 -21.77 -38.90
N LYS D 271 -40.15 -22.28 -40.12
CA LYS D 271 -39.83 -21.54 -41.35
C LYS D 271 -40.79 -20.38 -41.51
N ARG D 272 -40.46 -19.46 -42.41
CA ARG D 272 -41.20 -18.22 -42.57
C ARG D 272 -41.55 -17.94 -44.02
N ASP D 273 -42.81 -17.58 -44.27
CA ASP D 273 -43.22 -17.13 -45.62
C ASP D 273 -42.47 -15.82 -45.99
N GLU D 274 -42.49 -15.43 -47.25
CA GLU D 274 -41.67 -14.29 -47.66
C GLU D 274 -42.12 -12.99 -46.96
N GLU D 275 -43.42 -12.83 -46.75
CA GLU D 275 -43.95 -11.64 -46.06
C GLU D 275 -43.32 -11.46 -44.68
N GLN D 276 -43.25 -12.56 -43.92
CA GLN D 276 -42.61 -12.56 -42.59
C GLN D 276 -41.14 -12.20 -42.67
N SER D 277 -40.45 -12.78 -43.64
CA SER D 277 -39.01 -12.57 -43.87
C SER D 277 -38.69 -11.11 -44.19
N ARG D 278 -39.56 -10.48 -44.98
CA ARG D 278 -39.44 -9.07 -45.26
C ARG D 278 -39.55 -8.24 -43.98
N ALA D 279 -40.30 -8.74 -43.01
CA ALA D 279 -40.50 -7.98 -41.79
C ALA D 279 -39.22 -7.93 -40.97
N VAL D 280 -38.52 -9.06 -40.94
CA VAL D 280 -37.28 -9.16 -40.16
C VAL D 280 -36.16 -8.37 -40.85
N LEU D 281 -36.03 -8.53 -42.16
CA LEU D 281 -35.00 -7.83 -42.91
C LEU D 281 -35.16 -6.31 -42.78
N LYS D 282 -36.37 -5.83 -42.97
CA LYS D 282 -36.68 -4.42 -42.72
C LYS D 282 -36.11 -4.04 -41.35
N GLU D 283 -36.60 -4.70 -40.32
CA GLU D 283 -36.17 -4.44 -38.95
C GLU D 283 -34.64 -4.60 -38.79
N SER D 284 -34.06 -5.65 -39.39
CA SER D 284 -32.62 -5.90 -39.32
C SER D 284 -31.81 -4.76 -39.88
N LEU D 285 -32.31 -4.15 -40.97
CA LEU D 285 -31.70 -2.97 -41.60
C LEU D 285 -32.02 -1.67 -40.85
N LEU D 286 -33.17 -1.60 -40.21
CA LEU D 286 -33.49 -0.45 -39.37
C LEU D 286 -32.55 -0.38 -38.16
N MET D 287 -32.19 -1.53 -37.60
CA MET D 287 -31.40 -1.54 -36.38
C MET D 287 -30.05 -0.98 -36.68
N ALA D 288 -29.50 -1.36 -37.83
CA ALA D 288 -28.23 -0.82 -38.28
C ALA D 288 -28.24 0.70 -38.34
N MET D 289 -29.33 1.25 -38.86
CA MET D 289 -29.43 2.70 -39.05
C MET D 289 -29.71 3.40 -37.73
N CYS D 290 -30.59 2.84 -36.92
CA CYS D 290 -30.92 3.47 -35.65
C CYS D 290 -29.75 3.40 -34.66
N ILE D 291 -28.96 2.33 -34.70
CA ILE D 291 -27.77 2.24 -33.85
C ILE D 291 -26.72 3.25 -34.30
N ARG D 292 -26.40 3.22 -35.59
CA ARG D 292 -25.54 4.22 -36.19
C ARG D 292 -26.00 5.65 -35.83
N ASP D 293 -27.29 5.92 -35.97
CA ASP D 293 -27.80 7.25 -35.68
C ASP D 293 -27.64 7.55 -34.19
N MET D 294 -27.67 6.52 -33.37
CA MET D 294 -27.48 6.71 -31.93
C MET D 294 -26.01 7.04 -31.63
N MET D 295 -25.11 6.28 -32.23
CA MET D 295 -23.68 6.40 -32.02
C MET D 295 -23.14 7.78 -32.39
N GLN D 296 -23.49 8.26 -33.57
CA GLN D 296 -22.92 9.52 -34.09
C GLN D 296 -23.93 10.64 -34.36
N GLY D 297 -25.15 10.29 -34.74
CA GLY D 297 -26.16 11.32 -34.96
C GLY D 297 -26.53 11.48 -36.42
N ASN D 298 -27.57 12.25 -36.66
CA ASN D 298 -28.18 12.38 -37.98
C ASN D 298 -28.86 13.74 -38.04
N GLU D 299 -28.47 14.57 -39.00
CA GLU D 299 -29.04 15.91 -39.12
C GLU D 299 -30.46 15.84 -39.71
N LYS D 300 -30.71 14.83 -40.54
CA LYS D 300 -32.04 14.58 -41.08
C LYS D 300 -33.11 14.55 -39.97
N LEU D 301 -32.82 13.93 -38.84
CA LEU D 301 -33.79 13.86 -37.72
C LEU D 301 -34.18 15.22 -37.16
N ALA D 302 -33.21 16.15 -37.14
CA ALA D 302 -33.50 17.54 -36.84
C ALA D 302 -34.48 18.07 -37.87
N GLU D 303 -34.17 17.88 -39.14
CA GLU D 303 -34.99 18.38 -40.27
C GLU D 303 -36.42 17.83 -40.21
N LYS D 304 -36.60 16.63 -39.66
CA LYS D 304 -37.92 16.04 -39.48
C LYS D 304 -38.52 16.37 -38.13
N GLY D 305 -37.89 17.27 -37.39
CA GLY D 305 -38.41 17.74 -36.10
C GLY D 305 -37.87 17.07 -34.85
N LEU D 306 -37.22 15.93 -34.99
CA LEU D 306 -36.69 15.22 -33.85
C LEU D 306 -35.29 15.74 -33.51
N VAL D 307 -35.24 16.80 -32.70
CA VAL D 307 -33.98 17.51 -32.46
C VAL D 307 -33.13 16.85 -31.35
N GLU D 308 -33.78 16.18 -30.40
CA GLU D 308 -33.06 15.50 -29.31
C GLU D 308 -32.31 14.30 -29.84
N GLU D 309 -32.96 13.51 -30.68
CA GLU D 309 -32.40 12.27 -31.18
C GLU D 309 -31.34 12.54 -32.24
N SER D 310 -31.40 13.72 -32.85
CA SER D 310 -30.47 14.08 -33.94
C SER D 310 -29.01 14.04 -33.51
N LEU D 311 -28.77 14.32 -32.23
CA LEU D 311 -27.41 14.64 -31.74
C LEU D 311 -26.49 13.44 -31.68
N GLY D 312 -26.95 12.41 -31.00
CA GLY D 312 -26.12 11.24 -30.78
C GLY D 312 -25.38 11.35 -29.48
N TYR D 313 -24.61 10.32 -29.22
CA TYR D 313 -23.95 10.14 -27.93
C TYR D 313 -22.44 10.31 -28.00
N ASN D 314 -21.95 10.76 -29.14
CA ASN D 314 -20.52 11.06 -29.33
C ASN D 314 -19.68 9.79 -29.15
N ALA D 315 -20.13 8.72 -29.79
CA ALA D 315 -19.61 7.40 -29.52
C ALA D 315 -18.77 6.89 -30.68
N ILE D 316 -17.52 6.51 -30.38
CA ILE D 316 -16.66 5.83 -31.37
C ILE D 316 -16.76 4.31 -31.32
N ALA D 317 -17.29 3.76 -30.24
CA ALA D 317 -17.59 2.33 -30.21
C ALA D 317 -18.93 2.08 -29.56
N ALA D 318 -19.52 0.94 -29.87
CA ALA D 318 -20.74 0.49 -29.22
C ALA D 318 -20.79 -1.03 -29.02
N GLY D 319 -21.81 -1.45 -28.29
CA GLY D 319 -22.15 -2.87 -28.17
C GLY D 319 -23.67 -3.03 -28.06
N PHE D 320 -24.18 -4.14 -28.59
CA PHE D 320 -25.62 -4.42 -28.60
C PHE D 320 -25.87 -5.73 -27.87
N GLN D 321 -26.69 -5.69 -26.82
CA GLN D 321 -26.85 -6.87 -25.95
C GLN D 321 -27.38 -8.07 -26.73
N GLY D 322 -28.57 -7.92 -27.34
CA GLY D 322 -29.20 -9.01 -28.09
C GLY D 322 -29.84 -10.04 -27.17
N GLN D 323 -29.13 -11.12 -26.89
CA GLN D 323 -29.72 -12.21 -26.12
C GLN D 323 -29.68 -11.83 -24.64
N ARG D 324 -30.66 -12.25 -23.83
CA ARG D 324 -31.84 -12.98 -24.29
C ARG D 324 -33.09 -12.10 -24.67
N HIS D 325 -33.16 -10.93 -24.05
CA HIS D 325 -34.40 -10.18 -23.91
C HIS D 325 -34.85 -9.55 -25.21
N TRP D 326 -33.92 -9.32 -26.11
CA TRP D 326 -34.28 -8.80 -27.41
C TRP D 326 -34.57 -9.94 -28.36
N THR D 327 -33.72 -10.97 -28.37
CA THR D 327 -33.83 -12.09 -29.35
C THR D 327 -34.97 -13.06 -29.08
N ASP D 328 -35.57 -12.96 -27.90
CA ASP D 328 -36.73 -13.76 -27.57
C ASP D 328 -38.07 -13.24 -28.15
N GLN D 329 -38.04 -12.09 -28.84
CA GLN D 329 -39.23 -11.52 -29.51
C GLN D 329 -38.97 -10.82 -30.85
N TYR D 330 -37.84 -10.14 -30.98
CA TYR D 330 -37.53 -9.40 -32.20
C TYR D 330 -36.34 -9.99 -32.95
N PRO D 331 -36.06 -9.49 -34.16
CA PRO D 331 -34.96 -10.03 -34.92
C PRO D 331 -33.63 -9.60 -34.37
N ASN D 332 -32.71 -10.55 -34.30
CA ASN D 332 -31.39 -10.33 -33.73
C ASN D 332 -30.59 -9.35 -34.56
N GLY D 333 -29.52 -8.87 -33.92
CA GLY D 333 -28.63 -7.87 -34.49
C GLY D 333 -27.55 -8.42 -35.40
N ASP D 334 -27.60 -9.72 -35.74
CA ASP D 334 -26.62 -10.37 -36.61
C ASP D 334 -26.36 -9.54 -37.88
N THR D 335 -27.43 -9.22 -38.59
CA THR D 335 -27.31 -8.53 -39.86
C THR D 335 -26.74 -7.14 -39.65
N ALA D 336 -27.30 -6.42 -38.67
CA ALA D 336 -26.91 -5.03 -38.43
C ALA D 336 -25.42 -4.98 -38.13
N GLU D 337 -25.04 -5.69 -37.06
CA GLU D 337 -23.64 -5.80 -36.62
C GLU D 337 -22.70 -6.05 -37.78
N ALA D 338 -23.01 -7.03 -38.62
CA ALA D 338 -22.19 -7.33 -39.80
C ALA D 338 -21.95 -6.08 -40.65
N LEU D 339 -23.03 -5.43 -41.03
CA LEU D 339 -22.93 -4.31 -41.97
C LEU D 339 -22.27 -3.12 -41.31
N LEU D 340 -22.59 -2.87 -40.05
CA LEU D 340 -22.04 -1.73 -39.33
C LEU D 340 -20.53 -1.88 -39.21
N ASN D 341 -20.07 -3.07 -38.86
CA ASN D 341 -18.63 -3.34 -38.74
C ASN D 341 -17.90 -3.47 -40.08
N SER D 342 -18.65 -3.61 -41.17
CA SER D 342 -18.09 -3.65 -42.52
C SER D 342 -17.68 -2.26 -42.97
N SER D 343 -17.00 -2.22 -44.11
CA SER D 343 -16.46 -0.98 -44.64
C SER D 343 -17.29 -0.45 -45.80
N PHE D 344 -18.55 -0.85 -45.89
CA PHE D 344 -19.44 -0.42 -46.98
C PHE D 344 -20.85 -0.84 -46.65
N ASP D 345 -21.81 -0.06 -47.10
CA ASP D 345 -23.20 -0.47 -46.99
C ASP D 345 -23.94 0.03 -48.24
N TRP D 346 -25.26 0.08 -48.18
CA TRP D 346 -26.03 0.65 -49.26
C TRP D 346 -25.62 2.06 -49.67
N ASN D 347 -25.08 2.84 -48.73
CA ASN D 347 -24.53 4.16 -49.04
C ASN D 347 -23.07 4.09 -49.49
N GLY D 348 -22.59 2.92 -49.90
CA GLY D 348 -21.21 2.81 -50.41
C GLY D 348 -20.14 2.72 -49.34
N VAL D 349 -18.88 2.80 -49.79
CA VAL D 349 -17.70 2.50 -48.97
C VAL D 349 -17.42 3.61 -47.96
N ARG D 350 -17.46 3.25 -46.68
CA ARG D 350 -17.27 4.19 -45.58
C ARG D 350 -16.47 3.56 -44.45
N GLU D 351 -15.84 4.38 -43.61
CA GLU D 351 -15.09 3.87 -42.45
C GLU D 351 -15.93 2.94 -41.58
N PRO D 352 -15.41 1.75 -41.26
CA PRO D 352 -16.25 0.84 -40.52
C PRO D 352 -16.60 1.36 -39.15
N PHE D 353 -17.64 0.78 -38.59
CA PHE D 353 -17.99 1.04 -37.22
C PHE D 353 -17.35 -0.05 -36.34
N VAL D 354 -17.44 0.16 -35.04
CA VAL D 354 -17.05 -0.85 -34.07
C VAL D 354 -18.29 -1.09 -33.21
N VAL D 355 -18.93 -2.20 -33.48
CA VAL D 355 -20.08 -2.64 -32.71
C VAL D 355 -19.72 -4.04 -32.21
N ALA D 356 -19.91 -4.26 -30.91
CA ALA D 356 -19.62 -5.56 -30.29
C ALA D 356 -20.85 -6.44 -30.20
N THR D 357 -20.78 -7.63 -30.77
CA THR D 357 -21.78 -8.64 -30.52
C THR D 357 -21.93 -8.85 -28.98
N GLU D 358 -23.10 -9.32 -28.59
CA GLU D 358 -23.41 -9.63 -27.19
C GLU D 358 -22.97 -8.52 -26.21
N ASN D 359 -22.76 -7.30 -26.69
CA ASN D 359 -22.35 -6.20 -25.83
C ASN D 359 -21.06 -6.57 -25.04
N ASP D 360 -20.10 -7.15 -25.73
CA ASP D 360 -18.84 -7.47 -25.11
C ASP D 360 -17.94 -6.25 -25.17
N SER D 361 -18.08 -5.35 -24.20
CA SER D 361 -17.31 -4.11 -24.25
C SER D 361 -15.78 -4.36 -24.24
N LEU D 362 -15.32 -5.44 -23.65
CA LEU D 362 -13.88 -5.77 -23.70
C LEU D 362 -13.38 -6.32 -25.07
N ASN D 363 -14.28 -6.96 -25.82
CA ASN D 363 -14.06 -7.19 -27.27
C ASN D 363 -14.24 -5.92 -28.07
N GLY D 364 -15.14 -5.06 -27.60
CA GLY D 364 -15.28 -3.72 -28.13
C GLY D 364 -13.97 -2.95 -28.09
N VAL D 365 -13.29 -3.03 -26.96
CA VAL D 365 -12.04 -2.29 -26.81
C VAL D 365 -10.96 -2.80 -27.76
N ALA D 366 -10.76 -4.11 -27.81
CA ALA D 366 -9.82 -4.69 -28.77
C ALA D 366 -10.14 -4.22 -30.16
N MET D 367 -11.42 -4.33 -30.55
CA MET D 367 -11.88 -3.90 -31.88
C MET D 367 -11.47 -2.46 -32.08
N LEU D 368 -11.93 -1.60 -31.17
CA LEU D 368 -11.53 -0.20 -31.18
C LEU D 368 -10.01 0.02 -31.32
N MET D 369 -9.21 -0.67 -30.53
CA MET D 369 -7.74 -0.48 -30.54
C MET D 369 -7.14 -0.89 -31.90
N GLY D 370 -7.54 -2.08 -32.34
CA GLY D 370 -7.13 -2.59 -33.66
C GLY D 370 -7.51 -1.68 -34.82
N HIS D 371 -8.76 -1.20 -34.82
CA HIS D 371 -9.26 -0.31 -35.86
C HIS D 371 -8.46 1.00 -35.92
N GLN D 372 -8.22 1.62 -34.78
CA GLN D 372 -7.41 2.84 -34.69
C GLN D 372 -5.99 2.63 -35.11
N LEU D 373 -5.42 1.47 -34.80
CA LEU D 373 -4.07 1.16 -35.29
C LEU D 373 -3.98 0.93 -36.81
N THR D 374 -5.01 0.32 -37.40
CA THR D 374 -4.94 -0.15 -38.79
C THR D 374 -5.79 0.63 -39.78
N GLY D 375 -6.89 1.19 -39.30
CA GLY D 375 -7.87 1.84 -40.18
C GLY D 375 -8.85 0.85 -40.82
N THR D 376 -8.66 -0.42 -40.51
CA THR D 376 -9.38 -1.49 -41.16
C THR D 376 -10.55 -1.92 -40.31
N ALA D 377 -11.31 -2.86 -40.84
CA ALA D 377 -12.41 -3.47 -40.14
C ALA D 377 -11.86 -4.57 -39.27
N GLN D 378 -12.54 -4.77 -38.14
CA GLN D 378 -12.19 -5.78 -37.16
C GLN D 378 -13.23 -6.89 -37.11
N VAL D 379 -12.75 -8.12 -36.96
CA VAL D 379 -13.59 -9.30 -37.06
C VAL D 379 -13.91 -9.80 -35.66
N PHE D 380 -15.17 -9.70 -35.27
CA PHE D 380 -15.60 -10.25 -33.98
C PHE D 380 -15.74 -11.75 -34.13
N ALA D 381 -15.12 -12.52 -33.24
CA ALA D 381 -15.21 -13.97 -33.28
C ALA D 381 -15.38 -14.63 -31.92
N ASP D 382 -16.22 -15.66 -31.92
CA ASP D 382 -16.25 -16.59 -30.83
C ASP D 382 -15.07 -17.53 -31.06
N VAL D 383 -14.45 -17.96 -29.98
CA VAL D 383 -13.33 -18.89 -30.03
C VAL D 383 -13.93 -20.22 -29.68
N ARG D 384 -14.40 -20.92 -30.69
CA ARG D 384 -15.37 -22.02 -30.53
C ARG D 384 -14.74 -23.42 -30.27
N THR D 385 -13.78 -23.80 -31.10
CA THR D 385 -13.22 -25.16 -31.04
C THR D 385 -11.71 -25.14 -31.25
N TYR D 386 -11.00 -25.92 -30.43
CA TYR D 386 -9.63 -26.29 -30.77
C TYR D 386 -9.60 -27.69 -31.39
N TRP D 387 -9.25 -27.76 -32.67
CA TRP D 387 -9.12 -29.06 -33.34
C TRP D 387 -7.68 -29.59 -33.28
N SER D 388 -7.48 -30.59 -32.43
CA SER D 388 -6.22 -31.37 -32.37
C SER D 388 -5.84 -32.04 -33.70
N PRO D 389 -4.54 -32.30 -33.94
CA PRO D 389 -4.21 -33.08 -35.13
C PRO D 389 -4.72 -34.52 -35.04
N ASP D 390 -4.61 -35.14 -33.87
CA ASP D 390 -5.31 -36.41 -33.60
C ASP D 390 -6.82 -36.33 -33.88
N ALA D 391 -7.45 -35.26 -33.41
CA ALA D 391 -8.91 -35.14 -33.47
C ALA D 391 -9.40 -34.98 -34.90
N VAL D 392 -8.61 -34.32 -35.73
CA VAL D 392 -9.01 -34.05 -37.10
C VAL D 392 -8.89 -35.33 -37.91
N GLU D 393 -7.82 -36.08 -37.67
CA GLU D 393 -7.62 -37.33 -38.39
C GLU D 393 -8.72 -38.33 -38.07
N ARG D 394 -9.17 -38.37 -36.82
CA ARG D 394 -10.24 -39.26 -36.40
C ARG D 394 -11.59 -39.01 -37.11
N VAL D 395 -12.06 -37.77 -37.18
CA VAL D 395 -13.38 -37.48 -37.79
C VAL D 395 -13.36 -37.32 -39.32
N THR D 396 -12.22 -37.01 -39.92
CA THR D 396 -12.13 -36.82 -41.37
C THR D 396 -11.31 -37.88 -42.11
N GLY D 397 -10.52 -38.65 -41.38
CA GLY D 397 -9.65 -39.67 -42.00
C GLY D 397 -8.39 -39.15 -42.68
N GLN D 398 -8.26 -37.84 -42.85
CA GLN D 398 -7.05 -37.27 -43.42
C GLN D 398 -6.47 -36.27 -42.45
N PRO D 399 -5.14 -36.13 -42.44
CA PRO D 399 -4.45 -35.30 -41.46
C PRO D 399 -4.33 -33.84 -41.86
N LEU D 400 -4.27 -32.96 -40.85
CA LEU D 400 -3.96 -31.55 -41.07
C LEU D 400 -2.55 -31.42 -41.60
N THR D 401 -2.37 -30.48 -42.53
CA THR D 401 -1.14 -30.40 -43.29
C THR D 401 -0.68 -28.94 -43.43
N GLY D 402 0.63 -28.76 -43.54
CA GLY D 402 1.19 -27.43 -43.78
C GLY D 402 0.99 -26.55 -42.58
N LEU D 403 0.46 -25.35 -42.82
CA LEU D 403 0.21 -24.36 -41.75
C LEU D 403 -0.68 -24.84 -40.61
N ALA D 404 -1.61 -25.76 -40.90
CA ALA D 404 -2.40 -26.44 -39.85
C ALA D 404 -1.68 -27.61 -39.13
N GLU D 405 -0.38 -27.78 -39.39
CA GLU D 405 0.42 -28.92 -38.90
C GLU D 405 0.25 -29.26 -37.41
N HIS D 406 0.17 -28.24 -36.55
CA HIS D 406 0.18 -28.47 -35.09
C HIS D 406 -1.15 -28.21 -34.37
N GLY D 407 -2.23 -28.19 -35.13
CA GLY D 407 -3.54 -27.84 -34.60
C GLY D 407 -4.16 -26.65 -35.31
N ILE D 408 -5.47 -26.55 -35.18
CA ILE D 408 -6.21 -25.47 -35.76
C ILE D 408 -7.19 -24.99 -34.70
N ILE D 409 -7.55 -23.72 -34.73
CA ILE D 409 -8.59 -23.16 -33.84
C ILE D 409 -9.69 -22.63 -34.72
N HIS D 410 -10.92 -23.01 -34.38
CA HIS D 410 -12.10 -22.56 -35.13
C HIS D 410 -12.61 -21.21 -34.58
N LEU D 411 -12.57 -20.17 -35.42
CA LEU D 411 -13.12 -18.86 -35.06
C LEU D 411 -14.41 -18.54 -35.88
N ILE D 412 -15.52 -18.46 -35.16
CA ILE D 412 -16.82 -18.40 -35.76
C ILE D 412 -17.74 -17.61 -34.84
N ASN D 413 -18.12 -16.41 -35.23
CA ASN D 413 -19.04 -15.62 -34.39
C ASN D 413 -20.50 -16.07 -34.56
N SER D 414 -21.32 -15.77 -33.54
CA SER D 414 -22.77 -16.01 -33.53
C SER D 414 -23.53 -15.15 -34.55
N GLY D 415 -23.43 -15.51 -35.83
CA GLY D 415 -24.20 -14.89 -36.93
C GLY D 415 -23.62 -13.66 -37.64
N SER D 416 -22.77 -12.91 -36.95
CA SER D 416 -22.27 -11.62 -37.45
C SER D 416 -20.77 -11.59 -37.72
N ALA D 417 -20.37 -10.77 -38.66
CA ALA D 417 -18.98 -10.44 -38.87
C ALA D 417 -18.81 -9.45 -40.01
N ALA D 418 -17.74 -8.67 -39.94
CA ALA D 418 -17.40 -7.73 -40.98
C ALA D 418 -17.23 -8.47 -42.29
N LEU D 419 -18.00 -8.06 -43.30
CA LEU D 419 -17.94 -8.69 -44.63
C LEU D 419 -16.51 -8.70 -45.20
N ASP D 420 -15.73 -7.67 -44.87
CA ASP D 420 -14.34 -7.59 -45.33
C ASP D 420 -13.54 -8.80 -44.91
N GLY D 421 -13.95 -9.40 -43.80
CA GLY D 421 -13.38 -10.65 -43.30
C GLY D 421 -13.37 -11.83 -44.27
N SER D 422 -14.22 -11.82 -45.29
CA SER D 422 -14.11 -12.79 -46.37
C SER D 422 -12.72 -12.74 -47.04
N CYS D 423 -12.07 -11.58 -47.01
CA CYS D 423 -10.76 -11.36 -47.64
C CYS D 423 -10.82 -11.47 -49.17
N GLN D 424 -11.98 -11.18 -49.75
CA GLN D 424 -12.13 -11.15 -51.21
C GLN D 424 -11.31 -10.03 -51.81
N GLN D 425 -11.13 -8.98 -51.03
CA GLN D 425 -10.21 -7.89 -51.41
C GLN D 425 -8.83 -8.47 -51.70
N ARG D 426 -8.17 -7.89 -52.69
CA ARG D 426 -6.81 -8.22 -53.01
C ARG D 426 -5.99 -6.95 -52.94
N ASP D 427 -4.72 -7.10 -52.56
CA ASP D 427 -3.80 -5.98 -52.44
C ASP D 427 -2.99 -5.81 -53.73
N GLU D 428 -1.95 -4.96 -53.67
CA GLU D 428 -1.12 -4.62 -54.85
C GLU D 428 -0.51 -5.83 -55.55
N GLU D 429 -0.10 -6.84 -54.78
CA GLU D 429 0.41 -8.11 -55.34
C GLU D 429 -0.70 -9.12 -55.59
N GLY D 430 -1.94 -8.73 -55.30
CA GLY D 430 -3.11 -9.50 -55.69
C GLY D 430 -3.37 -10.75 -54.88
N LYS D 431 -3.22 -10.67 -53.56
CA LYS D 431 -3.51 -11.82 -52.66
C LYS D 431 -4.48 -11.38 -51.53
N PRO D 432 -5.20 -12.33 -50.90
CA PRO D 432 -6.32 -11.93 -50.02
C PRO D 432 -5.94 -11.01 -48.88
N THR D 433 -6.82 -10.06 -48.56
CA THR D 433 -6.56 -9.11 -47.47
C THR D 433 -7.81 -8.34 -47.02
N MET D 434 -7.56 -7.32 -46.19
CA MET D 434 -8.56 -6.32 -45.81
C MET D 434 -7.82 -4.98 -45.73
N LYS D 435 -8.29 -3.98 -46.47
CA LYS D 435 -7.56 -2.72 -46.59
C LYS D 435 -8.23 -1.67 -45.74
N PRO D 436 -7.51 -0.56 -45.47
CA PRO D 436 -8.13 0.63 -44.91
C PRO D 436 -9.14 1.17 -45.91
N HIS D 437 -10.30 1.62 -45.41
CA HIS D 437 -11.49 1.84 -46.25
C HIS D 437 -11.27 2.71 -47.50
N TRP D 438 -10.34 3.65 -47.38
CA TRP D 438 -9.92 4.50 -48.50
C TRP D 438 -9.12 3.80 -49.62
N GLU D 439 -8.61 2.62 -49.38
CA GLU D 439 -8.08 1.80 -50.49
C GLU D 439 -9.06 0.70 -50.92
N ILE D 440 -10.37 0.90 -50.72
CA ILE D 440 -11.37 -0.09 -51.13
C ILE D 440 -12.19 0.44 -52.29
N SER D 441 -11.97 -0.11 -53.47
CA SER D 441 -12.79 0.20 -54.63
C SER D 441 -14.16 -0.43 -54.48
N GLN D 442 -15.21 0.25 -54.95
CA GLN D 442 -16.59 -0.25 -54.85
C GLN D 442 -16.73 -1.61 -55.52
N LYS D 443 -15.91 -1.86 -56.53
CA LYS D 443 -15.86 -3.18 -57.20
C LYS D 443 -15.51 -4.27 -56.19
N GLU D 444 -14.51 -4.01 -55.37
CA GLU D 444 -14.12 -4.93 -54.29
C GLU D 444 -15.20 -5.05 -53.21
N ALA D 445 -15.77 -3.94 -52.81
CA ALA D 445 -16.88 -3.94 -51.86
C ALA D 445 -17.90 -5.02 -52.25
N ASP D 446 -18.35 -5.01 -53.50
CA ASP D 446 -19.32 -5.99 -54.00
C ASP D 446 -18.81 -7.46 -54.01
N ALA D 447 -17.50 -7.66 -54.19
CA ALA D 447 -16.91 -9.01 -54.11
C ALA D 447 -17.03 -9.65 -52.70
N CYS D 448 -17.00 -8.82 -51.65
CA CYS D 448 -17.18 -9.29 -50.28
C CYS D 448 -18.67 -9.61 -49.98
N LEU D 449 -19.57 -8.82 -50.57
CA LEU D 449 -21.01 -9.17 -50.64
C LEU D 449 -21.33 -10.39 -51.52
N ALA D 450 -20.52 -10.58 -52.56
CA ALA D 450 -20.68 -11.73 -53.46
C ALA D 450 -20.24 -13.05 -52.84
N ALA D 451 -19.24 -13.01 -51.96
CA ALA D 451 -18.82 -14.20 -51.20
C ALA D 451 -19.63 -14.47 -49.91
N THR D 452 -20.56 -13.57 -49.57
CA THR D 452 -21.45 -13.73 -48.40
C THR D 452 -22.88 -14.22 -48.74
N GLU D 453 -23.27 -15.29 -48.04
CA GLU D 453 -24.63 -15.86 -48.12
C GLU D 453 -25.37 -15.54 -46.83
N TRP D 454 -26.56 -14.98 -46.97
CA TRP D 454 -27.35 -14.56 -45.81
C TRP D 454 -28.33 -15.65 -45.45
N CYS D 455 -28.18 -16.23 -44.27
CA CYS D 455 -28.96 -17.41 -43.85
C CYS D 455 -29.87 -17.10 -42.63
N PRO D 456 -31.10 -17.65 -42.60
CA PRO D 456 -31.99 -17.33 -41.48
C PRO D 456 -31.49 -17.85 -40.13
N ALA D 457 -31.75 -17.06 -39.09
CA ALA D 457 -31.41 -17.43 -37.72
C ALA D 457 -32.19 -18.66 -37.30
N ILE D 458 -31.59 -19.49 -36.46
CA ILE D 458 -32.27 -20.71 -36.01
C ILE D 458 -33.21 -20.36 -34.85
N HIS D 459 -34.47 -20.69 -35.03
CA HIS D 459 -35.55 -20.11 -34.22
C HIS D 459 -35.42 -20.41 -32.73
N GLU D 460 -34.99 -21.62 -32.38
CA GLU D 460 -34.96 -22.06 -30.99
C GLU D 460 -34.08 -21.16 -30.12
N TYR D 461 -33.01 -20.65 -30.72
CA TYR D 461 -32.09 -19.70 -30.07
C TYR D 461 -32.56 -18.22 -30.26
N PHE D 462 -32.86 -17.87 -31.52
CA PHE D 462 -33.35 -16.54 -31.88
C PHE D 462 -34.79 -16.60 -32.37
N ARG D 463 -35.70 -16.45 -31.41
CA ARG D 463 -37.14 -16.60 -31.66
C ARG D 463 -37.66 -15.58 -32.64
N GLY D 464 -37.23 -14.34 -32.48
CA GLY D 464 -37.58 -13.27 -33.42
C GLY D 464 -36.94 -13.36 -34.80
N GLY D 465 -36.04 -14.32 -35.00
CA GLY D 465 -35.49 -14.56 -36.32
C GLY D 465 -34.35 -13.62 -36.64
N GLY D 466 -33.83 -13.71 -37.87
CA GLY D 466 -32.77 -12.83 -38.33
C GLY D 466 -32.10 -13.42 -39.53
N TYR D 467 -30.99 -12.79 -39.96
CA TYR D 467 -30.16 -13.26 -41.09
C TYR D 467 -28.66 -13.18 -40.74
N SER D 468 -27.90 -14.19 -41.15
CA SER D 468 -26.54 -14.37 -40.67
C SER D 468 -25.49 -14.39 -41.79
N SER D 469 -24.63 -13.37 -41.81
CA SER D 469 -23.64 -13.23 -42.88
C SER D 469 -22.64 -14.35 -42.77
N ARG D 470 -22.78 -15.31 -43.67
CA ARG D 470 -21.90 -16.46 -43.72
C ARG D 470 -20.87 -16.31 -44.85
N PHE D 471 -19.60 -16.36 -44.48
CA PHE D 471 -18.53 -16.35 -45.45
C PHE D 471 -17.38 -17.15 -44.91
N LEU D 472 -16.48 -17.55 -45.81
CA LEU D 472 -15.30 -18.34 -45.46
C LEU D 472 -14.06 -17.54 -45.79
N THR D 473 -13.25 -17.28 -44.77
CA THR D 473 -12.04 -16.48 -44.91
C THR D 473 -11.00 -17.22 -45.73
N GLU D 474 -10.30 -16.51 -46.59
CA GLU D 474 -9.27 -17.11 -47.47
C GLU D 474 -8.05 -17.58 -46.65
N GLY D 475 -7.35 -18.59 -47.15
CA GLY D 475 -6.20 -19.18 -46.47
C GLY D 475 -4.94 -18.35 -46.59
N GLY D 476 -3.99 -18.61 -45.71
CA GLY D 476 -2.68 -17.97 -45.78
C GLY D 476 -2.62 -16.51 -45.42
N VAL D 477 -3.73 -15.93 -44.95
CA VAL D 477 -3.78 -14.49 -44.61
C VAL D 477 -3.31 -14.28 -43.19
N PRO D 478 -2.33 -13.40 -42.99
CA PRO D 478 -1.86 -13.23 -41.63
C PRO D 478 -2.92 -12.50 -40.84
N PHE D 479 -2.97 -12.81 -39.56
CA PHE D 479 -3.91 -12.21 -38.65
C PHE D 479 -3.28 -12.15 -37.30
N THR D 480 -3.70 -11.16 -36.54
CA THR D 480 -3.38 -11.05 -35.13
C THR D 480 -4.69 -11.15 -34.39
N MET D 481 -4.71 -11.93 -33.32
CA MET D 481 -5.92 -12.14 -32.55
C MET D 481 -5.69 -11.55 -31.16
N THR D 482 -6.56 -10.65 -30.76
CA THR D 482 -6.39 -9.90 -29.52
C THR D 482 -7.61 -9.91 -28.68
N ARG D 483 -7.42 -9.79 -27.37
CA ARG D 483 -8.51 -9.68 -26.41
C ARG D 483 -8.04 -8.83 -25.25
N VAL D 484 -8.94 -8.07 -24.65
CA VAL D 484 -8.66 -7.46 -23.36
C VAL D 484 -9.49 -8.10 -22.27
N ASN D 485 -8.94 -8.19 -21.07
CA ASN D 485 -9.68 -8.78 -19.97
C ASN D 485 -9.43 -7.98 -18.71
N LEU D 486 -10.38 -8.02 -17.78
CA LEU D 486 -10.26 -7.32 -16.52
C LEU D 486 -10.03 -8.31 -15.41
N ILE D 487 -8.87 -8.25 -14.76
CA ILE D 487 -8.58 -9.15 -13.67
C ILE D 487 -8.57 -8.43 -12.34
N LYS D 488 -9.60 -8.70 -11.56
CA LYS D 488 -9.80 -8.01 -10.29
C LYS D 488 -8.54 -8.07 -9.41
N GLY D 489 -8.15 -6.89 -8.90
CA GLY D 489 -6.92 -6.75 -8.12
C GLY D 489 -5.65 -6.71 -8.97
N LEU D 490 -5.82 -6.74 -10.29
CA LEU D 490 -4.70 -6.56 -11.22
C LEU D 490 -5.00 -5.50 -12.26
N GLY D 491 -6.21 -5.53 -12.82
CA GLY D 491 -6.64 -4.51 -13.76
C GLY D 491 -6.89 -5.08 -15.14
N PRO D 492 -6.74 -4.24 -16.16
CA PRO D 492 -6.86 -4.69 -17.52
C PRO D 492 -5.59 -5.35 -18.01
N VAL D 493 -5.72 -6.43 -18.77
CA VAL D 493 -4.57 -7.09 -19.36
C VAL D 493 -4.89 -7.36 -20.82
N LEU D 494 -3.82 -7.58 -21.57
CA LEU D 494 -3.94 -7.73 -23.00
C LEU D 494 -3.39 -9.06 -23.49
N GLN D 495 -4.19 -9.75 -24.30
CA GLN D 495 -3.77 -10.96 -24.96
C GLN D 495 -3.59 -10.71 -26.45
N ILE D 496 -2.58 -11.33 -27.03
CA ILE D 496 -2.27 -11.14 -28.42
C ILE D 496 -1.80 -12.49 -28.95
N ALA D 497 -2.14 -12.80 -30.21
CA ALA D 497 -1.68 -14.03 -30.84
C ALA D 497 -1.56 -13.90 -32.35
N GLU D 498 -0.39 -13.47 -32.80
CA GLU D 498 -0.09 -13.43 -34.23
C GLU D 498 -0.16 -14.83 -34.77
N GLY D 499 -0.84 -14.98 -35.92
CA GLY D 499 -1.00 -16.27 -36.62
C GLY D 499 -1.38 -16.15 -38.10
N TRP D 500 -1.96 -17.22 -38.65
CA TRP D 500 -2.49 -17.23 -40.03
C TRP D 500 -3.87 -17.80 -40.04
N SER D 501 -4.71 -17.30 -40.95
CA SER D 501 -5.88 -18.04 -41.39
C SER D 501 -5.38 -19.15 -42.32
N VAL D 502 -6.12 -20.26 -42.38
CA VAL D 502 -5.77 -21.38 -43.28
C VAL D 502 -6.95 -21.88 -44.11
N GLU D 503 -6.65 -22.41 -45.30
CA GLU D 503 -7.64 -23.09 -46.14
C GLU D 503 -7.54 -24.58 -45.90
N LEU D 504 -8.64 -25.23 -45.60
CA LEU D 504 -8.65 -26.69 -45.47
C LEU D 504 -9.20 -27.26 -46.77
N PRO D 505 -8.83 -28.51 -47.10
CA PRO D 505 -9.50 -29.22 -48.21
C PRO D 505 -11.00 -29.28 -47.98
N LYS D 506 -11.79 -29.13 -49.04
CA LYS D 506 -13.23 -28.90 -48.89
C LYS D 506 -13.91 -30.03 -48.14
N ALA D 507 -13.46 -31.26 -48.40
CA ALA D 507 -14.01 -32.44 -47.70
C ALA D 507 -13.85 -32.33 -46.17
N MET D 508 -12.63 -32.00 -45.75
CA MET D 508 -12.30 -31.74 -44.36
C MET D 508 -13.12 -30.59 -43.74
N HIS D 509 -13.10 -29.45 -44.41
CA HIS D 509 -13.80 -28.27 -43.95
C HIS D 509 -15.27 -28.55 -43.83
N ASP D 510 -15.84 -29.25 -44.81
CA ASP D 510 -17.28 -29.44 -44.83
C ASP D 510 -17.75 -30.26 -43.62
N GLN D 511 -16.97 -31.26 -43.23
CA GLN D 511 -17.32 -32.09 -42.05
C GLN D 511 -17.29 -31.28 -40.74
N LEU D 512 -16.29 -30.43 -40.60
CA LEU D 512 -16.08 -29.66 -39.38
C LEU D 512 -17.06 -28.50 -39.28
N ASP D 513 -17.56 -28.04 -40.42
CA ASP D 513 -18.57 -26.97 -40.44
C ASP D 513 -19.96 -27.48 -40.01
N ALA D 514 -20.27 -28.73 -40.38
CA ALA D 514 -21.55 -29.36 -40.04
C ALA D 514 -21.70 -29.66 -38.53
N ARG D 515 -20.63 -30.11 -37.91
CA ARG D 515 -20.57 -30.33 -36.45
C ARG D 515 -20.86 -29.06 -35.63
N THR D 516 -20.37 -27.93 -36.12
CA THR D 516 -20.44 -26.67 -35.41
C THR D 516 -21.67 -25.90 -35.92
N ASN D 517 -21.54 -24.68 -36.45
CA ASN D 517 -22.70 -23.96 -37.00
C ASN D 517 -22.40 -23.49 -38.39
N SER D 518 -23.05 -24.10 -39.37
CA SER D 518 -22.76 -23.87 -40.78
C SER D 518 -23.53 -22.69 -41.38
N THR D 519 -24.37 -22.02 -40.58
CA THR D 519 -25.02 -20.76 -41.03
C THR D 519 -24.22 -19.56 -40.58
N TRP D 520 -23.14 -19.82 -39.87
CA TRP D 520 -22.33 -18.78 -39.25
C TRP D 520 -20.98 -18.61 -39.93
N PRO D 521 -20.48 -17.36 -40.00
CA PRO D 521 -19.21 -17.13 -40.70
C PRO D 521 -18.05 -17.86 -40.02
N THR D 522 -17.07 -18.29 -40.80
CA THR D 522 -15.97 -19.14 -40.31
C THR D 522 -14.55 -18.64 -40.73
N THR D 523 -13.60 -18.90 -39.85
CA THR D 523 -12.18 -18.65 -40.09
C THR D 523 -11.42 -19.77 -39.37
N TRP D 524 -10.43 -20.34 -40.04
CA TRP D 524 -9.64 -21.42 -39.46
C TRP D 524 -8.27 -20.86 -39.08
N PHE D 525 -7.97 -20.81 -37.79
CA PHE D 525 -6.80 -20.05 -37.33
C PHE D 525 -5.68 -20.97 -36.85
N ALA D 526 -4.46 -20.63 -37.23
CA ALA D 526 -3.26 -21.33 -36.76
C ALA D 526 -2.33 -20.29 -36.10
N PRO D 527 -2.24 -20.32 -34.77
CA PRO D 527 -1.34 -19.38 -34.11
C PRO D 527 0.09 -19.78 -34.35
N ARG D 528 0.97 -18.79 -34.49
CA ARG D 528 2.40 -19.03 -34.64
C ARG D 528 2.99 -19.41 -33.29
N LEU D 529 3.79 -20.48 -33.28
CA LEU D 529 4.31 -20.99 -32.03
C LEU D 529 5.75 -20.57 -31.76
N THR D 530 6.07 -20.46 -30.47
CA THR D 530 7.43 -20.21 -30.02
C THR D 530 8.02 -21.39 -29.31
N GLY D 531 7.20 -22.37 -28.99
CA GLY D 531 7.64 -23.52 -28.20
C GLY D 531 7.82 -23.21 -26.72
N LYS D 532 7.22 -22.11 -26.26
CA LYS D 532 7.40 -21.65 -24.88
C LYS D 532 6.10 -21.06 -24.36
N GLY D 533 5.80 -21.34 -23.11
CA GLY D 533 4.60 -20.83 -22.46
C GLY D 533 3.36 -21.23 -23.22
N PRO D 534 2.40 -20.33 -23.28
CA PRO D 534 1.16 -20.61 -24.00
C PRO D 534 1.40 -20.96 -25.45
N PHE D 535 2.49 -20.48 -26.05
CA PHE D 535 2.80 -20.79 -27.45
C PHE D 535 3.69 -22.04 -27.72
N ALA D 536 3.75 -22.94 -26.72
CA ALA D 536 4.40 -24.23 -26.85
C ALA D 536 3.65 -25.11 -27.83
N ASP D 537 2.33 -25.07 -27.79
CA ASP D 537 1.52 -25.79 -28.76
C ASP D 537 0.24 -25.01 -29.01
N VAL D 538 -0.49 -25.39 -30.05
CA VAL D 538 -1.78 -24.76 -30.30
C VAL D 538 -2.77 -24.98 -29.15
N TYR D 539 -2.75 -26.15 -28.50
CA TYR D 539 -3.71 -26.42 -27.43
C TYR D 539 -3.63 -25.35 -26.35
N SER D 540 -2.41 -24.99 -26.00
CA SER D 540 -2.17 -24.03 -24.91
C SER D 540 -2.72 -22.62 -25.24
N VAL D 541 -2.50 -22.18 -26.48
CA VAL D 541 -3.02 -20.92 -27.01
C VAL D 541 -4.54 -20.83 -26.82
N MET D 542 -5.24 -21.87 -27.19
CA MET D 542 -6.63 -21.93 -26.84
C MET D 542 -6.78 -21.88 -25.32
N ALA D 543 -6.04 -22.74 -24.63
CA ALA D 543 -6.30 -22.97 -23.21
C ALA D 543 -5.97 -21.77 -22.35
N ASN D 544 -5.12 -20.89 -22.81
CA ASN D 544 -4.80 -19.70 -22.02
C ASN D 544 -5.66 -18.50 -22.38
N TRP D 545 -6.37 -18.56 -23.49
CA TRP D 545 -7.12 -17.42 -23.95
C TRP D 545 -8.09 -17.01 -22.84
N GLY D 546 -8.19 -15.72 -22.56
CA GLY D 546 -8.82 -15.28 -21.34
C GLY D 546 -10.32 -15.07 -21.42
N ALA D 547 -10.99 -15.61 -22.45
CA ALA D 547 -12.42 -15.39 -22.66
C ALA D 547 -12.92 -16.22 -23.83
N ASN D 548 -14.24 -16.25 -24.01
CA ASN D 548 -14.89 -17.04 -25.05
C ASN D 548 -14.89 -16.29 -26.36
N HIS D 549 -14.59 -15.00 -26.31
CA HIS D 549 -14.56 -14.16 -27.49
C HIS D 549 -13.12 -13.72 -27.80
N GLY D 550 -12.85 -13.48 -29.08
CA GLY D 550 -11.63 -12.79 -29.51
C GLY D 550 -11.84 -11.83 -30.66
N VAL D 551 -10.76 -11.19 -31.07
CA VAL D 551 -10.83 -10.21 -32.12
C VAL D 551 -9.71 -10.45 -33.12
N LEU D 552 -10.09 -10.46 -34.40
CA LEU D 552 -9.14 -10.56 -35.51
C LEU D 552 -8.86 -9.21 -36.16
N THR D 553 -7.62 -8.77 -36.04
CA THR D 553 -7.12 -7.67 -36.84
C THR D 553 -6.21 -8.24 -37.95
N ILE D 554 -6.23 -7.61 -39.11
CA ILE D 554 -5.50 -8.09 -40.25
C ILE D 554 -3.99 -7.87 -40.07
N GLY D 555 -3.19 -8.79 -40.59
CA GLY D 555 -1.75 -8.67 -40.60
C GLY D 555 -1.11 -9.05 -39.28
N HIS D 556 0.14 -8.62 -39.13
CA HIS D 556 0.94 -8.94 -37.96
C HIS D 556 1.23 -7.65 -37.22
N VAL D 557 0.31 -7.34 -36.32
CA VAL D 557 0.27 -6.03 -35.67
C VAL D 557 0.49 -6.12 -34.15
N GLY D 558 0.95 -7.28 -33.69
CA GLY D 558 1.39 -7.45 -32.30
C GLY D 558 2.30 -6.35 -31.80
N ALA D 559 3.25 -5.92 -32.63
CA ALA D 559 4.17 -4.87 -32.22
C ALA D 559 3.47 -3.58 -31.90
N ASP D 560 2.50 -3.23 -32.74
CA ASP D 560 1.75 -1.99 -32.58
C ASP D 560 0.90 -2.04 -31.35
N PHE D 561 0.24 -3.17 -31.13
CA PHE D 561 -0.58 -3.37 -29.94
C PHE D 561 0.25 -3.25 -28.70
N ILE D 562 1.42 -3.90 -28.69
CA ILE D 562 2.29 -3.86 -27.52
C ILE D 562 2.69 -2.44 -27.15
N THR D 563 3.06 -1.67 -28.15
CA THR D 563 3.38 -0.26 -27.98
C THR D 563 2.19 0.47 -27.46
N LEU D 564 1.05 0.25 -28.08
CA LEU D 564 -0.16 0.91 -27.64
C LEU D 564 -0.46 0.58 -26.20
N ALA D 565 -0.32 -0.70 -25.84
CA ALA D 565 -0.60 -1.20 -24.49
C ALA D 565 0.25 -0.50 -23.44
N ALA D 566 1.53 -0.27 -23.76
CA ALA D 566 2.45 0.38 -22.83
C ALA D 566 2.11 1.83 -22.65
N MET D 567 1.57 2.44 -23.69
CA MET D 567 1.09 3.84 -23.63
C MET D 567 -0.10 4.00 -22.69
N LEU D 568 -0.94 2.98 -22.67
CA LEU D 568 -2.09 2.91 -21.79
C LEU D 568 -1.82 2.20 -20.45
N ARG D 569 -0.60 1.73 -20.24
CA ARG D 569 -0.26 0.98 -19.05
C ARG D 569 -1.16 -0.22 -18.81
N ILE D 570 -1.50 -0.92 -19.88
CA ILE D 570 -2.15 -2.21 -19.78
C ILE D 570 -1.11 -3.30 -19.99
N PRO D 571 -0.85 -4.08 -18.93
CA PRO D 571 0.18 -5.11 -19.11
C PRO D 571 -0.25 -6.16 -20.12
N VAL D 572 0.74 -6.75 -20.77
CA VAL D 572 0.50 -7.78 -21.76
C VAL D 572 0.88 -9.14 -21.19
N CYS D 573 -0.06 -10.08 -21.22
CA CYS D 573 0.08 -11.35 -20.49
C CYS D 573 0.32 -12.53 -21.35
N MET D 574 0.23 -12.34 -22.64
CA MET D 574 0.33 -13.44 -23.56
C MET D 574 0.56 -12.81 -24.90
N HIS D 575 1.73 -13.09 -25.46
CA HIS D 575 2.09 -12.66 -26.78
C HIS D 575 3.19 -13.54 -27.34
N ASN D 576 3.19 -13.65 -28.66
CA ASN D 576 4.16 -14.41 -29.38
C ASN D 576 4.87 -13.52 -30.38
N VAL D 577 4.97 -12.23 -30.06
CA VAL D 577 5.78 -11.27 -30.85
C VAL D 577 7.27 -11.40 -30.49
N GLU D 578 8.13 -11.43 -31.51
CA GLU D 578 9.57 -11.53 -31.28
C GLU D 578 10.07 -10.37 -30.44
N GLU D 579 11.05 -10.70 -29.58
CA GLU D 579 11.55 -9.84 -28.50
C GLU D 579 12.16 -8.52 -28.99
N GLY D 580 12.75 -8.57 -30.16
CA GLY D 580 13.32 -7.39 -30.78
C GLY D 580 12.29 -6.38 -31.18
N LYS D 581 11.06 -6.81 -31.47
CA LYS D 581 10.04 -5.90 -31.93
C LYS D 581 9.34 -5.15 -30.79
N ILE D 582 9.48 -5.60 -29.56
CA ILE D 582 8.78 -4.94 -28.47
C ILE D 582 9.21 -3.51 -28.28
N TYR D 583 8.30 -2.56 -28.47
CA TYR D 583 8.67 -1.15 -28.39
C TYR D 583 7.89 -0.44 -27.27
N ARG D 584 8.60 0.03 -26.25
CA ARG D 584 7.97 0.63 -25.07
C ARG D 584 8.79 1.81 -24.55
N PRO D 585 8.26 2.59 -23.61
CA PRO D 585 9.03 3.72 -23.11
C PRO D 585 10.31 3.23 -22.49
N SER D 586 11.27 4.13 -22.33
CA SER D 586 12.61 3.72 -21.89
C SER D 586 12.56 3.32 -20.45
N SER D 587 11.74 4.00 -19.68
CA SER D 587 11.58 3.71 -18.25
C SER D 587 11.33 2.20 -18.02
N TRP D 588 10.63 1.56 -18.94
CA TRP D 588 10.36 0.16 -18.79
C TRP D 588 11.70 -0.55 -18.54
N ALA D 589 12.70 -0.27 -19.38
CA ALA D 589 13.98 -0.96 -19.29
C ALA D 589 14.54 -0.95 -17.87
N ALA D 590 14.28 0.13 -17.10
CA ALA D 590 14.76 0.26 -15.71
C ALA D 590 14.01 -0.58 -14.69
N HIS D 591 12.90 -1.15 -15.13
CA HIS D 591 12.17 -2.08 -14.29
C HIS D 591 12.57 -3.50 -14.58
N GLY D 592 13.70 -3.73 -15.26
CA GLY D 592 14.19 -5.09 -15.48
C GLY D 592 14.48 -5.42 -16.93
N MET D 593 15.46 -6.33 -17.13
CA MET D 593 15.78 -6.84 -18.45
C MET D 593 14.69 -7.72 -19.04
N ASP D 594 13.86 -8.35 -18.22
CA ASP D 594 12.88 -9.31 -18.75
C ASP D 594 11.64 -8.62 -19.25
N THR D 595 11.28 -8.84 -20.52
CA THR D 595 10.18 -8.07 -21.11
C THR D 595 8.82 -8.32 -20.49
N GLU D 596 8.59 -9.51 -19.93
CA GLU D 596 7.36 -9.75 -19.19
C GLU D 596 7.38 -9.15 -17.77
N GLY D 597 8.52 -9.22 -17.12
CA GLY D 597 8.63 -8.74 -15.75
C GLY D 597 8.60 -7.23 -15.62
N GLN D 598 9.33 -6.55 -16.51
CA GLN D 598 9.41 -5.10 -16.49
C GLN D 598 8.02 -4.50 -16.77
N ASP D 599 7.26 -5.15 -17.63
CA ASP D 599 5.97 -4.62 -18.03
C ASP D 599 5.01 -4.56 -16.84
N TYR D 600 4.89 -5.66 -16.10
CA TYR D 600 4.01 -5.67 -14.95
C TYR D 600 4.42 -4.65 -13.93
N ARG D 601 5.70 -4.64 -13.57
CA ARG D 601 6.21 -3.73 -12.56
C ARG D 601 6.01 -2.30 -12.99
N ALA D 602 6.44 -1.96 -14.22
CA ALA D 602 6.27 -0.58 -14.70
C ALA D 602 4.78 -0.19 -14.77
N CYS D 603 3.93 -1.10 -15.29
CA CYS D 603 2.49 -0.85 -15.37
C CYS D 603 1.90 -0.65 -13.98
N GLN D 604 2.41 -1.39 -13.01
CA GLN D 604 2.00 -1.24 -11.63
C GLN D 604 2.38 0.15 -11.08
N ASN D 605 3.48 0.69 -11.56
CA ASN D 605 4.08 1.93 -11.04
C ASN D 605 3.32 3.14 -11.53
N TYR D 606 3.22 3.29 -12.82
CA TYR D 606 2.61 4.48 -13.38
C TYR D 606 1.06 4.43 -13.34
N GLY D 607 0.48 3.24 -13.42
CA GLY D 607 -0.97 3.12 -13.40
C GLY D 607 -1.73 3.77 -14.56
N PRO D 608 -3.07 3.74 -14.49
CA PRO D 608 -3.86 4.28 -15.59
C PRO D 608 -3.48 5.73 -15.85
N LEU D 609 -3.62 6.14 -17.09
CA LEU D 609 -3.16 7.40 -17.58
C LEU D 609 -3.95 8.58 -17.05
N TYR D 610 -5.27 8.45 -16.98
CA TYR D 610 -6.17 9.59 -16.74
C TYR D 610 -6.59 9.85 -15.30
N LYS D 611 -6.60 8.85 -14.41
CA LYS D 611 -6.91 9.09 -12.97
C LYS D 611 -6.72 7.87 -12.08
N SER E 26 -33.30 -22.00 3.15
CA SER E 26 -33.94 -21.86 4.48
C SER E 26 -33.28 -20.74 5.30
N LEU E 27 -34.00 -20.22 6.29
CA LEU E 27 -33.70 -18.93 6.91
C LEU E 27 -32.49 -18.99 7.85
N PRO E 28 -31.97 -17.81 8.23
CA PRO E 28 -30.77 -17.88 9.05
C PRO E 28 -31.05 -18.24 10.50
N LYS E 29 -30.09 -18.92 11.11
CA LYS E 29 -30.24 -19.31 12.48
C LYS E 29 -29.13 -18.70 13.36
N ILE E 30 -29.51 -18.37 14.58
CA ILE E 30 -28.60 -17.76 15.51
C ILE E 30 -28.00 -18.85 16.36
N GLY E 31 -26.68 -18.94 16.40
CA GLY E 31 -25.97 -19.95 17.18
C GLY E 31 -25.62 -19.43 18.56
N ILE E 32 -25.96 -20.19 19.60
CA ILE E 32 -25.55 -19.84 20.97
C ILE E 32 -24.49 -20.86 21.41
N ARG E 33 -23.43 -20.37 22.02
CA ARG E 33 -22.31 -21.22 22.39
C ARG E 33 -22.10 -21.02 23.89
N PRO E 34 -22.13 -22.11 24.65
CA PRO E 34 -21.89 -21.96 26.06
C PRO E 34 -20.49 -22.44 26.43
N VAL E 35 -19.69 -21.53 26.94
CA VAL E 35 -18.29 -21.80 27.24
C VAL E 35 -18.16 -21.90 28.76
N ILE E 36 -17.08 -22.53 29.22
CA ILE E 36 -16.91 -22.83 30.62
C ILE E 36 -15.43 -22.98 31.01
N ASP E 37 -15.18 -23.03 32.32
CA ASP E 37 -13.89 -23.46 32.86
C ASP E 37 -13.73 -24.98 32.68
N GLY E 38 -12.88 -25.37 31.75
CA GLY E 38 -12.73 -26.78 31.34
C GLY E 38 -12.28 -27.70 32.44
N ARG E 39 -11.38 -27.21 33.28
CA ARG E 39 -10.80 -28.00 34.36
C ARG E 39 -11.89 -28.60 35.22
N ARG E 40 -11.71 -29.86 35.58
CA ARG E 40 -12.75 -30.59 36.30
C ARG E 40 -12.46 -30.70 37.81
N MET E 41 -12.50 -31.93 38.35
CA MET E 41 -12.36 -32.16 39.79
C MET E 41 -13.36 -31.30 40.57
N GLY E 42 -14.61 -31.35 40.13
CA GLY E 42 -15.69 -30.66 40.79
C GLY E 42 -15.98 -29.26 40.27
N VAL E 43 -14.97 -28.62 39.67
CA VAL E 43 -15.07 -27.21 39.28
C VAL E 43 -16.06 -27.06 38.10
N ARG E 44 -15.88 -27.87 37.08
CA ARG E 44 -16.75 -27.83 35.91
C ARG E 44 -18.21 -28.13 36.29
N GLU E 45 -18.42 -29.30 36.89
CA GLU E 45 -19.76 -29.90 37.09
C GLU E 45 -20.71 -28.98 37.84
N SER E 46 -20.15 -28.18 38.74
CA SER E 46 -20.88 -27.10 39.43
C SER E 46 -21.51 -26.13 38.43
N LEU E 47 -20.70 -25.74 37.47
CA LEU E 47 -21.04 -24.69 36.54
C LEU E 47 -21.82 -25.17 35.31
N GLU E 48 -21.79 -26.47 35.00
CA GLU E 48 -22.41 -27.03 33.77
C GLU E 48 -23.85 -26.55 33.58
N ALA E 49 -24.65 -26.69 34.63
CA ALA E 49 -26.04 -26.24 34.61
C ALA E 49 -26.11 -24.73 34.42
N GLN E 50 -25.41 -23.99 35.28
CA GLN E 50 -25.44 -22.53 35.23
C GLN E 50 -25.24 -22.02 33.80
N THR E 51 -24.16 -22.51 33.17
CA THR E 51 -23.76 -22.05 31.84
C THR E 51 -24.92 -22.23 30.85
N MET E 52 -25.32 -23.48 30.64
CA MET E 52 -26.32 -23.82 29.61
C MET E 52 -27.70 -23.21 29.81
N ASN E 53 -28.04 -22.79 31.02
CA ASN E 53 -29.28 -22.06 31.22
C ASN E 53 -29.13 -20.67 30.65
N MET E 54 -27.91 -20.15 30.73
CA MET E 54 -27.59 -18.82 30.20
C MET E 54 -27.87 -18.91 28.71
N ALA E 55 -27.36 -19.95 28.07
CA ALA E 55 -27.61 -20.19 26.65
C ALA E 55 -29.12 -20.25 26.34
N LYS E 56 -29.81 -21.10 27.08
CA LYS E 56 -31.24 -21.37 26.94
C LYS E 56 -32.09 -20.12 27.13
N ALA E 57 -31.72 -19.27 28.08
CA ALA E 57 -32.43 -18.00 28.31
C ALA E 57 -32.23 -17.03 27.14
N THR E 58 -31.06 -17.12 26.50
CA THR E 58 -30.69 -16.28 25.34
C THR E 58 -31.51 -16.63 24.11
N ALA E 59 -31.60 -17.93 23.81
CA ALA E 59 -32.38 -18.42 22.65
C ALA E 59 -33.85 -18.04 22.75
N ALA E 60 -34.43 -18.34 23.91
CA ALA E 60 -35.79 -17.92 24.25
C ALA E 60 -35.91 -16.43 24.09
N LEU E 61 -35.00 -15.70 24.73
CA LEU E 61 -34.98 -14.25 24.62
C LEU E 61 -35.20 -13.78 23.17
N ILE E 62 -34.32 -14.20 22.26
CA ILE E 62 -34.31 -13.64 20.90
C ILE E 62 -35.52 -14.14 20.09
N SER E 63 -35.77 -15.44 20.14
CA SER E 63 -36.87 -16.08 19.37
C SER E 63 -38.21 -15.51 19.74
N GLU E 64 -38.37 -15.31 21.04
CA GLU E 64 -39.49 -14.57 21.59
C GLU E 64 -39.56 -13.14 21.09
N LYS E 65 -38.48 -12.38 21.32
CA LYS E 65 -38.53 -10.93 21.23
C LYS E 65 -38.62 -10.35 19.83
N LEU E 66 -38.04 -11.07 18.86
CA LEU E 66 -37.96 -10.60 17.45
C LEU E 66 -38.37 -11.69 16.48
N ARG E 67 -38.81 -11.25 15.30
CA ARG E 67 -39.18 -12.15 14.20
C ARG E 67 -38.22 -11.90 13.02
N HIS E 68 -38.38 -12.64 11.93
CA HIS E 68 -37.71 -12.32 10.67
C HIS E 68 -38.43 -11.18 9.95
N ALA E 69 -37.82 -10.72 8.87
CA ALA E 69 -38.45 -9.76 7.99
C ALA E 69 -39.69 -10.36 7.37
N CYS E 70 -39.58 -11.61 6.93
CA CYS E 70 -40.68 -12.30 6.25
C CYS E 70 -41.82 -12.67 7.20
N GLY E 71 -41.50 -12.73 8.49
CA GLY E 71 -42.50 -12.91 9.53
C GLY E 71 -42.21 -14.11 10.40
N ALA E 72 -41.44 -15.05 9.86
CA ALA E 72 -41.17 -16.32 10.52
C ALA E 72 -40.40 -16.19 11.84
N GLN E 73 -40.51 -17.23 12.67
CA GLN E 73 -39.84 -17.24 13.97
C GLN E 73 -38.35 -17.32 13.79
N ILE E 74 -37.60 -16.91 14.79
CA ILE E 74 -36.16 -17.08 14.77
C ILE E 74 -35.73 -18.33 15.55
N GLU E 75 -35.45 -19.42 14.84
CA GLU E 75 -34.77 -20.56 15.46
C GLU E 75 -33.37 -20.16 15.93
N CYS E 76 -33.00 -20.63 17.11
CA CYS E 76 -31.67 -20.50 17.64
C CYS E 76 -31.17 -21.90 17.85
N VAL E 77 -29.87 -22.12 17.73
CA VAL E 77 -29.33 -23.47 17.85
C VAL E 77 -28.17 -23.52 18.83
N ILE E 78 -28.39 -24.25 19.93
CA ILE E 78 -27.43 -24.30 21.05
C ILE E 78 -26.50 -25.50 20.91
N ALA E 79 -25.25 -25.34 21.33
CA ALA E 79 -24.26 -26.43 21.31
C ALA E 79 -24.77 -27.60 22.14
N ASP E 80 -24.39 -28.81 21.74
CA ASP E 80 -24.76 -30.04 22.48
C ASP E 80 -24.23 -30.01 23.92
N THR E 81 -22.98 -29.57 24.07
CA THR E 81 -22.32 -29.49 25.36
C THR E 81 -21.56 -28.19 25.50
N CYS E 82 -21.23 -27.82 26.73
CA CYS E 82 -20.56 -26.56 27.03
C CYS E 82 -19.12 -26.64 26.57
N ILE E 83 -18.57 -25.52 26.10
CA ILE E 83 -17.23 -25.53 25.52
C ILE E 83 -16.15 -25.10 26.51
N ALA E 84 -14.99 -25.75 26.44
CA ALA E 84 -13.79 -25.33 27.20
C ALA E 84 -12.48 -25.75 26.53
N GLY E 85 -12.52 -25.96 25.22
CA GLY E 85 -11.36 -26.47 24.50
C GLY E 85 -11.57 -26.50 23.00
N MET E 86 -10.50 -26.79 22.30
CA MET E 86 -10.54 -26.92 20.83
C MET E 86 -11.35 -28.13 20.35
N ALA E 87 -11.29 -29.22 21.11
CA ALA E 87 -12.09 -30.40 20.80
C ALA E 87 -13.61 -30.09 20.79
N GLU E 88 -14.11 -29.47 21.85
CA GLU E 88 -15.55 -29.14 21.95
C GLU E 88 -16.05 -28.01 21.06
N SER E 89 -15.16 -27.09 20.67
CA SER E 89 -15.54 -26.01 19.76
C SER E 89 -15.81 -26.60 18.39
N ALA E 90 -14.89 -27.42 17.92
CA ALA E 90 -15.03 -28.14 16.64
C ALA E 90 -16.43 -28.75 16.47
N ALA E 91 -16.91 -29.42 17.51
CA ALA E 91 -18.21 -30.08 17.46
C ALA E 91 -19.35 -29.08 17.46
N CYS E 92 -19.13 -27.91 17.99
CA CYS E 92 -20.14 -26.86 17.91
C CYS E 92 -20.10 -26.26 16.50
N GLU E 93 -18.91 -26.24 15.92
CA GLU E 93 -18.70 -25.85 14.52
C GLU E 93 -19.42 -26.78 13.53
N GLU E 94 -19.17 -28.08 13.66
CA GLU E 94 -19.82 -29.10 12.81
C GLU E 94 -21.36 -29.00 12.91
N LYS E 95 -21.90 -28.88 14.13
CA LYS E 95 -23.35 -28.70 14.28
C LYS E 95 -23.83 -27.42 13.59
N PHE E 96 -23.07 -26.35 13.77
CA PHE E 96 -23.44 -25.07 13.21
C PHE E 96 -23.35 -25.13 11.68
N SER E 97 -22.33 -25.83 11.16
CA SER E 97 -22.06 -26.01 9.72
C SER E 97 -23.26 -26.42 8.92
N ARG E 98 -23.95 -27.42 9.42
CA ARG E 98 -25.06 -28.02 8.70
C ARG E 98 -26.39 -27.36 9.07
N GLN E 99 -26.38 -26.37 9.94
CA GLN E 99 -27.62 -25.81 10.41
C GLN E 99 -27.94 -24.42 9.86
N ASN E 100 -26.99 -23.78 9.18
CA ASN E 100 -27.18 -22.44 8.57
C ASN E 100 -27.14 -21.24 9.57
N VAL E 101 -26.25 -21.34 10.55
CA VAL E 101 -26.14 -20.29 11.57
C VAL E 101 -25.18 -19.22 11.06
N GLY E 102 -25.66 -17.99 10.96
CA GLY E 102 -24.85 -16.86 10.49
C GLY E 102 -24.41 -15.93 11.61
N VAL E 103 -25.07 -16.04 12.75
CA VAL E 103 -24.78 -15.21 13.92
C VAL E 103 -24.34 -16.15 15.05
N THR E 104 -23.35 -15.76 15.85
CA THR E 104 -23.03 -16.50 17.05
C THR E 104 -22.91 -15.58 18.23
N ILE E 105 -23.64 -15.90 19.30
CA ILE E 105 -23.48 -15.23 20.57
C ILE E 105 -22.87 -16.23 21.50
N THR E 106 -21.69 -15.93 22.02
CA THR E 106 -21.12 -16.78 23.03
C THR E 106 -21.63 -16.22 24.35
N VAL E 107 -22.00 -17.12 25.28
CA VAL E 107 -22.35 -16.76 26.67
C VAL E 107 -21.55 -17.59 27.68
N THR E 108 -21.18 -16.95 28.79
CA THR E 108 -20.43 -17.61 29.87
C THR E 108 -20.55 -16.88 31.24
N PRO E 109 -20.52 -17.64 32.37
CA PRO E 109 -20.53 -17.03 33.69
C PRO E 109 -19.21 -17.16 34.42
N CYS E 110 -18.26 -17.85 33.82
CA CYS E 110 -17.01 -18.16 34.49
C CYS E 110 -15.85 -17.62 33.67
N TRP E 111 -14.65 -17.84 34.18
CA TRP E 111 -13.44 -17.65 33.41
C TRP E 111 -13.19 -18.90 32.57
N CYS E 112 -12.86 -18.71 31.29
CA CYS E 112 -12.64 -19.82 30.34
C CYS E 112 -11.42 -19.55 29.45
N TYR E 113 -11.00 -20.58 28.72
CA TYR E 113 -9.69 -20.56 28.04
C TYR E 113 -9.77 -19.89 26.64
N GLY E 114 -9.57 -18.57 26.64
CA GLY E 114 -10.02 -17.67 25.57
C GLY E 114 -9.64 -18.01 24.14
N SER E 115 -8.35 -18.14 23.87
CA SER E 115 -7.86 -18.51 22.52
C SER E 115 -8.48 -19.81 21.99
N GLU E 116 -8.74 -20.75 22.91
CA GLU E 116 -9.25 -22.07 22.56
C GLU E 116 -10.74 -22.08 22.25
N THR E 117 -11.47 -21.22 22.96
CA THR E 117 -12.92 -21.29 23.06
C THR E 117 -13.73 -20.28 22.21
N ILE E 118 -13.05 -19.30 21.64
CA ILE E 118 -13.69 -18.22 20.88
C ILE E 118 -14.09 -18.65 19.47
N ASP E 119 -15.23 -18.13 19.02
CA ASP E 119 -15.73 -18.36 17.66
C ASP E 119 -14.77 -17.75 16.65
N MET E 120 -14.02 -18.58 15.93
CA MET E 120 -13.00 -18.07 14.99
C MET E 120 -13.45 -17.81 13.56
N ASP E 121 -14.74 -17.81 13.29
CA ASP E 121 -15.24 -17.72 11.91
C ASP E 121 -15.28 -16.24 11.50
N PRO E 122 -14.53 -15.86 10.46
CA PRO E 122 -14.48 -14.44 10.14
C PRO E 122 -15.75 -13.83 9.60
N LEU E 123 -16.54 -14.57 8.82
CA LEU E 123 -17.68 -13.95 8.10
C LEU E 123 -18.97 -13.89 8.88
N ARG E 124 -18.94 -14.41 10.11
CA ARG E 124 -20.10 -14.39 11.00
C ARG E 124 -20.10 -13.17 11.91
N PRO E 125 -21.22 -12.42 11.93
CA PRO E 125 -21.38 -11.51 13.05
C PRO E 125 -21.30 -12.26 14.38
N LYS E 126 -20.55 -11.73 15.34
CA LYS E 126 -20.34 -12.37 16.63
C LYS E 126 -20.70 -11.48 17.77
N ALA E 127 -21.08 -12.10 18.87
CA ALA E 127 -21.17 -11.40 20.15
C ALA E 127 -20.48 -12.22 21.23
N ILE E 128 -20.25 -11.57 22.37
CA ILE E 128 -19.86 -12.26 23.58
C ILE E 128 -20.59 -11.59 24.74
N TRP E 129 -21.26 -12.40 25.56
CA TRP E 129 -21.87 -11.91 26.79
C TRP E 129 -21.24 -12.62 28.00
N GLY E 130 -20.71 -11.82 28.92
CA GLY E 130 -20.01 -12.30 30.12
C GLY E 130 -20.62 -11.76 31.40
N PHE E 131 -21.08 -12.69 32.22
CA PHE E 131 -21.79 -12.43 33.49
C PHE E 131 -21.05 -11.50 34.42
N ASN E 132 -21.68 -10.39 34.78
CA ASN E 132 -21.10 -9.49 35.76
C ASN E 132 -21.45 -9.99 37.17
N GLY E 133 -20.74 -11.03 37.57
CA GLY E 133 -20.85 -11.58 38.91
C GLY E 133 -19.46 -11.57 39.50
N THR E 134 -19.41 -11.67 40.81
CA THR E 134 -18.13 -11.66 41.52
C THR E 134 -17.67 -13.08 41.77
N GLU E 135 -18.60 -13.91 42.25
CA GLU E 135 -18.34 -15.35 42.45
C GLU E 135 -18.21 -16.01 41.09
N ARG E 136 -19.10 -15.60 40.19
CA ARG E 136 -19.06 -15.96 38.79
C ARG E 136 -18.50 -14.77 37.98
N PRO E 137 -17.23 -14.88 37.50
CA PRO E 137 -16.59 -13.78 36.79
C PRO E 137 -16.68 -13.90 35.27
N GLY E 138 -17.83 -13.57 34.71
CA GLY E 138 -17.98 -13.65 33.26
C GLY E 138 -17.19 -12.57 32.56
N ALA E 139 -17.34 -11.34 33.06
CA ALA E 139 -16.70 -10.14 32.50
C ALA E 139 -15.21 -10.32 32.26
N VAL E 140 -14.56 -11.02 33.19
CA VAL E 140 -13.14 -11.25 33.12
C VAL E 140 -12.76 -12.20 31.99
N TYR E 141 -13.62 -13.15 31.64
CA TYR E 141 -13.41 -13.91 30.40
C TYR E 141 -13.71 -13.03 29.18
N LEU E 142 -14.87 -12.36 29.19
CA LEU E 142 -15.26 -11.51 28.08
C LEU E 142 -14.11 -10.60 27.61
N ALA E 143 -13.59 -9.77 28.49
CA ALA E 143 -12.42 -8.91 28.19
C ALA E 143 -11.22 -9.70 27.60
N ALA E 144 -10.97 -10.91 28.08
CA ALA E 144 -9.85 -11.73 27.56
C ALA E 144 -10.10 -12.32 26.17
N ALA E 145 -11.37 -12.62 25.90
CA ALA E 145 -11.80 -13.08 24.57
C ALA E 145 -11.72 -11.93 23.58
N LEU E 146 -12.16 -10.75 23.98
CA LEU E 146 -12.09 -9.61 23.11
C LEU E 146 -10.64 -9.22 22.81
N ALA E 147 -9.76 -9.37 23.78
CA ALA E 147 -8.34 -9.23 23.51
C ALA E 147 -7.88 -10.21 22.42
N ALA E 148 -8.21 -11.48 22.63
CA ALA E 148 -7.87 -12.53 21.67
C ALA E 148 -8.48 -12.30 20.27
N HIS E 149 -9.76 -11.95 20.20
CA HIS E 149 -10.45 -11.67 18.93
C HIS E 149 -9.73 -10.60 18.11
N SER E 150 -9.48 -9.45 18.74
CA SER E 150 -8.79 -8.34 18.10
C SER E 150 -7.38 -8.76 17.69
N GLN E 151 -6.67 -9.46 18.56
CA GLN E 151 -5.31 -9.91 18.25
C GLN E 151 -5.23 -10.92 17.10
N LYS E 152 -6.32 -11.62 16.79
CA LYS E 152 -6.34 -12.52 15.66
C LYS E 152 -7.05 -11.91 14.44
N GLY E 153 -7.85 -10.85 14.67
CA GLY E 153 -8.44 -10.03 13.59
C GLY E 153 -9.94 -10.18 13.34
N ILE E 154 -10.63 -10.72 14.33
CA ILE E 154 -12.00 -11.18 14.19
C ILE E 154 -12.96 -10.40 15.11
N PRO E 155 -13.46 -9.28 14.64
CA PRO E 155 -14.27 -8.44 15.53
C PRO E 155 -15.54 -9.09 16.03
N ALA E 156 -15.79 -8.92 17.32
CA ALA E 156 -17.01 -9.35 17.99
C ALA E 156 -17.52 -8.21 18.84
N PHE E 157 -18.81 -8.22 19.13
CA PHE E 157 -19.41 -7.22 20.03
C PHE E 157 -19.21 -7.67 21.47
N SER E 158 -19.36 -6.75 22.39
CA SER E 158 -19.24 -7.06 23.80
C SER E 158 -20.52 -6.72 24.47
N ILE E 159 -21.11 -7.71 25.14
CA ILE E 159 -22.23 -7.41 26.01
C ILE E 159 -21.76 -7.51 27.45
N TYR E 160 -22.02 -6.44 28.20
CA TYR E 160 -21.56 -6.28 29.57
C TYR E 160 -22.66 -5.61 30.38
N GLY E 161 -22.96 -6.20 31.54
CA GLY E 161 -23.97 -5.67 32.43
C GLY E 161 -23.45 -4.48 33.24
N HIS E 162 -24.18 -3.36 33.17
CA HIS E 162 -23.88 -2.19 34.01
C HIS E 162 -23.65 -2.64 35.46
N ASP E 163 -24.68 -3.25 36.06
CA ASP E 163 -24.71 -3.53 37.50
C ASP E 163 -24.39 -4.98 37.78
N VAL E 164 -23.73 -5.20 38.92
CA VAL E 164 -23.30 -6.54 39.30
C VAL E 164 -24.55 -7.35 39.68
N GLN E 165 -24.57 -8.60 39.21
CA GLN E 165 -25.64 -9.52 39.54
C GLN E 165 -25.12 -10.49 40.58
N ASP E 166 -26.04 -11.05 41.37
CA ASP E 166 -25.72 -12.09 42.35
C ASP E 166 -25.95 -13.44 41.70
N ALA E 167 -25.07 -14.38 42.04
CA ALA E 167 -25.01 -15.70 41.37
C ALA E 167 -26.36 -16.42 41.26
N ASP E 168 -27.23 -16.24 42.25
CA ASP E 168 -28.57 -16.84 42.27
C ASP E 168 -29.53 -16.36 41.15
N ASP E 169 -29.22 -15.22 40.52
CA ASP E 169 -30.16 -14.55 39.60
C ASP E 169 -30.19 -15.20 38.21
N THR E 170 -31.37 -15.18 37.59
CA THR E 170 -31.59 -15.73 36.23
C THR E 170 -32.43 -14.80 35.34
N THR E 171 -32.44 -13.51 35.66
CA THR E 171 -33.19 -12.55 34.87
C THR E 171 -32.21 -11.58 34.19
N ILE E 172 -32.57 -11.18 32.97
CA ILE E 172 -31.68 -10.40 32.12
C ILE E 172 -32.13 -8.93 32.16
N PRO E 173 -31.21 -8.03 32.51
CA PRO E 173 -31.45 -6.56 32.61
C PRO E 173 -31.69 -5.77 31.29
N ALA E 174 -32.38 -4.62 31.39
CA ALA E 174 -32.69 -3.74 30.24
C ALA E 174 -31.47 -3.32 29.39
N ASP E 175 -30.31 -3.13 30.02
CA ASP E 175 -29.08 -2.80 29.30
C ASP E 175 -28.45 -3.99 28.57
N VAL E 176 -28.61 -5.20 29.10
CA VAL E 176 -28.09 -6.44 28.46
C VAL E 176 -29.11 -6.93 27.45
N GLU E 177 -30.38 -6.71 27.74
CA GLU E 177 -31.41 -6.96 26.75
C GLU E 177 -31.23 -6.01 25.54
N GLU E 178 -30.89 -4.75 25.79
CA GLU E 178 -30.73 -3.76 24.70
C GLU E 178 -29.65 -4.22 23.68
N LYS E 179 -28.42 -4.38 24.16
CA LYS E 179 -27.31 -4.86 23.34
C LYS E 179 -27.61 -6.22 22.71
N LEU E 180 -28.09 -7.19 23.50
CA LEU E 180 -28.51 -8.50 22.97
C LEU E 180 -29.54 -8.45 21.83
N LEU E 181 -30.53 -7.56 21.94
CA LEU E 181 -31.52 -7.42 20.88
C LEU E 181 -30.92 -6.71 19.68
N ARG E 182 -30.32 -5.55 19.90
CA ARG E 182 -29.69 -4.78 18.81
C ARG E 182 -28.74 -5.63 17.94
N PHE E 183 -27.77 -6.27 18.60
CA PHE E 183 -26.83 -7.15 17.92
C PHE E 183 -27.50 -8.25 17.12
N ALA E 184 -28.65 -8.72 17.59
CA ALA E 184 -29.38 -9.76 16.86
C ALA E 184 -30.23 -9.18 15.74
N ARG E 185 -30.80 -8.00 15.95
CA ARG E 185 -31.64 -7.38 14.91
C ARG E 185 -30.80 -7.16 13.65
N ALA E 186 -29.54 -6.79 13.87
CA ALA E 186 -28.62 -6.42 12.78
C ALA E 186 -27.84 -7.59 12.22
N GLY E 187 -27.46 -8.52 13.08
CA GLY E 187 -26.71 -9.71 12.64
C GLY E 187 -27.53 -10.53 11.67
N LEU E 188 -28.84 -10.52 11.87
CA LEU E 188 -29.74 -11.21 10.95
C LEU E 188 -29.90 -10.50 9.61
N ALA E 189 -29.78 -9.18 9.59
CA ALA E 189 -29.80 -8.41 8.33
C ALA E 189 -28.61 -8.78 7.42
N VAL E 190 -27.41 -8.74 8.00
CA VAL E 190 -26.19 -9.19 7.34
C VAL E 190 -26.34 -10.58 6.76
N ALA E 191 -26.75 -11.52 7.60
CA ALA E 191 -26.92 -12.88 7.17
C ALA E 191 -28.18 -13.13 6.31
N SER E 192 -29.18 -12.25 6.39
CA SER E 192 -30.34 -12.37 5.50
C SER E 192 -29.95 -12.11 4.04
N MET E 193 -29.04 -11.16 3.82
CA MET E 193 -28.71 -10.71 2.46
C MET E 193 -27.75 -11.67 1.75
N LYS E 194 -26.97 -12.40 2.53
CA LYS E 194 -25.97 -13.34 1.99
C LYS E 194 -26.54 -14.26 0.86
N GLY E 195 -25.95 -14.12 -0.33
CA GLY E 195 -26.27 -15.00 -1.45
C GLY E 195 -27.63 -14.76 -2.08
N LYS E 196 -28.23 -13.61 -1.79
CA LYS E 196 -29.48 -13.20 -2.43
C LYS E 196 -29.20 -12.21 -3.54
N SER E 197 -30.21 -11.89 -4.35
CA SER E 197 -29.97 -11.10 -5.57
C SER E 197 -30.58 -9.72 -5.52
N TYR E 198 -29.99 -8.81 -6.27
CA TYR E 198 -30.63 -7.55 -6.60
C TYR E 198 -30.96 -7.63 -8.10
N LEU E 199 -32.22 -7.43 -8.42
CA LEU E 199 -32.66 -7.49 -9.81
C LEU E 199 -32.66 -6.10 -10.42
N SER E 200 -31.76 -5.87 -11.37
CA SER E 200 -31.62 -4.55 -11.97
C SER E 200 -32.35 -4.52 -13.30
N VAL E 201 -33.61 -4.13 -13.25
CA VAL E 201 -34.51 -4.19 -14.41
C VAL E 201 -34.33 -2.92 -15.21
N GLY E 202 -33.56 -3.06 -16.29
CA GLY E 202 -33.03 -1.92 -17.03
C GLY E 202 -31.66 -1.49 -16.48
N GLY E 203 -31.16 -0.39 -17.02
CA GLY E 203 -29.86 0.10 -16.65
C GLY E 203 -29.97 1.42 -15.95
N VAL E 204 -29.39 2.43 -16.61
CA VAL E 204 -29.05 3.69 -15.96
C VAL E 204 -30.16 4.63 -16.28
N SER E 205 -30.78 5.21 -15.25
CA SER E 205 -31.83 6.21 -15.45
C SER E 205 -31.20 7.58 -15.39
N MET E 206 -31.16 8.29 -16.52
CA MET E 206 -30.73 9.68 -16.57
C MET E 206 -29.48 9.87 -15.73
N GLY E 207 -28.47 9.08 -16.05
CA GLY E 207 -27.18 9.11 -15.34
C GLY E 207 -27.15 9.31 -13.83
N ILE E 208 -28.15 8.80 -13.11
CA ILE E 208 -28.11 8.88 -11.66
C ILE E 208 -27.03 7.93 -11.22
N ALA E 209 -26.12 8.40 -10.38
CA ALA E 209 -24.89 7.68 -10.06
C ALA E 209 -25.13 6.30 -9.52
N GLY E 210 -26.08 6.18 -8.61
CA GLY E 210 -26.51 4.89 -8.01
C GLY E 210 -27.24 3.93 -8.93
N SER E 211 -27.69 4.39 -10.10
CA SER E 211 -28.25 3.51 -11.10
C SER E 211 -27.21 3.03 -12.11
N ILE E 212 -25.93 3.22 -11.77
CA ILE E 212 -24.84 2.52 -12.46
C ILE E 212 -24.44 1.51 -11.41
N VAL E 213 -24.85 0.27 -11.60
CA VAL E 213 -24.79 -0.68 -10.53
C VAL E 213 -23.37 -1.16 -10.33
N ASP E 214 -22.80 -0.94 -9.14
CA ASP E 214 -21.48 -1.47 -8.85
C ASP E 214 -21.66 -2.91 -8.43
N HIS E 215 -21.53 -3.81 -9.41
CA HIS E 215 -21.60 -5.27 -9.18
C HIS E 215 -20.63 -5.73 -8.11
N ASN E 216 -19.43 -5.15 -8.07
CA ASN E 216 -18.44 -5.57 -7.09
C ASN E 216 -18.81 -5.17 -5.67
N PHE E 217 -19.56 -4.05 -5.53
CA PHE E 217 -19.94 -3.55 -4.21
C PHE E 217 -20.81 -4.55 -3.50
N PHE E 218 -21.86 -4.96 -4.21
CA PHE E 218 -22.79 -5.94 -3.70
C PHE E 218 -22.07 -7.24 -3.27
N GLU E 219 -21.23 -7.80 -4.15
CA GLU E 219 -20.63 -9.12 -3.92
C GLU E 219 -19.68 -9.11 -2.75
N SER E 220 -18.93 -8.02 -2.65
CA SER E 220 -17.82 -7.93 -1.70
C SER E 220 -18.28 -7.54 -0.31
N TRP E 221 -19.23 -6.61 -0.22
CA TRP E 221 -19.66 -6.07 1.07
C TRP E 221 -20.87 -6.77 1.67
N LEU E 222 -21.79 -7.18 0.78
CA LEU E 222 -23.09 -7.76 1.17
C LEU E 222 -23.32 -9.24 0.81
N GLY E 223 -22.41 -9.82 0.01
CA GLY E 223 -22.52 -11.21 -0.41
C GLY E 223 -23.55 -11.44 -1.49
N MET E 224 -24.06 -10.35 -2.05
CA MET E 224 -25.19 -10.46 -2.93
C MET E 224 -24.73 -10.66 -4.35
N LYS E 225 -25.69 -10.87 -5.24
CA LYS E 225 -25.45 -11.01 -6.67
C LYS E 225 -26.30 -9.96 -7.36
N VAL E 226 -25.95 -9.62 -8.59
CA VAL E 226 -26.72 -8.65 -9.30
C VAL E 226 -27.11 -9.32 -10.56
N GLN E 227 -28.40 -9.28 -10.86
CA GLN E 227 -28.88 -9.86 -12.10
C GLN E 227 -29.43 -8.72 -12.94
N ALA E 228 -28.87 -8.56 -14.12
CA ALA E 228 -29.33 -7.53 -15.03
C ALA E 228 -30.34 -8.13 -15.96
N VAL E 229 -31.45 -7.41 -16.14
CA VAL E 229 -32.43 -7.75 -17.15
C VAL E 229 -32.89 -6.51 -17.90
N ASP E 230 -32.83 -6.57 -19.22
CA ASP E 230 -33.31 -5.47 -20.04
C ASP E 230 -34.83 -5.30 -19.90
N MET E 231 -35.29 -4.08 -20.08
CA MET E 231 -36.69 -3.78 -19.89
C MET E 231 -37.53 -4.34 -21.01
N THR E 232 -36.90 -4.75 -22.10
CA THR E 232 -37.68 -5.39 -23.15
C THR E 232 -38.29 -6.66 -22.53
N GLU E 233 -37.53 -7.35 -21.69
CA GLU E 233 -38.05 -8.56 -21.07
C GLU E 233 -39.40 -8.31 -20.41
N LEU E 234 -39.50 -7.24 -19.62
CA LEU E 234 -40.77 -6.90 -18.99
C LEU E 234 -41.82 -6.72 -20.08
N ARG E 235 -41.48 -6.05 -21.16
CA ARG E 235 -42.44 -5.87 -22.25
C ARG E 235 -42.86 -7.22 -22.83
N ARG E 236 -41.92 -8.13 -22.99
CA ARG E 236 -42.21 -9.42 -23.61
C ARG E 236 -43.04 -10.28 -22.69
N ARG E 237 -42.90 -10.08 -21.38
CA ARG E 237 -43.76 -10.76 -20.41
C ARG E 237 -45.19 -10.28 -20.50
N ILE E 238 -45.38 -9.01 -20.78
CA ILE E 238 -46.71 -8.45 -21.09
C ILE E 238 -47.22 -9.03 -22.41
N ASP E 239 -46.54 -8.74 -23.52
CA ASP E 239 -47.05 -9.05 -24.87
C ASP E 239 -47.38 -10.52 -25.06
N GLN E 240 -46.52 -11.40 -24.56
CA GLN E 240 -46.72 -12.85 -24.71
C GLN E 240 -47.32 -13.46 -23.47
N LYS E 241 -47.94 -12.63 -22.63
CA LYS E 241 -48.84 -13.09 -21.57
C LYS E 241 -48.22 -13.98 -20.48
N ILE E 242 -47.03 -13.60 -19.99
CA ILE E 242 -46.31 -14.37 -18.96
C ILE E 242 -46.64 -13.82 -17.57
N TYR E 243 -47.92 -13.99 -17.22
CA TYR E 243 -48.46 -13.58 -15.93
C TYR E 243 -49.67 -14.45 -15.66
N ASP E 244 -50.23 -14.30 -14.48
CA ASP E 244 -51.51 -14.93 -14.16
C ASP E 244 -52.69 -14.04 -14.66
N GLU E 245 -53.42 -14.52 -15.67
CA GLU E 245 -54.57 -13.76 -16.22
C GLU E 245 -55.76 -13.68 -15.25
N VAL E 246 -55.90 -14.73 -14.45
CA VAL E 246 -56.88 -14.79 -13.36
C VAL E 246 -56.58 -13.63 -12.41
N GLU E 247 -55.33 -13.56 -11.97
CA GLU E 247 -54.90 -12.53 -11.04
C GLU E 247 -55.07 -11.14 -11.63
N LEU E 248 -54.87 -10.98 -12.93
CA LEU E 248 -55.05 -9.66 -13.48
C LEU E 248 -56.47 -9.20 -13.19
N GLU E 249 -57.45 -10.00 -13.58
CA GLU E 249 -58.85 -9.68 -13.29
C GLU E 249 -59.00 -9.29 -11.83
N MET E 250 -58.56 -10.19 -10.96
CA MET E 250 -58.52 -9.99 -9.52
C MET E 250 -57.96 -8.62 -9.13
N ALA E 251 -56.84 -8.24 -9.76
CA ALA E 251 -56.18 -6.94 -9.52
C ALA E 251 -56.97 -5.76 -10.10
N LEU E 252 -57.39 -5.89 -11.35
CA LEU E 252 -58.21 -4.88 -12.00
C LEU E 252 -59.50 -4.58 -11.24
N ALA E 253 -60.18 -5.63 -10.80
CA ALA E 253 -61.36 -5.47 -9.95
C ALA E 253 -60.98 -4.71 -8.69
N TRP E 254 -60.03 -5.29 -7.96
CA TRP E 254 -59.55 -4.73 -6.69
C TRP E 254 -59.36 -3.23 -6.76
N ALA E 255 -58.68 -2.78 -7.82
CA ALA E 255 -58.43 -1.37 -8.04
C ALA E 255 -59.74 -0.59 -8.10
N ASP E 256 -60.68 -1.07 -8.91
CA ASP E 256 -61.96 -0.36 -9.11
C ASP E 256 -62.64 0.05 -7.80
N LYS E 257 -62.82 -0.92 -6.91
CA LYS E 257 -63.49 -0.66 -5.63
C LYS E 257 -62.53 -0.24 -4.51
N ASN E 258 -61.34 0.24 -4.84
CA ASN E 258 -60.41 0.74 -3.83
C ASN E 258 -59.59 2.01 -4.17
N PHE E 259 -59.75 2.54 -5.38
CA PHE E 259 -58.87 3.58 -5.86
C PHE E 259 -59.59 4.89 -6.00
N ARG E 260 -59.44 5.76 -5.01
CA ARG E 260 -59.89 7.13 -5.20
C ARG E 260 -58.90 7.83 -6.13
N TYR E 261 -59.45 8.52 -7.15
CA TYR E 261 -58.66 9.24 -8.17
C TYR E 261 -58.62 10.77 -7.94
N GLY E 262 -57.72 11.43 -8.66
CA GLY E 262 -57.52 12.86 -8.52
C GLY E 262 -57.80 13.65 -9.81
N GLU E 263 -57.63 14.95 -9.69
CA GLU E 263 -57.74 15.89 -10.81
C GLU E 263 -56.79 15.47 -11.93
N ASP E 264 -57.13 15.87 -13.14
CA ASP E 264 -56.20 15.67 -14.25
C ASP E 264 -55.45 16.97 -14.48
N GLN E 265 -54.26 17.06 -13.89
CA GLN E 265 -53.40 18.24 -14.00
C GLN E 265 -52.76 18.45 -15.39
N ASN E 266 -52.84 17.46 -16.25
CA ASN E 266 -52.27 17.55 -17.60
C ASN E 266 -52.78 18.76 -18.40
N ALA E 267 -52.24 18.92 -19.60
CA ALA E 267 -52.78 19.80 -20.61
C ALA E 267 -54.04 19.15 -21.13
N GLN E 268 -54.81 19.89 -21.92
CA GLN E 268 -56.06 19.35 -22.44
C GLN E 268 -55.89 18.51 -23.70
N HIS E 269 -54.97 18.93 -24.57
CA HIS E 269 -54.62 18.18 -25.81
C HIS E 269 -53.85 16.89 -25.49
N TYR E 270 -53.29 16.85 -24.28
CA TYR E 270 -52.50 15.73 -23.79
C TYR E 270 -53.22 14.92 -22.73
N LYS E 271 -54.49 15.22 -22.50
CA LYS E 271 -55.30 14.40 -21.60
C LYS E 271 -55.52 13.03 -22.23
N ARG E 272 -55.77 12.06 -21.35
CA ARG E 272 -56.00 10.67 -21.77
C ARG E 272 -57.43 10.25 -21.39
N ASP E 273 -58.18 9.71 -22.35
CA ASP E 273 -59.58 9.32 -22.09
C ASP E 273 -59.63 8.00 -21.31
N GLU E 274 -60.83 7.59 -20.89
CA GLU E 274 -61.01 6.42 -20.00
C GLU E 274 -60.79 5.05 -20.69
N GLU E 275 -60.92 4.99 -22.01
CA GLU E 275 -60.45 3.81 -22.77
C GLU E 275 -58.92 3.66 -22.72
N GLN E 276 -58.22 4.79 -22.91
CA GLN E 276 -56.76 4.84 -22.88
C GLN E 276 -56.25 4.84 -21.44
N SER E 277 -56.96 5.54 -20.56
CA SER E 277 -56.66 5.53 -19.11
C SER E 277 -56.90 4.19 -18.42
N ARG E 278 -57.73 3.33 -19.02
CA ARG E 278 -57.93 1.96 -18.49
C ARG E 278 -56.76 1.10 -18.94
N ALA E 279 -56.45 1.12 -20.23
CA ALA E 279 -55.26 0.44 -20.74
C ALA E 279 -54.06 0.83 -19.89
N VAL E 280 -53.88 2.13 -19.70
CA VAL E 280 -52.82 2.66 -18.83
C VAL E 280 -52.79 1.93 -17.48
N LEU E 281 -53.92 1.95 -16.77
CA LEU E 281 -54.06 1.28 -15.47
C LEU E 281 -53.65 -0.20 -15.55
N LYS E 282 -54.05 -0.87 -16.65
CA LYS E 282 -53.83 -2.30 -16.87
C LYS E 282 -52.35 -2.65 -16.94
N GLU E 283 -51.62 -1.90 -17.77
CA GLU E 283 -50.17 -2.05 -17.88
C GLU E 283 -49.52 -1.92 -16.50
N SER E 284 -49.79 -0.79 -15.85
CA SER E 284 -49.11 -0.47 -14.59
C SER E 284 -49.24 -1.56 -13.51
N LEU E 285 -50.43 -2.11 -13.36
CA LEU E 285 -50.64 -3.26 -12.49
C LEU E 285 -50.00 -4.51 -13.07
N LEU E 286 -50.03 -4.65 -14.38
CA LEU E 286 -49.29 -5.76 -15.01
C LEU E 286 -47.79 -5.69 -14.71
N MET E 287 -47.22 -4.50 -14.79
CA MET E 287 -45.80 -4.32 -14.51
C MET E 287 -45.45 -4.71 -13.07
N ALA E 288 -46.35 -4.37 -12.15
CA ALA E 288 -46.18 -4.80 -10.77
C ALA E 288 -46.07 -6.33 -10.68
N MET E 289 -46.95 -7.01 -11.41
CA MET E 289 -47.07 -8.47 -11.29
C MET E 289 -45.86 -9.20 -11.82
N CYS E 290 -45.47 -8.85 -13.04
CA CYS E 290 -44.28 -9.43 -13.68
C CYS E 290 -42.97 -9.24 -12.88
N ILE E 291 -42.70 -8.01 -12.43
CA ILE E 291 -41.51 -7.75 -11.62
C ILE E 291 -41.43 -8.63 -10.37
N ARG E 292 -42.54 -8.73 -9.67
CA ARG E 292 -42.68 -9.66 -8.54
C ARG E 292 -42.44 -11.12 -9.02
N ASP E 293 -43.04 -11.50 -10.13
CA ASP E 293 -42.79 -12.82 -10.72
C ASP E 293 -41.30 -12.96 -11.03
N MET E 294 -40.71 -11.88 -11.54
CA MET E 294 -39.29 -11.90 -11.90
C MET E 294 -38.39 -11.95 -10.67
N MET E 295 -38.79 -11.31 -9.57
CA MET E 295 -38.00 -11.32 -8.34
C MET E 295 -38.02 -12.68 -7.59
N GLN E 296 -39.20 -13.29 -7.49
CA GLN E 296 -39.34 -14.53 -6.69
C GLN E 296 -39.94 -15.71 -7.41
N GLY E 297 -40.35 -15.54 -8.65
CA GLY E 297 -40.87 -16.66 -9.42
C GLY E 297 -42.35 -16.79 -9.18
N ASN E 298 -42.97 -17.68 -9.93
CA ASN E 298 -44.38 -18.02 -9.77
C ASN E 298 -44.62 -19.45 -10.26
N GLU E 299 -44.92 -20.33 -9.31
CA GLU E 299 -45.27 -21.73 -9.63
C GLU E 299 -46.41 -21.79 -10.67
N LYS E 300 -47.37 -20.87 -10.54
CA LYS E 300 -48.52 -20.78 -11.45
C LYS E 300 -48.14 -20.43 -12.90
N LEU E 301 -46.95 -19.92 -13.14
CA LEU E 301 -46.46 -19.79 -14.52
C LEU E 301 -46.03 -21.13 -15.11
N ALA E 302 -45.56 -22.05 -14.26
CA ALA E 302 -45.19 -23.38 -14.71
C ALA E 302 -46.42 -24.11 -15.19
N GLU E 303 -47.47 -24.03 -14.36
CA GLU E 303 -48.79 -24.61 -14.68
C GLU E 303 -49.40 -24.07 -16.00
N LYS E 304 -49.05 -22.84 -16.37
CA LYS E 304 -49.41 -22.29 -17.65
C LYS E 304 -48.50 -22.80 -18.78
N GLY E 305 -47.54 -23.68 -18.45
CA GLY E 305 -46.64 -24.26 -19.44
C GLY E 305 -45.42 -23.44 -19.80
N LEU E 306 -44.96 -22.62 -18.85
CA LEU E 306 -43.78 -21.74 -19.02
C LEU E 306 -42.79 -21.97 -17.90
N VAL E 307 -41.97 -22.99 -18.06
CA VAL E 307 -41.23 -23.53 -16.91
C VAL E 307 -39.99 -22.71 -16.54
N GLU E 308 -39.26 -22.23 -17.52
CA GLU E 308 -38.13 -21.36 -17.26
C GLU E 308 -38.56 -20.04 -16.60
N GLU E 309 -39.52 -19.34 -17.22
CA GLU E 309 -40.05 -18.03 -16.72
C GLU E 309 -40.62 -18.07 -15.32
N SER E 310 -40.94 -19.28 -14.84
CA SER E 310 -41.49 -19.50 -13.50
C SER E 310 -40.51 -19.44 -12.31
N LEU E 311 -39.22 -19.56 -12.57
CA LEU E 311 -38.24 -19.71 -11.49
C LEU E 311 -37.96 -18.42 -10.77
N GLY E 312 -38.04 -17.30 -11.48
CA GLY E 312 -37.66 -16.03 -10.89
C GLY E 312 -36.17 -15.97 -10.55
N TYR E 313 -35.70 -14.79 -10.19
CA TYR E 313 -34.27 -14.53 -10.23
C TYR E 313 -33.61 -14.56 -8.86
N ASN E 314 -34.43 -14.81 -7.83
CA ASN E 314 -33.98 -14.94 -6.43
C ASN E 314 -33.70 -13.62 -5.77
N ALA E 315 -34.22 -12.53 -6.32
CA ALA E 315 -34.00 -11.19 -5.77
C ALA E 315 -34.67 -10.91 -4.42
N ILE E 316 -33.91 -10.33 -3.48
CA ILE E 316 -34.47 -9.75 -2.25
C ILE E 316 -34.54 -8.22 -2.32
N ALA E 317 -34.23 -7.67 -3.49
CA ALA E 317 -34.52 -6.27 -3.83
C ALA E 317 -34.40 -6.09 -5.34
N ALA E 318 -34.87 -4.95 -5.84
CA ALA E 318 -34.82 -4.72 -7.26
C ALA E 318 -34.78 -3.25 -7.51
N GLY E 319 -34.81 -2.91 -8.80
CA GLY E 319 -34.85 -1.55 -9.25
C GLY E 319 -35.37 -1.56 -10.66
N PHE E 320 -36.13 -0.52 -10.99
CA PHE E 320 -36.74 -0.38 -12.30
C PHE E 320 -36.39 0.99 -12.92
N GLN E 321 -35.56 0.93 -13.96
CA GLN E 321 -35.03 2.15 -14.60
C GLN E 321 -36.11 3.20 -14.85
N GLY E 322 -37.05 2.86 -15.72
CA GLY E 322 -38.11 3.79 -16.08
C GLY E 322 -37.57 4.76 -17.09
N GLN E 323 -37.35 6.02 -16.68
CA GLN E 323 -36.97 7.06 -17.65
C GLN E 323 -35.55 6.80 -18.13
N ARG E 324 -35.27 7.11 -19.40
CA ARG E 324 -36.20 7.77 -20.30
C ARG E 324 -36.84 6.79 -21.25
N HIS E 325 -36.14 5.69 -21.46
CA HIS E 325 -36.38 4.83 -22.62
C HIS E 325 -37.72 4.09 -22.56
N TRP E 326 -38.17 3.74 -21.35
CA TRP E 326 -39.48 3.14 -21.10
C TRP E 326 -40.62 4.17 -21.04
N THR E 327 -40.44 5.24 -20.26
CA THR E 327 -41.51 6.24 -20.10
C THR E 327 -41.81 7.03 -21.38
N ASP E 328 -40.84 7.16 -22.26
CA ASP E 328 -41.05 7.80 -23.56
C ASP E 328 -41.94 7.00 -24.50
N GLN E 329 -42.36 5.81 -24.08
CA GLN E 329 -43.34 5.03 -24.86
C GLN E 329 -44.36 4.23 -24.02
N TYR E 330 -44.09 4.01 -22.75
CA TYR E 330 -44.99 3.20 -21.94
C TYR E 330 -45.40 3.89 -20.62
N PRO E 331 -46.41 3.32 -19.95
CA PRO E 331 -46.78 3.89 -18.67
C PRO E 331 -45.68 3.69 -17.64
N ASN E 332 -45.49 4.70 -16.80
CA ASN E 332 -44.40 4.67 -15.85
C ASN E 332 -44.68 3.66 -14.78
N GLY E 333 -43.66 3.44 -13.95
CA GLY E 333 -43.67 2.39 -12.94
C GLY E 333 -44.21 2.74 -11.58
N ASP E 334 -44.68 3.97 -11.40
CA ASP E 334 -45.04 4.47 -10.07
C ASP E 334 -46.14 3.64 -9.40
N THR E 335 -47.19 3.34 -10.15
CA THR E 335 -48.19 2.41 -9.69
C THR E 335 -47.58 1.14 -9.13
N ALA E 336 -46.75 0.50 -9.95
CA ALA E 336 -46.07 -0.73 -9.57
C ALA E 336 -45.18 -0.51 -8.36
N GLU E 337 -44.26 0.44 -8.49
CA GLU E 337 -43.24 0.68 -7.46
C GLU E 337 -43.95 0.94 -6.13
N ALA E 338 -45.02 1.74 -6.17
CA ALA E 338 -45.82 2.09 -4.98
C ALA E 338 -46.54 0.89 -4.39
N LEU E 339 -46.99 -0.01 -5.25
CA LEU E 339 -47.73 -1.17 -4.80
C LEU E 339 -46.86 -2.25 -4.23
N LEU E 340 -45.75 -2.56 -4.90
CA LEU E 340 -44.82 -3.60 -4.39
C LEU E 340 -44.09 -3.19 -3.10
N ASN E 341 -43.76 -1.91 -2.98
CA ASN E 341 -43.16 -1.40 -1.76
C ASN E 341 -44.17 -1.37 -0.62
N SER E 342 -45.45 -1.30 -0.98
CA SER E 342 -46.53 -1.36 -0.01
C SER E 342 -46.63 -2.71 0.71
N SER E 343 -47.12 -2.67 1.94
CA SER E 343 -47.30 -3.88 2.76
C SER E 343 -48.48 -4.76 2.34
N PHE E 344 -49.35 -4.23 1.47
CA PHE E 344 -50.59 -4.90 1.11
C PHE E 344 -50.83 -4.80 -0.38
N ASP E 345 -51.60 -5.74 -0.90
CA ASP E 345 -52.11 -5.66 -2.27
C ASP E 345 -53.46 -6.39 -2.37
N TRP E 346 -53.97 -6.50 -3.59
CA TRP E 346 -55.20 -7.29 -3.85
C TRP E 346 -55.20 -8.72 -3.31
N ASN E 347 -54.03 -9.32 -3.11
CA ASN E 347 -53.94 -10.62 -2.44
C ASN E 347 -53.67 -10.53 -0.95
N GLY E 348 -53.87 -9.35 -0.36
CA GLY E 348 -53.78 -9.17 1.08
C GLY E 348 -52.47 -8.61 1.62
N VAL E 349 -52.39 -8.54 2.94
CA VAL E 349 -51.20 -8.03 3.62
C VAL E 349 -50.08 -9.09 3.56
N ARG E 350 -48.85 -8.60 3.35
CA ARG E 350 -47.68 -9.44 3.10
C ARG E 350 -46.38 -8.68 3.41
N GLU E 351 -45.23 -9.35 3.30
CA GLU E 351 -43.94 -8.71 3.50
C GLU E 351 -43.73 -7.77 2.34
N PRO E 352 -43.27 -6.52 2.62
CA PRO E 352 -43.13 -5.53 1.56
C PRO E 352 -41.92 -5.82 0.67
N PHE E 353 -42.03 -5.42 -0.59
CA PHE E 353 -40.96 -5.59 -1.55
C PHE E 353 -40.15 -4.30 -1.64
N VAL E 354 -38.84 -4.42 -1.59
CA VAL E 354 -37.96 -3.26 -1.71
C VAL E 354 -37.57 -3.07 -3.19
N VAL E 355 -38.31 -2.23 -3.90
CA VAL E 355 -38.05 -1.98 -5.33
C VAL E 355 -37.72 -0.52 -5.56
N ALA E 356 -36.55 -0.25 -6.11
CA ALA E 356 -36.07 1.12 -6.29
C ALA E 356 -36.65 1.83 -7.53
N THR E 357 -36.89 3.14 -7.39
CA THR E 357 -37.29 4.01 -8.51
C THR E 357 -36.06 4.48 -9.30
N GLU E 358 -36.29 4.65 -10.59
CA GLU E 358 -35.24 5.07 -11.50
C GLU E 358 -34.00 4.22 -11.26
N ASN E 359 -34.24 3.00 -10.79
CA ASN E 359 -33.19 1.99 -10.57
C ASN E 359 -32.04 2.47 -9.70
N ASP E 360 -32.32 3.37 -8.77
CA ASP E 360 -31.29 3.77 -7.83
C ASP E 360 -30.92 2.60 -6.90
N SER E 361 -30.00 1.75 -7.35
CA SER E 361 -29.59 0.54 -6.62
C SER E 361 -28.99 0.85 -5.27
N LEU E 362 -28.32 1.97 -5.14
CA LEU E 362 -27.78 2.40 -3.86
C LEU E 362 -28.86 2.81 -2.90
N ASN E 363 -29.99 3.29 -3.43
CA ASN E 363 -31.14 3.57 -2.56
C ASN E 363 -31.76 2.24 -2.11
N GLY E 364 -31.86 1.30 -3.06
CA GLY E 364 -32.27 -0.06 -2.77
C GLY E 364 -31.54 -0.66 -1.57
N VAL E 365 -30.21 -0.49 -1.54
CA VAL E 365 -29.35 -1.03 -0.47
C VAL E 365 -29.83 -0.49 0.88
N ALA E 366 -30.05 0.82 0.94
CA ALA E 366 -30.59 1.46 2.13
C ALA E 366 -31.99 0.95 2.47
N MET E 367 -32.88 0.89 1.47
CA MET E 367 -34.21 0.33 1.67
C MET E 367 -34.13 -1.11 2.20
N LEU E 368 -33.31 -1.94 1.55
CA LEU E 368 -33.16 -3.33 1.97
C LEU E 368 -32.55 -3.49 3.37
N MET E 369 -31.67 -2.60 3.79
CA MET E 369 -31.15 -2.73 5.16
C MET E 369 -32.11 -2.10 6.18
N GLY E 370 -32.81 -1.05 5.77
CA GLY E 370 -33.93 -0.56 6.55
C GLY E 370 -34.92 -1.71 6.77
N HIS E 371 -35.42 -2.26 5.67
CA HIS E 371 -36.44 -3.33 5.70
C HIS E 371 -36.06 -4.52 6.56
N GLN E 372 -34.82 -4.97 6.47
CA GLN E 372 -34.38 -6.05 7.32
C GLN E 372 -34.43 -5.67 8.78
N LEU E 373 -33.94 -4.48 9.12
CA LEU E 373 -33.83 -4.12 10.54
C LEU E 373 -35.17 -3.87 11.26
N THR E 374 -36.17 -3.41 10.53
CA THR E 374 -37.47 -3.12 11.13
C THR E 374 -38.59 -4.08 10.75
N GLY E 375 -38.53 -4.60 9.54
CA GLY E 375 -39.59 -5.47 9.00
C GLY E 375 -40.77 -4.68 8.43
N THR E 376 -40.62 -3.36 8.36
CA THR E 376 -41.71 -2.46 7.99
C THR E 376 -41.48 -1.86 6.61
N ALA E 377 -42.55 -1.38 5.98
CA ALA E 377 -42.42 -0.81 4.65
C ALA E 377 -41.45 0.39 4.66
N GLN E 378 -40.82 0.63 3.51
CA GLN E 378 -39.77 1.65 3.40
C GLN E 378 -40.20 2.65 2.39
N VAL E 379 -39.86 3.91 2.65
CA VAL E 379 -40.15 5.03 1.76
C VAL E 379 -38.95 5.40 0.90
N PHE E 380 -39.09 5.23 -0.41
CA PHE E 380 -38.17 5.84 -1.37
C PHE E 380 -38.53 7.33 -1.35
N ALA E 381 -37.52 8.19 -1.44
CA ALA E 381 -37.74 9.64 -1.42
C ALA E 381 -36.74 10.39 -2.30
N ASP E 382 -37.26 11.26 -3.17
CA ASP E 382 -36.45 12.31 -3.78
C ASP E 382 -36.36 13.45 -2.74
N VAL E 383 -35.13 13.92 -2.49
CA VAL E 383 -34.86 14.97 -1.50
C VAL E 383 -34.93 16.30 -2.19
N ARG E 384 -36.13 16.88 -2.25
CA ARG E 384 -36.44 17.95 -3.21
C ARG E 384 -36.08 19.42 -2.81
N THR E 385 -36.43 19.85 -1.59
CA THR E 385 -36.24 21.25 -1.17
C THR E 385 -35.91 21.41 0.31
N TYR E 386 -35.08 22.41 0.62
CA TYR E 386 -34.87 22.87 1.99
C TYR E 386 -35.50 24.25 2.13
N TRP E 387 -36.61 24.29 2.86
CA TRP E 387 -37.29 25.55 3.10
C TRP E 387 -36.64 26.22 4.31
N SER E 388 -36.04 27.37 4.00
CA SER E 388 -35.50 28.29 5.00
C SER E 388 -36.62 28.97 5.79
N PRO E 389 -36.41 29.13 7.13
CA PRO E 389 -37.36 29.91 7.91
C PRO E 389 -37.75 31.22 7.26
N ASP E 390 -36.76 32.00 6.82
CA ASP E 390 -37.05 33.30 6.19
C ASP E 390 -37.87 33.12 4.90
N ALA E 391 -37.48 32.14 4.09
CA ALA E 391 -38.07 31.92 2.76
C ALA E 391 -39.49 31.39 2.87
N VAL E 392 -39.77 30.59 3.90
CA VAL E 392 -41.14 30.11 4.11
C VAL E 392 -42.03 31.31 4.49
N GLU E 393 -41.56 32.12 5.42
CA GLU E 393 -42.27 33.33 5.84
C GLU E 393 -42.57 34.31 4.70
N ARG E 394 -41.62 34.43 3.78
CA ARG E 394 -41.74 35.30 2.64
C ARG E 394 -42.77 34.82 1.61
N VAL E 395 -42.86 33.51 1.42
CA VAL E 395 -43.76 32.96 0.39
C VAL E 395 -45.21 32.75 0.90
N THR E 396 -45.33 32.26 2.14
CA THR E 396 -46.63 31.91 2.73
C THR E 396 -47.23 32.97 3.69
N GLY E 397 -46.39 33.90 4.15
CA GLY E 397 -46.77 34.86 5.18
C GLY E 397 -46.40 34.43 6.59
N GLN E 398 -46.53 33.14 6.90
CA GLN E 398 -46.50 32.75 8.31
C GLN E 398 -45.22 32.02 8.69
N PRO E 399 -44.80 32.19 9.96
CA PRO E 399 -43.57 31.55 10.45
C PRO E 399 -43.69 30.04 10.68
N LEU E 400 -42.55 29.36 10.50
CA LEU E 400 -42.43 27.93 10.79
C LEU E 400 -42.37 27.65 12.30
N THR E 401 -43.09 26.63 12.74
CA THR E 401 -43.34 26.44 14.15
C THR E 401 -43.20 24.99 14.61
N GLY E 402 -42.90 24.85 15.91
CA GLY E 402 -42.80 23.56 16.58
C GLY E 402 -41.49 22.84 16.33
N LEU E 403 -41.58 21.66 15.74
CA LEU E 403 -40.42 20.88 15.28
C LEU E 403 -39.94 21.41 13.93
N ALA E 404 -40.83 22.10 13.22
CA ALA E 404 -40.50 22.81 11.97
C ALA E 404 -39.95 24.22 12.21
N GLU E 405 -39.70 24.53 13.48
CA GLU E 405 -39.13 25.82 13.95
C GLU E 405 -37.87 26.26 13.22
N HIS E 406 -36.85 25.41 13.22
CA HIS E 406 -35.54 25.73 12.66
C HIS E 406 -35.46 25.60 11.13
N GLY E 407 -36.26 24.73 10.54
CA GLY E 407 -36.29 24.63 9.09
C GLY E 407 -37.05 23.39 8.68
N ILE E 408 -37.25 23.22 7.38
CA ILE E 408 -38.05 22.11 6.88
C ILE E 408 -37.51 21.50 5.56
N ILE E 409 -37.59 20.17 5.44
CA ILE E 409 -37.19 19.48 4.19
C ILE E 409 -38.39 18.79 3.53
N HIS E 410 -38.45 18.89 2.19
CA HIS E 410 -39.58 18.40 1.41
C HIS E 410 -39.27 17.09 0.71
N LEU E 411 -39.61 15.99 1.37
CA LEU E 411 -39.36 14.64 0.86
C LEU E 411 -40.47 14.17 -0.06
N ILE E 412 -40.37 14.59 -1.33
CA ILE E 412 -41.39 14.31 -2.33
C ILE E 412 -40.87 13.44 -3.44
N ASN E 413 -41.39 12.22 -3.52
CA ASN E 413 -40.96 11.27 -4.52
C ASN E 413 -41.39 11.67 -5.94
N SER E 414 -40.94 10.89 -6.91
CA SER E 414 -41.25 11.09 -8.34
C SER E 414 -42.65 10.57 -8.76
N GLY E 415 -43.50 10.28 -7.78
CA GLY E 415 -44.85 9.78 -8.04
C GLY E 415 -45.16 8.46 -7.36
N SER E 416 -44.14 7.82 -6.82
CA SER E 416 -44.33 6.53 -6.21
C SER E 416 -43.76 6.50 -4.82
N ALA E 417 -44.52 5.91 -3.91
CA ALA E 417 -44.02 5.60 -2.56
C ALA E 417 -44.92 4.56 -1.87
N ALA E 418 -44.34 3.86 -0.91
CA ALA E 418 -45.11 2.97 -0.07
C ALA E 418 -46.35 3.72 0.44
N LEU E 419 -47.52 3.07 0.40
CA LEU E 419 -48.74 3.69 0.91
C LEU E 419 -48.89 3.58 2.43
N ASP E 420 -48.08 2.77 3.08
CA ASP E 420 -47.99 2.81 4.55
C ASP E 420 -47.50 4.19 5.04
N GLY E 421 -46.85 4.94 4.14
CA GLY E 421 -46.26 6.23 4.46
C GLY E 421 -47.23 7.29 4.92
N SER E 422 -48.53 7.11 4.65
CA SER E 422 -49.56 8.03 5.17
C SER E 422 -49.58 8.02 6.71
N CYS E 423 -49.34 6.84 7.28
CA CYS E 423 -49.46 6.59 8.73
C CYS E 423 -50.92 6.46 9.21
N GLN E 424 -51.78 5.94 8.33
CA GLN E 424 -53.18 5.68 8.68
C GLN E 424 -53.26 4.49 9.61
N GLN E 425 -52.23 3.67 9.58
CA GLN E 425 -52.02 2.65 10.58
C GLN E 425 -51.92 3.34 11.94
N ARG E 426 -52.57 2.77 12.96
CA ARG E 426 -52.51 3.32 14.32
C ARG E 426 -51.97 2.30 15.28
N ASP E 427 -51.17 2.78 16.22
CA ASP E 427 -50.32 1.92 17.03
C ASP E 427 -50.98 1.52 18.34
N GLU E 428 -50.18 0.94 19.25
CA GLU E 428 -50.61 0.58 20.59
C GLU E 428 -51.46 1.67 21.31
N GLU E 429 -51.02 2.93 21.24
CA GLU E 429 -51.72 4.07 21.86
C GLU E 429 -52.57 4.92 20.89
N GLY E 430 -52.99 4.35 19.77
CA GLY E 430 -53.72 5.11 18.74
C GLY E 430 -53.00 6.34 18.17
N LYS E 431 -51.66 6.25 18.06
CA LYS E 431 -50.78 7.28 17.44
C LYS E 431 -50.54 6.92 15.96
N PRO E 432 -50.16 7.91 15.11
CA PRO E 432 -49.70 7.60 13.75
C PRO E 432 -48.40 6.78 13.72
N THR E 433 -48.34 5.79 12.85
CA THR E 433 -47.24 4.85 12.80
C THR E 433 -47.17 4.16 11.45
N MET E 434 -46.11 3.36 11.33
CA MET E 434 -46.01 2.32 10.34
C MET E 434 -45.56 1.12 11.13
N LYS E 435 -45.91 -0.08 10.67
CA LYS E 435 -45.65 -1.29 11.43
C LYS E 435 -45.42 -2.51 10.53
N PRO E 436 -44.87 -3.59 11.11
CA PRO E 436 -44.56 -4.78 10.32
C PRO E 436 -45.81 -5.31 9.66
N HIS E 437 -45.67 -6.15 8.64
CA HIS E 437 -46.85 -6.76 8.00
C HIS E 437 -47.58 -7.74 8.90
N TRP E 438 -46.89 -8.33 9.86
CA TRP E 438 -47.51 -9.29 10.78
C TRP E 438 -48.34 -8.69 11.93
N GLU E 439 -48.44 -7.35 12.01
CA GLU E 439 -49.35 -6.66 12.96
C GLU E 439 -50.34 -5.75 12.23
N ILE E 440 -50.49 -5.93 10.91
CA ILE E 440 -51.36 -5.08 10.07
C ILE E 440 -52.74 -5.70 9.84
N SER E 441 -53.76 -5.16 10.50
CA SER E 441 -55.15 -5.54 10.19
C SER E 441 -55.54 -4.99 8.80
N GLN E 442 -56.48 -5.65 8.12
CA GLN E 442 -56.90 -5.22 6.77
C GLN E 442 -57.83 -4.02 6.79
N LYS E 443 -58.29 -3.67 7.99
CA LYS E 443 -58.97 -2.40 8.20
C LYS E 443 -57.96 -1.29 7.97
N GLU E 444 -56.86 -1.33 8.73
CA GLU E 444 -55.81 -0.31 8.65
C GLU E 444 -55.30 -0.25 7.21
N ALA E 445 -55.09 -1.43 6.61
CA ALA E 445 -54.55 -1.53 5.26
C ALA E 445 -55.42 -0.84 4.20
N ASP E 446 -56.73 -0.88 4.38
CA ASP E 446 -57.60 -0.16 3.45
C ASP E 446 -57.73 1.32 3.80
N ALA E 447 -57.45 1.69 5.05
CA ALA E 447 -57.36 3.11 5.43
C ALA E 447 -56.15 3.80 4.80
N CYS E 448 -55.09 3.03 4.53
CA CYS E 448 -53.89 3.56 3.84
C CYS E 448 -54.22 3.87 2.37
N LEU E 449 -55.12 3.09 1.76
CA LEU E 449 -55.61 3.36 0.39
C LEU E 449 -56.63 4.48 0.34
N ALA E 450 -57.29 4.72 1.46
CA ALA E 450 -58.22 5.85 1.63
C ALA E 450 -57.50 7.21 1.55
N ALA E 451 -56.32 7.27 2.15
CA ALA E 451 -55.56 8.51 2.21
C ALA E 451 -54.95 8.95 0.87
N THR E 452 -54.96 8.09 -0.15
CA THR E 452 -54.21 8.33 -1.40
C THR E 452 -55.07 8.46 -2.65
N GLU E 453 -54.77 9.49 -3.43
CA GLU E 453 -55.44 9.73 -4.71
C GLU E 453 -54.48 9.36 -5.84
N TRP E 454 -54.98 8.57 -6.79
CA TRP E 454 -54.19 8.10 -7.93
C TRP E 454 -54.30 9.09 -9.04
N CYS E 455 -53.30 9.96 -9.15
CA CYS E 455 -53.34 11.09 -10.09
C CYS E 455 -52.51 10.82 -11.34
N PRO E 456 -53.10 11.11 -12.52
CA PRO E 456 -52.31 10.99 -13.75
C PRO E 456 -50.97 11.73 -13.66
N ALA E 457 -49.94 11.06 -14.14
CA ALA E 457 -48.65 11.71 -14.40
C ALA E 457 -48.77 12.64 -15.59
N ILE E 458 -47.86 13.58 -15.65
CA ILE E 458 -47.89 14.60 -16.69
C ILE E 458 -47.22 14.00 -17.92
N HIS E 459 -47.73 14.38 -19.09
CA HIS E 459 -47.39 13.76 -20.37
C HIS E 459 -45.99 14.08 -20.85
N GLU E 460 -45.60 15.35 -20.75
CA GLU E 460 -44.32 15.79 -21.28
C GLU E 460 -43.12 15.02 -20.69
N TYR E 461 -43.21 14.72 -19.39
CA TYR E 461 -42.17 13.95 -18.70
C TYR E 461 -42.29 12.43 -18.97
N PHE E 462 -43.47 11.89 -18.66
CA PHE E 462 -43.81 10.50 -18.95
C PHE E 462 -44.87 10.43 -20.05
N ARG E 463 -44.46 10.15 -21.29
CA ARG E 463 -45.35 10.24 -22.44
C ARG E 463 -46.22 8.99 -22.66
N GLY E 464 -46.10 8.01 -21.77
CA GLY E 464 -46.89 6.78 -21.84
C GLY E 464 -47.91 6.64 -20.73
N GLY E 465 -48.08 7.67 -19.92
CA GLY E 465 -49.13 7.68 -18.91
C GLY E 465 -48.63 7.33 -17.53
N GLY E 466 -49.48 6.66 -16.77
CA GLY E 466 -49.14 6.23 -15.42
C GLY E 466 -49.98 6.97 -14.41
N TYR E 467 -49.99 6.45 -13.19
CA TYR E 467 -50.73 7.05 -12.10
C TYR E 467 -49.81 7.18 -10.89
N SER E 468 -49.88 8.33 -10.23
CA SER E 468 -48.95 8.69 -9.17
C SER E 468 -49.64 8.76 -7.83
N SER E 469 -49.27 7.85 -6.93
CA SER E 469 -49.93 7.74 -5.63
C SER E 469 -49.67 8.94 -4.69
N ARG E 470 -50.58 9.91 -4.74
CA ARG E 470 -50.47 11.15 -3.95
C ARG E 470 -51.10 11.03 -2.57
N PHE E 471 -50.30 11.31 -1.55
CA PHE E 471 -50.77 11.33 -0.17
C PHE E 471 -49.98 12.37 0.65
N LEU E 472 -50.22 12.40 1.95
CA LEU E 472 -49.52 13.33 2.83
C LEU E 472 -49.25 12.67 4.16
N THR E 473 -47.98 12.33 4.37
CA THR E 473 -47.55 11.70 5.62
C THR E 473 -48.01 12.51 6.86
N GLU E 474 -48.59 11.81 7.83
CA GLU E 474 -49.15 12.45 9.02
C GLU E 474 -48.04 12.97 9.94
N GLY E 475 -48.32 14.11 10.58
CA GLY E 475 -47.35 14.79 11.42
C GLY E 475 -47.03 14.04 12.70
N GLY E 476 -45.88 14.40 13.27
CA GLY E 476 -45.46 13.92 14.61
C GLY E 476 -44.58 12.68 14.66
N VAL E 477 -44.53 11.93 13.56
CA VAL E 477 -43.99 10.56 13.54
C VAL E 477 -42.49 10.66 13.55
N PRO E 478 -41.82 9.83 14.36
CA PRO E 478 -40.36 9.74 14.23
C PRO E 478 -39.92 8.87 13.04
N PHE E 479 -39.10 9.46 12.18
CA PHE E 479 -38.51 8.77 11.04
C PHE E 479 -36.99 8.83 11.14
N THR E 480 -36.31 7.94 10.41
CA THR E 480 -34.87 8.10 10.15
C THR E 480 -34.63 8.00 8.65
N MET E 481 -34.01 9.03 8.13
CA MET E 481 -33.66 9.09 6.72
C MET E 481 -32.19 8.64 6.58
N THR E 482 -31.95 7.78 5.59
CA THR E 482 -30.61 7.30 5.30
C THR E 482 -30.32 7.16 3.82
N ARG E 483 -29.05 7.05 3.51
CA ARG E 483 -28.56 6.82 2.16
C ARG E 483 -27.22 6.08 2.22
N VAL E 484 -27.00 5.30 1.18
CA VAL E 484 -25.70 4.70 0.93
C VAL E 484 -25.18 5.39 -0.32
N ASN E 485 -23.88 5.72 -0.29
CA ASN E 485 -23.17 6.27 -1.44
C ASN E 485 -21.87 5.53 -1.63
N LEU E 486 -21.33 5.58 -2.84
CA LEU E 486 -20.03 4.97 -3.17
C LEU E 486 -19.02 6.05 -3.52
N ILE E 487 -18.00 6.18 -2.69
CA ILE E 487 -17.10 7.31 -2.79
C ILE E 487 -15.86 6.72 -3.36
N LYS E 488 -15.69 6.90 -4.66
CA LYS E 488 -14.54 6.30 -5.35
C LYS E 488 -13.29 6.60 -4.54
N GLY E 489 -12.46 5.59 -4.39
CA GLY E 489 -11.22 5.71 -3.64
C GLY E 489 -11.41 5.53 -2.15
N LEU E 490 -12.62 5.68 -1.67
CA LEU E 490 -12.91 5.50 -0.24
C LEU E 490 -13.71 4.23 -0.01
N GLY E 491 -14.84 4.12 -0.70
CA GLY E 491 -15.72 2.97 -0.62
C GLY E 491 -17.18 3.36 -0.45
N PRO E 492 -17.97 2.49 0.18
CA PRO E 492 -19.36 2.80 0.45
C PRO E 492 -19.47 3.55 1.77
N VAL E 493 -20.30 4.59 1.82
CA VAL E 493 -20.52 5.31 3.06
C VAL E 493 -21.99 5.36 3.31
N LEU E 494 -22.30 5.59 4.58
CA LEU E 494 -23.67 5.62 5.07
C LEU E 494 -24.03 6.96 5.66
N GLN E 495 -25.17 7.48 5.23
CA GLN E 495 -25.68 8.74 5.76
C GLN E 495 -26.92 8.50 6.59
N ILE E 496 -27.00 9.10 7.77
CA ILE E 496 -28.15 8.93 8.67
C ILE E 496 -28.71 10.31 9.02
N ALA E 497 -30.03 10.41 9.15
CA ALA E 497 -30.65 11.65 9.60
C ALA E 497 -31.96 11.39 10.29
N GLU E 498 -31.90 11.11 11.60
CA GLU E 498 -33.09 10.96 12.47
C GLU E 498 -33.83 12.28 12.63
N GLY E 499 -35.15 12.20 12.70
CA GLY E 499 -36.01 13.39 12.74
C GLY E 499 -37.49 13.07 12.90
N TRP E 500 -38.33 13.97 12.36
CA TRP E 500 -39.78 13.89 12.47
C TRP E 500 -40.47 14.39 11.19
N SER E 501 -41.61 13.78 10.90
CA SER E 501 -42.57 14.32 9.98
C SER E 501 -43.40 15.40 10.71
N VAL E 502 -43.57 16.56 10.09
CA VAL E 502 -44.29 17.67 10.73
C VAL E 502 -45.60 17.97 10.01
N GLU E 503 -46.54 18.55 10.74
CA GLU E 503 -47.81 18.99 10.16
C GLU E 503 -47.79 20.50 9.96
N LEU E 504 -48.08 20.95 8.75
CA LEU E 504 -48.13 22.38 8.46
C LEU E 504 -49.57 22.79 8.21
N PRO E 505 -49.97 24.00 8.67
CA PRO E 505 -51.32 24.49 8.37
C PRO E 505 -51.59 24.44 6.87
N LYS E 506 -52.84 24.23 6.49
CA LYS E 506 -53.20 24.01 5.10
C LYS E 506 -52.91 25.22 4.21
N ALA E 507 -53.05 26.43 4.76
CA ALA E 507 -52.68 27.64 4.01
C ALA E 507 -51.20 27.57 3.62
N MET E 508 -50.36 27.18 4.59
CA MET E 508 -48.93 27.01 4.37
C MET E 508 -48.64 25.84 3.45
N HIS E 509 -48.99 24.63 3.88
CA HIS E 509 -48.67 23.45 3.10
C HIS E 509 -49.05 23.65 1.63
N ASP E 510 -50.32 23.93 1.35
CA ASP E 510 -50.82 23.87 -0.04
C ASP E 510 -50.28 24.99 -0.92
N GLN E 511 -49.85 26.09 -0.31
CA GLN E 511 -49.10 27.15 -1.02
C GLN E 511 -47.80 26.55 -1.59
N LEU E 512 -47.05 25.89 -0.72
CA LEU E 512 -45.78 25.31 -1.12
C LEU E 512 -45.99 24.15 -2.06
N ASP E 513 -46.78 23.17 -1.62
CA ASP E 513 -47.05 21.97 -2.41
C ASP E 513 -47.39 22.34 -3.86
N ALA E 514 -48.16 23.41 -4.04
CA ALA E 514 -48.61 23.81 -5.37
C ALA E 514 -47.42 24.09 -6.31
N ARG E 515 -46.49 24.91 -5.81
CA ARG E 515 -45.34 25.36 -6.61
C ARG E 515 -44.29 24.27 -6.87
N THR E 516 -44.26 23.26 -5.99
CA THR E 516 -43.50 22.03 -6.22
C THR E 516 -44.32 21.13 -7.18
N ASN E 517 -44.50 19.85 -6.86
CA ASN E 517 -45.25 18.90 -7.69
C ASN E 517 -46.38 18.41 -6.83
N SER E 518 -47.60 18.66 -7.29
CA SER E 518 -48.79 18.46 -6.45
C SER E 518 -49.39 17.06 -6.62
N THR E 519 -49.14 16.43 -7.76
CA THR E 519 -49.67 15.09 -8.05
C THR E 519 -48.89 13.96 -7.36
N TRP E 520 -47.87 14.31 -6.56
CA TRP E 520 -46.90 13.34 -6.01
C TRP E 520 -46.85 13.35 -4.47
N PRO E 521 -46.66 12.18 -3.84
CA PRO E 521 -46.59 12.08 -2.37
C PRO E 521 -45.61 13.02 -1.68
N THR E 522 -46.07 13.63 -0.60
CA THR E 522 -45.32 14.67 0.05
C THR E 522 -45.18 14.29 1.51
N THR E 523 -44.00 14.55 2.07
CA THR E 523 -43.81 14.50 3.52
C THR E 523 -42.81 15.57 3.89
N TRP E 524 -43.12 16.30 4.96
CA TRP E 524 -42.32 17.42 5.42
C TRP E 524 -41.47 16.90 6.56
N PHE E 525 -40.15 17.04 6.43
CA PHE E 525 -39.21 16.40 7.37
C PHE E 525 -38.45 17.48 8.13
N ALA E 526 -38.30 17.28 9.43
CA ALA E 526 -37.51 18.19 10.27
C ALA E 526 -36.42 17.43 11.01
N PRO E 527 -35.17 17.56 10.57
CA PRO E 527 -34.14 16.81 11.26
C PRO E 527 -33.98 17.23 12.72
N ARG E 528 -33.47 16.35 13.55
CA ARG E 528 -33.00 16.75 14.88
C ARG E 528 -31.61 17.31 14.72
N LEU E 529 -31.43 18.57 15.15
CA LEU E 529 -30.10 19.23 15.12
C LEU E 529 -29.26 18.89 16.35
N THR E 530 -27.94 19.03 16.22
CA THR E 530 -27.06 18.81 17.36
C THR E 530 -26.25 20.05 17.67
N GLY E 531 -26.07 20.95 16.70
CA GLY E 531 -25.24 22.12 16.86
C GLY E 531 -23.85 21.96 16.26
N LYS E 532 -23.38 20.72 16.13
CA LYS E 532 -22.05 20.43 15.59
C LYS E 532 -22.15 19.85 14.17
N GLY E 533 -21.27 20.32 13.30
CA GLY E 533 -21.15 19.81 11.94
C GLY E 533 -22.38 19.95 11.07
N PRO E 534 -22.67 18.91 10.25
CA PRO E 534 -23.73 19.03 9.25
C PRO E 534 -25.11 19.15 9.88
N PHE E 535 -25.19 18.88 11.19
CA PHE E 535 -26.41 19.11 11.96
C PHE E 535 -26.30 20.33 12.86
N ALA E 536 -25.48 21.30 12.49
CA ALA E 536 -25.42 22.57 13.21
C ALA E 536 -26.63 23.45 12.86
N ASP E 537 -27.12 23.33 11.64
CA ASP E 537 -28.40 23.92 11.27
C ASP E 537 -29.15 22.94 10.40
N VAL E 538 -30.35 23.30 9.94
CA VAL E 538 -31.11 22.41 9.06
C VAL E 538 -30.55 22.47 7.65
N TYR E 539 -30.08 23.65 7.24
CA TYR E 539 -29.51 23.83 5.91
C TYR E 539 -28.42 22.80 5.64
N SER E 540 -27.50 22.67 6.60
CA SER E 540 -26.35 21.76 6.51
C SER E 540 -26.77 20.30 6.38
N VAL E 541 -27.88 19.94 7.00
CA VAL E 541 -28.47 18.64 6.75
C VAL E 541 -28.62 18.39 5.25
N MET E 542 -29.30 19.30 4.57
CA MET E 542 -29.49 19.18 3.12
C MET E 542 -28.18 19.20 2.32
N ALA E 543 -27.33 20.14 2.68
CA ALA E 543 -26.14 20.47 1.90
C ALA E 543 -25.19 19.31 1.90
N ASN E 544 -25.12 18.64 3.04
CA ASN E 544 -24.25 17.48 3.18
C ASN E 544 -24.89 16.15 2.75
N TRP E 545 -26.03 16.20 2.05
CA TRP E 545 -26.68 14.98 1.64
C TRP E 545 -26.07 14.51 0.34
N GLY E 546 -25.61 13.26 0.37
CA GLY E 546 -24.72 12.70 -0.64
C GLY E 546 -25.28 12.47 -2.03
N ALA E 547 -26.53 12.79 -2.23
CA ALA E 547 -27.22 12.42 -3.45
C ALA E 547 -28.60 13.00 -3.39
N ASN E 548 -29.27 12.99 -4.54
CA ASN E 548 -30.63 13.54 -4.67
C ASN E 548 -31.72 12.64 -4.10
N HIS E 549 -31.38 11.46 -3.61
CA HIS E 549 -32.40 10.57 -3.08
C HIS E 549 -32.16 10.20 -1.61
N GLY E 550 -33.15 9.56 -1.02
CA GLY E 550 -33.08 9.12 0.37
C GLY E 550 -34.19 8.14 0.72
N VAL E 551 -34.06 7.53 1.89
CA VAL E 551 -34.96 6.48 2.33
C VAL E 551 -35.44 6.79 3.72
N LEU E 552 -36.75 6.67 3.92
CA LEU E 552 -37.35 6.84 5.24
C LEU E 552 -37.69 5.52 5.90
N THR E 553 -37.27 5.39 7.15
CA THR E 553 -37.58 4.22 7.96
C THR E 553 -38.23 4.66 9.27
N ILE E 554 -39.21 3.89 9.73
CA ILE E 554 -39.98 4.28 10.90
C ILE E 554 -39.20 4.12 12.20
N GLY E 555 -39.28 5.16 13.02
CA GLY E 555 -38.69 5.16 14.36
C GLY E 555 -37.51 6.07 14.46
N HIS E 556 -36.67 5.81 15.46
CA HIS E 556 -35.35 6.43 15.57
C HIS E 556 -34.29 5.31 15.60
N VAL E 557 -34.30 4.57 14.50
CA VAL E 557 -33.45 3.42 14.30
C VAL E 557 -31.94 3.68 14.04
N GLY E 558 -31.54 4.95 13.91
CA GLY E 558 -30.15 5.27 13.63
C GLY E 558 -29.10 4.38 14.31
N ALA E 559 -29.34 3.99 15.56
CA ALA E 559 -28.35 3.20 16.30
C ALA E 559 -28.29 1.75 15.83
N ASP E 560 -29.39 1.26 15.27
CA ASP E 560 -29.43 -0.07 14.63
C ASP E 560 -28.63 -0.04 13.34
N PHE E 561 -28.90 0.97 12.51
CA PHE E 561 -28.16 1.19 11.26
C PHE E 561 -26.66 1.32 11.48
N ILE E 562 -26.26 2.06 12.50
CA ILE E 562 -24.84 2.22 12.82
C ILE E 562 -24.18 0.86 13.08
N THR E 563 -24.86 0.05 13.89
CA THR E 563 -24.39 -1.28 14.30
C THR E 563 -24.35 -2.30 13.15
N LEU E 564 -25.16 -2.06 12.13
CA LEU E 564 -25.15 -2.87 10.93
C LEU E 564 -23.90 -2.53 10.13
N ALA E 565 -23.76 -1.22 9.85
CA ALA E 565 -22.63 -0.66 9.15
C ALA E 565 -21.32 -1.19 9.67
N ALA E 566 -21.14 -1.25 11.00
CA ALA E 566 -19.93 -1.84 11.59
C ALA E 566 -19.77 -3.34 11.29
N MET E 567 -20.89 -4.06 11.19
CA MET E 567 -20.85 -5.46 10.78
C MET E 567 -20.44 -5.59 9.32
N LEU E 568 -20.97 -4.69 8.49
CA LEU E 568 -20.60 -4.61 7.06
C LEU E 568 -19.30 -3.83 6.75
N ARG E 569 -18.65 -3.34 7.81
CA ARG E 569 -17.48 -2.48 7.72
C ARG E 569 -17.68 -1.36 6.71
N ILE E 570 -18.86 -0.75 6.74
CA ILE E 570 -19.11 0.52 6.05
C ILE E 570 -18.95 1.66 7.03
N PRO E 571 -18.26 2.71 6.63
CA PRO E 571 -18.20 3.84 7.55
C PRO E 571 -19.44 4.73 7.47
N VAL E 572 -19.78 5.34 8.59
CA VAL E 572 -20.89 6.28 8.66
C VAL E 572 -20.38 7.70 8.60
N CYS E 573 -20.69 8.40 7.52
CA CYS E 573 -20.07 9.68 7.28
C CYS E 573 -20.78 10.80 8.03
N MET E 574 -22.09 10.66 8.16
CA MET E 574 -22.96 11.71 8.68
C MET E 574 -24.04 11.07 9.55
N HIS E 575 -24.18 11.52 10.79
CA HIS E 575 -25.21 10.99 11.66
C HIS E 575 -25.44 11.90 12.85
N ASN E 576 -26.70 11.95 13.30
CA ASN E 576 -27.08 12.72 14.49
C ASN E 576 -27.40 11.85 15.71
N VAL E 577 -27.14 10.55 15.60
CA VAL E 577 -27.35 9.61 16.70
C VAL E 577 -26.46 10.06 17.85
N GLU E 578 -27.01 10.03 19.06
CA GLU E 578 -26.29 10.42 20.27
C GLU E 578 -25.22 9.39 20.63
N GLU E 579 -24.04 9.89 20.94
CA GLU E 579 -22.85 9.07 21.16
C GLU E 579 -23.10 7.84 22.04
N GLY E 580 -23.95 8.01 23.04
CA GLY E 580 -24.23 6.93 23.99
C GLY E 580 -24.66 5.64 23.30
N LYS E 581 -25.66 5.75 22.45
CA LYS E 581 -26.32 4.57 21.91
C LYS E 581 -25.46 3.75 20.96
N ILE E 582 -24.55 4.41 20.25
CA ILE E 582 -23.59 3.77 19.32
C ILE E 582 -23.09 2.43 19.83
N TYR E 583 -23.34 1.37 19.06
CA TYR E 583 -22.93 0.03 19.45
C TYR E 583 -22.11 -0.66 18.37
N ARG E 584 -20.83 -0.85 18.64
CA ARG E 584 -19.89 -1.40 17.66
C ARG E 584 -19.06 -2.54 18.24
N PRO E 585 -18.40 -3.34 17.38
CA PRO E 585 -17.48 -4.37 17.87
C PRO E 585 -16.38 -3.81 18.75
N SER E 586 -15.97 -4.60 19.73
CA SER E 586 -14.99 -4.17 20.74
C SER E 586 -13.73 -3.53 20.15
N SER E 587 -13.21 -4.14 19.08
CA SER E 587 -12.00 -3.71 18.40
C SER E 587 -12.02 -2.24 17.98
N TRP E 588 -13.18 -1.72 17.59
CA TRP E 588 -13.30 -0.31 17.18
C TRP E 588 -12.76 0.73 18.20
N ALA E 589 -13.00 0.53 19.49
CA ALA E 589 -12.44 1.41 20.53
C ALA E 589 -10.89 1.47 20.39
N ALA E 590 -10.28 0.34 20.03
CA ALA E 590 -8.84 0.26 19.86
C ALA E 590 -8.37 1.26 18.84
N HIS E 591 -9.19 1.46 17.82
CA HIS E 591 -8.82 2.34 16.73
C HIS E 591 -8.88 3.81 17.15
N GLY E 592 -9.58 4.06 18.26
CA GLY E 592 -9.56 5.36 18.92
C GLY E 592 -10.81 5.66 19.73
N MET E 593 -10.65 6.55 20.71
CA MET E 593 -11.75 7.08 21.54
C MET E 593 -12.75 7.90 20.71
N ASP E 594 -12.26 8.63 19.71
CA ASP E 594 -13.12 9.40 18.80
C ASP E 594 -14.04 8.47 18.07
N THR E 595 -15.33 8.77 18.03
CA THR E 595 -16.29 7.86 17.40
C THR E 595 -16.19 7.88 15.86
N GLU E 596 -15.85 9.01 15.27
CA GLU E 596 -15.69 9.09 13.81
C GLU E 596 -14.31 8.61 13.37
N GLY E 597 -13.29 8.96 14.14
CA GLY E 597 -11.92 8.55 13.83
C GLY E 597 -11.80 7.04 13.86
N GLN E 598 -12.20 6.45 14.97
CA GLN E 598 -12.06 5.02 15.16
C GLN E 598 -12.68 4.28 13.99
N ASP E 599 -13.80 4.83 13.49
CA ASP E 599 -14.62 4.17 12.49
C ASP E 599 -13.82 3.98 11.23
N TYR E 600 -13.40 5.10 10.62
CA TYR E 600 -12.68 5.06 9.35
C TYR E 600 -11.43 4.17 9.33
N ARG E 601 -10.71 4.14 10.45
CA ARG E 601 -9.51 3.34 10.52
C ARG E 601 -9.94 1.89 10.53
N ALA E 602 -10.85 1.56 11.43
CA ALA E 602 -11.31 0.18 11.59
C ALA E 602 -11.88 -0.38 10.29
N CYS E 603 -12.79 0.33 9.65
CA CYS E 603 -13.29 -0.06 8.33
C CYS E 603 -12.17 -0.16 7.29
N GLN E 604 -11.23 0.77 7.32
CA GLN E 604 -10.08 0.66 6.41
C GLN E 604 -9.30 -0.63 6.71
N ASN E 605 -9.11 -0.94 7.99
CA ASN E 605 -8.34 -2.12 8.44
C ASN E 605 -9.09 -3.41 8.07
N TYR E 606 -10.28 -3.60 8.61
CA TYR E 606 -10.99 -4.86 8.41
C TYR E 606 -11.54 -5.06 6.98
N GLY E 607 -12.16 -4.02 6.44
CA GLY E 607 -12.53 -4.01 5.02
C GLY E 607 -13.80 -4.76 4.68
N PRO E 608 -14.09 -4.93 3.39
CA PRO E 608 -15.31 -5.62 3.00
C PRO E 608 -15.40 -6.99 3.65
N LEU E 609 -16.63 -7.36 3.99
CA LEU E 609 -16.90 -8.55 4.75
C LEU E 609 -16.60 -9.82 3.97
N TYR E 610 -17.11 -9.91 2.76
CA TYR E 610 -17.11 -11.17 2.02
C TYR E 610 -15.93 -11.41 1.08
N LYS E 611 -15.38 -10.37 0.45
CA LYS E 611 -14.12 -10.52 -0.31
C LYS E 611 -13.31 -9.23 -0.57
N SER F 26 27.36 -1.88 30.60
CA SER F 26 27.25 -0.62 29.79
C SER F 26 25.82 -0.10 29.81
N LEU F 27 25.51 0.73 30.79
CA LEU F 27 24.22 1.41 30.80
C LEU F 27 24.21 2.45 29.66
N PRO F 28 23.01 2.78 29.13
CA PRO F 28 22.96 3.84 28.13
C PRO F 28 23.49 5.17 28.70
N LYS F 29 23.89 6.07 27.80
CA LYS F 29 24.31 7.41 28.18
C LYS F 29 23.52 8.41 27.36
N ILE F 30 23.47 9.64 27.85
CA ILE F 30 22.88 10.73 27.10
C ILE F 30 23.99 11.61 26.54
N GLY F 31 23.93 11.90 25.25
CA GLY F 31 24.89 12.79 24.60
C GLY F 31 24.34 14.17 24.30
N ILE F 32 24.86 15.19 24.99
CA ILE F 32 24.38 16.58 24.87
C ILE F 32 25.16 17.20 23.76
N ARG F 33 24.50 18.01 22.93
CA ARG F 33 25.11 18.59 21.70
C ARG F 33 25.10 20.12 21.69
N PRO F 34 26.27 20.73 21.78
CA PRO F 34 26.29 22.17 21.76
C PRO F 34 26.45 22.69 20.33
N VAL F 35 25.43 23.42 19.88
CA VAL F 35 25.36 23.84 18.49
C VAL F 35 25.52 25.37 18.42
N ILE F 36 26.12 25.89 17.34
CA ILE F 36 26.52 27.31 17.27
C ILE F 36 26.63 27.85 15.83
N ASP F 37 26.74 29.18 15.70
CA ASP F 37 27.01 29.87 14.43
C ASP F 37 28.45 29.69 14.05
N GLY F 38 28.69 29.20 12.83
CA GLY F 38 30.02 28.80 12.38
C GLY F 38 30.87 29.99 11.99
N ARG F 39 30.21 31.08 11.64
CA ARG F 39 30.91 32.28 11.16
C ARG F 39 31.73 32.91 12.28
N ARG F 40 32.93 33.34 11.92
CA ARG F 40 33.89 33.95 12.84
C ARG F 40 33.80 35.49 12.84
N MET F 41 34.93 36.19 12.70
CA MET F 41 34.98 37.67 12.84
C MET F 41 34.37 38.15 14.14
N GLY F 42 34.52 37.35 15.20
CA GLY F 42 34.03 37.74 16.52
C GLY F 42 32.71 37.14 16.93
N VAL F 43 32.01 36.55 15.98
CA VAL F 43 30.68 36.06 16.24
C VAL F 43 30.71 34.75 17.00
N ARG F 44 31.45 33.77 16.48
CA ARG F 44 31.47 32.43 17.08
C ARG F 44 31.96 32.42 18.53
N GLU F 45 33.07 33.14 18.76
CA GLU F 45 33.78 33.15 20.04
C GLU F 45 32.92 33.78 21.17
N SER F 46 32.10 34.78 20.83
CA SER F 46 31.22 35.44 21.79
C SER F 46 30.09 34.57 22.27
N LEU F 47 29.80 33.50 21.54
CA LEU F 47 28.78 32.54 21.95
C LEU F 47 29.31 31.23 22.54
N GLU F 48 30.55 30.87 22.18
CA GLU F 48 31.14 29.60 22.58
C GLU F 48 31.09 29.36 24.07
N ALA F 49 31.38 30.41 24.85
CA ALA F 49 31.24 30.37 26.31
C ALA F 49 29.82 30.03 26.72
N GLN F 50 28.85 30.84 26.31
CA GLN F 50 27.48 30.60 26.73
C GLN F 50 26.91 29.26 26.21
N THR F 51 27.27 28.89 24.99
CA THR F 51 26.67 27.71 24.36
C THR F 51 27.10 26.41 25.03
N MET F 52 28.40 26.21 25.21
CA MET F 52 28.88 25.02 25.93
C MET F 52 28.42 25.05 27.38
N ASN F 53 28.19 26.23 27.93
CA ASN F 53 27.64 26.38 29.29
C ASN F 53 26.14 26.09 29.42
N MET F 54 25.47 26.03 28.28
CA MET F 54 24.14 25.47 28.22
C MET F 54 24.21 23.93 28.33
N ALA F 55 25.19 23.33 27.64
CA ALA F 55 25.36 21.86 27.59
C ALA F 55 25.87 21.27 28.88
N LYS F 56 26.83 21.96 29.51
CA LYS F 56 27.38 21.52 30.81
C LYS F 56 26.33 21.62 31.91
N ALA F 57 25.52 22.67 31.82
CA ALA F 57 24.40 22.89 32.73
C ALA F 57 23.34 21.82 32.54
N THR F 58 23.07 21.47 31.28
CA THR F 58 22.05 20.46 30.94
C THR F 58 22.39 19.06 31.48
N ALA F 59 23.65 18.64 31.31
CA ALA F 59 24.13 17.33 31.76
C ALA F 59 24.06 17.19 33.27
N ALA F 60 24.29 18.30 33.96
CA ALA F 60 24.24 18.36 35.41
C ALA F 60 22.80 18.24 35.95
N LEU F 61 21.85 18.88 35.27
CA LEU F 61 20.43 18.73 35.63
C LEU F 61 19.95 17.28 35.47
N ILE F 62 20.32 16.65 34.35
CA ILE F 62 19.99 15.24 34.11
C ILE F 62 20.61 14.37 35.21
N SER F 63 21.91 14.47 35.42
CA SER F 63 22.59 13.57 36.37
C SER F 63 22.30 13.90 37.83
N GLU F 64 21.68 15.05 38.06
CA GLU F 64 21.25 15.43 39.40
C GLU F 64 19.83 14.88 39.69
N LYS F 65 18.85 15.10 38.82
CA LYS F 65 17.41 14.93 39.19
C LYS F 65 16.73 13.62 38.73
N LEU F 66 17.49 12.74 38.07
CA LEU F 66 16.96 11.49 37.54
C LEU F 66 17.98 10.41 37.67
N ARG F 67 17.48 9.19 37.73
CA ARG F 67 18.35 8.03 37.73
C ARG F 67 17.76 6.81 37.01
N HIS F 68 18.68 6.10 36.34
CA HIS F 68 18.47 4.78 35.80
C HIS F 68 17.51 3.93 36.65
N ALA F 69 16.82 3.01 36.02
CA ALA F 69 15.91 2.14 36.75
C ALA F 69 16.67 1.30 37.77
N CYS F 70 17.90 0.89 37.44
CA CYS F 70 18.67 0.02 38.33
C CYS F 70 19.36 0.80 39.45
N GLY F 71 19.36 2.11 39.33
CA GLY F 71 19.80 2.99 40.42
C GLY F 71 21.11 3.73 40.22
N ALA F 72 21.96 3.24 39.31
CA ALA F 72 23.22 3.92 39.02
C ALA F 72 23.01 5.29 38.36
N GLN F 73 24.06 6.10 38.39
CA GLN F 73 24.02 7.47 37.88
C GLN F 73 24.02 7.53 36.35
N ILE F 74 23.43 8.60 35.82
CA ILE F 74 23.36 8.78 34.36
C ILE F 74 24.60 9.48 33.85
N GLU F 75 25.49 8.72 33.23
CA GLU F 75 26.63 9.30 32.52
C GLU F 75 26.13 10.12 31.34
N CYS F 76 26.44 11.41 31.32
CA CYS F 76 26.19 12.25 30.15
C CYS F 76 27.52 12.45 29.41
N VAL F 77 27.46 12.46 28.09
CA VAL F 77 28.62 12.64 27.24
C VAL F 77 28.40 13.91 26.46
N ILE F 78 29.39 14.80 26.42
CA ILE F 78 29.24 16.06 25.68
C ILE F 78 30.27 16.17 24.59
N ALA F 79 29.87 16.72 23.45
CA ALA F 79 30.79 16.94 22.34
C ALA F 79 32.04 17.71 22.75
N ASP F 80 33.19 17.23 22.24
CA ASP F 80 34.53 17.83 22.51
C ASP F 80 34.73 19.28 22.00
N THR F 81 33.89 19.71 21.05
CA THR F 81 33.87 21.06 20.53
C THR F 81 32.43 21.41 20.20
N CYS F 82 32.13 22.69 20.02
CA CYS F 82 30.79 23.06 19.60
C CYS F 82 30.64 22.75 18.11
N ILE F 83 29.39 22.65 17.66
CA ILE F 83 29.09 22.07 16.36
C ILE F 83 28.38 23.13 15.53
N ALA F 84 28.99 23.58 14.46
CA ALA F 84 28.33 24.54 13.57
C ALA F 84 28.18 24.07 12.13
N GLY F 85 28.69 22.85 11.87
CA GLY F 85 28.65 22.25 10.53
C GLY F 85 28.80 20.74 10.51
N MET F 86 28.88 20.18 9.32
CA MET F 86 28.88 18.71 9.15
C MET F 86 30.20 18.13 9.61
N ALA F 87 31.27 18.90 9.54
CA ALA F 87 32.57 18.40 9.94
C ALA F 87 32.55 18.16 11.43
N GLU F 88 32.05 19.14 12.17
CA GLU F 88 32.11 19.09 13.63
C GLU F 88 31.01 18.22 14.17
N SER F 89 29.92 18.08 13.41
CA SER F 89 28.84 17.18 13.80
C SER F 89 29.20 15.71 13.53
N ALA F 90 29.82 15.45 12.39
CA ALA F 90 30.37 14.12 12.10
C ALA F 90 31.22 13.66 13.28
N ALA F 91 32.26 14.43 13.61
CA ALA F 91 33.11 14.14 14.79
C ALA F 91 32.32 13.78 16.05
N CYS F 92 31.34 14.63 16.38
CA CYS F 92 30.55 14.46 17.60
C CYS F 92 29.86 13.12 17.64
N GLU F 93 29.33 12.67 16.50
CA GLU F 93 28.56 11.44 16.50
C GLU F 93 29.48 10.25 16.53
N GLU F 94 30.70 10.39 16.02
CA GLU F 94 31.68 9.30 16.06
C GLU F 94 32.09 8.98 17.50
N LYS F 95 32.11 10.00 18.34
CA LYS F 95 32.29 9.80 19.78
C LYS F 95 31.11 9.05 20.40
N PHE F 96 29.91 9.56 20.15
CA PHE F 96 28.64 9.01 20.68
C PHE F 96 28.39 7.53 20.32
N SER F 97 28.69 7.18 19.06
CA SER F 97 28.60 5.80 18.57
C SER F 97 29.32 4.83 19.50
N ARG F 98 30.53 5.22 19.92
CA ARG F 98 31.39 4.33 20.69
C ARG F 98 31.23 4.50 22.22
N GLN F 99 30.52 5.55 22.64
CA GLN F 99 30.24 5.82 24.07
C GLN F 99 28.85 5.36 24.52
N ASN F 100 28.19 4.54 23.72
CA ASN F 100 26.88 3.97 24.07
C ASN F 100 25.78 5.00 24.36
N VAL F 101 25.71 6.07 23.56
CA VAL F 101 24.65 7.04 23.77
C VAL F 101 23.45 6.63 22.95
N GLY F 102 22.30 6.54 23.61
CA GLY F 102 21.02 6.16 22.99
C GLY F 102 20.00 7.28 22.93
N VAL F 103 20.30 8.43 23.52
CA VAL F 103 19.45 9.60 23.43
C VAL F 103 20.36 10.83 23.34
N THR F 104 19.87 11.85 22.63
CA THR F 104 20.62 13.09 22.46
C THR F 104 19.75 14.31 22.71
N ILE F 105 20.34 15.34 23.32
CA ILE F 105 19.75 16.67 23.38
C ILE F 105 20.68 17.70 22.75
N THR F 106 20.24 18.29 21.64
CA THR F 106 20.95 19.42 21.06
C THR F 106 20.48 20.69 21.75
N VAL F 107 21.43 21.46 22.25
CA VAL F 107 21.14 22.71 22.92
C VAL F 107 21.79 23.86 22.14
N THR F 108 21.14 25.01 22.10
CA THR F 108 21.80 26.20 21.57
C THR F 108 21.20 27.54 22.08
N PRO F 109 22.00 28.63 22.01
CA PRO F 109 21.45 29.95 22.25
C PRO F 109 21.44 30.89 21.03
N CYS F 110 21.67 30.38 19.84
CA CYS F 110 21.79 31.27 18.67
C CYS F 110 21.21 30.67 17.41
N TRP F 111 21.34 31.39 16.32
CA TRP F 111 21.05 30.80 15.03
C TRP F 111 22.27 29.95 14.58
N CYS F 112 21.97 28.82 13.93
CA CYS F 112 22.98 27.88 13.38
C CYS F 112 22.43 27.22 12.14
N TYR F 113 23.31 26.61 11.35
CA TYR F 113 22.89 26.16 10.00
C TYR F 113 22.13 24.79 10.00
N GLY F 114 20.84 24.88 10.36
CA GLY F 114 19.84 23.76 10.31
C GLY F 114 20.19 22.29 10.02
N SER F 115 20.06 21.88 8.76
CA SER F 115 20.30 20.48 8.35
C SER F 115 21.69 19.94 8.58
N GLU F 116 22.67 20.84 8.68
CA GLU F 116 24.08 20.47 8.89
C GLU F 116 24.33 19.99 10.30
N THR F 117 23.61 20.61 11.24
CA THR F 117 23.83 20.47 12.68
C THR F 117 22.99 19.40 13.36
N ILE F 118 21.87 19.00 12.78
CA ILE F 118 20.94 18.10 13.47
C ILE F 118 21.47 16.66 13.58
N ASP F 119 20.94 15.91 14.55
CA ASP F 119 21.31 14.50 14.73
C ASP F 119 20.42 13.66 13.82
N MET F 120 21.03 13.03 12.80
CA MET F 120 20.28 12.29 11.78
C MET F 120 20.03 10.82 12.08
N ASP F 121 20.50 10.32 13.22
CA ASP F 121 20.28 8.93 13.59
C ASP F 121 18.78 8.63 13.84
N PRO F 122 18.13 7.86 12.93
CA PRO F 122 16.69 7.63 13.09
C PRO F 122 16.31 6.85 14.34
N LEU F 123 17.26 6.10 14.91
CA LEU F 123 16.99 5.25 16.06
C LEU F 123 16.91 5.96 17.40
N ARG F 124 17.82 6.92 17.62
CA ARG F 124 17.87 7.64 18.90
C ARG F 124 16.70 8.61 19.05
N PRO F 125 16.15 8.74 20.27
CA PRO F 125 15.21 9.81 20.57
C PRO F 125 15.95 11.13 20.69
N LYS F 126 15.28 12.20 20.33
CA LYS F 126 15.95 13.47 20.13
C LYS F 126 15.11 14.66 20.55
N ALA F 127 15.81 15.60 21.18
CA ALA F 127 15.27 16.89 21.56
C ALA F 127 16.20 18.00 21.08
N ILE F 128 15.63 19.18 20.94
CA ILE F 128 16.40 20.36 20.63
C ILE F 128 16.01 21.38 21.67
N TRP F 129 17.00 21.99 22.30
CA TRP F 129 16.71 23.07 23.24
C TRP F 129 17.24 24.41 22.73
N GLY F 130 16.32 25.34 22.54
CA GLY F 130 16.60 26.65 21.93
C GLY F 130 16.29 27.79 22.87
N PHE F 131 17.35 28.38 23.41
CA PHE F 131 17.24 29.47 24.38
C PHE F 131 16.27 30.52 23.86
N ASN F 132 15.39 30.99 24.73
CA ASN F 132 14.43 31.98 24.30
C ASN F 132 14.89 33.36 24.71
N GLY F 133 15.66 34.00 23.83
CA GLY F 133 16.10 35.36 24.06
C GLY F 133 16.05 36.06 22.74
N THR F 134 16.20 37.38 22.78
CA THR F 134 16.16 38.20 21.57
C THR F 134 17.59 38.36 21.03
N GLU F 135 18.52 38.71 21.92
CA GLU F 135 19.95 38.75 21.57
C GLU F 135 20.43 37.36 21.16
N ARG F 136 19.92 36.36 21.86
CA ARG F 136 20.26 34.96 21.62
C ARG F 136 18.97 34.26 21.12
N PRO F 137 18.79 34.15 19.78
CA PRO F 137 17.55 33.59 19.23
C PRO F 137 17.60 32.07 18.99
N GLY F 138 17.84 31.32 20.06
CA GLY F 138 17.89 29.85 19.99
C GLY F 138 16.58 29.26 19.48
N ALA F 139 15.47 29.91 19.82
CA ALA F 139 14.13 29.48 19.43
C ALA F 139 13.93 29.55 17.93
N VAL F 140 14.61 30.46 17.25
CA VAL F 140 14.48 30.58 15.81
C VAL F 140 15.24 29.45 15.09
N TYR F 141 16.39 29.04 15.66
CA TYR F 141 17.13 27.87 15.15
C TYR F 141 16.33 26.62 15.43
N LEU F 142 15.63 26.60 16.55
CA LEU F 142 14.73 25.50 16.91
C LEU F 142 13.61 25.32 15.89
N ALA F 143 12.81 26.34 15.65
CA ALA F 143 11.77 26.24 14.61
C ALA F 143 12.33 25.70 13.30
N ALA F 144 13.44 26.27 12.87
CA ALA F 144 14.12 25.87 11.63
C ALA F 144 14.57 24.40 11.65
N ALA F 145 15.28 23.99 12.68
CA ALA F 145 15.87 22.64 12.74
C ALA F 145 14.81 21.54 12.88
N LEU F 146 13.76 21.84 13.65
CA LEU F 146 12.60 20.94 13.74
C LEU F 146 12.06 20.67 12.37
N ALA F 147 12.01 21.72 11.55
CA ALA F 147 11.43 21.62 10.24
C ALA F 147 12.28 20.72 9.37
N ALA F 148 13.60 20.73 9.57
CA ALA F 148 14.45 19.87 8.76
C ALA F 148 14.30 18.44 9.23
N HIS F 149 13.95 18.27 10.51
CA HIS F 149 13.67 16.93 11.02
C HIS F 149 12.39 16.38 10.40
N SER F 150 11.35 17.21 10.31
CA SER F 150 10.06 16.79 9.76
C SER F 150 10.20 16.47 8.30
N GLN F 151 10.96 17.30 7.59
CA GLN F 151 11.20 17.13 6.16
C GLN F 151 12.10 15.91 5.86
N LYS F 152 12.98 15.57 6.78
CA LYS F 152 13.84 14.44 6.58
C LYS F 152 13.25 13.20 7.24
N GLY F 153 12.05 13.30 7.78
CA GLY F 153 11.37 12.15 8.42
C GLY F 153 12.00 11.56 9.69
N ILE F 154 12.77 12.37 10.41
CA ILE F 154 13.36 11.94 11.69
C ILE F 154 12.91 12.92 12.75
N PRO F 155 11.74 12.65 13.35
CA PRO F 155 11.14 13.56 14.30
C PRO F 155 12.02 13.85 15.49
N ALA F 156 11.78 15.00 16.12
CA ALA F 156 12.47 15.42 17.34
C ALA F 156 11.55 16.22 18.24
N PHE F 157 11.86 16.21 19.53
CA PHE F 157 11.08 16.92 20.54
C PHE F 157 11.61 18.32 20.71
N SER F 158 10.69 19.25 20.89
CA SER F 158 11.03 20.64 21.01
C SER F 158 10.97 21.03 22.47
N ILE F 159 11.97 21.80 22.89
CA ILE F 159 12.02 22.31 24.25
C ILE F 159 12.11 23.83 24.17
N TYR F 160 11.09 24.48 24.68
CA TYR F 160 10.88 25.89 24.42
C TYR F 160 10.26 26.56 25.64
N GLY F 161 10.90 27.63 26.11
CA GLY F 161 10.41 28.36 27.28
C GLY F 161 9.34 29.34 26.88
N HIS F 162 8.37 29.57 27.76
CA HIS F 162 7.32 30.55 27.48
C HIS F 162 7.91 31.96 27.55
N ASP F 163 8.71 32.19 28.59
CA ASP F 163 9.07 33.55 28.96
C ASP F 163 10.50 33.83 28.52
N VAL F 164 10.66 34.98 27.87
CA VAL F 164 11.92 35.39 27.29
C VAL F 164 12.97 35.54 28.38
N GLN F 165 14.20 35.14 28.09
CA GLN F 165 15.27 35.20 29.07
C GLN F 165 16.33 36.24 28.68
N ASP F 166 16.79 36.95 29.71
CA ASP F 166 17.82 37.97 29.55
C ASP F 166 19.12 37.26 29.25
N ALA F 167 19.92 37.88 28.39
CA ALA F 167 21.03 37.25 27.68
C ALA F 167 22.04 36.50 28.54
N ASP F 168 22.44 37.10 29.68
CA ASP F 168 23.46 36.49 30.57
C ASP F 168 22.85 35.75 31.76
N ASP F 169 21.52 35.64 31.80
CA ASP F 169 20.87 34.75 32.74
C ASP F 169 21.28 33.32 32.41
N THR F 170 21.55 32.53 33.45
CA THR F 170 21.94 31.10 33.28
C THR F 170 20.97 30.13 33.98
N THR F 171 19.89 30.67 34.55
CA THR F 171 18.91 29.82 35.24
C THR F 171 18.12 28.97 34.22
N ILE F 172 17.77 27.74 34.62
CA ILE F 172 16.96 26.85 33.77
C ILE F 172 15.52 26.81 34.28
N PRO F 173 14.57 27.36 33.48
CA PRO F 173 13.20 27.55 33.93
C PRO F 173 12.39 26.26 34.15
N ALA F 174 11.28 26.42 34.86
CA ALA F 174 10.42 25.30 35.27
C ALA F 174 9.89 24.49 34.08
N ASP F 175 9.16 25.16 33.19
CA ASP F 175 8.55 24.52 31.99
C ASP F 175 9.59 23.78 31.13
N VAL F 176 10.77 24.38 30.99
CA VAL F 176 11.91 23.76 30.31
C VAL F 176 12.47 22.57 31.08
N GLU F 177 12.61 22.73 32.40
CA GLU F 177 13.08 21.63 33.28
C GLU F 177 12.10 20.46 33.28
N GLU F 178 10.82 20.77 33.08
CA GLU F 178 9.77 19.75 33.07
C GLU F 178 9.94 18.85 31.85
N LYS F 179 9.91 19.50 30.68
CA LYS F 179 10.13 18.84 29.41
C LYS F 179 11.52 18.20 29.32
N LEU F 180 12.55 18.92 29.76
CA LEU F 180 13.90 18.38 29.69
C LEU F 180 14.07 17.02 30.36
N LEU F 181 13.42 16.80 31.49
CA LEU F 181 13.60 15.53 32.20
C LEU F 181 12.57 14.50 31.78
N ARG F 182 11.35 14.93 31.52
CA ARG F 182 10.37 14.03 30.92
C ARG F 182 11.01 13.32 29.72
N PHE F 183 11.41 14.12 28.75
CA PHE F 183 12.12 13.60 27.61
C PHE F 183 13.20 12.60 28.03
N ALA F 184 14.09 13.02 28.92
CA ALA F 184 15.22 12.16 29.29
C ALA F 184 14.81 10.82 29.94
N ARG F 185 13.72 10.83 30.68
CA ARG F 185 13.27 9.60 31.32
C ARG F 185 12.81 8.63 30.22
N ALA F 186 11.96 9.15 29.35
CA ALA F 186 11.40 8.32 28.30
C ALA F 186 12.50 7.78 27.41
N GLY F 187 13.31 8.68 26.88
CA GLY F 187 14.39 8.27 25.98
C GLY F 187 15.31 7.23 26.59
N LEU F 188 15.61 7.38 27.88
CA LEU F 188 16.41 6.39 28.61
C LEU F 188 15.75 5.03 28.63
N ALA F 189 14.47 5.03 29.02
CA ALA F 189 13.60 3.84 28.97
C ALA F 189 13.72 3.09 27.65
N VAL F 190 13.48 3.83 26.55
CA VAL F 190 13.65 3.33 25.16
C VAL F 190 15.01 2.64 24.87
N ALA F 191 16.08 3.22 25.41
CA ALA F 191 17.44 2.75 25.12
C ALA F 191 17.88 1.62 26.06
N SER F 192 17.20 1.49 27.19
CA SER F 192 17.55 0.42 28.13
C SER F 192 16.88 -0.91 27.75
N MET F 193 15.72 -0.85 27.11
CA MET F 193 15.07 -2.05 26.59
C MET F 193 15.88 -2.58 25.41
N LYS F 194 16.24 -1.65 24.54
CA LYS F 194 17.00 -1.98 23.35
C LYS F 194 18.09 -3.00 23.71
N GLY F 195 18.15 -4.09 22.95
CA GLY F 195 19.23 -5.08 23.01
C GLY F 195 18.96 -6.28 23.90
N LYS F 196 18.11 -6.07 24.90
CA LYS F 196 17.91 -7.06 25.95
C LYS F 196 16.78 -8.02 25.60
N SER F 197 16.60 -9.06 26.42
CA SER F 197 15.64 -10.13 26.14
C SER F 197 14.39 -10.09 27.02
N TYR F 198 13.43 -10.94 26.68
CA TYR F 198 12.25 -11.27 27.49
C TYR F 198 12.18 -12.81 27.59
N LEU F 199 11.97 -13.32 28.81
CA LEU F 199 12.00 -14.77 29.10
C LEU F 199 10.59 -15.39 29.19
N SER F 200 10.19 -16.07 28.12
CA SER F 200 9.00 -16.89 28.14
C SER F 200 9.38 -18.20 28.81
N VAL F 201 8.86 -18.39 30.02
CA VAL F 201 8.97 -19.66 30.72
C VAL F 201 7.60 -20.30 30.58
N GLY F 202 7.58 -21.42 29.90
CA GLY F 202 6.32 -22.02 29.48
C GLY F 202 5.83 -21.37 28.20
N GLY F 203 4.53 -21.51 27.94
CA GLY F 203 3.94 -21.03 26.72
C GLY F 203 2.69 -20.30 27.03
N VAL F 204 1.66 -20.54 26.21
CA VAL F 204 0.38 -19.90 26.38
C VAL F 204 -0.20 -20.40 27.68
N SER F 205 -0.88 -19.52 28.41
CA SER F 205 -1.55 -19.90 29.63
C SER F 205 -3.05 -19.61 29.47
N MET F 206 -3.82 -20.69 29.36
CA MET F 206 -5.28 -20.60 29.32
C MET F 206 -5.75 -19.71 28.17
N GLY F 207 -5.05 -19.81 27.04
CA GLY F 207 -5.38 -19.05 25.84
C GLY F 207 -5.56 -17.53 25.94
N ILE F 208 -4.84 -16.88 26.84
CA ILE F 208 -4.90 -15.41 27.02
C ILE F 208 -4.11 -14.74 25.90
N ALA F 209 -4.64 -13.66 25.35
CA ALA F 209 -3.97 -12.95 24.26
C ALA F 209 -2.45 -12.84 24.50
N GLY F 210 -2.07 -12.19 25.60
CA GLY F 210 -0.65 -11.94 25.92
C GLY F 210 0.29 -13.15 25.97
N SER F 211 -0.24 -14.33 26.19
CA SER F 211 0.62 -15.48 26.33
C SER F 211 1.09 -16.05 24.97
N ILE F 212 0.47 -15.55 23.89
CA ILE F 212 0.99 -15.82 22.55
C ILE F 212 1.96 -14.69 22.27
N VAL F 213 3.21 -14.94 22.65
CA VAL F 213 4.28 -13.95 22.59
C VAL F 213 4.55 -13.63 21.13
N ASP F 214 4.48 -12.35 20.78
CA ASP F 214 4.79 -11.95 19.42
C ASP F 214 6.26 -11.54 19.33
N HIS F 215 7.10 -12.46 18.86
CA HIS F 215 8.55 -12.20 18.76
C HIS F 215 8.90 -11.02 17.84
N ASN F 216 8.19 -10.93 16.73
CA ASN F 216 8.36 -9.83 15.79
C ASN F 216 7.93 -8.49 16.38
N PHE F 217 6.92 -8.49 17.24
CA PHE F 217 6.56 -7.26 17.95
C PHE F 217 7.69 -6.79 18.90
N PHE F 218 8.25 -7.70 19.67
CA PHE F 218 9.36 -7.31 20.55
C PHE F 218 10.60 -6.85 19.80
N GLU F 219 10.90 -7.52 18.70
CA GLU F 219 12.06 -7.17 17.89
C GLU F 219 11.92 -5.80 17.25
N SER F 220 10.78 -5.54 16.62
CA SER F 220 10.61 -4.36 15.79
C SER F 220 10.28 -3.07 16.56
N TRP F 221 9.43 -3.16 17.58
CA TRP F 221 8.96 -1.96 18.28
C TRP F 221 9.81 -1.52 19.47
N LEU F 222 10.37 -2.50 20.18
CA LEU F 222 11.10 -2.25 21.44
C LEU F 222 12.55 -2.73 21.47
N GLY F 223 13.02 -3.30 20.38
CA GLY F 223 14.46 -3.55 20.18
C GLY F 223 14.96 -4.79 20.87
N MET F 224 14.02 -5.62 21.31
CA MET F 224 14.30 -6.76 22.19
C MET F 224 14.38 -8.08 21.44
N LYS F 225 14.74 -9.12 22.18
CA LYS F 225 14.63 -10.49 21.71
C LYS F 225 13.72 -11.20 22.70
N VAL F 226 13.38 -12.45 22.38
CA VAL F 226 12.60 -13.30 23.26
C VAL F 226 13.34 -14.64 23.39
N GLN F 227 13.54 -15.08 24.62
CA GLN F 227 14.03 -16.44 24.90
C GLN F 227 12.87 -17.23 25.48
N ALA F 228 12.57 -18.32 24.81
CA ALA F 228 11.52 -19.22 25.24
C ALA F 228 12.19 -20.46 25.80
N VAL F 229 11.98 -20.68 27.09
CA VAL F 229 12.43 -21.91 27.71
C VAL F 229 11.21 -22.64 28.22
N ASP F 230 11.22 -23.96 28.05
CA ASP F 230 10.16 -24.82 28.52
C ASP F 230 10.25 -24.98 30.03
N MET F 231 9.11 -25.15 30.72
CA MET F 231 9.09 -25.30 32.20
C MET F 231 9.75 -26.61 32.70
N THR F 232 9.83 -27.61 31.83
CA THR F 232 10.74 -28.72 32.08
C THR F 232 12.14 -28.28 32.57
N GLU F 233 12.64 -27.14 32.05
CA GLU F 233 13.97 -26.61 32.44
C GLU F 233 13.96 -26.04 33.85
N LEU F 234 12.85 -25.39 34.21
CA LEU F 234 12.66 -24.88 35.56
C LEU F 234 12.70 -26.04 36.57
N ARG F 235 11.91 -27.08 36.29
CA ARG F 235 11.92 -28.29 37.10
C ARG F 235 13.36 -28.83 37.20
N ARG F 236 14.02 -28.95 36.06
CA ARG F 236 15.36 -29.56 35.97
C ARG F 236 16.42 -28.86 36.84
N ARG F 237 16.35 -27.54 36.89
CA ARG F 237 17.23 -26.75 37.75
C ARG F 237 16.96 -27.05 39.23
N ILE F 238 15.68 -27.20 39.59
CA ILE F 238 15.31 -27.54 40.97
C ILE F 238 15.69 -28.98 41.31
N ASP F 239 15.37 -29.90 40.42
CA ASP F 239 15.61 -31.32 40.64
C ASP F 239 17.07 -31.72 40.69
N GLN F 240 17.87 -31.20 39.78
CA GLN F 240 19.28 -31.61 39.71
C GLN F 240 20.16 -30.64 40.49
N LYS F 241 19.55 -29.97 41.46
CA LYS F 241 20.26 -29.05 42.36
C LYS F 241 21.19 -28.11 41.60
N ILE F 242 20.57 -27.32 40.72
CA ILE F 242 21.24 -26.24 40.00
C ILE F 242 20.75 -24.95 40.65
N TYR F 243 21.30 -24.70 41.82
CA TYR F 243 21.09 -23.46 42.59
C TYR F 243 22.11 -23.38 43.73
N ASP F 244 22.15 -22.23 44.38
CA ASP F 244 22.96 -22.00 45.56
C ASP F 244 22.25 -22.62 46.77
N GLU F 245 22.75 -23.76 47.24
CA GLU F 245 22.13 -24.49 48.34
C GLU F 245 22.11 -23.74 49.67
N VAL F 246 23.13 -22.92 49.91
CA VAL F 246 23.21 -22.13 51.15
C VAL F 246 22.27 -20.91 51.13
N GLU F 247 21.91 -20.46 49.93
CA GLU F 247 20.91 -19.40 49.76
C GLU F 247 19.50 -19.92 50.07
N LEU F 248 19.24 -21.20 49.76
CA LEU F 248 17.95 -21.84 50.03
C LEU F 248 17.65 -21.79 51.51
N GLU F 249 18.62 -22.24 52.31
CA GLU F 249 18.52 -22.26 53.78
C GLU F 249 18.24 -20.84 54.32
N MET F 250 18.96 -19.86 53.78
CA MET F 250 18.77 -18.47 54.15
C MET F 250 17.42 -17.97 53.67
N ALA F 251 17.02 -18.39 52.47
CA ALA F 251 15.69 -18.11 51.94
C ALA F 251 14.58 -18.69 52.85
N LEU F 252 14.78 -19.90 53.34
CA LEU F 252 13.84 -20.51 54.29
C LEU F 252 13.85 -19.86 55.66
N ALA F 253 15.06 -19.61 56.17
CA ALA F 253 15.23 -18.93 57.45
C ALA F 253 14.69 -17.49 57.42
N TRP F 254 14.97 -16.77 56.33
CA TRP F 254 14.44 -15.44 56.14
C TRP F 254 12.92 -15.49 56.05
N ALA F 255 12.42 -16.48 55.30
CA ALA F 255 10.98 -16.69 55.17
C ALA F 255 10.30 -16.92 56.52
N ASP F 256 10.82 -17.91 57.25
CA ASP F 256 10.28 -18.28 58.56
C ASP F 256 10.05 -17.10 59.49
N LYS F 257 11.04 -16.22 59.59
CA LYS F 257 11.03 -15.13 60.55
C LYS F 257 9.93 -14.10 60.29
N ASN F 258 9.88 -13.57 59.07
CA ASN F 258 9.04 -12.40 58.77
C ASN F 258 7.62 -12.71 58.26
N PHE F 259 7.35 -13.99 57.98
CA PHE F 259 6.07 -14.41 57.39
C PHE F 259 4.91 -14.58 58.37
N ARG F 260 3.87 -13.76 58.15
CA ARG F 260 2.51 -14.05 58.63
C ARG F 260 1.85 -15.09 57.71
N TYR F 261 0.78 -15.75 58.19
CA TYR F 261 0.05 -16.78 57.40
C TYR F 261 -1.45 -16.63 57.55
N GLY F 262 -2.19 -17.04 56.53
CA GLY F 262 -3.65 -16.93 56.50
C GLY F 262 -4.39 -18.23 56.78
N GLU F 263 -5.68 -18.10 57.01
CA GLU F 263 -6.54 -19.26 57.21
C GLU F 263 -6.60 -20.06 55.93
N ASP F 264 -6.21 -21.33 56.02
CA ASP F 264 -6.32 -22.24 54.90
C ASP F 264 -7.81 -22.36 54.60
N GLN F 265 -8.23 -22.01 53.38
CA GLN F 265 -9.65 -22.12 52.99
C GLN F 265 -9.96 -23.35 52.14
N ASN F 266 -9.06 -24.32 52.15
CA ASN F 266 -9.27 -25.56 51.40
C ASN F 266 -10.20 -26.50 52.15
N ALA F 267 -10.86 -27.35 51.38
CA ALA F 267 -11.60 -28.48 51.92
C ALA F 267 -10.59 -29.29 52.71
N GLN F 268 -10.98 -29.76 53.88
CA GLN F 268 -10.02 -30.38 54.80
C GLN F 268 -9.34 -31.67 54.29
N HIS F 269 -10.02 -32.37 53.38
CA HIS F 269 -9.39 -33.50 52.65
C HIS F 269 -8.21 -33.00 51.80
N TYR F 270 -8.35 -31.79 51.28
CA TYR F 270 -7.30 -31.15 50.47
C TYR F 270 -6.34 -30.27 51.29
N LYS F 271 -6.57 -30.13 52.59
CA LYS F 271 -5.70 -29.33 53.46
C LYS F 271 -4.38 -30.03 53.72
N ARG F 272 -3.44 -29.26 54.25
CA ARG F 272 -2.08 -29.73 54.46
C ARG F 272 -1.67 -29.65 55.93
N ASP F 273 -0.62 -30.38 56.21
CA ASP F 273 -0.01 -30.46 57.53
C ASP F 273 1.20 -29.54 57.49
N GLU F 274 1.95 -29.50 58.60
CA GLU F 274 3.19 -28.72 58.66
C GLU F 274 4.33 -29.26 57.77
N GLU F 275 4.30 -30.57 57.46
CA GLU F 275 5.37 -31.24 56.67
C GLU F 275 5.18 -31.23 55.13
N GLN F 276 3.93 -31.18 54.66
CA GLN F 276 3.64 -30.96 53.23
C GLN F 276 3.66 -29.47 52.85
N SER F 277 3.13 -28.61 53.73
CA SER F 277 3.20 -27.15 53.53
C SER F 277 4.65 -26.59 53.59
N ARG F 278 5.53 -27.30 54.29
CA ARG F 278 6.97 -26.99 54.25
C ARG F 278 7.54 -27.26 52.86
N ALA F 279 7.08 -28.30 52.18
CA ALA F 279 7.53 -28.60 50.81
C ALA F 279 7.03 -27.57 49.79
N VAL F 280 5.75 -27.18 49.90
CA VAL F 280 5.17 -26.14 49.04
C VAL F 280 6.03 -24.88 49.06
N LEU F 281 6.15 -24.25 50.24
CA LEU F 281 6.89 -22.99 50.39
C LEU F 281 8.36 -23.14 50.03
N LYS F 282 8.94 -24.29 50.35
CA LYS F 282 10.32 -24.58 50.02
C LYS F 282 10.57 -24.37 48.52
N GLU F 283 9.74 -25.01 47.71
CA GLU F 283 9.89 -24.96 46.24
C GLU F 283 9.58 -23.56 45.67
N SER F 284 8.59 -22.88 46.25
CA SER F 284 8.20 -21.57 45.77
C SER F 284 9.33 -20.56 45.86
N LEU F 285 10.18 -20.65 46.89
CA LEU F 285 11.39 -19.82 47.00
C LEU F 285 12.48 -20.33 46.10
N LEU F 286 12.47 -21.63 45.84
CA LEU F 286 13.30 -22.22 44.79
C LEU F 286 12.92 -21.75 43.35
N MET F 287 11.64 -21.55 43.11
CA MET F 287 11.20 -21.02 41.82
C MET F 287 11.86 -19.66 41.58
N ALA F 288 11.69 -18.72 42.52
CA ALA F 288 12.20 -17.34 42.35
C ALA F 288 13.69 -17.34 42.04
N MET F 289 14.49 -17.94 42.93
CA MET F 289 15.96 -18.05 42.71
C MET F 289 16.30 -18.58 41.31
N CYS F 290 15.69 -19.71 40.94
CA CYS F 290 15.94 -20.34 39.64
C CYS F 290 15.46 -19.47 38.48
N ILE F 291 14.30 -18.82 38.64
CA ILE F 291 13.76 -17.88 37.64
C ILE F 291 14.61 -16.61 37.54
N ARG F 292 15.00 -16.09 38.71
CA ARG F 292 15.89 -14.94 38.80
C ARG F 292 17.24 -15.21 38.12
N ASP F 293 17.77 -16.41 38.28
CA ASP F 293 19.10 -16.70 37.77
C ASP F 293 19.08 -17.01 36.28
N MET F 294 17.94 -17.46 35.78
CA MET F 294 17.74 -17.63 34.33
C MET F 294 17.71 -16.26 33.67
N MET F 295 16.96 -15.33 34.24
CA MET F 295 16.89 -13.97 33.73
C MET F 295 18.26 -13.30 33.59
N GLN F 296 19.03 -13.30 34.69
CA GLN F 296 20.27 -12.51 34.78
C GLN F 296 21.50 -13.32 35.06
N GLY F 297 21.40 -14.63 35.14
CA GLY F 297 22.56 -15.43 35.52
C GLY F 297 23.05 -15.25 36.95
N ASN F 298 23.63 -16.31 37.49
CA ASN F 298 24.18 -16.34 38.85
C ASN F 298 25.64 -16.72 38.80
N GLU F 299 26.48 -15.90 39.40
CA GLU F 299 27.92 -16.11 39.34
C GLU F 299 28.32 -17.41 40.07
N LYS F 300 27.57 -17.74 41.12
CA LYS F 300 27.90 -18.82 42.05
C LYS F 300 27.76 -20.19 41.39
N LEU F 301 26.83 -20.29 40.45
CA LEU F 301 26.61 -21.54 39.72
C LEU F 301 27.89 -21.98 38.97
N ALA F 302 28.72 -21.02 38.55
CA ALA F 302 29.98 -21.36 37.88
C ALA F 302 31.04 -21.96 38.82
N GLU F 303 31.05 -21.49 40.07
CA GLU F 303 31.92 -22.06 41.13
C GLU F 303 31.49 -23.49 41.43
N LYS F 304 30.17 -23.73 41.41
CA LYS F 304 29.58 -25.07 41.58
C LYS F 304 29.97 -26.08 40.48
N GLY F 305 30.30 -25.57 39.28
CA GLY F 305 30.59 -26.40 38.11
C GLY F 305 29.58 -26.21 36.99
N LEU F 306 28.52 -25.44 37.27
CA LEU F 306 27.36 -25.28 36.38
C LEU F 306 27.55 -24.12 35.39
N VAL F 307 28.54 -24.23 34.52
CA VAL F 307 29.00 -23.07 33.74
C VAL F 307 28.08 -22.72 32.55
N GLU F 308 27.38 -23.67 31.95
CA GLU F 308 26.35 -23.30 30.94
C GLU F 308 25.08 -22.67 31.54
N GLU F 309 24.67 -23.14 32.73
CA GLU F 309 23.45 -22.64 33.36
C GLU F 309 23.66 -21.29 34.04
N SER F 310 24.92 -20.90 34.21
CA SER F 310 25.28 -19.70 34.99
C SER F 310 25.01 -18.35 34.34
N LEU F 311 24.96 -18.33 33.01
CA LEU F 311 24.92 -17.08 32.23
C LEU F 311 23.56 -16.41 32.24
N GLY F 312 22.51 -17.20 32.31
CA GLY F 312 21.17 -16.66 32.19
C GLY F 312 20.94 -16.25 30.74
N TYR F 313 19.83 -15.57 30.49
CA TYR F 313 19.44 -15.27 29.12
C TYR F 313 19.47 -13.78 28.81
N ASN F 314 19.96 -12.96 29.75
CA ASN F 314 20.13 -11.52 29.57
C ASN F 314 18.80 -10.77 29.62
N ALA F 315 17.83 -11.35 30.29
CA ALA F 315 16.46 -10.81 30.26
C ALA F 315 16.25 -9.68 31.27
N ILE F 316 15.61 -8.62 30.81
CA ILE F 316 15.18 -7.51 31.69
C ILE F 316 13.68 -7.60 31.98
N ALA F 317 13.10 -8.75 31.69
CA ALA F 317 11.71 -9.03 31.98
C ALA F 317 11.47 -10.51 31.71
N ALA F 318 10.40 -11.06 32.29
CA ALA F 318 10.08 -12.47 32.10
C ALA F 318 8.59 -12.75 32.17
N GLY F 319 8.23 -13.97 31.76
CA GLY F 319 6.88 -14.52 31.89
C GLY F 319 6.89 -15.97 32.36
N PHE F 320 5.97 -16.27 33.28
CA PHE F 320 5.81 -17.62 33.78
C PHE F 320 4.43 -18.11 33.45
N GLN F 321 4.35 -19.13 32.60
CA GLN F 321 3.04 -19.62 32.16
C GLN F 321 2.15 -19.94 33.37
N GLY F 322 2.60 -20.91 34.18
CA GLY F 322 1.86 -21.29 35.38
C GLY F 322 0.77 -22.28 35.02
N GLN F 323 -0.48 -21.83 35.06
CA GLN F 323 -1.61 -22.71 34.72
C GLN F 323 -1.60 -23.05 33.21
N ARG F 324 -1.89 -24.29 32.82
CA ARG F 324 -2.39 -25.36 33.69
C ARG F 324 -1.44 -26.52 33.85
N HIS F 325 -0.35 -26.50 33.09
CA HIS F 325 0.50 -27.68 32.94
C HIS F 325 1.60 -27.71 34.01
N TRP F 326 1.68 -26.64 34.81
CA TRP F 326 2.56 -26.58 35.98
C TRP F 326 1.74 -26.63 37.26
N THR F 327 0.89 -25.61 37.46
CA THR F 327 0.12 -25.46 38.71
C THR F 327 -0.66 -26.69 39.09
N ASP F 328 -1.27 -27.30 38.08
CA ASP F 328 -2.01 -28.54 38.30
C ASP F 328 -1.14 -29.68 38.87
N GLN F 329 0.15 -29.74 38.52
CA GLN F 329 1.05 -30.78 39.08
C GLN F 329 2.14 -30.28 40.10
N TYR F 330 2.54 -29.01 40.01
CA TYR F 330 3.59 -28.46 40.88
C TYR F 330 3.11 -27.21 41.61
N PRO F 331 3.88 -26.73 42.61
CA PRO F 331 3.45 -25.54 43.37
C PRO F 331 3.41 -24.28 42.51
N ASN F 332 2.43 -23.41 42.72
CA ASN F 332 2.27 -22.27 41.83
C ASN F 332 3.31 -21.16 42.09
N GLY F 333 3.26 -20.13 41.25
CA GLY F 333 4.23 -19.04 41.29
C GLY F 333 3.86 -17.85 42.15
N ASP F 334 2.69 -17.88 42.78
CA ASP F 334 2.23 -16.76 43.60
C ASP F 334 3.32 -16.25 44.52
N THR F 335 4.05 -17.19 45.13
CA THR F 335 5.18 -16.85 45.98
C THR F 335 6.25 -16.20 45.10
N ALA F 336 6.86 -17.01 44.23
CA ALA F 336 8.07 -16.61 43.48
C ALA F 336 7.86 -15.38 42.62
N GLU F 337 6.70 -15.27 41.99
CA GLU F 337 6.35 -14.08 41.20
C GLU F 337 6.37 -12.83 42.11
N ALA F 338 5.71 -12.94 43.28
CA ALA F 338 5.56 -11.83 44.24
C ALA F 338 6.88 -11.29 44.83
N LEU F 339 7.81 -12.21 45.12
CA LEU F 339 9.13 -11.86 45.64
C LEU F 339 10.03 -11.24 44.58
N LEU F 340 9.87 -11.71 43.33
CA LEU F 340 10.63 -11.19 42.20
C LEU F 340 10.13 -9.78 41.82
N ASN F 341 8.83 -9.55 41.93
CA ASN F 341 8.26 -8.24 41.60
C ASN F 341 8.52 -7.19 42.67
N SER F 342 8.89 -7.65 43.85
CA SER F 342 9.16 -6.79 45.01
C SER F 342 10.60 -6.25 45.04
N SER F 343 10.78 -5.10 45.67
CA SER F 343 12.11 -4.46 45.79
C SER F 343 12.99 -4.99 46.95
N PHE F 344 12.60 -6.14 47.53
CA PHE F 344 13.31 -6.72 48.67
C PHE F 344 13.08 -8.22 48.77
N ASP F 345 14.14 -8.91 49.18
CA ASP F 345 14.12 -10.34 49.42
C ASP F 345 15.13 -10.68 50.55
N TRP F 346 15.47 -11.96 50.67
CA TRP F 346 16.33 -12.47 51.76
C TRP F 346 17.79 -12.00 51.69
N ASN F 347 18.20 -11.54 50.52
CA ASN F 347 19.53 -11.00 50.37
C ASN F 347 19.54 -9.46 50.56
N GLY F 348 18.39 -8.87 50.86
CA GLY F 348 18.33 -7.43 51.15
C GLY F 348 17.69 -6.67 50.02
N VAL F 349 17.60 -5.35 50.18
CA VAL F 349 16.76 -4.51 49.33
C VAL F 349 17.47 -4.16 48.03
N ARG F 350 16.75 -4.35 46.91
CA ARG F 350 17.33 -4.30 45.56
C ARG F 350 16.36 -3.81 44.49
N GLU F 351 16.84 -3.78 43.25
CA GLU F 351 16.00 -3.46 42.08
C GLU F 351 14.87 -4.47 41.84
N PRO F 352 13.61 -4.00 41.89
CA PRO F 352 12.54 -4.92 41.52
C PRO F 352 12.76 -5.59 40.16
N PHE F 353 12.52 -6.90 40.10
CA PHE F 353 12.40 -7.57 38.82
C PHE F 353 11.02 -7.32 38.25
N VAL F 354 10.91 -7.50 36.94
CA VAL F 354 9.59 -7.52 36.30
C VAL F 354 9.34 -8.94 35.78
N VAL F 355 8.29 -9.55 36.32
CA VAL F 355 7.93 -10.93 35.96
C VAL F 355 6.42 -10.99 35.75
N ALA F 356 6.06 -11.54 34.59
CA ALA F 356 4.69 -11.56 34.13
C ALA F 356 3.96 -12.84 34.54
N THR F 357 2.87 -12.65 35.29
CA THR F 357 2.00 -13.74 35.73
C THR F 357 1.19 -14.18 34.49
N GLU F 358 0.88 -15.47 34.42
CA GLU F 358 0.13 -16.06 33.29
C GLU F 358 0.83 -15.81 31.91
N ASN F 359 2.15 -15.71 31.95
CA ASN F 359 3.01 -15.45 30.75
C ASN F 359 2.46 -14.33 29.87
N ASP F 360 1.74 -13.37 30.48
CA ASP F 360 1.17 -12.26 29.75
C ASP F 360 2.29 -11.31 29.34
N SER F 361 2.91 -11.61 28.19
CA SER F 361 4.02 -10.82 27.62
C SER F 361 3.68 -9.34 27.62
N LEU F 362 2.46 -9.03 27.19
CA LEU F 362 2.08 -7.65 26.85
C LEU F 362 1.66 -6.83 28.07
N ASN F 363 1.49 -7.48 29.23
CA ASN F 363 1.38 -6.73 30.47
C ASN F 363 2.82 -6.46 30.93
N GLY F 364 3.68 -7.45 30.74
CA GLY F 364 5.10 -7.33 31.03
C GLY F 364 5.82 -6.19 30.32
N VAL F 365 5.30 -5.79 29.16
CA VAL F 365 5.81 -4.62 28.46
C VAL F 365 5.33 -3.36 29.22
N ALA F 366 4.05 -3.32 29.60
CA ALA F 366 3.53 -2.19 30.39
C ALA F 366 4.30 -2.05 31.70
N MET F 367 4.45 -3.16 32.42
CA MET F 367 5.36 -3.22 33.55
C MET F 367 6.69 -2.55 33.17
N LEU F 368 7.48 -3.24 32.33
CA LEU F 368 8.81 -2.79 31.90
C LEU F 368 8.90 -1.28 31.63
N MET F 369 7.89 -0.75 30.96
CA MET F 369 7.83 0.67 30.64
C MET F 369 7.72 1.49 31.92
N GLY F 370 6.76 1.14 32.78
CA GLY F 370 6.55 1.86 34.05
C GLY F 370 7.69 1.74 35.05
N HIS F 371 8.28 0.54 35.13
CA HIS F 371 9.45 0.30 35.96
C HIS F 371 10.60 1.14 35.42
N GLN F 372 10.75 1.19 34.09
CA GLN F 372 11.81 1.99 33.48
C GLN F 372 11.55 3.50 33.48
N LEU F 373 10.30 3.93 33.56
CA LEU F 373 10.00 5.36 33.79
C LEU F 373 10.30 5.79 35.26
N THR F 374 9.72 5.04 36.20
CA THR F 374 9.67 5.45 37.61
C THR F 374 10.75 4.84 38.50
N GLY F 375 11.16 3.59 38.21
CA GLY F 375 12.10 2.86 39.07
C GLY F 375 11.46 2.21 40.28
N THR F 376 10.14 2.40 40.41
CA THR F 376 9.34 1.79 41.47
C THR F 376 8.99 0.36 41.10
N ALA F 377 8.43 -0.36 42.07
CA ALA F 377 7.87 -1.68 41.80
C ALA F 377 6.52 -1.60 41.08
N GLN F 378 6.24 -2.70 40.39
CA GLN F 378 5.18 -2.76 39.40
C GLN F 378 4.10 -3.74 39.83
N VAL F 379 2.91 -3.18 40.08
CA VAL F 379 1.70 -3.97 40.28
C VAL F 379 1.37 -4.86 39.07
N PHE F 380 0.98 -6.12 39.32
CA PHE F 380 0.32 -6.95 38.30
C PHE F 380 -1.10 -7.10 38.74
N ALA F 381 -2.05 -6.74 37.89
CA ALA F 381 -3.48 -6.81 38.25
C ALA F 381 -4.36 -7.54 37.22
N ASP F 382 -5.33 -8.27 37.77
CA ASP F 382 -6.48 -8.84 37.04
C ASP F 382 -7.65 -7.92 37.30
N VAL F 383 -7.96 -7.03 36.38
CA VAL F 383 -9.12 -6.20 36.63
C VAL F 383 -10.36 -7.08 36.69
N ARG F 384 -10.82 -7.42 37.90
CA ARG F 384 -11.92 -8.41 38.12
C ARG F 384 -13.36 -7.93 37.87
N THR F 385 -13.71 -6.82 38.49
CA THR F 385 -15.10 -6.42 38.54
C THR F 385 -15.22 -4.93 38.60
N TYR F 386 -16.41 -4.49 38.23
CA TYR F 386 -16.79 -3.11 38.30
C TYR F 386 -17.96 -3.07 39.23
N TRP F 387 -18.01 -2.05 40.07
CA TRP F 387 -19.13 -1.87 40.97
C TRP F 387 -19.87 -0.59 40.63
N SER F 388 -21.09 -0.73 40.14
CA SER F 388 -21.96 0.42 39.95
C SER F 388 -22.28 1.07 41.29
N PRO F 389 -22.49 2.40 41.32
CA PRO F 389 -22.96 3.03 42.56
C PRO F 389 -24.24 2.34 43.09
N ASP F 390 -25.21 2.13 42.20
CA ASP F 390 -26.43 1.38 42.54
C ASP F 390 -26.16 -0.06 43.05
N ALA F 391 -25.18 -0.74 42.44
CA ALA F 391 -24.83 -2.10 42.81
C ALA F 391 -24.28 -2.18 44.23
N VAL F 392 -23.44 -1.22 44.63
CA VAL F 392 -22.84 -1.25 45.96
C VAL F 392 -23.92 -0.96 47.02
N GLU F 393 -24.76 0.05 46.75
CA GLU F 393 -25.91 0.39 47.61
C GLU F 393 -26.74 -0.85 47.92
N ARG F 394 -27.05 -1.61 46.89
CA ARG F 394 -27.78 -2.86 47.04
C ARG F 394 -27.08 -3.88 47.94
N VAL F 395 -25.83 -4.22 47.64
CA VAL F 395 -25.12 -5.33 48.35
C VAL F 395 -24.49 -5.00 49.72
N THR F 396 -24.33 -3.71 49.99
CA THR F 396 -23.78 -3.27 51.28
C THR F 396 -24.76 -2.37 52.08
N GLY F 397 -25.85 -1.92 51.44
CA GLY F 397 -26.76 -0.96 52.05
C GLY F 397 -26.17 0.44 52.04
N GLN F 398 -24.93 0.53 52.55
CA GLN F 398 -24.12 1.76 52.60
C GLN F 398 -23.77 2.19 51.16
N PRO F 399 -23.89 3.50 50.84
CA PRO F 399 -23.59 3.94 49.48
C PRO F 399 -22.08 4.03 49.24
N LEU F 400 -21.67 4.86 48.28
CA LEU F 400 -20.26 5.15 48.03
C LEU F 400 -19.97 6.65 48.20
N THR F 401 -18.78 6.96 48.74
CA THR F 401 -18.41 8.34 49.04
C THR F 401 -16.90 8.61 48.93
N GLY F 402 -16.55 9.89 48.86
CA GLY F 402 -15.17 10.32 48.66
C GLY F 402 -14.82 10.33 47.18
N LEU F 403 -13.68 9.73 46.86
CA LEU F 403 -13.27 9.55 45.46
C LEU F 403 -13.54 8.12 44.94
N ALA F 404 -14.30 7.34 45.72
CA ALA F 404 -15.00 6.21 45.16
C ALA F 404 -16.48 6.57 44.82
N GLU F 405 -16.83 7.86 44.89
CA GLU F 405 -18.23 8.31 44.70
C GLU F 405 -18.86 7.79 43.41
N HIS F 406 -18.22 8.09 42.29
CA HIS F 406 -18.77 7.79 40.97
C HIS F 406 -18.70 6.33 40.54
N GLY F 407 -17.88 5.52 41.21
CA GLY F 407 -17.75 4.08 40.92
C GLY F 407 -16.43 3.55 41.41
N ILE F 408 -16.17 2.27 41.20
CA ILE F 408 -14.94 1.67 41.73
C ILE F 408 -14.61 0.41 40.92
N ILE F 409 -13.32 0.09 40.83
CA ILE F 409 -12.85 -1.06 40.04
C ILE F 409 -11.92 -1.94 40.88
N HIS F 410 -12.28 -3.21 41.02
CA HIS F 410 -11.54 -4.13 41.86
C HIS F 410 -10.39 -4.74 41.06
N LEU F 411 -9.16 -4.50 41.52
CA LEU F 411 -7.98 -5.05 40.86
C LEU F 411 -7.36 -6.09 41.76
N ILE F 412 -7.35 -7.33 41.30
CA ILE F 412 -6.89 -8.46 42.08
C ILE F 412 -6.21 -9.53 41.22
N ASN F 413 -4.89 -9.59 41.27
CA ASN F 413 -4.19 -10.63 40.52
C ASN F 413 -4.36 -11.99 41.17
N SER F 414 -4.36 -13.02 40.32
CA SER F 414 -4.62 -14.42 40.69
C SER F 414 -3.63 -15.08 41.70
N GLY F 415 -2.99 -14.28 42.57
CA GLY F 415 -2.19 -14.81 43.68
C GLY F 415 -0.84 -14.15 43.91
N SER F 416 -0.36 -13.42 42.91
CA SER F 416 0.95 -12.77 42.97
C SER F 416 0.79 -11.27 42.93
N ALA F 417 1.51 -10.57 43.80
CA ALA F 417 1.62 -9.12 43.70
C ALA F 417 2.86 -8.63 44.44
N ALA F 418 3.42 -7.52 43.95
CA ALA F 418 4.55 -6.86 44.59
C ALA F 418 4.09 -6.32 45.93
N LEU F 419 4.91 -6.57 46.95
CA LEU F 419 4.54 -6.24 48.31
C LEU F 419 4.62 -4.74 48.54
N ASP F 420 5.46 -4.08 47.76
CA ASP F 420 5.54 -2.60 47.79
C ASP F 420 4.16 -1.96 47.65
N GLY F 421 3.30 -2.60 46.86
CA GLY F 421 1.97 -2.10 46.53
C GLY F 421 1.14 -1.73 47.74
N SER F 422 1.35 -2.44 48.86
CA SER F 422 0.68 -2.13 50.12
C SER F 422 0.62 -0.63 50.39
N CYS F 423 1.73 0.06 50.08
CA CYS F 423 1.88 1.50 50.31
C CYS F 423 2.27 1.81 51.77
N GLN F 424 2.88 0.83 52.43
CA GLN F 424 3.36 1.03 53.81
C GLN F 424 4.64 1.90 53.85
N GLN F 425 5.37 1.95 52.72
CA GLN F 425 6.42 2.95 52.51
C GLN F 425 5.84 4.35 52.65
N ARG F 426 6.63 5.26 53.21
CA ARG F 426 6.23 6.66 53.33
C ARG F 426 7.15 7.59 52.56
N ASP F 427 6.61 8.77 52.30
CA ASP F 427 7.23 9.79 51.45
C ASP F 427 8.00 10.78 52.32
N GLU F 428 8.11 12.03 51.87
CA GLU F 428 8.65 13.13 52.71
C GLU F 428 7.58 13.80 53.59
N GLU F 429 6.38 14.03 53.04
CA GLU F 429 5.26 14.69 53.77
C GLU F 429 4.44 13.77 54.73
N GLY F 430 4.75 12.47 54.79
CA GLY F 430 4.04 11.54 55.69
C GLY F 430 3.04 10.58 55.06
N LYS F 431 2.64 10.84 53.81
CA LYS F 431 1.63 10.05 53.06
C LYS F 431 2.11 8.63 52.69
N PRO F 432 1.19 7.73 52.32
CA PRO F 432 1.58 6.42 51.75
C PRO F 432 1.90 6.47 50.24
N THR F 433 2.87 5.65 49.84
CA THR F 433 3.46 5.74 48.50
C THR F 433 4.29 4.51 48.19
N MET F 434 4.72 4.41 46.93
CA MET F 434 5.69 3.38 46.52
C MET F 434 7.00 4.10 46.21
N LYS F 435 8.10 3.40 46.42
CA LYS F 435 9.46 3.99 46.40
C LYS F 435 10.38 3.35 45.35
N PRO F 436 11.29 4.15 44.77
CA PRO F 436 12.39 3.56 44.03
C PRO F 436 13.33 2.90 44.97
N HIS F 437 13.80 1.70 44.61
CA HIS F 437 14.60 0.86 45.50
C HIS F 437 15.86 1.49 46.14
N TRP F 438 16.36 2.59 45.58
CA TRP F 438 17.46 3.38 46.20
C TRP F 438 16.99 4.27 47.38
N GLU F 439 15.72 4.68 47.36
CA GLU F 439 15.15 5.48 48.44
C GLU F 439 14.41 4.66 49.49
N ILE F 440 14.32 3.35 49.27
CA ILE F 440 13.64 2.45 50.21
C ILE F 440 14.48 2.25 51.45
N SER F 441 13.87 2.48 52.62
CA SER F 441 14.53 2.21 53.90
C SER F 441 14.01 0.89 54.46
N GLN F 442 14.92 0.05 54.94
CA GLN F 442 14.58 -1.35 55.31
C GLN F 442 13.52 -1.51 56.43
N LYS F 443 13.27 -0.50 57.25
CA LYS F 443 12.14 -0.58 58.19
C LYS F 443 10.81 -0.53 57.42
N GLU F 444 10.80 0.18 56.29
CA GLU F 444 9.70 0.10 55.32
C GLU F 444 9.59 -1.30 54.65
N ALA F 445 10.74 -1.91 54.36
CA ALA F 445 10.80 -3.26 53.74
C ALA F 445 10.32 -4.37 54.67
N ASP F 446 10.70 -4.31 55.94
CA ASP F 446 10.19 -5.22 56.98
C ASP F 446 8.74 -4.91 57.38
N ALA F 447 8.34 -3.64 57.25
CA ALA F 447 6.97 -3.17 57.53
C ALA F 447 5.97 -3.56 56.44
N CYS F 448 6.42 -3.51 55.19
CA CYS F 448 5.61 -3.99 54.05
C CYS F 448 5.49 -5.52 54.08
N LEU F 449 6.62 -6.21 54.25
CA LEU F 449 6.62 -7.67 54.46
C LEU F 449 5.69 -8.10 55.56
N ALA F 450 5.70 -7.33 56.65
CA ALA F 450 4.85 -7.60 57.81
C ALA F 450 3.37 -7.22 57.61
N ALA F 451 3.07 -6.36 56.64
CA ALA F 451 1.68 -6.02 56.28
C ALA F 451 1.02 -7.05 55.33
N THR F 452 1.72 -8.16 55.07
CA THR F 452 1.25 -9.21 54.16
C THR F 452 1.10 -10.56 54.85
N GLU F 453 0.03 -11.28 54.50
CA GLU F 453 -0.28 -12.57 55.10
C GLU F 453 -0.46 -13.57 53.96
N TRP F 454 0.25 -14.69 54.05
CA TRP F 454 0.34 -15.66 52.95
C TRP F 454 -0.63 -16.83 53.10
N CYS F 455 -1.71 -16.77 52.33
CA CYS F 455 -2.75 -17.81 52.33
C CYS F 455 -2.42 -18.95 51.32
N PRO F 456 -2.66 -20.22 51.70
CA PRO F 456 -2.32 -21.32 50.76
C PRO F 456 -3.24 -21.38 49.53
N ALA F 457 -2.74 -21.98 48.45
CA ALA F 457 -3.47 -22.02 47.19
C ALA F 457 -4.69 -22.93 47.30
N ILE F 458 -5.83 -22.42 46.82
CA ILE F 458 -7.07 -23.17 46.72
C ILE F 458 -6.86 -24.38 45.77
N HIS F 459 -6.88 -25.57 46.33
CA HIS F 459 -6.28 -26.77 45.72
C HIS F 459 -6.85 -27.14 44.34
N GLU F 460 -8.15 -26.97 44.17
CA GLU F 460 -8.83 -27.40 42.95
C GLU F 460 -8.23 -26.67 41.74
N TYR F 461 -8.19 -25.35 41.84
CA TYR F 461 -7.66 -24.49 40.79
C TYR F 461 -6.14 -24.63 40.63
N PHE F 462 -5.45 -24.57 41.77
CA PHE F 462 -3.99 -24.75 41.86
C PHE F 462 -3.73 -26.01 42.66
N ARG F 463 -3.48 -27.10 41.95
CA ARG F 463 -3.40 -28.42 42.57
C ARG F 463 -2.03 -28.73 43.13
N GLY F 464 -1.09 -27.82 42.98
CA GLY F 464 0.22 -28.00 43.56
C GLY F 464 0.34 -27.22 44.84
N GLY F 465 -0.72 -26.52 45.23
CA GLY F 465 -0.64 -25.61 46.35
C GLY F 465 0.13 -24.34 45.98
N GLY F 466 0.66 -23.67 47.00
CA GLY F 466 1.39 -22.40 46.85
C GLY F 466 0.74 -21.30 47.68
N TYR F 467 1.51 -20.24 47.96
CA TYR F 467 1.04 -19.19 48.86
C TYR F 467 0.88 -17.85 48.16
N SER F 468 -0.36 -17.40 48.04
CA SER F 468 -0.64 -16.05 47.57
C SER F 468 -0.25 -14.99 48.60
N SER F 469 -0.17 -13.75 48.15
CA SER F 469 0.24 -12.64 49.00
C SER F 469 -0.95 -11.74 49.21
N ARG F 470 -1.42 -11.64 50.45
CA ARG F 470 -2.63 -10.87 50.70
C ARG F 470 -2.35 -9.50 51.32
N PHE F 471 -2.96 -8.47 50.74
CA PHE F 471 -2.95 -7.12 51.29
C PHE F 471 -4.09 -6.30 50.73
N LEU F 472 -4.35 -5.16 51.35
CA LEU F 472 -5.21 -4.12 50.78
C LEU F 472 -4.40 -2.84 50.68
N THR F 473 -4.28 -2.30 49.47
CA THR F 473 -3.57 -1.05 49.25
C THR F 473 -4.28 0.11 49.98
N GLU F 474 -3.47 0.98 50.58
CA GLU F 474 -3.96 2.13 51.32
C GLU F 474 -4.85 2.99 50.43
N GLY F 475 -5.73 3.77 51.01
CA GLY F 475 -6.63 4.63 50.23
C GLY F 475 -5.98 5.90 49.72
N GLY F 476 -6.67 6.57 48.80
CA GLY F 476 -6.29 7.92 48.33
C GLY F 476 -4.89 8.08 47.77
N VAL F 477 -4.35 7.04 47.14
CA VAL F 477 -3.01 7.08 46.56
C VAL F 477 -3.12 7.17 45.04
N PRO F 478 -2.48 8.18 44.41
CA PRO F 478 -2.53 8.28 42.93
C PRO F 478 -1.76 7.16 42.24
N PHE F 479 -2.44 6.43 41.37
CA PHE F 479 -1.88 5.30 40.61
C PHE F 479 -2.18 5.51 39.14
N THR F 480 -1.33 4.96 38.28
CA THR F 480 -1.67 4.93 36.86
C THR F 480 -1.68 3.52 36.30
N MET F 481 -2.73 3.25 35.52
CA MET F 481 -2.97 1.95 34.96
C MET F 481 -2.74 1.98 33.45
N THR F 482 -2.04 0.95 32.99
CA THR F 482 -1.68 0.81 31.59
C THR F 482 -1.82 -0.64 31.12
N ARG F 483 -2.19 -0.79 29.85
CA ARG F 483 -2.16 -2.07 29.17
C ARG F 483 -1.72 -1.84 27.72
N VAL F 484 -0.95 -2.79 27.20
CA VAL F 484 -0.56 -2.83 25.80
C VAL F 484 -1.27 -4.01 25.15
N ASN F 485 -2.08 -3.70 24.13
CA ASN F 485 -2.77 -4.72 23.34
C ASN F 485 -2.25 -4.71 21.90
N LEU F 486 -1.94 -5.88 21.33
CA LEU F 486 -1.70 -5.99 19.90
C LEU F 486 -3.01 -6.21 19.15
N ILE F 487 -3.42 -5.24 18.34
CA ILE F 487 -4.62 -5.36 17.50
C ILE F 487 -4.21 -5.61 16.04
N LYS F 488 -4.75 -6.64 15.39
CA LYS F 488 -4.22 -7.02 14.09
C LYS F 488 -4.74 -6.06 13.06
N GLY F 489 -3.82 -5.67 12.16
CA GLY F 489 -4.05 -4.62 11.20
C GLY F 489 -3.84 -3.20 11.71
N LEU F 490 -3.63 -3.04 13.01
CA LEU F 490 -3.32 -1.72 13.59
C LEU F 490 -2.05 -1.69 14.42
N GLY F 491 -1.42 -2.84 14.70
CA GLY F 491 -0.21 -2.89 15.55
C GLY F 491 -0.49 -2.63 17.04
N PRO F 492 0.57 -2.48 17.86
CA PRO F 492 0.37 -2.27 19.31
C PRO F 492 -0.36 -0.99 19.56
N VAL F 493 -1.15 -0.95 20.62
CA VAL F 493 -1.80 0.27 21.13
C VAL F 493 -1.65 0.32 22.66
N LEU F 494 -1.68 1.53 23.20
CA LEU F 494 -1.55 1.74 24.63
C LEU F 494 -2.79 2.38 25.18
N GLN F 495 -3.28 1.78 26.27
CA GLN F 495 -4.36 2.32 27.10
C GLN F 495 -3.76 2.96 28.34
N ILE F 496 -4.39 4.05 28.79
CA ILE F 496 -3.93 4.79 29.99
C ILE F 496 -5.13 5.22 30.84
N ALA F 497 -5.07 4.90 32.14
CA ALA F 497 -6.07 5.36 33.12
C ALA F 497 -5.39 5.87 34.40
N GLU F 498 -5.38 7.19 34.54
CA GLU F 498 -4.89 7.87 35.73
C GLU F 498 -6.03 7.97 36.73
N GLY F 499 -5.74 7.53 37.96
CA GLY F 499 -6.70 7.67 39.07
C GLY F 499 -6.02 7.46 40.41
N TRP F 500 -6.83 7.32 41.46
CA TRP F 500 -6.32 6.98 42.79
C TRP F 500 -6.96 5.71 43.32
N SER F 501 -6.22 5.01 44.17
CA SER F 501 -6.76 3.92 44.97
C SER F 501 -7.70 4.48 46.03
N VAL F 502 -8.61 3.63 46.50
CA VAL F 502 -9.52 4.01 47.59
C VAL F 502 -9.56 2.93 48.66
N GLU F 503 -9.80 3.40 49.89
CA GLU F 503 -10.04 2.54 51.03
C GLU F 503 -11.53 2.59 51.31
N LEU F 504 -12.07 1.44 51.70
CA LEU F 504 -13.50 1.30 51.93
C LEU F 504 -13.85 1.14 53.43
N PRO F 505 -15.05 1.63 53.84
CA PRO F 505 -15.61 1.31 55.16
C PRO F 505 -15.63 -0.19 55.37
N LYS F 506 -14.84 -0.69 56.32
CA LYS F 506 -14.48 -2.12 56.40
C LYS F 506 -15.63 -3.11 56.38
N ALA F 507 -16.82 -2.66 56.78
CA ALA F 507 -18.05 -3.44 56.57
C ALA F 507 -18.19 -3.79 55.08
N MET F 508 -18.14 -2.75 54.25
CA MET F 508 -18.20 -2.90 52.78
C MET F 508 -17.11 -3.77 52.22
N HIS F 509 -15.86 -3.44 52.52
CA HIS F 509 -14.68 -4.15 51.97
C HIS F 509 -14.69 -5.67 52.21
N ASP F 510 -15.21 -6.09 53.37
CA ASP F 510 -15.26 -7.52 53.73
C ASP F 510 -16.36 -8.28 52.98
N GLN F 511 -17.49 -7.60 52.78
CA GLN F 511 -18.58 -8.15 52.00
C GLN F 511 -18.08 -8.58 50.60
N LEU F 512 -17.44 -7.63 49.94
CA LEU F 512 -17.05 -7.77 48.55
C LEU F 512 -15.80 -8.62 48.38
N ASP F 513 -14.94 -8.68 49.39
CA ASP F 513 -13.69 -9.45 49.30
C ASP F 513 -13.85 -11.00 49.42
N ALA F 514 -14.58 -11.45 50.44
CA ALA F 514 -14.87 -12.88 50.61
C ALA F 514 -15.70 -13.43 49.44
N ARG F 515 -16.68 -12.62 49.05
CA ARG F 515 -17.51 -12.83 47.86
C ARG F 515 -16.68 -12.94 46.56
N THR F 516 -15.67 -12.09 46.41
CA THR F 516 -14.78 -12.16 45.26
C THR F 516 -13.70 -13.25 45.47
N ASN F 517 -12.48 -12.84 45.81
CA ASN F 517 -11.39 -13.74 46.21
C ASN F 517 -10.69 -13.02 47.36
N SER F 518 -10.50 -13.73 48.46
CA SER F 518 -9.89 -13.15 49.66
C SER F 518 -8.59 -13.84 50.05
N THR F 519 -8.04 -14.65 49.15
CA THR F 519 -6.70 -15.25 49.34
C THR F 519 -5.64 -14.45 48.58
N TRP F 520 -6.10 -13.54 47.73
CA TRP F 520 -5.26 -12.84 46.76
C TRP F 520 -5.14 -11.36 47.12
N PRO F 521 -4.07 -10.69 46.62
CA PRO F 521 -3.90 -9.26 46.89
C PRO F 521 -5.03 -8.45 46.28
N THR F 522 -5.41 -7.35 46.90
CA THR F 522 -6.58 -6.59 46.48
C THR F 522 -6.31 -5.07 46.52
N THR F 523 -6.93 -4.36 45.59
CA THR F 523 -6.91 -2.90 45.50
C THR F 523 -8.25 -2.45 44.97
N TRP F 524 -8.59 -1.19 45.22
CA TRP F 524 -9.80 -0.62 44.70
C TRP F 524 -9.33 0.59 43.96
N PHE F 525 -9.87 0.80 42.76
CA PHE F 525 -9.41 1.87 41.88
C PHE F 525 -10.53 2.83 41.54
N ALA F 526 -10.14 4.09 41.35
CA ALA F 526 -11.06 5.16 41.01
C ALA F 526 -10.52 6.00 39.84
N PRO F 527 -10.98 5.72 38.62
CA PRO F 527 -10.47 6.49 37.51
C PRO F 527 -10.99 7.93 37.51
N ARG F 528 -10.14 8.88 37.13
CA ARG F 528 -10.55 10.27 36.95
C ARG F 528 -11.36 10.46 35.68
N LEU F 529 -12.57 11.01 35.84
CA LEU F 529 -13.48 11.16 34.72
C LEU F 529 -13.30 12.49 34.00
N THR F 530 -13.52 12.47 32.70
CA THR F 530 -13.41 13.66 31.82
C THR F 530 -14.71 13.99 31.11
N GLY F 531 -15.75 13.19 31.35
CA GLY F 531 -17.09 13.47 30.82
C GLY F 531 -17.28 13.19 29.35
N LYS F 532 -16.26 12.65 28.68
CA LYS F 532 -16.33 12.35 27.26
C LYS F 532 -15.77 10.97 26.89
N GLY F 533 -16.46 10.29 25.98
CA GLY F 533 -16.04 9.00 25.46
C GLY F 533 -15.90 7.99 26.58
N PRO F 534 -14.77 7.26 26.60
CA PRO F 534 -14.58 6.22 27.62
C PRO F 534 -14.43 6.74 29.05
N PHE F 535 -14.05 7.98 29.25
CA PHE F 535 -13.95 8.50 30.60
C PHE F 535 -15.14 9.39 30.96
N ALA F 536 -16.28 9.18 30.30
CA ALA F 536 -17.52 9.90 30.62
C ALA F 536 -18.17 9.39 31.91
N ASP F 537 -17.77 8.20 32.34
CA ASP F 537 -18.24 7.62 33.58
C ASP F 537 -17.31 6.43 33.96
N VAL F 538 -17.57 5.75 35.07
CA VAL F 538 -16.64 4.69 35.53
C VAL F 538 -16.86 3.35 34.81
N TYR F 539 -18.09 3.10 34.36
CA TYR F 539 -18.40 1.89 33.58
C TYR F 539 -17.58 1.87 32.27
N SER F 540 -17.62 2.98 31.52
CA SER F 540 -17.02 3.08 30.19
C SER F 540 -15.52 2.84 30.24
N VAL F 541 -14.91 3.32 31.31
CA VAL F 541 -13.50 3.08 31.48
C VAL F 541 -13.30 1.55 31.53
N MET F 542 -14.15 0.87 32.30
CA MET F 542 -14.12 -0.60 32.39
C MET F 542 -14.49 -1.24 31.05
N ALA F 543 -15.55 -0.75 30.43
CA ALA F 543 -16.00 -1.34 29.17
C ALA F 543 -14.87 -1.39 28.13
N ASN F 544 -14.35 -0.22 27.78
CA ASN F 544 -13.34 -0.13 26.74
C ASN F 544 -11.93 -0.53 27.21
N TRP F 545 -11.78 -1.61 27.97
CA TRP F 545 -10.45 -2.03 28.41
C TRP F 545 -10.01 -3.31 27.65
N GLY F 546 -8.79 -3.27 27.11
CA GLY F 546 -8.36 -4.17 26.04
C GLY F 546 -8.04 -5.59 26.47
N ALA F 547 -7.94 -5.81 27.76
CA ALA F 547 -7.73 -7.15 28.26
C ALA F 547 -8.25 -7.29 29.68
N ASN F 548 -8.23 -8.52 30.16
CA ASN F 548 -8.57 -8.85 31.55
C ASN F 548 -7.52 -8.26 32.52
N HIS F 549 -6.29 -8.15 32.05
CA HIS F 549 -5.23 -7.70 32.89
C HIS F 549 -5.04 -6.19 32.77
N GLY F 550 -4.07 -5.69 33.53
CA GLY F 550 -3.59 -4.32 33.42
C GLY F 550 -2.39 -4.18 34.32
N VAL F 551 -1.77 -3.00 34.34
CA VAL F 551 -0.60 -2.74 35.19
C VAL F 551 -0.81 -1.41 35.89
N LEU F 552 -0.44 -1.34 37.17
CA LEU F 552 -0.55 -0.12 37.97
C LEU F 552 0.83 0.38 38.33
N THR F 553 1.11 1.61 37.91
CA THR F 553 2.34 2.28 38.23
C THR F 553 1.98 3.40 39.21
N ILE F 554 2.86 3.60 40.17
CA ILE F 554 2.82 4.70 41.14
C ILE F 554 2.44 6.04 40.51
N GLY F 555 1.63 6.82 41.21
CA GLY F 555 1.48 8.23 40.90
C GLY F 555 0.63 8.46 39.68
N HIS F 556 0.69 9.68 39.15
CA HIS F 556 -0.01 10.06 37.92
C HIS F 556 1.01 10.33 36.83
N VAL F 557 1.40 9.28 36.14
CA VAL F 557 2.48 9.35 35.16
C VAL F 557 1.96 9.15 33.72
N GLY F 558 0.71 9.55 33.49
CA GLY F 558 0.07 9.38 32.18
C GLY F 558 0.76 10.15 31.06
N ALA F 559 1.15 11.39 31.38
CA ALA F 559 1.93 12.23 30.45
C ALA F 559 3.33 11.65 30.14
N ASP F 560 3.90 10.94 31.11
CA ASP F 560 5.16 10.24 30.89
C ASP F 560 4.97 9.10 29.88
N PHE F 561 3.91 8.32 30.06
CA PHE F 561 3.69 7.15 29.21
C PHE F 561 3.43 7.61 27.77
N ILE F 562 2.56 8.60 27.61
CA ILE F 562 2.25 9.12 26.28
C ILE F 562 3.55 9.41 25.52
N THR F 563 4.42 10.18 26.15
CA THR F 563 5.71 10.57 25.56
C THR F 563 6.52 9.35 25.15
N LEU F 564 6.49 8.33 25.99
CA LEU F 564 7.19 7.09 25.70
C LEU F 564 6.61 6.43 24.47
N ALA F 565 5.28 6.31 24.45
CA ALA F 565 4.55 5.77 23.31
C ALA F 565 5.03 6.41 22.00
N ALA F 566 5.02 7.74 21.98
CA ALA F 566 5.40 8.51 20.82
C ALA F 566 6.70 7.98 20.26
N MET F 567 7.71 7.85 21.11
CA MET F 567 9.04 7.47 20.65
C MET F 567 9.08 6.06 20.03
N LEU F 568 8.26 5.17 20.56
CA LEU F 568 8.15 3.79 20.06
C LEU F 568 7.05 3.67 18.98
N ARG F 569 6.38 4.81 18.74
CA ARG F 569 5.36 4.97 17.69
C ARG F 569 4.13 4.09 17.97
N ILE F 570 3.84 3.88 19.25
CA ILE F 570 2.65 3.17 19.70
C ILE F 570 1.54 4.23 19.89
N PRO F 571 0.39 4.02 19.25
CA PRO F 571 -0.65 5.01 19.43
C PRO F 571 -1.34 4.80 20.74
N VAL F 572 -1.89 5.89 21.26
CA VAL F 572 -2.59 5.87 22.53
C VAL F 572 -4.09 5.90 22.27
N CYS F 573 -4.70 4.72 22.35
CA CYS F 573 -6.12 4.59 22.08
C CYS F 573 -7.04 5.08 23.19
N MET F 574 -6.47 5.39 24.36
CA MET F 574 -7.27 5.65 25.55
C MET F 574 -6.45 6.29 26.64
N HIS F 575 -6.77 7.54 26.97
CA HIS F 575 -6.07 8.22 28.06
C HIS F 575 -6.94 9.33 28.69
N ASN F 576 -6.71 9.62 29.98
CA ASN F 576 -7.37 10.74 30.66
C ASN F 576 -6.41 11.88 30.97
N VAL F 577 -5.24 11.87 30.35
CA VAL F 577 -4.23 12.91 30.56
C VAL F 577 -4.72 14.26 30.02
N GLU F 578 -4.68 15.29 30.87
CA GLU F 578 -4.99 16.69 30.50
C GLU F 578 -4.21 17.09 29.25
N GLU F 579 -4.89 17.79 28.33
CA GLU F 579 -4.34 18.02 27.00
C GLU F 579 -2.99 18.76 27.02
N GLY F 580 -2.90 19.81 27.84
CA GLY F 580 -1.64 20.55 28.02
C GLY F 580 -0.42 19.71 28.41
N LYS F 581 -0.65 18.58 29.08
CA LYS F 581 0.44 17.69 29.46
C LYS F 581 0.91 16.78 28.33
N ILE F 582 0.21 16.80 27.20
CA ILE F 582 0.61 15.93 26.09
C ILE F 582 1.87 16.50 25.47
N TYR F 583 2.94 15.70 25.45
CA TYR F 583 4.23 16.15 24.99
C TYR F 583 4.77 15.15 23.98
N ARG F 584 4.97 15.63 22.77
CA ARG F 584 5.28 14.77 21.62
C ARG F 584 6.32 15.44 20.70
N PRO F 585 6.82 14.71 19.70
CA PRO F 585 7.68 15.32 18.72
C PRO F 585 6.94 16.35 17.89
N SER F 586 7.69 17.36 17.46
CA SER F 586 7.19 18.49 16.67
C SER F 586 6.35 18.00 15.51
N SER F 587 6.82 16.92 14.90
CA SER F 587 6.29 16.50 13.62
C SER F 587 4.85 16.03 13.76
N TRP F 588 4.49 15.50 14.92
CA TRP F 588 3.09 15.11 15.21
C TRP F 588 2.09 16.26 14.98
N ALA F 589 2.48 17.49 15.32
CA ALA F 589 1.62 18.67 15.15
C ALA F 589 1.17 18.82 13.69
N ALA F 590 1.99 18.33 12.76
CA ALA F 590 1.73 18.44 11.33
C ALA F 590 0.67 17.46 10.82
N HIS F 591 0.45 16.38 11.54
CA HIS F 591 -0.62 15.44 11.14
C HIS F 591 -2.01 15.90 11.61
N GLY F 592 -2.06 17.02 12.32
CA GLY F 592 -3.34 17.64 12.65
C GLY F 592 -3.42 18.23 14.05
N MET F 593 -4.39 19.12 14.19
CA MET F 593 -4.73 19.71 15.50
C MET F 593 -5.27 18.67 16.49
N ASP F 594 -6.10 17.73 16.03
CA ASP F 594 -6.68 16.72 16.92
C ASP F 594 -5.58 15.87 17.55
N THR F 595 -5.59 15.81 18.87
CA THR F 595 -4.55 15.11 19.63
C THR F 595 -4.65 13.60 19.47
N GLU F 596 -5.75 13.13 18.89
CA GLU F 596 -5.89 11.71 18.55
C GLU F 596 -5.63 11.42 17.06
N GLY F 597 -6.37 12.10 16.18
CA GLY F 597 -6.15 11.99 14.72
C GLY F 597 -4.69 12.05 14.31
N GLN F 598 -3.94 12.94 14.93
CA GLN F 598 -2.51 13.09 14.67
C GLN F 598 -1.65 11.92 15.21
N ASP F 599 -2.13 11.23 16.23
CA ASP F 599 -1.37 10.15 16.86
C ASP F 599 -1.38 8.90 15.97
N TYR F 600 -2.54 8.60 15.39
CA TYR F 600 -2.67 7.47 14.48
C TYR F 600 -2.01 7.71 13.10
N ARG F 601 -2.12 8.92 12.58
CA ARG F 601 -1.46 9.26 11.33
C ARG F 601 0.03 9.33 11.53
N ALA F 602 0.47 9.89 12.65
CA ALA F 602 1.89 9.94 12.89
C ALA F 602 2.44 8.53 13.03
N CYS F 603 1.85 7.72 13.91
CA CYS F 603 2.40 6.39 14.14
C CYS F 603 2.39 5.53 12.87
N GLN F 604 1.31 5.65 12.10
CA GLN F 604 1.24 5.05 10.76
C GLN F 604 2.40 5.47 9.86
N ASN F 605 2.70 6.76 9.84
CA ASN F 605 3.77 7.31 9.00
C ASN F 605 5.17 6.73 9.29
N TYR F 606 5.64 6.85 10.52
CA TYR F 606 7.04 6.51 10.85
C TYR F 606 7.22 5.02 11.13
N GLY F 607 6.23 4.41 11.74
CA GLY F 607 6.27 2.96 11.99
C GLY F 607 7.13 2.54 13.17
N PRO F 608 7.29 1.21 13.33
CA PRO F 608 8.18 0.72 14.39
C PRO F 608 9.59 1.34 14.32
N LEU F 609 10.24 1.42 15.47
CA LEU F 609 11.57 1.99 15.54
C LEU F 609 12.67 1.21 14.80
N TYR F 610 12.70 -0.12 14.90
CA TYR F 610 13.93 -0.85 14.56
C TYR F 610 13.87 -1.65 13.25
N LYS F 611 12.66 -1.98 12.77
CA LYS F 611 12.53 -2.55 11.41
C LYS F 611 11.08 -2.68 10.97
MN MN G . 28.50 15.32 -20.06
MN MN H . 15.93 33.72 8.72
MN MN I . 17.38 -31.38 13.56
MN MN J . -20.78 -15.44 -28.20
MN MN K . -35.49 10.86 -8.99
MN MN L . -5.74 -13.77 34.87
#